data_2LIO
#
_entry.id   2LIO
#
_entity_poly.entity_id   1
_entity_poly.type   'polypeptide(L)'
_entity_poly.pdbx_seq_one_letter_code
;MKKEKIHLEYLLNATSKNILWSAISTPTGLEDWFADKVVSDDKTVTFCWGKTEQRQAGIVAIRAYSFIRFHWLDDENERD
YFEIKMSYNELTGDYVLEITDFSEADEADDLKELWDSQVSKLRRTCGFLEHHHHHH
;
_entity_poly.pdbx_strand_id   A
#
# COMPACT_ATOMS: atom_id res chain seq x y z
N MET A 1 5.10 -19.34 -14.72
CA MET A 1 6.17 -18.97 -15.68
C MET A 1 6.31 -17.42 -15.75
N LYS A 2 5.18 -16.74 -16.03
CA LYS A 2 5.09 -15.25 -16.04
C LYS A 2 4.11 -14.76 -14.93
N LYS A 3 4.55 -13.75 -14.13
CA LYS A 3 3.74 -13.15 -13.04
C LYS A 3 2.32 -12.72 -13.53
N GLU A 4 1.33 -12.87 -12.66
CA GLU A 4 -0.07 -12.45 -12.91
C GLU A 4 -0.39 -11.14 -12.16
N LYS A 5 -0.99 -10.16 -12.87
CA LYS A 5 -1.46 -8.91 -12.27
C LYS A 5 -2.78 -9.16 -11.51
N ILE A 6 -2.80 -8.78 -10.22
CA ILE A 6 -3.95 -8.99 -9.31
C ILE A 6 -4.23 -7.69 -8.52
N HIS A 7 -5.46 -7.17 -8.61
CA HIS A 7 -5.90 -6.02 -7.80
C HIS A 7 -6.65 -6.53 -6.54
N LEU A 8 -6.09 -6.27 -5.34
CA LEU A 8 -6.64 -6.78 -4.07
C LEU A 8 -7.52 -5.69 -3.43
N GLU A 9 -8.82 -6.00 -3.30
CA GLU A 9 -9.84 -5.09 -2.74
C GLU A 9 -10.02 -5.33 -1.22
N TYR A 10 -9.86 -4.26 -0.44
CA TYR A 10 -10.10 -4.25 1.02
C TYR A 10 -11.23 -3.26 1.35
N LEU A 11 -12.25 -3.69 2.11
CA LEU A 11 -13.37 -2.80 2.52
C LEU A 11 -13.00 -2.02 3.81
N LEU A 12 -12.71 -0.71 3.64
CA LEU A 12 -12.41 0.20 4.78
C LEU A 12 -13.67 0.97 5.20
N ASN A 13 -13.90 1.05 6.52
CA ASN A 13 -15.11 1.67 7.10
C ASN A 13 -15.17 3.20 6.85
N ALA A 14 -16.40 3.75 6.87
CA ALA A 14 -16.67 5.20 6.65
C ALA A 14 -15.98 6.12 7.70
N THR A 15 -15.60 5.53 8.86
CA THR A 15 -14.78 6.21 9.90
C THR A 15 -13.39 6.62 9.35
N SER A 16 -12.80 5.73 8.55
CA SER A 16 -11.47 5.92 7.94
C SER A 16 -11.56 6.73 6.63
N LYS A 17 -10.70 7.77 6.50
CA LYS A 17 -10.65 8.67 5.32
C LYS A 17 -9.59 8.18 4.29
N ASN A 18 -9.30 9.04 3.29
CA ASN A 18 -8.26 8.76 2.26
C ASN A 18 -6.82 8.79 2.83
N ILE A 19 -6.62 9.56 3.90
CA ILE A 19 -5.29 9.85 4.51
C ILE A 19 -4.49 8.54 4.83
N LEU A 20 -5.21 7.40 5.03
CA LEU A 20 -4.62 6.06 5.32
C LEU A 20 -3.39 5.73 4.41
N TRP A 21 -3.65 5.60 3.10
CA TRP A 21 -2.64 5.30 2.08
C TRP A 21 -2.19 6.57 1.32
N SER A 22 -2.94 7.68 1.45
CA SER A 22 -2.47 8.99 0.90
C SER A 22 -1.23 9.51 1.69
N ALA A 23 -1.04 8.97 2.92
CA ALA A 23 0.11 9.27 3.81
C ALA A 23 1.47 8.84 3.21
N ILE A 24 1.47 7.77 2.39
CA ILE A 24 2.73 7.17 1.84
C ILE A 24 3.46 8.12 0.84
N SER A 25 2.72 9.12 0.31
CA SER A 25 3.27 10.14 -0.62
C SER A 25 4.16 11.19 0.10
N THR A 26 3.98 11.31 1.44
CA THR A 26 4.74 12.27 2.27
C THR A 26 5.66 11.54 3.26
N PRO A 27 6.83 12.17 3.67
CA PRO A 27 7.76 11.60 4.67
C PRO A 27 7.06 11.28 6.02
N THR A 28 6.57 12.34 6.72
CA THR A 28 5.92 12.22 8.06
C THR A 28 4.66 11.32 8.04
N GLY A 29 4.01 11.21 6.87
CA GLY A 29 2.88 10.30 6.69
C GLY A 29 3.31 8.83 6.63
N LEU A 30 4.36 8.57 5.84
CA LEU A 30 4.90 7.21 5.62
C LEU A 30 5.60 6.63 6.88
N GLU A 31 6.62 7.37 7.43
CA GLU A 31 7.43 6.89 8.61
C GLU A 31 6.59 6.72 9.91
N ASP A 32 5.36 7.25 9.90
CA ASP A 32 4.38 7.11 10.99
C ASP A 32 3.95 5.61 11.18
N TRP A 33 4.04 4.81 10.10
CA TRP A 33 3.65 3.38 10.11
C TRP A 33 4.51 2.52 9.13
N PHE A 34 5.64 3.09 8.63
CA PHE A 34 6.57 2.37 7.72
C PHE A 34 8.04 2.69 8.09
N ALA A 35 8.83 1.63 8.37
CA ALA A 35 10.28 1.73 8.71
C ALA A 35 10.55 2.53 10.01
N ASP A 36 11.84 2.74 10.34
CA ASP A 36 12.25 3.61 11.47
C ASP A 36 12.08 5.10 11.10
N LYS A 37 12.67 5.48 9.96
CA LYS A 37 12.67 6.89 9.49
C LYS A 37 12.52 6.94 7.95
N VAL A 38 11.80 7.97 7.45
CA VAL A 38 11.70 8.27 6.00
C VAL A 38 12.08 9.76 5.76
N VAL A 39 13.25 9.97 5.13
CA VAL A 39 13.73 11.31 4.72
C VAL A 39 13.44 11.51 3.22
N SER A 40 12.61 12.49 2.88
CA SER A 40 12.17 12.71 1.48
C SER A 40 13.04 13.74 0.72
N ASP A 41 12.95 13.68 -0.60
CA ASP A 41 13.48 14.68 -1.54
C ASP A 41 12.45 14.83 -2.68
N ASP A 42 12.63 15.82 -3.58
CA ASP A 42 11.74 16.01 -4.74
C ASP A 42 11.71 14.72 -5.62
N LYS A 43 10.49 14.21 -5.89
CA LYS A 43 10.19 12.99 -6.73
C LYS A 43 10.99 11.71 -6.34
N THR A 44 11.60 11.69 -5.13
CA THR A 44 12.37 10.53 -4.61
C THR A 44 12.22 10.41 -3.08
N VAL A 45 11.85 9.22 -2.60
CA VAL A 45 11.69 8.92 -1.16
C VAL A 45 12.88 8.08 -0.64
N THR A 46 13.63 8.61 0.36
CA THR A 46 14.83 7.91 0.90
C THR A 46 14.51 7.32 2.30
N PHE A 47 14.45 5.99 2.37
CA PHE A 47 14.16 5.26 3.63
C PHE A 47 15.45 5.06 4.44
N CYS A 48 15.41 5.37 5.74
CA CYS A 48 16.57 5.27 6.65
C CYS A 48 16.20 4.46 7.91
N TRP A 49 16.82 3.28 8.08
CA TRP A 49 16.55 2.40 9.25
C TRP A 49 17.45 2.75 10.46
N GLY A 50 18.70 2.23 10.50
CA GLY A 50 19.63 2.49 11.62
C GLY A 50 20.94 3.13 11.17
N LYS A 51 20.84 4.05 10.16
CA LYS A 51 22.00 4.75 9.53
C LYS A 51 22.90 3.84 8.65
N THR A 52 22.90 2.52 8.90
CA THR A 52 23.49 1.51 7.98
C THR A 52 22.42 1.03 6.98
N GLU A 53 22.73 1.14 5.67
CA GLU A 53 21.84 0.71 4.57
C GLU A 53 20.55 1.57 4.50
N GLN A 54 20.55 2.53 3.57
CA GLN A 54 19.42 3.41 3.29
C GLN A 54 19.05 3.30 1.80
N ARG A 55 17.74 3.25 1.50
CA ARG A 55 17.22 2.93 0.14
C ARG A 55 16.50 4.17 -0.44
N GLN A 56 16.34 4.20 -1.78
CA GLN A 56 15.58 5.27 -2.48
C GLN A 56 14.61 4.66 -3.50
N ALA A 57 13.43 5.28 -3.64
CA ALA A 57 12.38 4.85 -4.58
C ALA A 57 11.70 6.08 -5.21
N GLY A 58 11.71 6.16 -6.56
CA GLY A 58 11.05 7.24 -7.30
C GLY A 58 9.56 6.95 -7.53
N ILE A 59 8.75 8.02 -7.58
CA ILE A 59 7.31 7.91 -7.88
C ILE A 59 7.10 7.90 -9.41
N VAL A 60 6.27 6.97 -9.92
CA VAL A 60 5.96 6.87 -11.36
C VAL A 60 4.82 7.85 -11.72
N ALA A 61 3.70 7.72 -11.00
CA ALA A 61 2.48 8.52 -11.21
C ALA A 61 1.64 8.60 -9.91
N ILE A 62 0.92 9.72 -9.72
CA ILE A 62 0.07 9.95 -8.53
C ILE A 62 -0.95 11.09 -8.79
N ARG A 63 -2.14 10.99 -8.16
CA ARG A 63 -3.16 12.06 -8.19
C ARG A 63 -4.07 11.92 -6.93
N ALA A 64 -3.84 12.81 -5.94
CA ALA A 64 -4.62 12.91 -4.67
C ALA A 64 -4.65 11.58 -3.87
N TYR A 65 -5.58 10.67 -4.25
CA TYR A 65 -5.72 9.32 -3.63
C TYR A 65 -6.35 8.31 -4.64
N SER A 66 -6.65 8.80 -5.87
CA SER A 66 -7.25 7.98 -6.96
C SER A 66 -6.28 6.89 -7.47
N PHE A 67 -4.97 7.11 -7.26
CA PHE A 67 -3.87 6.21 -7.65
C PHE A 67 -2.51 6.79 -7.18
N ILE A 68 -1.59 5.90 -6.76
CA ILE A 68 -0.21 6.29 -6.42
C ILE A 68 0.76 5.11 -6.67
N ARG A 69 1.87 5.41 -7.36
CA ARG A 69 2.81 4.41 -7.88
C ARG A 69 4.23 4.62 -7.31
N PHE A 70 4.80 3.59 -6.68
CA PHE A 70 6.23 3.59 -6.26
C PHE A 70 7.03 2.55 -7.06
N HIS A 71 8.31 2.88 -7.31
CA HIS A 71 9.23 2.04 -8.09
C HIS A 71 10.68 2.42 -7.71
N TRP A 72 11.53 1.42 -7.45
CA TRP A 72 12.89 1.65 -6.91
C TRP A 72 13.83 2.32 -7.95
N LEU A 73 14.84 3.03 -7.44
CA LEU A 73 15.90 3.60 -8.31
C LEU A 73 16.88 2.50 -8.77
N ASP A 74 17.06 1.48 -7.90
CA ASP A 74 17.82 0.25 -8.22
C ASP A 74 17.04 -0.66 -9.20
N ASP A 75 15.78 -1.03 -8.87
CA ASP A 75 14.87 -1.71 -9.83
C ASP A 75 14.23 -0.66 -10.75
N GLU A 76 14.96 -0.27 -11.81
CA GLU A 76 14.49 0.77 -12.76
C GLU A 76 13.38 0.25 -13.70
N ASN A 77 13.41 -1.06 -14.02
CA ASN A 77 12.41 -1.71 -14.90
C ASN A 77 12.54 -3.25 -14.84
N GLU A 78 11.73 -3.90 -13.97
CA GLU A 78 11.58 -5.38 -13.97
C GLU A 78 10.21 -5.80 -13.38
N ARG A 79 10.11 -5.97 -12.04
CA ARG A 79 8.89 -6.57 -11.39
C ARG A 79 8.50 -5.87 -10.07
N ASP A 80 9.37 -4.99 -9.52
CA ASP A 80 9.06 -4.23 -8.28
C ASP A 80 8.22 -2.97 -8.57
N TYR A 81 7.00 -3.21 -9.08
CA TYR A 81 5.99 -2.18 -9.33
C TYR A 81 4.72 -2.52 -8.53
N PHE A 82 4.39 -1.66 -7.57
CA PHE A 82 3.13 -1.74 -6.80
C PHE A 82 2.46 -0.36 -6.78
N GLU A 83 1.13 -0.33 -6.92
CA GLU A 83 0.35 0.91 -6.85
C GLU A 83 -0.89 0.73 -5.97
N ILE A 84 -1.36 1.84 -5.37
CA ILE A 84 -2.48 1.83 -4.43
C ILE A 84 -3.54 2.87 -4.87
N LYS A 85 -4.79 2.41 -5.06
CA LYS A 85 -5.95 3.27 -5.27
C LYS A 85 -6.88 3.21 -4.05
N MET A 86 -7.66 4.28 -3.86
CA MET A 86 -8.82 4.29 -2.96
C MET A 86 -9.89 5.23 -3.54
N SER A 87 -11.16 4.85 -3.38
CA SER A 87 -12.30 5.64 -3.91
C SER A 87 -13.39 5.78 -2.85
N TYR A 88 -13.96 7.00 -2.76
CA TYR A 88 -14.99 7.33 -1.78
C TYR A 88 -16.38 7.01 -2.37
N ASN A 89 -17.04 5.96 -1.84
CA ASN A 89 -18.42 5.64 -2.22
C ASN A 89 -19.38 6.65 -1.57
N GLU A 90 -19.86 7.64 -2.34
CA GLU A 90 -20.77 8.69 -1.84
C GLU A 90 -22.17 8.13 -1.46
N LEU A 91 -22.47 6.90 -1.94
CA LEU A 91 -23.76 6.22 -1.74
C LEU A 91 -23.87 5.55 -0.35
N THR A 92 -22.72 5.33 0.33
CA THR A 92 -22.69 4.70 1.68
C THR A 92 -21.71 5.42 2.65
N GLY A 93 -20.53 5.79 2.14
CA GLY A 93 -19.50 6.52 2.92
C GLY A 93 -18.18 5.76 3.03
N ASP A 94 -18.25 4.42 2.94
CA ASP A 94 -17.07 3.54 3.04
C ASP A 94 -16.12 3.67 1.81
N TYR A 95 -14.84 3.28 2.01
CA TYR A 95 -13.80 3.30 0.96
C TYR A 95 -13.56 1.90 0.34
N VAL A 96 -13.55 1.84 -1.01
CA VAL A 96 -13.03 0.67 -1.75
C VAL A 96 -11.52 0.89 -2.02
N LEU A 97 -10.69 0.01 -1.43
CA LEU A 97 -9.22 0.11 -1.47
C LEU A 97 -8.65 -0.95 -2.43
N GLU A 98 -7.87 -0.53 -3.45
CA GLU A 98 -7.43 -1.43 -4.54
C GLU A 98 -5.90 -1.38 -4.75
N ILE A 99 -5.18 -2.43 -4.31
CA ILE A 99 -3.69 -2.52 -4.45
C ILE A 99 -3.32 -3.46 -5.62
N THR A 100 -2.54 -2.96 -6.60
CA THR A 100 -2.08 -3.77 -7.75
C THR A 100 -0.72 -4.44 -7.45
N ASP A 101 -0.72 -5.77 -7.36
CA ASP A 101 0.46 -6.61 -7.07
C ASP A 101 0.68 -7.63 -8.21
N PHE A 102 1.93 -8.11 -8.38
CA PHE A 102 2.29 -9.18 -9.35
C PHE A 102 2.75 -10.45 -8.61
N SER A 103 2.05 -11.59 -8.82
CA SER A 103 2.42 -12.89 -8.20
C SER A 103 2.19 -14.07 -9.17
N GLU A 104 3.15 -15.01 -9.16
CA GLU A 104 3.04 -16.33 -9.81
C GLU A 104 1.90 -17.19 -9.20
N ALA A 105 1.46 -18.23 -9.92
CA ALA A 105 0.41 -19.18 -9.46
C ALA A 105 0.65 -19.73 -8.03
N ASP A 106 1.90 -20.14 -7.75
CA ASP A 106 2.30 -20.66 -6.41
C ASP A 106 2.25 -19.57 -5.31
N GLU A 107 2.52 -18.31 -5.71
CA GLU A 107 2.55 -17.15 -4.78
C GLU A 107 1.13 -16.56 -4.61
N ALA A 108 0.25 -16.79 -5.61
CA ALA A 108 -1.14 -16.30 -5.62
C ALA A 108 -1.97 -17.00 -4.53
N ASP A 109 -1.57 -18.24 -4.17
CA ASP A 109 -2.15 -18.98 -3.03
C ASP A 109 -1.93 -18.21 -1.70
N ASP A 110 -0.69 -17.70 -1.50
CA ASP A 110 -0.35 -16.83 -0.34
C ASP A 110 -1.20 -15.54 -0.36
N LEU A 111 -1.24 -14.87 -1.52
CA LEU A 111 -1.98 -13.60 -1.72
C LEU A 111 -3.51 -13.76 -1.52
N LYS A 112 -4.05 -14.92 -1.90
CA LYS A 112 -5.48 -15.27 -1.64
C LYS A 112 -5.75 -15.65 -0.17
N GLU A 113 -4.74 -16.20 0.53
CA GLU A 113 -4.79 -16.36 2.00
C GLU A 113 -4.77 -14.97 2.68
N LEU A 114 -3.99 -14.03 2.13
CA LEU A 114 -3.95 -12.62 2.60
C LEU A 114 -5.26 -11.87 2.25
N TRP A 115 -5.85 -12.23 1.09
CA TRP A 115 -7.16 -11.70 0.63
C TRP A 115 -8.25 -12.04 1.68
N ASP A 116 -8.49 -13.36 1.90
CA ASP A 116 -9.54 -13.84 2.82
C ASP A 116 -9.25 -13.41 4.28
N SER A 117 -7.96 -13.49 4.69
CA SER A 117 -7.51 -13.07 6.03
C SER A 117 -7.85 -11.60 6.31
N GLN A 118 -7.63 -10.71 5.32
CA GLN A 118 -7.92 -9.27 5.47
C GLN A 118 -9.43 -8.94 5.33
N VAL A 119 -10.06 -9.37 4.22
CA VAL A 119 -11.45 -8.94 3.86
C VAL A 119 -12.50 -9.41 4.92
N SER A 120 -12.31 -10.64 5.45
CA SER A 120 -13.17 -11.19 6.53
C SER A 120 -12.90 -10.49 7.89
N LYS A 121 -11.61 -10.20 8.14
CA LYS A 121 -11.12 -9.66 9.43
C LYS A 121 -11.51 -8.17 9.63
N LEU A 122 -11.44 -7.37 8.55
CA LEU A 122 -11.85 -5.94 8.56
C LEU A 122 -13.32 -5.77 9.03
N ARG A 123 -14.15 -6.79 8.72
CA ARG A 123 -15.56 -6.83 9.12
C ARG A 123 -15.73 -7.12 10.63
N ARG A 124 -15.08 -8.20 11.13
CA ARG A 124 -15.22 -8.63 12.56
C ARG A 124 -14.48 -7.69 13.55
N THR A 125 -13.43 -6.98 13.07
CA THR A 125 -12.72 -5.94 13.88
C THR A 125 -13.42 -4.58 13.73
N CYS A 126 -14.18 -4.44 12.61
CA CYS A 126 -14.89 -3.19 12.22
C CYS A 126 -13.91 -2.00 12.06
N GLY A 127 -13.09 -2.06 10.99
CA GLY A 127 -12.10 -0.99 10.70
C GLY A 127 -10.83 -1.53 10.05
N PHE A 128 -9.84 -1.90 10.89
CA PHE A 128 -8.50 -2.33 10.42
C PHE A 128 -7.84 -3.36 11.40
N LEU A 129 -7.09 -4.31 10.82
CA LEU A 129 -6.22 -5.27 11.57
C LEU A 129 -5.29 -5.99 10.56
N GLU A 130 -4.04 -5.49 10.48
CA GLU A 130 -3.10 -5.80 9.36
C GLU A 130 -2.42 -7.18 9.53
N HIS A 131 -2.51 -8.04 8.49
CA HIS A 131 -1.89 -9.41 8.47
C HIS A 131 -1.27 -9.75 7.08
N HIS A 132 -1.18 -8.76 6.18
CA HIS A 132 -0.40 -8.87 4.92
C HIS A 132 1.09 -8.59 5.25
N HIS A 133 1.70 -9.54 6.00
CA HIS A 133 3.03 -9.36 6.63
C HIS A 133 4.17 -9.19 5.59
N HIS A 134 5.28 -8.57 6.04
CA HIS A 134 6.40 -8.13 5.19
C HIS A 134 7.12 -9.34 4.53
N HIS A 135 6.77 -9.60 3.25
CA HIS A 135 7.53 -10.51 2.37
C HIS A 135 7.84 -9.77 1.04
N HIS A 136 9.15 -9.70 0.69
CA HIS A 136 9.68 -8.94 -0.47
C HIS A 136 9.30 -7.44 -0.40
N MET A 1 7.51 -20.49 -15.48
CA MET A 1 7.32 -19.42 -14.45
C MET A 1 6.68 -18.16 -15.07
N LYS A 2 5.40 -17.89 -14.73
CA LYS A 2 4.67 -16.67 -15.16
C LYS A 2 3.91 -16.08 -13.96
N LYS A 3 3.96 -14.74 -13.81
CA LYS A 3 3.42 -14.05 -12.62
C LYS A 3 1.94 -13.62 -12.76
N GLU A 4 1.42 -13.05 -11.67
CA GLU A 4 0.05 -12.50 -11.59
C GLU A 4 0.06 -11.11 -10.90
N LYS A 5 -0.64 -10.15 -11.51
CA LYS A 5 -1.00 -8.88 -10.83
C LYS A 5 -2.23 -9.13 -9.93
N ILE A 6 -2.17 -8.66 -8.67
CA ILE A 6 -3.22 -8.93 -7.67
C ILE A 6 -3.95 -7.59 -7.31
N HIS A 7 -5.24 -7.50 -7.68
CA HIS A 7 -6.09 -6.36 -7.28
C HIS A 7 -6.91 -6.71 -6.01
N LEU A 8 -6.63 -6.01 -4.90
CA LEU A 8 -7.26 -6.26 -3.57
C LEU A 8 -8.24 -5.09 -3.21
N GLU A 9 -9.55 -5.38 -2.96
CA GLU A 9 -10.56 -4.33 -2.58
C GLU A 9 -10.95 -4.40 -1.08
N TYR A 10 -10.57 -3.37 -0.32
CA TYR A 10 -10.78 -3.31 1.16
C TYR A 10 -12.03 -2.46 1.48
N LEU A 11 -12.92 -3.00 2.34
CA LEU A 11 -14.09 -2.26 2.86
C LEU A 11 -13.71 -1.51 4.17
N LEU A 12 -13.59 -0.17 4.08
CA LEU A 12 -13.22 0.68 5.25
C LEU A 12 -14.18 1.90 5.34
N ASN A 13 -14.82 2.07 6.52
CA ASN A 13 -15.80 3.16 6.79
C ASN A 13 -15.75 3.62 8.27
N ALA A 14 -16.06 4.92 8.49
CA ALA A 14 -16.10 5.61 9.82
C ALA A 14 -14.69 5.88 10.43
N THR A 15 -13.89 4.79 10.55
CA THR A 15 -12.55 4.78 11.15
C THR A 15 -11.61 5.89 10.61
N SER A 16 -11.25 5.79 9.31
CA SER A 16 -10.31 6.72 8.65
C SER A 16 -10.69 6.92 7.17
N LYS A 17 -10.09 7.95 6.55
CA LYS A 17 -10.37 8.33 5.14
C LYS A 17 -9.16 7.99 4.23
N ASN A 18 -9.01 8.70 3.10
CA ASN A 18 -7.95 8.46 2.09
C ASN A 18 -6.51 8.32 2.69
N ILE A 19 -6.26 9.05 3.80
CA ILE A 19 -4.93 9.10 4.49
C ILE A 19 -4.37 7.70 4.90
N LEU A 20 -5.25 6.66 4.95
CA LEU A 20 -4.86 5.24 5.24
C LEU A 20 -3.55 4.84 4.52
N TRP A 21 -3.62 4.85 3.17
CA TRP A 21 -2.45 4.64 2.30
C TRP A 21 -1.93 5.95 1.72
N SER A 22 -2.79 6.99 1.54
CA SER A 22 -2.36 8.32 0.95
C SER A 22 -1.21 8.99 1.76
N ALA A 23 -1.00 8.51 3.00
CA ALA A 23 0.18 8.86 3.83
C ALA A 23 1.52 8.67 3.08
N ILE A 24 1.60 7.66 2.21
CA ILE A 24 2.82 7.30 1.44
C ILE A 24 3.28 8.42 0.46
N SER A 25 2.35 9.31 0.08
CA SER A 25 2.64 10.44 -0.84
C SER A 25 3.65 11.44 -0.22
N THR A 26 3.59 11.57 1.12
CA THR A 26 4.48 12.46 1.89
C THR A 26 5.49 11.65 2.73
N PRO A 27 6.72 12.21 3.00
CA PRO A 27 7.69 11.61 3.95
C PRO A 27 7.08 11.35 5.35
N THR A 28 6.49 12.40 5.97
CA THR A 28 5.86 12.32 7.32
C THR A 28 4.85 11.15 7.47
N GLY A 29 4.07 10.89 6.41
CA GLY A 29 3.07 9.81 6.41
C GLY A 29 3.67 8.41 6.20
N LEU A 30 4.65 8.30 5.29
CA LEU A 30 5.35 7.02 4.97
C LEU A 30 6.09 6.45 6.23
N GLU A 31 6.94 7.30 6.85
CA GLU A 31 7.76 6.92 8.03
C GLU A 31 6.90 6.53 9.26
N ASP A 32 5.64 7.00 9.29
CA ASP A 32 4.66 6.69 10.36
C ASP A 32 4.41 5.17 10.54
N TRP A 33 4.49 4.40 9.44
CA TRP A 33 4.14 2.95 9.45
C TRP A 33 5.05 2.12 8.50
N PHE A 34 6.16 2.73 8.02
CA PHE A 34 7.15 2.03 7.15
C PHE A 34 8.58 2.56 7.45
N ALA A 35 9.55 1.63 7.65
CA ALA A 35 10.96 1.93 8.02
C ALA A 35 11.09 2.65 9.39
N ASP A 36 12.33 2.97 9.80
CA ASP A 36 12.58 3.87 10.95
C ASP A 36 12.13 5.29 10.61
N LYS A 37 12.74 5.83 9.56
CA LYS A 37 12.41 7.15 9.03
C LYS A 37 12.72 7.19 7.52
N VAL A 38 11.91 7.95 6.76
CA VAL A 38 12.14 8.14 5.33
C VAL A 38 12.56 9.62 5.05
N VAL A 39 13.70 9.79 4.36
CA VAL A 39 14.17 11.12 3.88
C VAL A 39 13.77 11.32 2.41
N SER A 40 12.90 12.30 2.13
CA SER A 40 12.42 12.59 0.76
C SER A 40 13.19 13.78 0.13
N ASP A 41 13.19 13.81 -1.21
CA ASP A 41 13.83 14.88 -2.00
C ASP A 41 12.73 15.68 -2.76
N ASP A 42 12.11 15.01 -3.76
CA ASP A 42 11.03 15.61 -4.59
C ASP A 42 10.33 14.49 -5.39
N LYS A 43 11.08 13.89 -6.33
CA LYS A 43 10.59 12.76 -7.18
C LYS A 43 10.98 11.39 -6.58
N THR A 44 11.65 11.39 -5.42
CA THR A 44 12.25 10.17 -4.83
C THR A 44 12.20 10.22 -3.29
N VAL A 45 11.81 9.09 -2.66
CA VAL A 45 11.80 8.92 -1.18
C VAL A 45 12.82 7.82 -0.76
N THR A 46 13.67 8.14 0.23
CA THR A 46 14.76 7.24 0.72
C THR A 46 14.38 6.64 2.08
N PHE A 47 14.13 5.32 2.12
CA PHE A 47 13.76 4.58 3.33
C PHE A 47 15.03 4.18 4.12
N CYS A 48 15.22 4.78 5.30
CA CYS A 48 16.38 4.49 6.17
C CYS A 48 16.00 3.44 7.24
N TRP A 49 16.59 2.24 7.13
CA TRP A 49 16.47 1.17 8.15
C TRP A 49 17.75 1.13 9.01
N GLY A 50 18.89 0.91 8.34
CA GLY A 50 20.22 0.89 8.98
C GLY A 50 21.20 1.89 8.35
N LYS A 51 22.43 1.97 8.91
CA LYS A 51 23.49 2.88 8.41
C LYS A 51 23.96 2.49 6.98
N THR A 52 23.97 1.17 6.71
CA THR A 52 24.33 0.61 5.39
C THR A 52 23.07 0.37 4.54
N GLU A 53 21.96 0.00 5.20
CA GLU A 53 20.71 -0.42 4.54
C GLU A 53 19.72 0.76 4.40
N GLN A 54 19.76 1.41 3.23
CA GLN A 54 18.84 2.48 2.87
C GLN A 54 18.54 2.42 1.35
N ARG A 55 17.25 2.30 0.98
CA ARG A 55 16.83 2.17 -0.44
C ARG A 55 15.97 3.36 -0.85
N GLN A 56 15.93 3.64 -2.14
CA GLN A 56 15.14 4.75 -2.71
C GLN A 56 14.05 4.21 -3.66
N ALA A 57 12.95 4.97 -3.77
CA ALA A 57 11.84 4.68 -4.70
C ALA A 57 11.40 5.95 -5.43
N GLY A 58 11.45 5.93 -6.77
CA GLY A 58 10.97 7.02 -7.60
C GLY A 58 9.45 7.00 -7.78
N ILE A 59 8.80 8.15 -7.52
CA ILE A 59 7.36 8.34 -7.79
C ILE A 59 7.13 8.33 -9.32
N VAL A 60 6.32 7.37 -9.80
CA VAL A 60 6.01 7.24 -11.24
C VAL A 60 4.86 8.20 -11.64
N ALA A 61 3.77 8.19 -10.83
CA ALA A 61 2.62 9.09 -11.02
C ALA A 61 1.72 9.14 -9.76
N ILE A 62 0.92 10.22 -9.66
CA ILE A 62 -0.03 10.45 -8.53
C ILE A 62 -1.06 11.54 -8.92
N ARG A 63 -2.28 11.45 -8.33
CA ARG A 63 -3.33 12.48 -8.46
C ARG A 63 -4.30 12.40 -7.25
N ALA A 64 -4.15 13.34 -6.31
CA ALA A 64 -4.99 13.47 -5.09
C ALA A 64 -5.02 12.16 -4.23
N TYR A 65 -5.95 11.24 -4.55
CA TYR A 65 -6.11 9.95 -3.85
C TYR A 65 -6.60 8.84 -4.82
N SER A 66 -6.88 9.24 -6.08
CA SER A 66 -7.48 8.36 -7.11
C SER A 66 -6.43 7.49 -7.84
N PHE A 67 -5.13 7.63 -7.46
CA PHE A 67 -4.01 6.73 -7.88
C PHE A 67 -2.64 7.28 -7.38
N ILE A 68 -1.77 6.37 -6.93
CA ILE A 68 -0.35 6.65 -6.62
C ILE A 68 0.49 5.36 -6.83
N ARG A 69 1.75 5.48 -7.30
CA ARG A 69 2.63 4.31 -7.50
C ARG A 69 4.14 4.66 -7.36
N PHE A 70 4.90 3.74 -6.70
CA PHE A 70 6.37 3.86 -6.48
C PHE A 70 7.11 2.68 -7.14
N HIS A 71 8.13 2.97 -7.95
CA HIS A 71 9.08 1.96 -8.47
C HIS A 71 10.43 2.12 -7.75
N TRP A 72 10.98 1.01 -7.22
CA TRP A 72 12.26 1.02 -6.48
C TRP A 72 13.45 1.31 -7.44
N LEU A 73 14.34 2.23 -7.03
CA LEU A 73 15.62 2.50 -7.73
C LEU A 73 16.66 1.36 -7.45
N ASP A 74 16.33 0.49 -6.49
CA ASP A 74 17.08 -0.75 -6.20
C ASP A 74 16.59 -1.92 -7.11
N ASP A 75 15.54 -1.65 -7.91
CA ASP A 75 14.98 -2.58 -8.91
C ASP A 75 15.13 -2.01 -10.35
N GLU A 76 15.16 -2.90 -11.35
CA GLU A 76 15.35 -2.52 -12.78
C GLU A 76 14.20 -3.05 -13.69
N ASN A 77 13.15 -3.62 -13.08
CA ASN A 77 12.07 -4.35 -13.81
C ASN A 77 10.79 -3.48 -13.96
N GLU A 78 10.33 -3.29 -15.21
CA GLU A 78 9.05 -2.58 -15.50
C GLU A 78 7.82 -3.43 -15.10
N ARG A 79 6.67 -2.75 -14.88
CA ARG A 79 5.39 -3.36 -14.39
C ARG A 79 5.45 -3.69 -12.87
N ASP A 80 6.55 -4.32 -12.43
CA ASP A 80 6.80 -4.62 -11.01
C ASP A 80 7.02 -3.33 -10.17
N TYR A 81 5.92 -2.82 -9.62
CA TYR A 81 5.91 -1.69 -8.68
C TYR A 81 4.68 -1.79 -7.74
N PHE A 82 4.70 -1.04 -6.63
CA PHE A 82 3.56 -0.98 -5.69
C PHE A 82 2.64 0.21 -6.06
N GLU A 83 1.43 -0.09 -6.56
CA GLU A 83 0.40 0.91 -6.88
C GLU A 83 -0.79 0.78 -5.93
N ILE A 84 -1.24 1.90 -5.35
CA ILE A 84 -2.40 1.92 -4.43
C ILE A 84 -3.36 3.06 -4.84
N LYS A 85 -4.65 2.74 -4.91
CA LYS A 85 -5.74 3.67 -5.23
C LYS A 85 -6.83 3.59 -4.14
N MET A 86 -7.65 4.63 -3.99
CA MET A 86 -8.89 4.56 -3.20
C MET A 86 -9.98 5.45 -3.84
N SER A 87 -11.23 5.13 -3.50
CA SER A 87 -12.41 5.84 -4.04
C SER A 87 -13.41 6.13 -2.91
N TYR A 88 -13.96 7.36 -2.86
CA TYR A 88 -14.92 7.76 -1.82
C TYR A 88 -16.35 7.62 -2.36
N ASN A 89 -17.13 6.69 -1.79
CA ASN A 89 -18.50 6.38 -2.24
C ASN A 89 -19.54 7.49 -1.87
N GLU A 90 -19.15 8.39 -0.93
CA GLU A 90 -19.92 9.58 -0.50
C GLU A 90 -21.24 9.24 0.22
N LEU A 91 -22.28 8.82 -0.54
CA LEU A 91 -23.66 8.62 -0.03
C LEU A 91 -23.75 7.41 0.95
N THR A 92 -22.71 6.55 0.94
CA THR A 92 -22.62 5.39 1.85
C THR A 92 -21.30 5.43 2.67
N GLY A 93 -20.49 6.50 2.45
CA GLY A 93 -19.37 6.86 3.34
C GLY A 93 -18.07 6.04 3.19
N ASP A 94 -18.15 4.75 2.83
CA ASP A 94 -16.97 3.86 2.78
C ASP A 94 -16.01 4.18 1.61
N TYR A 95 -14.89 3.44 1.59
CA TYR A 95 -13.85 3.52 0.53
C TYR A 95 -13.73 2.19 -0.23
N VAL A 96 -13.66 2.27 -1.57
CA VAL A 96 -13.16 1.16 -2.41
C VAL A 96 -11.63 1.30 -2.49
N LEU A 97 -10.93 0.53 -1.62
CA LEU A 97 -9.47 0.63 -1.44
C LEU A 97 -8.75 -0.47 -2.24
N GLU A 98 -8.04 -0.07 -3.30
CA GLU A 98 -7.52 -0.97 -4.35
C GLU A 98 -5.97 -1.07 -4.30
N ILE A 99 -5.45 -2.21 -3.85
CA ILE A 99 -3.99 -2.50 -3.83
C ILE A 99 -3.60 -3.28 -5.10
N THR A 100 -2.48 -2.88 -5.73
CA THR A 100 -1.96 -3.48 -6.98
C THR A 100 -0.49 -3.89 -6.77
N ASP A 101 -0.26 -5.21 -6.65
CA ASP A 101 1.08 -5.79 -6.45
C ASP A 101 1.34 -6.93 -7.48
N PHE A 102 2.61 -7.15 -7.83
CA PHE A 102 3.01 -8.16 -8.84
C PHE A 102 3.87 -9.27 -8.17
N SER A 103 3.37 -10.51 -8.18
CA SER A 103 4.02 -11.69 -7.56
C SER A 103 3.67 -12.96 -8.35
N GLU A 104 4.56 -13.97 -8.34
CA GLU A 104 4.41 -15.16 -9.18
C GLU A 104 3.31 -16.12 -8.64
N ALA A 105 2.81 -17.02 -9.52
CA ALA A 105 1.77 -18.04 -9.21
C ALA A 105 2.02 -18.82 -7.88
N ASP A 106 3.27 -19.29 -7.68
CA ASP A 106 3.68 -20.06 -6.48
C ASP A 106 3.63 -19.24 -5.16
N GLU A 107 3.43 -17.92 -5.27
CA GLU A 107 3.33 -16.98 -4.13
C GLU A 107 1.92 -16.36 -4.05
N ALA A 108 1.24 -16.27 -5.22
CA ALA A 108 -0.06 -15.59 -5.36
C ALA A 108 -1.17 -16.30 -4.56
N ASP A 109 -1.08 -17.65 -4.48
CA ASP A 109 -1.99 -18.47 -3.64
C ASP A 109 -1.85 -18.16 -2.13
N ASP A 110 -0.61 -17.87 -1.68
CA ASP A 110 -0.32 -17.48 -0.27
C ASP A 110 -0.90 -16.08 0.03
N LEU A 111 -0.75 -15.17 -0.94
CA LEU A 111 -1.25 -13.77 -0.86
C LEU A 111 -2.79 -13.71 -0.88
N LYS A 112 -3.42 -14.49 -1.77
CA LYS A 112 -4.89 -14.58 -1.89
C LYS A 112 -5.53 -15.34 -0.70
N GLU A 113 -4.79 -16.30 -0.14
CA GLU A 113 -5.19 -17.02 1.11
C GLU A 113 -5.23 -16.04 2.31
N LEU A 114 -4.12 -15.28 2.46
CA LEU A 114 -3.96 -14.21 3.46
C LEU A 114 -5.06 -13.13 3.31
N TRP A 115 -5.29 -12.72 2.05
CA TRP A 115 -6.28 -11.68 1.72
C TRP A 115 -7.74 -12.15 2.00
N ASP A 116 -8.09 -13.37 1.57
CA ASP A 116 -9.44 -13.95 1.80
C ASP A 116 -9.73 -14.05 3.34
N SER A 117 -8.66 -14.32 4.11
CA SER A 117 -8.70 -14.24 5.59
C SER A 117 -9.00 -12.79 6.06
N GLN A 118 -8.26 -11.80 5.50
CA GLN A 118 -8.41 -10.36 5.85
C GLN A 118 -9.83 -9.82 5.52
N VAL A 119 -10.47 -10.34 4.45
CA VAL A 119 -11.87 -9.97 4.10
C VAL A 119 -12.84 -10.40 5.24
N SER A 120 -12.65 -11.66 5.69
CA SER A 120 -13.42 -12.24 6.82
C SER A 120 -13.18 -11.47 8.13
N LYS A 121 -11.91 -11.12 8.39
CA LYS A 121 -11.49 -10.38 9.62
C LYS A 121 -12.08 -8.95 9.67
N LEU A 122 -12.04 -8.24 8.53
CA LEU A 122 -12.62 -6.87 8.39
C LEU A 122 -14.16 -6.91 8.56
N ARG A 123 -14.78 -8.02 8.14
CA ARG A 123 -16.22 -8.28 8.35
C ARG A 123 -16.55 -8.43 9.86
N ARG A 124 -15.66 -9.12 10.61
CA ARG A 124 -15.83 -9.35 12.09
C ARG A 124 -15.71 -8.02 12.87
N THR A 125 -14.64 -7.27 12.61
CA THR A 125 -14.27 -6.05 13.38
C THR A 125 -14.97 -4.76 12.85
N CYS A 126 -15.47 -4.82 11.59
CA CYS A 126 -16.11 -3.66 10.88
C CYS A 126 -15.13 -2.46 10.72
N GLY A 127 -13.84 -2.78 10.48
CA GLY A 127 -12.77 -1.79 10.46
C GLY A 127 -12.20 -1.53 11.87
N PHE A 128 -11.94 -0.25 12.21
CA PHE A 128 -11.42 0.20 13.54
C PHE A 128 -10.04 -0.43 13.91
N LEU A 129 -9.36 -0.98 12.90
CA LEU A 129 -8.03 -1.63 13.03
C LEU A 129 -6.91 -0.55 13.07
N GLU A 130 -7.22 0.64 12.49
CA GLU A 130 -6.30 1.82 12.48
C GLU A 130 -6.40 2.59 13.84
N HIS A 131 -5.53 3.60 14.03
CA HIS A 131 -5.50 4.53 15.21
C HIS A 131 -4.79 3.92 16.43
N HIS A 132 -3.88 2.96 16.16
CA HIS A 132 -2.98 2.37 17.18
C HIS A 132 -1.75 1.70 16.52
N HIS A 133 -0.65 2.46 16.45
CA HIS A 133 0.65 1.97 15.93
C HIS A 133 1.46 1.36 17.09
N HIS A 134 1.56 0.01 17.10
CA HIS A 134 2.10 -0.81 18.22
C HIS A 134 1.17 -0.81 19.46
N HIS A 135 1.58 -1.52 20.53
CA HIS A 135 0.76 -1.68 21.76
C HIS A 135 0.68 -0.38 22.59
N HIS A 136 1.65 0.54 22.41
CA HIS A 136 1.67 1.85 23.12
C HIS A 136 2.47 2.90 22.32
N MET A 1 7.97 -18.67 -13.51
CA MET A 1 6.63 -18.42 -14.12
C MET A 1 6.51 -16.95 -14.58
N LYS A 2 5.38 -16.60 -15.23
CA LYS A 2 5.01 -15.19 -15.47
C LYS A 2 4.12 -14.67 -14.32
N LYS A 3 4.32 -13.40 -13.93
CA LYS A 3 3.54 -12.73 -12.87
C LYS A 3 2.06 -12.53 -13.25
N GLU A 4 1.23 -12.53 -12.22
CA GLU A 4 -0.19 -12.20 -12.29
C GLU A 4 -0.41 -10.87 -11.56
N LYS A 5 -0.95 -9.87 -12.26
CA LYS A 5 -1.39 -8.62 -11.61
C LYS A 5 -2.63 -8.92 -10.73
N ILE A 6 -2.54 -8.52 -9.47
CA ILE A 6 -3.57 -8.79 -8.44
C ILE A 6 -3.97 -7.47 -7.77
N HIS A 7 -5.25 -7.12 -7.87
CA HIS A 7 -5.84 -6.04 -7.06
C HIS A 7 -6.53 -6.66 -5.84
N LEU A 8 -6.10 -6.28 -4.63
CA LEU A 8 -6.71 -6.76 -3.38
C LEU A 8 -7.62 -5.65 -2.79
N GLU A 9 -8.96 -5.85 -2.76
CA GLU A 9 -9.92 -4.82 -2.28
C GLU A 9 -10.44 -5.12 -0.85
N TYR A 10 -10.42 -4.08 0.00
CA TYR A 10 -10.81 -4.17 1.42
C TYR A 10 -11.89 -3.12 1.72
N LEU A 11 -12.94 -3.49 2.47
CA LEU A 11 -14.06 -2.56 2.78
C LEU A 11 -13.80 -1.81 4.10
N LEU A 12 -13.40 -0.54 3.98
CA LEU A 12 -13.14 0.32 5.14
C LEU A 12 -14.41 1.09 5.55
N ASN A 13 -14.91 0.76 6.74
CA ASN A 13 -16.13 1.37 7.32
C ASN A 13 -15.80 2.03 8.68
N ALA A 14 -16.83 2.58 9.38
CA ALA A 14 -16.65 3.37 10.62
C ALA A 14 -15.74 4.61 10.38
N THR A 15 -14.98 5.08 11.40
CA THR A 15 -14.02 6.20 11.24
C THR A 15 -12.76 5.76 10.44
N SER A 16 -12.90 5.73 9.10
CA SER A 16 -11.80 5.37 8.16
C SER A 16 -11.79 6.37 7.00
N LYS A 17 -10.61 6.99 6.72
CA LYS A 17 -10.45 7.99 5.65
C LYS A 17 -9.32 7.58 4.67
N ASN A 18 -9.02 8.46 3.70
CA ASN A 18 -7.89 8.27 2.75
C ASN A 18 -6.52 8.25 3.47
N ILE A 19 -6.42 8.93 4.63
CA ILE A 19 -5.15 9.12 5.41
C ILE A 19 -4.40 7.77 5.67
N LEU A 20 -5.19 6.66 5.78
CA LEU A 20 -4.68 5.28 6.07
C LEU A 20 -3.41 4.93 5.25
N TRP A 21 -3.54 4.90 3.91
CA TRP A 21 -2.41 4.68 2.97
C TRP A 21 -1.92 5.99 2.32
N SER A 22 -2.70 7.09 2.39
CA SER A 22 -2.24 8.42 1.84
C SER A 22 -0.97 8.94 2.55
N ALA A 23 -0.68 8.37 3.73
CA ALA A 23 0.56 8.61 4.50
C ALA A 23 1.86 8.32 3.67
N ILE A 24 1.77 7.36 2.73
CA ILE A 24 2.94 6.94 1.90
C ILE A 24 3.37 7.99 0.85
N SER A 25 2.49 8.96 0.54
CA SER A 25 2.79 10.05 -0.41
C SER A 25 3.70 11.12 0.25
N THR A 26 3.66 11.21 1.59
CA THR A 26 4.50 12.12 2.38
C THR A 26 5.63 11.36 3.12
N PRO A 27 6.82 12.01 3.30
CA PRO A 27 7.94 11.46 4.11
C PRO A 27 7.54 11.22 5.59
N THR A 28 7.01 12.29 6.24
CA THR A 28 6.53 12.24 7.65
C THR A 28 5.44 11.15 7.90
N GLY A 29 4.58 10.91 6.90
CA GLY A 29 3.54 9.87 7.00
C GLY A 29 4.09 8.45 6.83
N LEU A 30 5.07 8.29 5.91
CA LEU A 30 5.71 6.99 5.61
C LEU A 30 6.55 6.47 6.81
N GLU A 31 7.44 7.34 7.33
CA GLU A 31 8.40 6.98 8.44
C GLU A 31 7.70 6.64 9.77
N ASP A 32 6.42 7.00 9.88
CA ASP A 32 5.55 6.62 11.02
C ASP A 32 5.47 5.08 11.19
N TRP A 33 5.30 4.36 10.06
CA TRP A 33 5.01 2.89 10.06
C TRP A 33 5.86 2.09 9.04
N PHE A 34 6.82 2.77 8.38
CA PHE A 34 7.77 2.14 7.43
C PHE A 34 9.14 2.83 7.51
N ALA A 35 10.21 2.04 7.74
CA ALA A 35 11.62 2.50 7.90
C ALA A 35 11.83 3.38 9.16
N ASP A 36 13.08 3.44 9.63
CA ASP A 36 13.47 4.26 10.80
C ASP A 36 13.26 5.78 10.53
N LYS A 37 13.51 6.20 9.28
CA LYS A 37 13.31 7.59 8.83
C LYS A 37 13.14 7.59 7.29
N VAL A 38 12.13 8.33 6.79
CA VAL A 38 11.89 8.45 5.34
C VAL A 38 12.08 9.93 4.91
N VAL A 39 13.02 10.13 3.99
CA VAL A 39 13.25 11.42 3.32
C VAL A 39 12.53 11.43 1.96
N SER A 40 11.99 12.59 1.55
CA SER A 40 11.42 12.79 0.20
C SER A 40 11.86 14.13 -0.39
N ASP A 41 11.77 14.23 -1.73
CA ASP A 41 12.29 15.38 -2.51
C ASP A 41 11.58 15.39 -3.90
N ASP A 42 12.12 16.15 -4.85
CA ASP A 42 11.68 16.11 -6.25
C ASP A 42 11.80 14.68 -6.84
N LYS A 43 10.65 13.97 -6.92
CA LYS A 43 10.50 12.59 -7.44
C LYS A 43 11.06 11.47 -6.49
N THR A 44 12.15 11.75 -5.75
CA THR A 44 12.85 10.72 -4.96
C THR A 44 12.28 10.62 -3.52
N VAL A 45 11.97 9.38 -3.11
CA VAL A 45 11.64 9.04 -1.70
C VAL A 45 12.70 8.02 -1.19
N THR A 46 13.65 8.53 -0.40
CA THR A 46 14.74 7.75 0.19
C THR A 46 14.33 7.22 1.58
N PHE A 47 14.15 5.90 1.71
CA PHE A 47 13.90 5.26 3.02
C PHE A 47 15.24 5.02 3.72
N CYS A 48 15.27 5.08 5.05
CA CYS A 48 16.51 4.89 5.83
C CYS A 48 16.25 4.03 7.08
N TRP A 49 17.12 3.05 7.34
CA TRP A 49 17.00 2.10 8.48
C TRP A 49 18.18 2.23 9.48
N GLY A 50 19.10 3.18 9.22
CA GLY A 50 20.26 3.36 10.09
C GLY A 50 21.23 4.43 9.59
N LYS A 51 22.52 4.07 9.50
CA LYS A 51 23.62 4.99 9.13
C LYS A 51 24.02 4.79 7.65
N THR A 52 24.23 3.52 7.25
CA THR A 52 24.63 3.14 5.86
C THR A 52 23.47 2.42 5.11
N GLU A 53 22.26 2.45 5.70
CA GLU A 53 21.07 1.72 5.19
C GLU A 53 20.06 2.71 4.55
N GLN A 54 20.01 2.73 3.21
CA GLN A 54 19.03 3.56 2.46
C GLN A 54 18.54 2.86 1.17
N ARG A 55 17.39 3.32 0.67
CA ARG A 55 16.78 2.82 -0.58
C ARG A 55 15.93 3.93 -1.21
N GLN A 56 16.31 4.42 -2.39
CA GLN A 56 15.62 5.55 -3.05
C GLN A 56 14.58 5.01 -4.05
N ALA A 57 13.40 5.66 -4.10
CA ALA A 57 12.27 5.23 -4.95
C ALA A 57 11.54 6.43 -5.60
N GLY A 58 11.55 6.47 -6.94
CA GLY A 58 10.88 7.51 -7.70
C GLY A 58 9.39 7.25 -7.92
N ILE A 59 8.54 8.26 -7.64
CA ILE A 59 7.10 8.20 -7.97
C ILE A 59 6.94 8.33 -9.50
N VAL A 60 6.48 7.26 -10.15
CA VAL A 60 6.28 7.26 -11.61
C VAL A 60 4.89 7.85 -12.00
N ALA A 61 3.93 7.82 -11.04
CA ALA A 61 2.60 8.48 -11.18
C ALA A 61 1.83 8.50 -9.83
N ILE A 62 1.02 9.56 -9.63
CA ILE A 62 0.19 9.77 -8.41
C ILE A 62 -0.98 10.76 -8.70
N ARG A 63 -2.11 10.58 -7.98
CA ARG A 63 -3.27 11.50 -8.05
C ARG A 63 -4.13 11.41 -6.76
N ALA A 64 -3.98 12.42 -5.88
CA ALA A 64 -4.75 12.58 -4.62
C ALA A 64 -4.78 11.30 -3.74
N TYR A 65 -5.75 10.40 -4.01
CA TYR A 65 -5.91 9.11 -3.29
C TYR A 65 -6.37 8.00 -4.28
N SER A 66 -6.64 8.40 -5.54
CA SER A 66 -7.21 7.52 -6.59
C SER A 66 -6.17 6.56 -7.20
N PHE A 67 -4.87 6.85 -6.99
CA PHE A 67 -3.74 5.95 -7.36
C PHE A 67 -2.38 6.57 -6.94
N ILE A 68 -1.47 5.72 -6.47
CA ILE A 68 -0.07 6.06 -6.21
C ILE A 68 0.81 4.81 -6.39
N ARG A 69 1.91 4.93 -7.16
CA ARG A 69 2.78 3.79 -7.49
C ARG A 69 4.27 4.23 -7.52
N PHE A 70 5.11 3.47 -6.81
CA PHE A 70 6.57 3.72 -6.69
C PHE A 70 7.38 2.74 -7.53
N HIS A 71 8.61 3.15 -7.87
CA HIS A 71 9.63 2.27 -8.46
C HIS A 71 11.03 2.72 -7.98
N TRP A 72 11.87 1.76 -7.55
CA TRP A 72 13.19 2.05 -6.94
C TRP A 72 14.18 2.60 -8.00
N LEU A 73 14.88 3.70 -7.68
CA LEU A 73 15.76 4.41 -8.63
C LEU A 73 17.04 3.61 -8.98
N ASP A 74 17.59 2.89 -7.98
CA ASP A 74 18.77 2.01 -8.18
C ASP A 74 18.37 0.68 -8.89
N ASP A 75 17.06 0.36 -8.86
CA ASP A 75 16.47 -0.70 -9.71
C ASP A 75 16.19 -0.12 -11.12
N GLU A 76 16.67 -0.81 -12.16
CA GLU A 76 16.52 -0.36 -13.57
C GLU A 76 15.27 -0.98 -14.24
N ASN A 77 14.94 -2.24 -13.87
CA ASN A 77 13.88 -3.04 -14.54
C ASN A 77 12.48 -2.49 -14.22
N GLU A 78 11.87 -1.77 -15.18
CA GLU A 78 10.46 -1.33 -15.09
C GLU A 78 9.55 -2.23 -15.98
N ARG A 79 9.43 -3.51 -15.59
CA ARG A 79 8.42 -4.41 -16.19
C ARG A 79 7.04 -4.22 -15.50
N ASP A 80 7.10 -3.86 -14.22
CA ASP A 80 5.93 -3.70 -13.34
C ASP A 80 6.19 -2.63 -12.25
N TYR A 81 5.37 -2.63 -11.18
CA TYR A 81 5.41 -1.59 -10.12
C TYR A 81 4.79 -2.12 -8.80
N PHE A 82 4.71 -1.24 -7.79
CA PHE A 82 3.93 -1.48 -6.54
C PHE A 82 2.95 -0.29 -6.34
N GLU A 83 1.64 -0.56 -6.46
CA GLU A 83 0.58 0.49 -6.41
C GLU A 83 -0.42 0.25 -5.27
N ILE A 84 -0.90 1.36 -4.69
CA ILE A 84 -2.01 1.37 -3.71
C ILE A 84 -2.99 2.52 -4.10
N LYS A 85 -4.29 2.26 -4.01
CA LYS A 85 -5.33 3.30 -4.17
C LYS A 85 -6.45 3.10 -3.13
N MET A 86 -7.29 4.12 -2.98
CA MET A 86 -8.55 4.03 -2.23
C MET A 86 -9.61 4.84 -2.99
N SER A 87 -10.82 4.31 -3.05
CA SER A 87 -11.96 4.96 -3.73
C SER A 87 -13.10 5.12 -2.73
N TYR A 88 -13.80 6.27 -2.76
CA TYR A 88 -14.89 6.55 -1.82
C TYR A 88 -16.25 6.32 -2.52
N ASN A 89 -17.16 5.66 -1.83
CA ASN A 89 -18.52 5.37 -2.33
C ASN A 89 -19.51 6.43 -1.79
N GLU A 90 -19.98 7.32 -2.67
CA GLU A 90 -20.88 8.46 -2.30
C GLU A 90 -22.28 7.98 -1.82
N LEU A 91 -22.76 6.87 -2.40
CA LEU A 91 -24.15 6.39 -2.21
C LEU A 91 -24.34 5.58 -0.89
N THR A 92 -23.22 5.09 -0.32
CA THR A 92 -23.25 4.30 0.94
C THR A 92 -22.32 4.92 2.03
N GLY A 93 -21.07 5.28 1.65
CA GLY A 93 -20.17 6.03 2.54
C GLY A 93 -19.00 5.22 3.13
N ASP A 94 -18.31 4.45 2.29
CA ASP A 94 -17.12 3.66 2.71
C ASP A 94 -15.99 3.73 1.65
N TYR A 95 -14.85 3.06 1.93
CA TYR A 95 -13.69 3.01 1.02
C TYR A 95 -13.46 1.60 0.43
N VAL A 96 -13.35 1.54 -0.91
CA VAL A 96 -12.76 0.39 -1.63
C VAL A 96 -11.22 0.57 -1.63
N LEU A 97 -10.53 -0.13 -0.72
CA LEU A 97 -9.08 -0.03 -0.57
C LEU A 97 -8.40 -1.13 -1.40
N GLU A 98 -7.76 -0.71 -2.49
CA GLU A 98 -7.28 -1.63 -3.54
C GLU A 98 -5.75 -1.55 -3.68
N ILE A 99 -5.04 -2.61 -3.29
CA ILE A 99 -3.57 -2.72 -3.44
C ILE A 99 -3.25 -3.51 -4.74
N THR A 100 -2.60 -2.86 -5.73
CA THR A 100 -2.18 -3.51 -6.99
C THR A 100 -0.72 -4.01 -6.89
N ASP A 101 -0.56 -5.33 -6.70
CA ASP A 101 0.74 -6.03 -6.60
C ASP A 101 0.85 -7.06 -7.77
N PHE A 102 2.06 -7.55 -8.05
CA PHE A 102 2.27 -8.62 -9.06
C PHE A 102 2.88 -9.87 -8.36
N SER A 103 2.17 -11.03 -8.42
CA SER A 103 2.60 -12.27 -7.73
C SER A 103 2.70 -13.48 -8.70
N GLU A 104 3.75 -14.29 -8.53
CA GLU A 104 3.89 -15.61 -9.21
C GLU A 104 2.75 -16.56 -8.81
N ALA A 105 2.32 -17.45 -9.74
CA ALA A 105 1.33 -18.52 -9.44
C ALA A 105 1.84 -19.50 -8.34
N ASP A 106 3.17 -19.54 -8.15
CA ASP A 106 3.85 -20.31 -7.08
C ASP A 106 3.51 -19.79 -5.65
N GLU A 107 3.28 -18.46 -5.54
CA GLU A 107 3.10 -17.77 -4.24
C GLU A 107 1.76 -16.99 -4.16
N ALA A 108 1.01 -16.94 -5.28
CA ALA A 108 -0.26 -16.17 -5.38
C ALA A 108 -1.33 -16.69 -4.40
N ASP A 109 -1.24 -17.99 -4.07
CA ASP A 109 -2.10 -18.68 -3.08
C ASP A 109 -2.12 -17.94 -1.71
N ASP A 110 -0.92 -17.57 -1.22
CA ASP A 110 -0.75 -16.85 0.07
C ASP A 110 -1.36 -15.42 -0.02
N LEU A 111 -1.15 -14.75 -1.15
CA LEU A 111 -1.65 -13.37 -1.39
C LEU A 111 -3.21 -13.32 -1.44
N LYS A 112 -3.82 -14.30 -2.12
CA LYS A 112 -5.31 -14.42 -2.22
C LYS A 112 -5.95 -14.80 -0.86
N GLU A 113 -5.23 -15.64 -0.08
CA GLU A 113 -5.67 -16.09 1.27
C GLU A 113 -5.58 -14.90 2.28
N LEU A 114 -4.47 -14.13 2.18
CA LEU A 114 -4.23 -12.90 3.00
C LEU A 114 -5.35 -11.87 2.79
N TRP A 115 -5.73 -11.68 1.51
CA TRP A 115 -6.89 -10.85 1.13
C TRP A 115 -8.20 -11.41 1.72
N ASP A 116 -8.47 -12.71 1.45
CA ASP A 116 -9.74 -13.40 1.78
C ASP A 116 -10.05 -13.32 3.28
N SER A 117 -9.04 -13.58 4.11
CA SER A 117 -9.15 -13.52 5.58
C SER A 117 -9.39 -12.06 6.05
N GLN A 118 -8.53 -11.12 5.61
CA GLN A 118 -8.54 -9.71 6.06
C GLN A 118 -9.85 -8.97 5.67
N VAL A 119 -10.36 -9.24 4.45
CA VAL A 119 -11.59 -8.61 3.93
C VAL A 119 -12.84 -9.14 4.69
N SER A 120 -12.80 -10.42 5.10
CA SER A 120 -13.83 -11.02 5.98
C SER A 120 -13.85 -10.31 7.36
N LYS A 121 -12.65 -10.17 7.97
CA LYS A 121 -12.48 -9.53 9.32
C LYS A 121 -13.04 -8.09 9.33
N LEU A 122 -12.65 -7.29 8.32
CA LEU A 122 -13.11 -5.89 8.13
C LEU A 122 -14.65 -5.80 7.99
N ARG A 123 -15.25 -6.81 7.35
CA ARG A 123 -16.70 -6.89 7.15
C ARG A 123 -17.45 -7.22 8.48
N ARG A 124 -16.81 -8.01 9.38
CA ARG A 124 -17.42 -8.38 10.69
C ARG A 124 -17.28 -7.21 11.71
N THR A 125 -16.07 -6.61 11.77
CA THR A 125 -15.73 -5.56 12.76
C THR A 125 -16.28 -4.17 12.38
N CYS A 126 -16.47 -3.93 11.07
CA CYS A 126 -16.83 -2.60 10.50
C CYS A 126 -15.75 -1.54 10.85
N GLY A 127 -14.60 -1.63 10.15
CA GLY A 127 -13.44 -0.74 10.41
C GLY A 127 -12.12 -1.31 9.88
N PHE A 128 -11.07 -1.34 10.74
CA PHE A 128 -9.73 -1.86 10.39
C PHE A 128 -8.96 -2.33 11.65
N LEU A 129 -8.10 -3.37 11.49
CA LEU A 129 -7.24 -3.87 12.59
C LEU A 129 -5.75 -3.56 12.29
N GLU A 130 -5.07 -2.92 13.27
CA GLU A 130 -3.61 -2.66 13.26
C GLU A 130 -2.81 -3.99 13.15
N HIS A 131 -3.36 -5.05 13.76
CA HIS A 131 -2.76 -6.39 13.85
C HIS A 131 -2.58 -7.11 12.45
N HIS A 132 -2.99 -6.44 11.35
CA HIS A 132 -2.66 -6.90 9.97
C HIS A 132 -1.13 -7.08 9.78
N HIS A 133 -0.33 -6.13 10.32
CA HIS A 133 1.14 -6.24 10.30
C HIS A 133 1.66 -6.86 11.62
N HIS A 134 2.34 -8.01 11.51
CA HIS A 134 3.07 -8.63 12.64
C HIS A 134 4.54 -8.16 12.59
N HIS A 135 5.06 -7.65 13.74
CA HIS A 135 6.37 -6.95 13.85
C HIS A 135 6.32 -5.56 13.15
N HIS A 136 6.82 -4.51 13.84
CA HIS A 136 6.83 -3.12 13.31
C HIS A 136 7.82 -2.98 12.13
N MET A 1 11.18 -16.73 -10.13
CA MET A 1 10.93 -17.28 -11.50
C MET A 1 10.22 -16.22 -12.38
N LYS A 2 8.90 -16.01 -12.15
CA LYS A 2 8.09 -15.04 -12.94
C LYS A 2 6.85 -14.57 -12.13
N LYS A 3 6.79 -13.24 -11.89
CA LYS A 3 5.65 -12.58 -11.20
C LYS A 3 4.48 -12.29 -12.16
N GLU A 4 3.25 -12.30 -11.62
CA GLU A 4 2.01 -11.96 -12.35
C GLU A 4 1.29 -10.77 -11.67
N LYS A 5 0.70 -9.87 -12.47
CA LYS A 5 -0.03 -8.69 -11.95
C LYS A 5 -1.35 -9.15 -11.24
N ILE A 6 -1.53 -8.66 -10.00
CA ILE A 6 -2.73 -8.92 -9.17
C ILE A 6 -3.22 -7.58 -8.55
N HIS A 7 -4.43 -7.61 -7.96
CA HIS A 7 -5.05 -6.42 -7.32
C HIS A 7 -5.83 -6.87 -6.06
N LEU A 8 -5.38 -6.44 -4.87
CA LEU A 8 -5.96 -6.85 -3.57
C LEU A 8 -6.95 -5.77 -3.06
N GLU A 9 -8.23 -6.16 -2.92
CA GLU A 9 -9.33 -5.23 -2.54
C GLU A 9 -9.66 -5.35 -1.04
N TYR A 10 -9.51 -4.23 -0.32
CA TYR A 10 -9.88 -4.09 1.10
C TYR A 10 -11.04 -3.07 1.22
N LEU A 11 -12.08 -3.38 1.99
CA LEU A 11 -13.10 -2.38 2.35
C LEU A 11 -12.66 -1.70 3.67
N LEU A 12 -12.78 -0.37 3.78
CA LEU A 12 -12.39 0.36 5.00
C LEU A 12 -13.40 1.50 5.27
N ASN A 13 -13.96 1.52 6.49
CA ASN A 13 -14.83 2.62 6.98
C ASN A 13 -14.09 3.98 6.95
N ALA A 14 -14.28 4.72 5.84
CA ALA A 14 -13.48 5.92 5.55
C ALA A 14 -14.27 6.94 4.71
N THR A 15 -15.06 7.76 5.41
CA THR A 15 -15.83 8.87 4.81
C THR A 15 -14.89 10.04 4.43
N SER A 16 -14.42 10.04 3.15
CA SER A 16 -13.46 11.04 2.60
C SER A 16 -12.09 11.03 3.37
N LYS A 17 -11.77 9.86 3.96
CA LYS A 17 -10.58 9.68 4.84
C LYS A 17 -9.38 9.08 4.03
N ASN A 18 -9.14 9.67 2.85
CA ASN A 18 -8.04 9.29 1.91
C ASN A 18 -6.63 9.38 2.55
N ILE A 19 -6.51 10.25 3.58
CA ILE A 19 -5.27 10.55 4.32
C ILE A 19 -4.55 9.26 4.85
N LEU A 20 -5.34 8.14 5.02
CA LEU A 20 -4.83 6.79 5.40
C LEU A 20 -3.55 6.41 4.62
N TRP A 21 -3.68 6.28 3.29
CA TRP A 21 -2.57 5.95 2.39
C TRP A 21 -1.98 7.19 1.70
N SER A 22 -2.66 8.36 1.75
CA SER A 22 -2.05 9.63 1.25
C SER A 22 -0.76 10.01 2.03
N ALA A 23 -0.61 9.43 3.24
CA ALA A 23 0.59 9.55 4.10
C ALA A 23 1.87 8.96 3.44
N ILE A 24 1.70 8.00 2.49
CA ILE A 24 2.84 7.27 1.88
C ILE A 24 3.66 8.14 0.88
N SER A 25 3.07 9.27 0.43
CA SER A 25 3.77 10.24 -0.45
C SER A 25 4.79 11.09 0.36
N THR A 26 4.41 11.41 1.62
CA THR A 26 5.24 12.21 2.54
C THR A 26 6.17 11.32 3.40
N PRO A 27 7.39 11.84 3.78
CA PRO A 27 8.33 11.13 4.68
C PRO A 27 7.70 10.79 6.06
N THR A 28 7.33 11.84 6.84
CA THR A 28 6.81 11.72 8.22
C THR A 28 5.52 10.86 8.31
N GLY A 29 4.67 10.95 7.27
CA GLY A 29 3.47 10.11 7.17
C GLY A 29 3.77 8.63 6.91
N LEU A 30 4.76 8.36 6.03
CA LEU A 30 5.15 6.99 5.63
C LEU A 30 5.94 6.24 6.74
N GLU A 31 7.03 6.86 7.24
CA GLU A 31 7.94 6.26 8.27
C GLU A 31 7.24 6.00 9.62
N ASP A 32 6.03 6.58 9.78
CA ASP A 32 5.13 6.30 10.91
C ASP A 32 4.74 4.79 10.99
N TRP A 33 4.55 4.16 9.81
CA TRP A 33 4.03 2.78 9.69
C TRP A 33 4.66 1.99 8.52
N PHE A 34 5.78 2.48 7.98
CA PHE A 34 6.55 1.80 6.91
C PHE A 34 8.04 2.18 7.01
N ALA A 35 8.93 1.17 7.15
CA ALA A 35 10.38 1.38 7.41
C ALA A 35 10.65 2.06 8.78
N ASP A 36 11.93 2.10 9.19
CA ASP A 36 12.34 2.74 10.46
C ASP A 36 12.44 4.27 10.31
N LYS A 37 13.01 4.74 9.18
CA LYS A 37 13.11 6.17 8.86
C LYS A 37 13.03 6.37 7.33
N VAL A 38 12.29 7.41 6.88
CA VAL A 38 12.17 7.78 5.46
C VAL A 38 12.71 9.23 5.20
N VAL A 39 13.74 9.33 4.35
CA VAL A 39 14.27 10.61 3.83
C VAL A 39 13.66 10.91 2.45
N SER A 40 13.00 12.07 2.30
CA SER A 40 12.36 12.47 1.02
C SER A 40 13.28 13.37 0.16
N ASP A 41 13.40 13.00 -1.12
CA ASP A 41 14.08 13.79 -2.18
C ASP A 41 13.03 14.40 -3.13
N ASP A 42 11.91 14.86 -2.53
CA ASP A 42 10.73 15.42 -3.25
C ASP A 42 10.01 14.35 -4.13
N LYS A 43 10.53 14.12 -5.36
CA LYS A 43 9.96 13.16 -6.34
C LYS A 43 10.52 11.72 -6.16
N THR A 44 11.40 11.55 -5.16
CA THR A 44 11.98 10.23 -4.79
C THR A 44 11.83 10.02 -3.27
N VAL A 45 11.55 8.78 -2.85
CA VAL A 45 11.35 8.40 -1.43
C VAL A 45 12.42 7.36 -1.00
N THR A 46 13.44 7.81 -0.24
CA THR A 46 14.55 6.95 0.21
C THR A 46 14.26 6.40 1.63
N PHE A 47 14.11 5.07 1.73
CA PHE A 47 13.93 4.37 3.02
C PHE A 47 15.30 4.10 3.67
N CYS A 48 15.35 4.01 5.00
CA CYS A 48 16.60 3.77 5.75
C CYS A 48 16.43 2.60 6.75
N TRP A 49 17.13 1.48 6.46
CA TRP A 49 17.17 0.29 7.34
C TRP A 49 18.60 0.02 7.87
N GLY A 50 19.61 0.78 7.38
CA GLY A 50 21.00 0.61 7.85
C GLY A 50 21.97 1.68 7.35
N LYS A 51 23.26 1.50 7.70
CA LYS A 51 24.36 2.43 7.33
C LYS A 51 24.58 2.51 5.80
N THR A 52 24.48 1.35 5.12
CA THR A 52 24.57 1.24 3.65
C THR A 52 23.33 0.54 3.04
N GLU A 53 22.31 0.29 3.89
CA GLU A 53 21.03 -0.31 3.45
C GLU A 53 19.93 0.78 3.36
N GLN A 54 19.80 1.36 2.16
CA GLN A 54 18.75 2.33 1.82
C GLN A 54 18.10 1.92 0.48
N ARG A 55 16.83 2.30 0.29
CA ARG A 55 16.08 2.02 -0.96
C ARG A 55 15.45 3.33 -1.48
N GLN A 56 15.95 3.86 -2.60
CA GLN A 56 15.31 4.98 -3.29
C GLN A 56 14.13 4.44 -4.13
N ALA A 57 12.93 5.02 -3.95
CA ALA A 57 11.72 4.65 -4.72
C ALA A 57 11.16 5.88 -5.44
N GLY A 58 11.16 5.84 -6.78
CA GLY A 58 10.65 6.94 -7.60
C GLY A 58 9.14 6.86 -7.82
N ILE A 59 8.44 8.00 -7.65
CA ILE A 59 6.98 8.09 -7.94
C ILE A 59 6.75 7.92 -9.46
N VAL A 60 5.87 6.99 -9.84
CA VAL A 60 5.53 6.75 -11.25
C VAL A 60 4.46 7.79 -11.69
N ALA A 61 3.43 7.93 -10.84
CA ALA A 61 2.32 8.89 -11.03
C ALA A 61 1.49 9.06 -9.74
N ILE A 62 0.74 10.17 -9.67
CA ILE A 62 -0.22 10.44 -8.58
C ILE A 62 -1.30 11.44 -9.06
N ARG A 63 -2.54 11.30 -8.54
CA ARG A 63 -3.64 12.26 -8.79
C ARG A 63 -4.50 12.38 -7.51
N ALA A 64 -4.26 13.47 -6.74
CA ALA A 64 -4.93 13.77 -5.45
C ALA A 64 -4.98 12.56 -4.46
N TYR A 65 -5.92 11.62 -4.71
CA TYR A 65 -6.10 10.38 -3.91
C TYR A 65 -6.64 9.21 -4.79
N SER A 66 -7.12 9.54 -6.02
CA SER A 66 -7.75 8.55 -6.95
C SER A 66 -6.75 7.43 -7.33
N PHE A 67 -5.46 7.78 -7.35
CA PHE A 67 -4.34 6.80 -7.40
C PHE A 67 -3.02 7.43 -6.93
N ILE A 68 -2.13 6.56 -6.45
CA ILE A 68 -0.73 6.88 -6.13
C ILE A 68 0.11 5.59 -6.34
N ARG A 69 1.30 5.71 -6.94
CA ARG A 69 2.14 4.53 -7.26
C ARG A 69 3.64 4.88 -7.28
N PHE A 70 4.46 3.92 -6.82
CA PHE A 70 5.93 4.04 -6.74
C PHE A 70 6.60 2.85 -7.46
N HIS A 71 7.91 2.95 -7.64
CA HIS A 71 8.76 1.85 -8.14
C HIS A 71 10.17 1.95 -7.52
N TRP A 72 10.72 0.81 -7.10
CA TRP A 72 12.02 0.75 -6.39
C TRP A 72 13.18 0.90 -7.40
N LEU A 73 13.88 2.07 -7.32
CA LEU A 73 15.07 2.36 -8.15
C LEU A 73 16.25 1.39 -7.82
N ASP A 74 16.23 0.84 -6.60
CA ASP A 74 17.28 -0.04 -6.08
C ASP A 74 17.13 -1.50 -6.57
N ASP A 75 16.01 -2.17 -6.20
CA ASP A 75 15.80 -3.60 -6.47
C ASP A 75 15.40 -3.86 -7.95
N GLU A 76 14.18 -3.42 -8.33
CA GLU A 76 13.68 -3.43 -9.74
C GLU A 76 13.43 -4.87 -10.33
N ASN A 77 13.56 -5.93 -9.50
CA ASN A 77 13.38 -7.34 -9.97
C ASN A 77 11.91 -7.62 -10.38
N GLU A 78 11.74 -8.10 -11.64
CA GLU A 78 10.41 -8.30 -12.31
C GLU A 78 9.59 -6.98 -12.42
N ARG A 79 10.31 -5.82 -12.36
CA ARG A 79 9.71 -4.47 -12.32
C ARG A 79 8.71 -4.35 -11.14
N ASP A 80 9.25 -4.22 -9.92
CA ASP A 80 8.48 -4.16 -8.66
C ASP A 80 7.63 -2.84 -8.53
N TYR A 81 6.48 -2.85 -9.23
CA TYR A 81 5.54 -1.72 -9.29
C TYR A 81 4.38 -1.95 -8.30
N PHE A 82 4.32 -1.14 -7.23
CA PHE A 82 3.23 -1.21 -6.23
C PHE A 82 2.39 0.09 -6.26
N GLU A 83 1.10 -0.07 -6.59
CA GLU A 83 0.10 1.02 -6.66
C GLU A 83 -0.92 0.87 -5.53
N ILE A 84 -1.33 2.00 -4.94
CA ILE A 84 -2.45 2.05 -3.97
C ILE A 84 -3.43 3.15 -4.40
N LYS A 85 -4.73 2.83 -4.45
CA LYS A 85 -5.80 3.81 -4.74
C LYS A 85 -7.03 3.58 -3.83
N MET A 86 -7.87 4.61 -3.68
CA MET A 86 -9.17 4.50 -2.96
C MET A 86 -10.26 5.28 -3.71
N SER A 87 -11.51 4.90 -3.47
CA SER A 87 -12.69 5.58 -4.02
C SER A 87 -13.87 5.53 -3.04
N TYR A 88 -14.66 6.60 -3.01
CA TYR A 88 -15.76 6.75 -2.04
C TYR A 88 -17.03 6.04 -2.54
N ASN A 89 -17.42 4.95 -1.86
CA ASN A 89 -18.69 4.27 -2.13
C ASN A 89 -19.86 5.15 -1.65
N GLU A 90 -20.47 5.88 -2.59
CA GLU A 90 -21.63 6.77 -2.33
C GLU A 90 -22.92 5.94 -2.00
N LEU A 91 -22.81 4.61 -2.10
CA LEU A 91 -23.89 3.65 -1.82
C LEU A 91 -23.95 3.23 -0.32
N THR A 92 -22.83 3.42 0.44
CA THR A 92 -22.74 2.99 1.86
C THR A 92 -21.99 4.00 2.77
N GLY A 93 -20.90 4.60 2.26
CA GLY A 93 -20.09 5.60 3.01
C GLY A 93 -18.63 5.16 3.21
N ASP A 94 -18.34 3.89 2.94
CA ASP A 94 -16.97 3.32 3.07
C ASP A 94 -16.08 3.64 1.84
N TYR A 95 -14.80 3.27 1.94
CA TYR A 95 -13.84 3.30 0.82
C TYR A 95 -13.63 1.88 0.23
N VAL A 96 -13.55 1.81 -1.11
CA VAL A 96 -13.02 0.64 -1.82
C VAL A 96 -11.51 0.87 -2.08
N LEU A 97 -10.68 0.04 -1.44
CA LEU A 97 -9.22 0.20 -1.39
C LEU A 97 -8.57 -0.86 -2.27
N GLU A 98 -7.73 -0.45 -3.22
CA GLU A 98 -7.20 -1.33 -4.28
C GLU A 98 -5.66 -1.21 -4.37
N ILE A 99 -4.95 -2.25 -3.90
CA ILE A 99 -3.47 -2.30 -3.94
C ILE A 99 -3.03 -3.24 -5.10
N THR A 100 -2.38 -2.67 -6.12
CA THR A 100 -1.86 -3.42 -7.28
C THR A 100 -0.40 -3.85 -7.01
N ASP A 101 -0.18 -5.18 -6.98
CA ASP A 101 1.14 -5.78 -6.72
C ASP A 101 1.41 -6.90 -7.75
N PHE A 102 2.67 -7.32 -7.85
CA PHE A 102 3.08 -8.44 -8.72
C PHE A 102 3.49 -9.64 -7.83
N SER A 103 2.82 -10.78 -7.99
CA SER A 103 3.12 -12.03 -7.24
C SER A 103 3.05 -13.27 -8.16
N GLU A 104 4.01 -14.20 -7.94
CA GLU A 104 4.14 -15.45 -8.72
C GLU A 104 2.95 -16.43 -8.44
N ALA A 105 2.67 -17.32 -9.41
CA ALA A 105 1.66 -18.41 -9.25
C ALA A 105 1.90 -19.26 -7.96
N ASP A 106 3.17 -19.57 -7.67
CA ASP A 106 3.58 -20.37 -6.50
C ASP A 106 3.27 -19.68 -5.15
N GLU A 107 3.22 -18.33 -5.14
CA GLU A 107 3.01 -17.54 -3.91
C GLU A 107 1.66 -16.78 -3.94
N ALA A 108 0.93 -16.87 -5.08
CA ALA A 108 -0.38 -16.17 -5.27
C ALA A 108 -1.40 -16.61 -4.21
N ASP A 109 -1.35 -17.90 -3.85
CA ASP A 109 -2.17 -18.51 -2.78
C ASP A 109 -1.99 -17.76 -1.42
N ASP A 110 -0.74 -17.39 -1.12
CA ASP A 110 -0.37 -16.64 0.10
C ASP A 110 -0.93 -15.20 0.05
N LEU A 111 -0.81 -14.55 -1.11
CA LEU A 111 -1.29 -13.16 -1.33
C LEU A 111 -2.83 -13.04 -1.33
N LYS A 112 -3.51 -14.09 -1.80
CA LYS A 112 -4.98 -14.18 -1.70
C LYS A 112 -5.44 -14.19 -0.22
N GLU A 113 -4.61 -14.76 0.67
CA GLU A 113 -4.85 -14.72 2.13
C GLU A 113 -4.74 -13.29 2.70
N LEU A 114 -3.92 -12.41 2.07
CA LEU A 114 -3.79 -10.99 2.51
C LEU A 114 -5.14 -10.23 2.41
N TRP A 115 -5.79 -10.26 1.22
CA TRP A 115 -7.07 -9.53 1.02
C TRP A 115 -8.24 -10.28 1.70
N ASP A 116 -8.26 -11.63 1.55
CA ASP A 116 -9.39 -12.48 2.01
C ASP A 116 -9.49 -12.51 3.56
N SER A 117 -8.33 -12.55 4.26
CA SER A 117 -8.31 -12.44 5.74
C SER A 117 -8.87 -11.08 6.19
N GLN A 118 -8.38 -9.99 5.59
CA GLN A 118 -8.80 -8.61 5.94
C GLN A 118 -10.30 -8.33 5.65
N VAL A 119 -10.87 -8.98 4.61
CA VAL A 119 -12.31 -8.86 4.28
C VAL A 119 -13.17 -9.68 5.28
N SER A 120 -12.78 -10.94 5.54
CA SER A 120 -13.49 -11.85 6.48
C SER A 120 -13.43 -11.35 7.94
N LYS A 121 -12.25 -10.89 8.35
CA LYS A 121 -12.02 -10.26 9.68
C LYS A 121 -12.76 -8.93 9.82
N LEU A 122 -12.89 -8.17 8.70
CA LEU A 122 -13.70 -6.93 8.67
C LEU A 122 -15.22 -7.22 8.89
N ARG A 123 -15.70 -8.36 8.37
CA ARG A 123 -17.10 -8.82 8.55
C ARG A 123 -17.46 -9.01 10.06
N ARG A 124 -16.55 -9.66 10.81
CA ARG A 124 -16.75 -9.89 12.26
C ARG A 124 -16.42 -8.63 13.11
N THR A 125 -15.50 -7.78 12.61
CA THR A 125 -15.06 -6.53 13.30
C THR A 125 -16.13 -5.40 13.17
N CYS A 126 -16.73 -5.29 11.97
CA CYS A 126 -17.71 -4.23 11.59
C CYS A 126 -17.13 -2.80 11.78
N GLY A 127 -15.81 -2.66 11.57
CA GLY A 127 -15.11 -1.38 11.77
C GLY A 127 -13.63 -1.46 11.43
N PHE A 128 -12.86 -0.44 11.87
CA PHE A 128 -11.40 -0.30 11.56
C PHE A 128 -10.58 -1.55 12.02
N LEU A 129 -9.68 -2.01 11.14
CA LEU A 129 -8.77 -3.14 11.41
C LEU A 129 -7.33 -2.74 11.04
N GLU A 130 -6.70 -2.01 11.98
CA GLU A 130 -5.38 -1.36 11.78
C GLU A 130 -4.22 -2.27 12.25
N HIS A 131 -3.67 -3.07 11.32
CA HIS A 131 -2.48 -3.91 11.59
C HIS A 131 -1.17 -3.07 11.56
N HIS A 132 -0.24 -3.33 12.50
CA HIS A 132 1.02 -2.57 12.60
C HIS A 132 2.22 -3.47 12.25
N HIS A 133 3.04 -3.06 11.25
CA HIS A 133 4.20 -3.86 10.76
C HIS A 133 5.53 -3.08 10.88
N HIS A 134 6.58 -3.80 11.32
CA HIS A 134 7.98 -3.29 11.39
C HIS A 134 8.99 -4.46 11.29
N HIS A 135 10.25 -4.11 11.01
CA HIS A 135 11.39 -5.07 11.00
C HIS A 135 12.49 -4.58 11.98
N HIS A 136 13.72 -5.14 11.86
CA HIS A 136 14.89 -4.78 12.69
C HIS A 136 14.67 -5.13 14.19
N MET A 1 7.77 -21.37 -13.04
CA MET A 1 7.94 -20.10 -12.28
C MET A 1 7.57 -18.89 -13.17
N LYS A 2 6.33 -18.38 -12.98
CA LYS A 2 5.83 -17.16 -13.66
C LYS A 2 5.04 -16.29 -12.67
N LYS A 3 5.19 -14.96 -12.78
CA LYS A 3 4.46 -14.00 -11.94
C LYS A 3 3.04 -13.78 -12.47
N GLU A 4 2.13 -13.52 -11.55
CA GLU A 4 0.71 -13.25 -11.83
C GLU A 4 0.33 -11.90 -11.20
N LYS A 5 0.02 -10.91 -12.05
CA LYS A 5 -0.45 -9.58 -11.61
C LYS A 5 -1.87 -9.72 -11.02
N ILE A 6 -2.06 -9.21 -9.79
CA ILE A 6 -3.32 -9.34 -9.02
C ILE A 6 -3.73 -7.97 -8.44
N HIS A 7 -4.97 -7.91 -7.93
CA HIS A 7 -5.56 -6.71 -7.34
C HIS A 7 -6.43 -7.10 -6.13
N LEU A 8 -6.07 -6.61 -4.93
CA LEU A 8 -6.87 -6.85 -3.69
C LEU A 8 -7.63 -5.57 -3.29
N GLU A 9 -8.98 -5.64 -3.33
CA GLU A 9 -9.86 -4.51 -2.90
C GLU A 9 -10.36 -4.75 -1.46
N TYR A 10 -9.95 -3.88 -0.54
CA TYR A 10 -10.30 -3.97 0.90
C TYR A 10 -11.43 -2.96 1.21
N LEU A 11 -12.49 -3.42 1.87
CA LEU A 11 -13.66 -2.58 2.20
C LEU A 11 -13.48 -1.92 3.60
N LEU A 12 -13.11 -0.61 3.59
CA LEU A 12 -12.94 0.21 4.81
C LEU A 12 -14.19 1.06 5.09
N ASN A 13 -14.33 1.52 6.34
CA ASN A 13 -15.54 2.23 6.82
C ASN A 13 -15.28 3.74 7.05
N ALA A 14 -16.33 4.56 6.80
CA ALA A 14 -16.40 6.02 7.12
C ALA A 14 -15.67 6.95 6.11
N THR A 15 -16.08 8.24 6.15
CA THR A 15 -15.59 9.30 5.23
C THR A 15 -14.21 9.83 5.68
N SER A 16 -13.41 10.33 4.70
CA SER A 16 -12.10 11.01 4.95
C SER A 16 -11.05 10.05 5.56
N LYS A 17 -11.21 8.74 5.30
CA LYS A 17 -10.24 7.70 5.72
C LYS A 17 -9.22 7.43 4.59
N ASN A 18 -9.01 8.44 3.73
CA ASN A 18 -7.97 8.39 2.67
C ASN A 18 -6.55 8.47 3.26
N ILE A 19 -6.43 9.14 4.44
CA ILE A 19 -5.14 9.36 5.16
C ILE A 19 -4.34 8.03 5.38
N LEU A 20 -5.08 6.88 5.46
CA LEU A 20 -4.50 5.51 5.66
C LEU A 20 -3.24 5.27 4.78
N TRP A 21 -3.44 5.29 3.45
CA TRP A 21 -2.37 5.12 2.47
C TRP A 21 -1.91 6.46 1.85
N SER A 22 -2.67 7.55 2.03
CA SER A 22 -2.22 8.91 1.58
C SER A 22 -0.92 9.36 2.32
N ALA A 23 -0.63 8.68 3.45
CA ALA A 23 0.61 8.85 4.23
C ALA A 23 1.90 8.58 3.39
N ILE A 24 1.81 7.63 2.42
CA ILE A 24 2.98 7.19 1.61
C ILE A 24 3.45 8.25 0.58
N SER A 25 2.62 9.29 0.35
CA SER A 25 2.96 10.40 -0.57
C SER A 25 3.95 11.40 0.09
N THR A 26 4.01 11.36 1.44
CA THR A 26 4.89 12.24 2.24
C THR A 26 5.99 11.44 2.98
N PRO A 27 7.22 12.03 3.17
CA PRO A 27 8.29 11.45 4.01
C PRO A 27 7.82 11.12 5.45
N THR A 28 7.37 12.14 6.20
CA THR A 28 6.91 12.02 7.60
C THR A 28 5.68 11.09 7.77
N GLY A 29 4.80 11.06 6.75
CA GLY A 29 3.65 10.14 6.74
C GLY A 29 4.07 8.66 6.60
N LEU A 30 5.05 8.42 5.71
CA LEU A 30 5.58 7.06 5.40
C LEU A 30 6.30 6.44 6.63
N GLU A 31 7.18 7.24 7.26
CA GLU A 31 8.06 6.77 8.38
C GLU A 31 7.29 6.34 9.64
N ASP A 32 6.03 6.79 9.76
CA ASP A 32 5.16 6.47 10.91
C ASP A 32 4.83 4.95 11.00
N TRP A 33 4.75 4.28 9.83
CA TRP A 33 4.36 2.86 9.75
C TRP A 33 5.21 2.03 8.74
N PHE A 34 6.29 2.66 8.20
CA PHE A 34 7.28 1.98 7.33
C PHE A 34 8.67 2.58 7.58
N ALA A 35 9.68 1.70 7.81
CA ALA A 35 11.07 2.09 8.14
C ALA A 35 11.18 2.83 9.51
N ASP A 36 12.43 3.12 9.93
CA ASP A 36 12.71 3.94 11.12
C ASP A 36 12.38 5.42 10.83
N LYS A 37 12.91 5.90 9.69
CA LYS A 37 12.63 7.25 9.20
C LYS A 37 12.74 7.30 7.67
N VAL A 38 11.88 8.10 7.05
CA VAL A 38 11.82 8.27 5.58
C VAL A 38 12.16 9.73 5.24
N VAL A 39 13.31 9.94 4.60
CA VAL A 39 13.79 11.27 4.18
C VAL A 39 13.49 11.52 2.69
N SER A 40 12.69 12.55 2.38
CA SER A 40 12.28 12.89 0.99
C SER A 40 12.04 14.40 0.83
N ASP A 41 12.37 14.93 -0.36
CA ASP A 41 12.17 16.35 -0.72
C ASP A 41 11.29 16.46 -2.00
N ASP A 42 11.86 15.99 -3.12
CA ASP A 42 11.18 15.96 -4.44
C ASP A 42 11.87 14.91 -5.35
N LYS A 43 11.09 14.31 -6.27
CA LYS A 43 11.53 13.30 -7.30
C LYS A 43 12.03 11.94 -6.73
N THR A 44 12.35 11.86 -5.42
CA THR A 44 12.91 10.64 -4.79
C THR A 44 12.49 10.55 -3.31
N VAL A 45 12.11 9.35 -2.88
CA VAL A 45 11.81 9.02 -1.47
C VAL A 45 12.88 8.02 -0.94
N THR A 46 13.74 8.49 -0.02
CA THR A 46 14.87 7.69 0.52
C THR A 46 14.49 7.10 1.90
N PHE A 47 14.41 5.76 1.99
CA PHE A 47 14.02 5.04 3.21
C PHE A 47 15.28 4.68 4.04
N CYS A 48 15.33 5.14 5.30
CA CYS A 48 16.47 4.90 6.21
C CYS A 48 16.08 3.90 7.33
N TRP A 49 16.76 2.74 7.36
CA TRP A 49 16.52 1.67 8.35
C TRP A 49 17.60 1.66 9.47
N GLY A 50 17.42 2.55 10.45
CA GLY A 50 18.35 2.67 11.60
C GLY A 50 19.57 3.52 11.27
N LYS A 51 20.78 3.00 11.58
CA LYS A 51 22.05 3.67 11.26
C LYS A 51 22.39 3.44 9.76
N THR A 52 22.63 2.17 9.41
CA THR A 52 23.00 1.75 8.04
C THR A 52 21.74 1.37 7.22
N GLU A 53 21.96 0.98 5.93
CA GLU A 53 20.93 0.42 5.04
C GLU A 53 19.89 1.47 4.60
N GLN A 54 19.92 1.85 3.31
CA GLN A 54 18.96 2.80 2.72
C GLN A 54 18.66 2.43 1.26
N ARG A 55 17.43 2.75 0.81
CA ARG A 55 16.97 2.57 -0.60
C ARG A 55 16.25 3.83 -1.08
N GLN A 56 16.05 3.95 -2.40
CA GLN A 56 15.43 5.14 -3.04
C GLN A 56 14.36 4.76 -4.08
N ALA A 57 13.20 5.44 -4.02
CA ALA A 57 12.07 5.22 -4.95
C ALA A 57 11.31 6.54 -5.21
N GLY A 58 11.30 7.00 -6.47
CA GLY A 58 10.66 8.27 -6.85
C GLY A 58 9.25 8.13 -7.40
N ILE A 59 8.45 9.19 -7.26
CA ILE A 59 7.05 9.22 -7.73
C ILE A 59 7.01 9.56 -9.25
N VAL A 60 6.43 8.67 -10.07
CA VAL A 60 6.21 8.95 -11.51
C VAL A 60 4.83 9.59 -11.76
N ALA A 61 3.83 9.26 -10.91
CA ALA A 61 2.46 9.80 -11.01
C ALA A 61 1.66 9.61 -9.70
N ILE A 62 0.78 10.59 -9.40
CA ILE A 62 -0.08 10.61 -8.21
C ILE A 62 -1.26 11.61 -8.43
N ARG A 63 -2.41 11.37 -7.74
CA ARG A 63 -3.55 12.31 -7.76
C ARG A 63 -4.39 12.15 -6.47
N ALA A 64 -4.19 13.09 -5.51
CA ALA A 64 -4.84 13.11 -4.17
C ALA A 64 -4.80 11.75 -3.43
N TYR A 65 -5.77 10.86 -3.73
CA TYR A 65 -5.83 9.48 -3.17
C TYR A 65 -6.36 8.46 -4.21
N SER A 66 -6.77 8.97 -5.41
CA SER A 66 -7.34 8.12 -6.50
C SER A 66 -6.29 7.21 -7.16
N PHE A 67 -4.99 7.52 -6.95
CA PHE A 67 -3.84 6.67 -7.39
C PHE A 67 -2.49 7.28 -6.97
N ILE A 68 -1.52 6.38 -6.70
CA ILE A 68 -0.11 6.74 -6.50
C ILE A 68 0.78 5.54 -6.89
N ARG A 69 1.92 5.81 -7.57
CA ARG A 69 2.86 4.76 -8.03
C ARG A 69 4.33 5.27 -8.03
N PHE A 70 5.25 4.39 -7.56
CA PHE A 70 6.69 4.70 -7.40
C PHE A 70 7.57 3.97 -8.44
N HIS A 71 8.88 4.33 -8.45
CA HIS A 71 9.89 3.80 -9.39
C HIS A 71 11.29 3.75 -8.73
N TRP A 72 11.97 2.58 -8.83
CA TRP A 72 13.38 2.42 -8.39
C TRP A 72 14.32 3.38 -9.15
N LEU A 73 15.16 4.13 -8.41
CA LEU A 73 16.11 5.11 -9.00
C LEU A 73 17.26 4.40 -9.77
N ASP A 74 17.91 3.42 -9.11
CA ASP A 74 19.00 2.62 -9.71
C ASP A 74 18.45 1.27 -10.26
N ASP A 75 18.14 0.32 -9.35
CA ASP A 75 17.60 -1.02 -9.65
C ASP A 75 17.39 -1.78 -8.32
N GLU A 76 16.27 -2.50 -8.20
CA GLU A 76 15.88 -3.17 -6.93
C GLU A 76 16.12 -4.71 -6.97
N ASN A 77 17.00 -5.15 -7.89
CA ASN A 77 17.33 -6.57 -8.17
C ASN A 77 16.23 -7.29 -8.99
N GLU A 78 14.96 -6.97 -8.70
CA GLU A 78 13.81 -7.47 -9.46
C GLU A 78 12.93 -6.28 -9.90
N ARG A 79 12.33 -6.39 -11.11
CA ARG A 79 11.59 -5.29 -11.76
C ARG A 79 10.08 -5.64 -11.81
N ASP A 80 9.31 -4.97 -10.94
CA ASP A 80 7.88 -5.26 -10.71
C ASP A 80 7.03 -3.95 -10.66
N TYR A 81 5.77 -4.07 -10.21
CA TYR A 81 4.80 -2.93 -10.23
C TYR A 81 3.96 -2.90 -8.93
N PHE A 82 3.96 -1.74 -8.24
CA PHE A 82 3.10 -1.44 -7.09
C PHE A 82 2.34 -0.11 -7.30
N GLU A 83 1.01 -0.19 -7.48
CA GLU A 83 0.12 0.98 -7.45
C GLU A 83 -0.89 0.84 -6.30
N ILE A 84 -0.94 1.85 -5.42
CA ILE A 84 -1.92 1.90 -4.33
C ILE A 84 -2.94 3.02 -4.64
N LYS A 85 -4.23 2.65 -4.66
CA LYS A 85 -5.32 3.61 -4.87
C LYS A 85 -6.50 3.29 -3.94
N MET A 86 -7.31 4.31 -3.66
CA MET A 86 -8.50 4.21 -2.82
C MET A 86 -9.62 5.08 -3.43
N SER A 87 -10.85 4.58 -3.36
CA SER A 87 -12.04 5.26 -3.94
C SER A 87 -13.12 5.42 -2.86
N TYR A 88 -13.69 6.62 -2.76
CA TYR A 88 -14.75 6.91 -1.76
C TYR A 88 -16.15 6.66 -2.37
N ASN A 89 -16.86 5.67 -1.81
CA ASN A 89 -18.24 5.35 -2.19
C ASN A 89 -19.20 6.40 -1.60
N GLU A 90 -19.59 7.39 -2.43
CA GLU A 90 -20.48 8.50 -2.03
C GLU A 90 -21.93 8.03 -1.77
N LEU A 91 -22.28 6.81 -2.24
CA LEU A 91 -23.63 6.22 -2.10
C LEU A 91 -23.85 5.53 -0.72
N THR A 92 -22.76 5.31 0.05
CA THR A 92 -22.82 4.61 1.35
C THR A 92 -21.87 5.23 2.41
N GLY A 93 -20.60 5.49 2.05
CA GLY A 93 -19.61 6.10 2.95
C GLY A 93 -18.31 5.29 3.08
N ASP A 94 -18.26 4.10 2.45
CA ASP A 94 -17.09 3.19 2.53
C ASP A 94 -15.94 3.60 1.57
N TYR A 95 -14.82 2.85 1.64
CA TYR A 95 -13.66 2.99 0.73
C TYR A 95 -13.36 1.63 0.02
N VAL A 96 -13.24 1.67 -1.33
CA VAL A 96 -12.65 0.58 -2.12
C VAL A 96 -11.13 0.80 -2.17
N LEU A 97 -10.39 0.03 -1.35
CA LEU A 97 -8.93 0.17 -1.23
C LEU A 97 -8.24 -0.90 -2.11
N GLU A 98 -7.70 -0.48 -3.23
CA GLU A 98 -7.25 -1.39 -4.30
C GLU A 98 -5.73 -1.30 -4.48
N ILE A 99 -5.01 -2.35 -4.00
CA ILE A 99 -3.56 -2.48 -4.17
C ILE A 99 -3.28 -3.45 -5.34
N THR A 100 -2.59 -2.94 -6.37
CA THR A 100 -2.14 -3.75 -7.51
C THR A 100 -0.71 -4.26 -7.23
N ASP A 101 -0.58 -5.56 -6.95
CA ASP A 101 0.70 -6.23 -6.62
C ASP A 101 0.87 -7.51 -7.47
N PHE A 102 2.03 -8.17 -7.32
CA PHE A 102 2.38 -9.40 -8.09
C PHE A 102 2.57 -10.61 -7.14
N SER A 103 2.02 -11.77 -7.51
CA SER A 103 2.27 -13.05 -6.80
C SER A 103 2.77 -14.11 -7.79
N GLU A 104 3.84 -14.85 -7.41
CA GLU A 104 4.30 -16.03 -8.18
C GLU A 104 3.23 -17.16 -8.05
N ALA A 105 3.17 -18.08 -9.04
CA ALA A 105 2.24 -19.25 -9.02
C ALA A 105 2.26 -20.02 -7.65
N ASP A 106 3.46 -20.35 -7.14
CA ASP A 106 3.63 -21.04 -5.82
C ASP A 106 3.29 -20.14 -4.61
N GLU A 107 3.14 -18.82 -4.81
CA GLU A 107 2.75 -17.85 -3.74
C GLU A 107 1.27 -17.41 -3.84
N ALA A 108 0.67 -17.54 -5.04
CA ALA A 108 -0.62 -16.90 -5.41
C ALA A 108 -1.80 -17.29 -4.49
N ASP A 109 -1.94 -18.60 -4.17
CA ASP A 109 -3.04 -19.10 -3.29
C ASP A 109 -2.94 -18.51 -1.87
N ASP A 110 -1.71 -18.18 -1.41
CA ASP A 110 -1.46 -17.50 -0.12
C ASP A 110 -1.98 -16.04 -0.15
N LEU A 111 -1.74 -15.36 -1.28
CA LEU A 111 -2.19 -13.96 -1.53
C LEU A 111 -3.74 -13.87 -1.60
N LYS A 112 -4.38 -14.87 -2.22
CA LYS A 112 -5.86 -14.96 -2.28
C LYS A 112 -6.45 -15.35 -0.90
N GLU A 113 -5.72 -16.19 -0.15
CA GLU A 113 -6.05 -16.57 1.24
C GLU A 113 -5.89 -15.36 2.20
N LEU A 114 -5.01 -14.41 1.83
CA LEU A 114 -4.91 -13.10 2.52
C LEU A 114 -6.26 -12.36 2.40
N TRP A 115 -6.89 -12.44 1.20
CA TRP A 115 -8.21 -11.83 0.93
C TRP A 115 -9.33 -12.54 1.75
N ASP A 116 -9.28 -13.88 1.84
CA ASP A 116 -10.24 -14.66 2.67
C ASP A 116 -10.11 -14.27 4.17
N SER A 117 -8.87 -13.98 4.58
CA SER A 117 -8.55 -13.50 5.94
C SER A 117 -9.08 -12.08 6.18
N GLN A 118 -8.89 -11.18 5.17
CA GLN A 118 -9.24 -9.74 5.32
C GLN A 118 -10.76 -9.50 5.24
N VAL A 119 -11.46 -10.12 4.28
CA VAL A 119 -12.90 -9.86 4.03
C VAL A 119 -13.77 -10.21 5.25
N SER A 120 -13.44 -11.33 5.92
CA SER A 120 -14.12 -11.75 7.17
C SER A 120 -13.75 -10.78 8.32
N LYS A 121 -12.45 -10.49 8.44
CA LYS A 121 -11.87 -9.69 9.56
C LYS A 121 -12.37 -8.22 9.57
N LEU A 122 -12.58 -7.64 8.37
CA LEU A 122 -13.12 -6.27 8.20
C LEU A 122 -14.59 -6.19 8.66
N ARG A 123 -15.33 -7.29 8.51
CA ARG A 123 -16.70 -7.41 9.02
C ARG A 123 -16.71 -7.69 10.54
N ARG A 124 -15.72 -8.47 11.02
CA ARG A 124 -15.57 -8.81 12.47
C ARG A 124 -15.30 -7.54 13.32
N THR A 125 -14.46 -6.63 12.78
CA THR A 125 -14.17 -5.34 13.43
C THR A 125 -15.27 -4.28 13.16
N CYS A 126 -15.83 -4.31 11.92
CA CYS A 126 -16.82 -3.31 11.42
C CYS A 126 -16.20 -1.87 11.31
N GLY A 127 -14.84 -1.79 11.37
CA GLY A 127 -14.11 -0.52 11.35
C GLY A 127 -12.59 -0.70 11.30
N PHE A 128 -11.92 -0.62 12.48
CA PHE A 128 -10.41 -0.65 12.58
C PHE A 128 -9.92 -1.67 13.64
N LEU A 129 -8.73 -2.25 13.40
CA LEU A 129 -8.14 -3.34 14.25
C LEU A 129 -7.15 -2.81 15.31
N GLU A 130 -6.95 -1.48 15.35
CA GLU A 130 -5.94 -0.80 16.22
C GLU A 130 -6.06 -1.16 17.72
N HIS A 131 -7.25 -0.91 18.31
CA HIS A 131 -7.50 -1.11 19.76
C HIS A 131 -7.87 -2.58 20.10
N HIS A 132 -7.97 -3.43 19.05
CA HIS A 132 -8.19 -4.88 19.22
C HIS A 132 -6.88 -5.55 19.72
N HIS A 133 -5.79 -5.35 18.95
CA HIS A 133 -4.45 -5.87 19.30
C HIS A 133 -3.39 -5.33 18.30
N HIS A 134 -2.30 -4.73 18.83
CA HIS A 134 -1.13 -4.33 18.02
C HIS A 134 -0.15 -5.52 17.85
N HIS A 135 0.09 -5.91 16.59
CA HIS A 135 1.05 -7.01 16.22
C HIS A 135 1.53 -6.83 14.77
N HIS A 136 0.70 -6.18 13.92
CA HIS A 136 1.06 -5.80 12.54
C HIS A 136 1.65 -4.38 12.50
N MET A 1 6.12 -19.86 -12.55
CA MET A 1 5.02 -19.91 -13.55
C MET A 1 4.84 -18.55 -14.29
N LYS A 2 5.85 -17.65 -14.17
CA LYS A 2 5.83 -16.28 -14.75
C LYS A 2 4.82 -15.36 -13.99
N LYS A 3 5.24 -14.12 -13.69
CA LYS A 3 4.45 -13.13 -12.91
C LYS A 3 3.11 -12.75 -13.60
N GLU A 4 2.06 -12.69 -12.80
CA GLU A 4 0.70 -12.31 -13.23
C GLU A 4 0.10 -11.27 -12.26
N LYS A 5 -0.51 -10.21 -12.81
CA LYS A 5 -1.07 -9.11 -12.02
C LYS A 5 -2.41 -9.52 -11.34
N ILE A 6 -2.57 -9.09 -10.10
CA ILE A 6 -3.76 -9.36 -9.25
C ILE A 6 -4.10 -8.06 -8.46
N HIS A 7 -5.38 -7.70 -8.44
CA HIS A 7 -5.87 -6.54 -7.69
C HIS A 7 -6.75 -7.02 -6.50
N LEU A 8 -6.29 -6.72 -5.26
CA LEU A 8 -6.97 -7.18 -4.03
C LEU A 8 -7.83 -6.04 -3.46
N GLU A 9 -9.16 -6.23 -3.43
CA GLU A 9 -10.10 -5.20 -2.94
C GLU A 9 -10.44 -5.41 -1.46
N TYR A 10 -10.38 -4.32 -0.67
CA TYR A 10 -10.66 -4.33 0.79
C TYR A 10 -11.78 -3.31 1.13
N LEU A 11 -12.61 -3.64 2.13
CA LEU A 11 -13.70 -2.75 2.61
C LEU A 11 -13.41 -2.25 4.04
N LEU A 12 -13.83 -1.01 4.38
CA LEU A 12 -13.80 -0.50 5.78
C LEU A 12 -15.01 0.43 6.08
N ASN A 13 -15.32 0.56 7.38
CA ASN A 13 -16.49 1.34 7.88
C ASN A 13 -16.31 2.86 7.67
N ALA A 14 -17.44 3.59 7.65
CA ALA A 14 -17.46 5.08 7.53
C ALA A 14 -16.94 5.77 8.81
N THR A 15 -15.60 5.72 8.99
CA THR A 15 -14.86 6.30 10.14
C THR A 15 -13.50 6.82 9.67
N SER A 16 -12.79 5.96 8.90
CA SER A 16 -11.42 6.22 8.41
C SER A 16 -11.46 6.83 6.98
N LYS A 17 -10.66 7.90 6.76
CA LYS A 17 -10.66 8.69 5.50
C LYS A 17 -9.54 8.23 4.52
N ASN A 18 -9.39 8.96 3.39
CA ASN A 18 -8.31 8.78 2.40
C ASN A 18 -6.88 8.90 3.00
N ILE A 19 -6.81 9.69 4.08
CA ILE A 19 -5.56 10.05 4.82
C ILE A 19 -4.76 8.81 5.33
N LEU A 20 -5.45 7.62 5.42
CA LEU A 20 -4.83 6.31 5.80
C LEU A 20 -3.50 6.03 5.05
N TRP A 21 -3.61 5.90 3.71
CA TRP A 21 -2.48 5.55 2.83
C TRP A 21 -1.83 6.80 2.20
N SER A 22 -2.52 7.96 2.24
CA SER A 22 -1.98 9.24 1.68
C SER A 22 -0.63 9.66 2.33
N ALA A 23 -0.32 9.09 3.50
CA ALA A 23 0.95 9.28 4.23
C ALA A 23 2.20 8.91 3.37
N ILE A 24 2.11 7.82 2.58
CA ILE A 24 3.26 7.28 1.80
C ILE A 24 3.76 8.21 0.67
N SER A 25 2.93 9.20 0.28
CA SER A 25 3.29 10.18 -0.75
C SER A 25 4.29 11.23 -0.20
N THR A 26 4.14 11.56 1.09
CA THR A 26 5.01 12.52 1.79
C THR A 26 6.13 11.80 2.59
N PRO A 27 7.36 12.41 2.68
CA PRO A 27 8.47 11.90 3.54
C PRO A 27 8.07 11.75 5.03
N THR A 28 7.59 12.86 5.64
CA THR A 28 7.07 12.88 7.03
C THR A 28 5.96 11.81 7.31
N GLY A 29 5.03 11.64 6.35
CA GLY A 29 3.95 10.65 6.49
C GLY A 29 4.45 9.21 6.39
N LEU A 30 5.47 9.00 5.54
CA LEU A 30 6.09 7.67 5.32
C LEU A 30 6.85 7.19 6.60
N GLU A 31 7.70 8.06 7.18
CA GLU A 31 8.52 7.72 8.38
C GLU A 31 7.69 7.53 9.67
N ASP A 32 6.40 7.88 9.61
CA ASP A 32 5.44 7.60 10.70
C ASP A 32 5.24 6.07 10.91
N TRP A 33 5.31 5.28 9.82
CA TRP A 33 5.01 3.83 9.86
C TRP A 33 5.86 3.00 8.85
N PHE A 34 6.94 3.60 8.31
CA PHE A 34 7.91 2.91 7.42
C PHE A 34 9.28 3.61 7.49
N ALA A 35 10.34 2.85 7.86
CA ALA A 35 11.74 3.33 8.04
C ALA A 35 11.90 4.31 9.23
N ASP A 36 13.13 4.40 9.77
CA ASP A 36 13.42 5.22 10.97
C ASP A 36 13.30 6.73 10.68
N LYS A 37 13.77 7.16 9.49
CA LYS A 37 13.64 8.55 9.02
C LYS A 37 13.62 8.55 7.47
N VAL A 38 12.63 9.22 6.86
CA VAL A 38 12.45 9.24 5.39
C VAL A 38 12.66 10.69 4.86
N VAL A 39 13.76 10.92 4.13
CA VAL A 39 14.06 12.22 3.47
C VAL A 39 13.83 12.11 1.94
N SER A 40 12.89 12.90 1.40
CA SER A 40 12.62 12.95 -0.05
C SER A 40 13.58 13.93 -0.76
N ASP A 41 14.11 13.51 -1.92
CA ASP A 41 14.96 14.33 -2.82
C ASP A 41 14.10 15.16 -3.81
N ASP A 42 12.75 15.12 -3.62
CA ASP A 42 11.72 15.57 -4.61
C ASP A 42 11.69 14.57 -5.81
N LYS A 43 10.51 13.90 -6.00
CA LYS A 43 10.30 12.75 -6.93
C LYS A 43 10.95 11.44 -6.41
N THR A 44 12.22 11.52 -5.97
CA THR A 44 12.93 10.41 -5.32
C THR A 44 12.72 10.48 -3.79
N VAL A 45 12.66 9.31 -3.13
CA VAL A 45 12.45 9.18 -1.68
C VAL A 45 13.53 8.25 -1.05
N THR A 46 14.40 8.82 -0.20
CA THR A 46 15.47 8.05 0.51
C THR A 46 14.99 7.62 1.90
N PHE A 47 14.82 6.31 2.09
CA PHE A 47 14.48 5.71 3.41
C PHE A 47 15.78 5.42 4.17
N CYS A 48 15.88 5.92 5.40
CA CYS A 48 17.08 5.75 6.24
C CYS A 48 16.78 4.79 7.42
N TRP A 49 17.67 3.79 7.58
CA TRP A 49 17.58 2.76 8.64
C TRP A 49 18.84 2.80 9.52
N GLY A 50 18.62 2.99 10.85
CA GLY A 50 19.70 3.02 11.83
C GLY A 50 20.69 4.19 11.64
N LYS A 51 21.83 3.92 10.97
CA LYS A 51 22.96 4.86 10.84
C LYS A 51 23.22 5.23 9.37
N THR A 52 23.72 4.24 8.59
CA THR A 52 24.21 4.45 7.20
C THR A 52 23.35 3.73 6.12
N GLU A 53 22.39 2.89 6.56
CA GLU A 53 21.60 2.05 5.63
C GLU A 53 20.45 2.84 4.96
N GLN A 54 20.77 3.50 3.84
CA GLN A 54 19.82 4.38 3.12
C GLN A 54 19.62 3.91 1.66
N ARG A 55 18.36 3.59 1.29
CA ARG A 55 17.99 3.15 -0.07
C ARG A 55 16.90 4.10 -0.63
N GLN A 56 16.81 4.21 -1.96
CA GLN A 56 15.94 5.22 -2.62
C GLN A 56 14.87 4.58 -3.52
N ALA A 57 13.76 5.32 -3.75
CA ALA A 57 12.65 4.90 -4.61
C ALA A 57 11.91 6.12 -5.19
N GLY A 58 11.76 6.15 -6.54
CA GLY A 58 11.09 7.26 -7.24
C GLY A 58 9.61 6.98 -7.51
N ILE A 59 8.75 8.00 -7.30
CA ILE A 59 7.29 7.93 -7.63
C ILE A 59 7.13 7.88 -9.17
N VAL A 60 6.37 6.89 -9.65
CA VAL A 60 6.08 6.71 -11.09
C VAL A 60 4.92 7.66 -11.51
N ALA A 61 3.80 7.56 -10.77
CA ALA A 61 2.60 8.40 -10.97
C ALA A 61 1.73 8.45 -9.70
N ILE A 62 0.99 9.56 -9.53
CA ILE A 62 0.12 9.83 -8.36
C ILE A 62 -0.94 10.92 -8.70
N ARG A 63 -2.12 10.85 -8.04
CA ARG A 63 -3.18 11.87 -8.14
C ARG A 63 -4.10 11.81 -6.89
N ALA A 64 -3.90 12.80 -5.97
CA ALA A 64 -4.71 12.98 -4.73
C ALA A 64 -4.77 11.71 -3.83
N TYR A 65 -5.68 10.78 -4.17
CA TYR A 65 -5.87 9.49 -3.47
C TYR A 65 -6.33 8.38 -4.46
N SER A 66 -6.55 8.78 -5.73
CA SER A 66 -7.11 7.91 -6.79
C SER A 66 -6.11 6.83 -7.30
N PHE A 67 -4.80 7.03 -7.02
CA PHE A 67 -3.70 6.09 -7.42
C PHE A 67 -2.31 6.61 -6.97
N ILE A 68 -1.43 5.69 -6.54
CA ILE A 68 0.01 5.97 -6.30
C ILE A 68 0.87 4.67 -6.48
N ARG A 69 2.08 4.80 -7.09
CA ARG A 69 3.03 3.65 -7.27
C ARG A 69 4.52 4.12 -7.34
N PHE A 70 5.45 3.21 -6.96
CA PHE A 70 6.91 3.52 -6.80
C PHE A 70 7.82 2.54 -7.60
N HIS A 71 9.09 2.95 -7.83
CA HIS A 71 10.18 2.10 -8.40
C HIS A 71 11.44 2.19 -7.52
N TRP A 72 11.96 1.03 -7.07
CA TRP A 72 13.17 0.96 -6.22
C TRP A 72 14.46 1.17 -7.06
N LEU A 73 15.18 2.27 -6.79
CA LEU A 73 16.37 2.69 -7.58
C LEU A 73 17.61 1.80 -7.30
N ASP A 74 17.72 1.29 -6.05
CA ASP A 74 18.83 0.37 -5.64
C ASP A 74 18.63 -1.07 -6.15
N ASP A 75 17.45 -1.38 -6.73
CA ASP A 75 17.17 -2.70 -7.36
C ASP A 75 17.45 -2.62 -8.89
N GLU A 76 18.21 -3.60 -9.43
CA GLU A 76 18.53 -3.68 -10.87
C GLU A 76 17.28 -4.06 -11.73
N ASN A 77 16.30 -4.68 -11.06
CA ASN A 77 15.02 -5.11 -11.70
C ASN A 77 13.90 -4.11 -11.37
N GLU A 78 12.90 -4.04 -12.26
CA GLU A 78 11.63 -3.32 -12.02
C GLU A 78 10.49 -4.32 -11.74
N ARG A 79 10.86 -5.46 -11.11
CA ARG A 79 9.93 -6.58 -10.80
C ARG A 79 9.11 -6.33 -9.51
N ASP A 80 8.94 -5.05 -9.13
CA ASP A 80 7.96 -4.63 -8.12
C ASP A 80 7.06 -3.50 -8.68
N TYR A 81 5.75 -3.68 -8.58
CA TYR A 81 4.72 -2.67 -8.88
C TYR A 81 3.64 -2.76 -7.81
N PHE A 82 3.93 -2.18 -6.64
CA PHE A 82 2.97 -2.12 -5.52
C PHE A 82 2.21 -0.77 -5.61
N GLU A 83 0.92 -0.85 -5.97
CA GLU A 83 0.05 0.33 -6.19
C GLU A 83 -1.08 0.35 -5.14
N ILE A 84 -1.41 1.55 -4.65
CA ILE A 84 -2.50 1.75 -3.68
C ILE A 84 -3.46 2.83 -4.22
N LYS A 85 -4.76 2.50 -4.24
CA LYS A 85 -5.83 3.43 -4.67
C LYS A 85 -7.08 3.22 -3.80
N MET A 86 -7.88 4.27 -3.62
CA MET A 86 -9.05 4.27 -2.72
C MET A 86 -10.24 5.02 -3.36
N SER A 87 -11.41 4.36 -3.35
CA SER A 87 -12.68 4.94 -3.81
C SER A 87 -13.54 5.32 -2.60
N TYR A 88 -14.13 6.52 -2.65
CA TYR A 88 -15.07 7.01 -1.61
C TYR A 88 -16.52 6.80 -2.11
N ASN A 89 -17.27 5.90 -1.44
CA ASN A 89 -18.65 5.52 -1.84
C ASN A 89 -19.65 6.72 -1.76
N GLU A 90 -19.28 7.75 -0.96
CA GLU A 90 -19.99 9.05 -0.85
C GLU A 90 -21.35 8.94 -0.12
N LEU A 91 -22.34 8.32 -0.79
CA LEU A 91 -23.75 8.26 -0.35
C LEU A 91 -23.89 7.54 1.00
N THR A 92 -23.10 6.48 1.18
CA THR A 92 -23.08 5.69 2.43
C THR A 92 -21.93 6.12 3.37
N GLY A 93 -20.93 6.86 2.81
CA GLY A 93 -19.83 7.45 3.60
C GLY A 93 -18.60 6.53 3.79
N ASP A 94 -18.74 5.23 3.50
CA ASP A 94 -17.64 4.24 3.65
C ASP A 94 -16.53 4.41 2.58
N TYR A 95 -15.40 3.70 2.78
CA TYR A 95 -14.29 3.64 1.81
C TYR A 95 -14.07 2.19 1.32
N VAL A 96 -13.56 2.08 0.08
CA VAL A 96 -13.05 0.84 -0.50
C VAL A 96 -11.57 1.02 -0.90
N LEU A 97 -10.70 0.08 -0.51
CA LEU A 97 -9.30 0.02 -0.99
C LEU A 97 -9.18 -0.96 -2.17
N GLU A 98 -8.14 -0.72 -2.98
CA GLU A 98 -7.76 -1.57 -4.11
C GLU A 98 -6.22 -1.55 -4.22
N ILE A 99 -5.57 -2.65 -3.83
CA ILE A 99 -4.10 -2.76 -3.87
C ILE A 99 -3.68 -3.64 -5.07
N THR A 100 -2.98 -3.03 -6.05
CA THR A 100 -2.51 -3.71 -7.26
C THR A 100 -1.07 -4.23 -7.05
N ASP A 101 -0.95 -5.56 -6.95
CA ASP A 101 0.33 -6.28 -6.84
C ASP A 101 0.44 -7.27 -8.04
N PHE A 102 1.65 -7.76 -8.37
CA PHE A 102 1.78 -8.84 -9.38
C PHE A 102 2.70 -9.98 -8.88
N SER A 103 2.13 -11.20 -8.86
CA SER A 103 2.76 -12.41 -8.30
C SER A 103 2.61 -13.60 -9.26
N GLU A 104 3.59 -14.52 -9.23
CA GLU A 104 3.50 -15.79 -9.98
C GLU A 104 2.41 -16.73 -9.37
N ALA A 105 1.94 -17.70 -10.16
CA ALA A 105 0.95 -18.71 -9.68
C ALA A 105 1.47 -19.57 -8.49
N ASP A 106 2.81 -19.61 -8.32
CA ASP A 106 3.48 -20.33 -7.21
C ASP A 106 3.27 -19.61 -5.84
N GLU A 107 3.13 -18.28 -5.91
CA GLU A 107 3.10 -17.38 -4.73
C GLU A 107 1.81 -16.52 -4.68
N ALA A 108 0.87 -16.78 -5.59
CA ALA A 108 -0.47 -16.11 -5.60
C ALA A 108 -1.36 -16.64 -4.44
N ASP A 109 -1.08 -17.89 -4.01
CA ASP A 109 -1.85 -18.60 -2.96
C ASP A 109 -1.91 -17.83 -1.61
N ASP A 110 -0.76 -17.32 -1.13
CA ASP A 110 -0.68 -16.58 0.16
C ASP A 110 -1.24 -15.13 0.02
N LEU A 111 -1.25 -14.59 -1.22
CA LEU A 111 -1.96 -13.33 -1.54
C LEU A 111 -3.50 -13.51 -1.43
N LYS A 112 -4.01 -14.67 -1.90
CA LYS A 112 -5.44 -15.05 -1.77
C LYS A 112 -5.80 -15.33 -0.29
N GLU A 113 -4.82 -15.87 0.47
CA GLU A 113 -4.95 -16.10 1.93
C GLU A 113 -5.06 -14.76 2.70
N LEU A 114 -4.27 -13.76 2.26
CA LEU A 114 -4.29 -12.38 2.82
C LEU A 114 -5.66 -11.70 2.59
N TRP A 115 -6.13 -11.76 1.33
CA TRP A 115 -7.43 -11.17 0.92
C TRP A 115 -8.61 -11.86 1.69
N ASP A 116 -8.58 -13.20 1.73
CA ASP A 116 -9.59 -14.03 2.42
C ASP A 116 -9.58 -13.75 3.94
N SER A 117 -8.38 -13.55 4.51
CA SER A 117 -8.20 -13.16 5.92
C SER A 117 -9.01 -11.89 6.24
N GLN A 118 -8.89 -10.88 5.35
CA GLN A 118 -9.55 -9.58 5.53
C GLN A 118 -11.08 -9.68 5.36
N VAL A 119 -11.55 -10.27 4.23
CA VAL A 119 -12.99 -10.29 3.88
C VAL A 119 -13.83 -11.13 4.89
N SER A 120 -13.25 -12.25 5.39
CA SER A 120 -13.89 -13.09 6.43
C SER A 120 -14.07 -12.30 7.75
N LYS A 121 -13.03 -11.51 8.11
CA LYS A 121 -13.05 -10.64 9.31
C LYS A 121 -13.99 -9.42 9.14
N LEU A 122 -14.15 -8.93 7.90
CA LEU A 122 -15.10 -7.83 7.58
C LEU A 122 -16.57 -8.27 7.79
N ARG A 123 -16.85 -9.57 7.55
CA ARG A 123 -18.16 -10.18 7.89
C ARG A 123 -18.38 -10.20 9.43
N ARG A 124 -17.29 -10.40 10.18
CA ARG A 124 -17.31 -10.46 11.66
C ARG A 124 -17.46 -9.06 12.30
N THR A 125 -16.71 -8.06 11.79
CA THR A 125 -16.64 -6.69 12.38
C THR A 125 -18.00 -5.95 12.36
N CYS A 126 -18.85 -6.28 11.34
CA CYS A 126 -20.19 -5.65 11.14
C CYS A 126 -20.09 -4.13 10.80
N GLY A 127 -21.25 -3.48 10.57
CA GLY A 127 -21.32 -2.02 10.45
C GLY A 127 -21.00 -1.30 11.77
N PHE A 128 -21.38 -1.94 12.89
CA PHE A 128 -21.09 -1.45 14.26
C PHE A 128 -19.94 -2.27 14.89
N LEU A 129 -18.74 -1.64 14.99
CA LEU A 129 -17.55 -2.26 15.61
C LEU A 129 -17.61 -2.13 17.16
N GLU A 130 -18.23 -3.14 17.81
CA GLU A 130 -18.27 -3.25 19.29
C GLU A 130 -17.26 -4.31 19.81
N HIS A 131 -16.31 -4.72 18.93
CA HIS A 131 -15.24 -5.71 19.23
C HIS A 131 -14.02 -5.05 19.94
N HIS A 132 -14.26 -4.04 20.79
CA HIS A 132 -13.19 -3.32 21.54
C HIS A 132 -12.61 -4.20 22.68
N HIS A 133 -13.37 -5.25 23.08
CA HIS A 133 -12.99 -6.24 24.12
C HIS A 133 -12.83 -5.59 25.52
N HIS A 134 -13.63 -4.51 25.74
CA HIS A 134 -13.58 -3.66 26.97
C HIS A 134 -12.16 -3.01 27.14
N HIS A 135 -11.51 -2.77 26.00
CA HIS A 135 -10.09 -2.35 25.89
C HIS A 135 -9.96 -1.16 24.88
N HIS A 136 -8.90 -0.35 25.03
CA HIS A 136 -8.65 0.81 24.12
C HIS A 136 -8.29 0.36 22.69
N MET A 1 6.13 -17.60 -14.02
CA MET A 1 7.45 -17.48 -14.69
C MET A 1 7.86 -16.00 -14.91
N LYS A 2 6.88 -15.08 -15.02
CA LYS A 2 7.12 -13.62 -15.26
C LYS A 2 6.28 -12.73 -14.30
N LYS A 3 5.96 -13.27 -13.10
CA LYS A 3 5.05 -12.64 -12.10
C LYS A 3 3.60 -12.51 -12.62
N GLU A 4 2.70 -12.05 -11.75
CA GLU A 4 1.27 -11.89 -12.07
C GLU A 4 0.66 -10.80 -11.16
N LYS A 5 -0.23 -9.97 -11.73
CA LYS A 5 -0.95 -8.94 -10.96
C LYS A 5 -2.02 -9.60 -10.07
N ILE A 6 -2.02 -9.24 -8.78
CA ILE A 6 -3.04 -9.64 -7.80
C ILE A 6 -3.65 -8.33 -7.21
N HIS A 7 -4.92 -8.08 -7.52
CA HIS A 7 -5.61 -6.87 -7.03
C HIS A 7 -6.35 -7.18 -5.70
N LEU A 8 -5.81 -6.65 -4.58
CA LEU A 8 -6.36 -6.92 -3.23
C LEU A 8 -7.29 -5.76 -2.82
N GLU A 9 -8.59 -6.05 -2.67
CA GLU A 9 -9.64 -5.05 -2.34
C GLU A 9 -10.15 -5.21 -0.88
N TYR A 10 -9.98 -4.15 -0.08
CA TYR A 10 -10.34 -4.12 1.34
C TYR A 10 -11.49 -3.12 1.60
N LEU A 11 -12.52 -3.53 2.36
CA LEU A 11 -13.67 -2.65 2.70
C LEU A 11 -13.39 -1.87 4.03
N LEU A 12 -13.07 -0.57 3.89
CA LEU A 12 -12.88 0.36 5.03
C LEU A 12 -14.12 1.24 5.22
N ASN A 13 -14.24 1.84 6.42
CA ASN A 13 -15.44 2.62 6.82
C ASN A 13 -15.31 4.14 6.51
N ALA A 14 -16.35 4.90 6.88
CA ALA A 14 -16.44 6.36 6.66
C ALA A 14 -15.39 7.17 7.46
N THR A 15 -14.97 6.65 8.64
CA THR A 15 -13.91 7.28 9.47
C THR A 15 -12.50 6.89 8.95
N SER A 16 -12.37 5.63 8.46
CA SER A 16 -11.12 5.12 7.86
C SER A 16 -11.00 5.62 6.40
N LYS A 17 -10.53 6.88 6.25
CA LYS A 17 -10.54 7.60 4.96
C LYS A 17 -9.23 7.43 4.17
N ASN A 18 -9.06 8.24 3.13
CA ASN A 18 -7.89 8.19 2.20
C ASN A 18 -6.51 8.32 2.90
N ILE A 19 -6.46 9.04 4.03
CA ILE A 19 -5.20 9.34 4.77
C ILE A 19 -4.39 8.04 5.12
N LEU A 20 -5.11 6.90 5.29
CA LEU A 20 -4.53 5.56 5.64
C LEU A 20 -3.24 5.24 4.83
N TRP A 21 -3.40 5.09 3.50
CA TRP A 21 -2.28 4.84 2.58
C TRP A 21 -1.80 6.11 1.87
N SER A 22 -2.64 7.16 1.77
CA SER A 22 -2.22 8.45 1.12
C SER A 22 -1.04 9.12 1.88
N ALA A 23 -0.83 8.70 3.14
CA ALA A 23 0.31 9.12 3.98
C ALA A 23 1.69 8.71 3.40
N ILE A 24 1.70 7.68 2.51
CA ILE A 24 2.96 7.15 1.90
C ILE A 24 3.62 8.16 0.92
N SER A 25 2.82 9.14 0.45
CA SER A 25 3.30 10.23 -0.44
C SER A 25 4.22 11.20 0.33
N THR A 26 3.80 11.58 1.55
CA THR A 26 4.58 12.46 2.44
C THR A 26 5.65 11.69 3.21
N PRO A 27 6.85 12.32 3.48
CA PRO A 27 7.89 11.75 4.37
C PRO A 27 7.31 11.37 5.75
N THR A 28 6.77 12.38 6.49
CA THR A 28 6.25 12.23 7.87
C THR A 28 5.17 11.12 8.01
N GLY A 29 4.22 11.09 7.05
CA GLY A 29 3.15 10.08 7.05
C GLY A 29 3.64 8.65 6.78
N LEU A 30 4.64 8.53 5.90
CA LEU A 30 5.31 7.25 5.59
C LEU A 30 6.12 6.73 6.82
N GLU A 31 6.84 7.66 7.50
CA GLU A 31 7.68 7.37 8.70
C GLU A 31 6.84 6.92 9.93
N ASP A 32 5.51 7.07 9.85
CA ASP A 32 4.58 6.58 10.88
C ASP A 32 4.62 5.03 10.99
N TRP A 33 4.73 4.34 9.83
CA TRP A 33 4.55 2.88 9.75
C TRP A 33 5.42 2.20 8.65
N PHE A 34 6.40 2.93 8.09
CA PHE A 34 7.32 2.40 7.04
C PHE A 34 8.75 2.92 7.30
N ALA A 35 9.74 2.00 7.30
CA ALA A 35 11.17 2.30 7.54
C ALA A 35 11.41 2.93 8.94
N ASP A 36 12.66 3.34 9.21
CA ASP A 36 13.02 4.10 10.43
C ASP A 36 12.90 5.61 10.19
N LYS A 37 13.48 6.09 9.07
CA LYS A 37 13.45 7.50 8.67
C LYS A 37 13.54 7.59 7.14
N VAL A 38 12.59 8.29 6.49
CA VAL A 38 12.60 8.47 5.03
C VAL A 38 12.94 9.94 4.68
N VAL A 39 13.90 10.11 3.77
CA VAL A 39 14.35 11.42 3.26
C VAL A 39 13.64 11.74 1.94
N SER A 40 13.26 13.02 1.74
CA SER A 40 12.52 13.47 0.53
C SER A 40 13.45 14.28 -0.42
N ASP A 41 13.44 13.86 -1.70
CA ASP A 41 14.19 14.48 -2.83
C ASP A 41 13.17 14.94 -3.92
N ASP A 42 11.96 15.35 -3.46
CA ASP A 42 10.81 15.73 -4.31
C ASP A 42 10.30 14.53 -5.16
N LYS A 43 11.00 14.26 -6.28
CA LYS A 43 10.68 13.17 -7.22
C LYS A 43 11.04 11.77 -6.64
N THR A 44 12.05 11.72 -5.74
CA THR A 44 12.59 10.45 -5.18
C THR A 44 12.45 10.44 -3.64
N VAL A 45 12.18 9.26 -3.04
CA VAL A 45 12.15 9.09 -1.56
C VAL A 45 13.16 7.98 -1.14
N THR A 46 14.17 8.36 -0.32
CA THR A 46 15.19 7.40 0.19
C THR A 46 14.76 6.86 1.57
N PHE A 47 14.41 5.57 1.64
CA PHE A 47 13.99 4.90 2.89
C PHE A 47 15.22 4.40 3.67
N CYS A 48 15.46 4.96 4.85
CA CYS A 48 16.58 4.53 5.73
C CYS A 48 16.09 3.58 6.83
N TRP A 49 16.90 2.55 7.10
CA TRP A 49 16.67 1.56 8.17
C TRP A 49 17.83 1.58 9.20
N GLY A 50 17.54 1.02 10.40
CA GLY A 50 18.44 1.07 11.56
C GLY A 50 19.86 0.52 11.34
N LYS A 51 19.99 -0.59 10.58
CA LYS A 51 21.30 -1.25 10.31
C LYS A 51 22.05 -0.58 9.11
N THR A 52 21.89 0.76 8.96
CA THR A 52 22.41 1.55 7.81
C THR A 52 22.08 0.90 6.44
N GLU A 53 20.80 0.96 6.06
CA GLU A 53 20.25 0.32 4.85
C GLU A 53 19.27 1.30 4.18
N GLN A 54 19.62 1.76 2.97
CA GLN A 54 18.89 2.81 2.26
C GLN A 54 18.54 2.40 0.83
N ARG A 55 17.24 2.48 0.49
CA ARG A 55 16.76 2.26 -0.88
C ARG A 55 15.97 3.49 -1.39
N GLN A 56 16.30 3.96 -2.59
CA GLN A 56 15.61 5.10 -3.22
C GLN A 56 14.46 4.60 -4.12
N ALA A 57 13.34 5.34 -4.12
CA ALA A 57 12.15 5.01 -4.95
C ALA A 57 11.47 6.30 -5.48
N GLY A 58 11.40 6.44 -6.81
CA GLY A 58 10.77 7.59 -7.45
C GLY A 58 9.26 7.41 -7.63
N ILE A 59 8.50 8.51 -7.43
CA ILE A 59 7.04 8.53 -7.69
C ILE A 59 6.81 8.49 -9.22
N VAL A 60 6.04 7.49 -9.69
CA VAL A 60 5.76 7.33 -11.14
C VAL A 60 4.52 8.18 -11.54
N ALA A 61 3.44 8.07 -10.74
CA ALA A 61 2.19 8.82 -10.95
C ALA A 61 1.39 8.91 -9.63
N ILE A 62 0.67 10.02 -9.45
CA ILE A 62 -0.19 10.25 -8.26
C ILE A 62 -1.27 11.32 -8.58
N ARG A 63 -2.46 11.20 -7.96
CA ARG A 63 -3.55 12.18 -8.10
C ARG A 63 -4.50 12.09 -6.87
N ALA A 64 -4.36 13.06 -5.94
CA ALA A 64 -5.17 13.16 -4.69
C ALA A 64 -5.18 11.86 -3.85
N TYR A 65 -6.04 10.90 -4.24
CA TYR A 65 -6.20 9.59 -3.57
C TYR A 65 -6.61 8.49 -4.57
N SER A 66 -6.90 8.90 -5.82
CA SER A 66 -7.40 8.02 -6.92
C SER A 66 -6.35 6.99 -7.38
N PHE A 67 -5.06 7.25 -7.04
CA PHE A 67 -3.90 6.36 -7.35
C PHE A 67 -2.59 7.00 -6.86
N ILE A 68 -1.63 6.14 -6.49
CA ILE A 68 -0.24 6.56 -6.20
C ILE A 68 0.74 5.40 -6.51
N ARG A 69 1.86 5.74 -7.17
CA ARG A 69 2.85 4.75 -7.66
C ARG A 69 4.28 5.08 -7.17
N PHE A 70 5.02 4.05 -6.76
CA PHE A 70 6.47 4.11 -6.45
C PHE A 70 7.22 3.03 -7.25
N HIS A 71 8.45 3.36 -7.69
CA HIS A 71 9.36 2.42 -8.35
C HIS A 71 10.78 2.60 -7.78
N TRP A 72 11.35 1.51 -7.24
CA TRP A 72 12.68 1.53 -6.60
C TRP A 72 13.82 1.63 -7.63
N LEU A 73 14.64 2.67 -7.47
CA LEU A 73 15.93 2.83 -8.19
C LEU A 73 16.92 1.72 -7.75
N ASP A 74 16.88 1.42 -6.43
CA ASP A 74 17.82 0.49 -5.79
C ASP A 74 17.41 -0.99 -6.05
N ASP A 75 16.17 -1.36 -5.70
CA ASP A 75 15.62 -2.71 -5.99
C ASP A 75 15.24 -2.84 -7.48
N GLU A 76 16.26 -3.16 -8.29
CA GLU A 76 16.09 -3.39 -9.75
C GLU A 76 15.68 -4.85 -10.06
N ASN A 77 15.96 -5.76 -9.09
CA ASN A 77 15.67 -7.22 -9.21
C ASN A 77 14.14 -7.49 -9.29
N GLU A 78 13.74 -8.36 -10.26
CA GLU A 78 12.34 -8.85 -10.46
C GLU A 78 11.43 -7.79 -11.14
N ARG A 79 11.71 -6.48 -10.90
CA ARG A 79 11.14 -5.34 -11.65
C ARG A 79 9.59 -5.23 -11.47
N ASP A 80 9.13 -5.44 -10.23
CA ASP A 80 7.68 -5.38 -9.89
C ASP A 80 7.13 -3.93 -9.88
N TYR A 81 5.79 -3.83 -9.94
CA TYR A 81 5.05 -2.55 -10.03
C TYR A 81 4.07 -2.41 -8.84
N PHE A 82 4.32 -1.42 -7.98
CA PHE A 82 3.48 -1.19 -6.77
C PHE A 82 2.72 0.14 -6.86
N GLU A 83 1.38 0.03 -6.94
CA GLU A 83 0.45 1.16 -6.80
C GLU A 83 -0.64 0.85 -5.74
N ILE A 84 -1.10 1.90 -5.07
CA ILE A 84 -2.19 1.81 -4.06
C ILE A 84 -3.28 2.86 -4.40
N LYS A 85 -4.53 2.43 -4.41
CA LYS A 85 -5.70 3.25 -4.77
C LYS A 85 -6.73 3.19 -3.62
N MET A 86 -7.52 4.27 -3.47
CA MET A 86 -8.75 4.27 -2.66
C MET A 86 -9.82 5.13 -3.35
N SER A 87 -11.09 4.83 -3.09
CA SER A 87 -12.22 5.60 -3.62
C SER A 87 -13.28 5.82 -2.53
N TYR A 88 -13.96 6.97 -2.61
CA TYR A 88 -15.06 7.30 -1.69
C TYR A 88 -16.40 6.90 -2.33
N ASN A 89 -17.09 5.95 -1.70
CA ASN A 89 -18.45 5.57 -2.10
C ASN A 89 -19.43 6.62 -1.52
N GLU A 90 -20.08 7.40 -2.38
CA GLU A 90 -21.08 8.41 -1.95
C GLU A 90 -22.43 7.76 -1.55
N LEU A 91 -22.66 6.54 -2.08
CA LEU A 91 -23.88 5.75 -1.82
C LEU A 91 -23.83 5.03 -0.44
N THR A 92 -22.61 4.71 0.04
CA THR A 92 -22.42 3.96 1.31
C THR A 92 -21.85 4.89 2.41
N GLY A 93 -21.03 5.86 1.99
CA GLY A 93 -20.31 6.76 2.91
C GLY A 93 -18.88 6.27 3.26
N ASP A 94 -18.56 5.03 2.86
CA ASP A 94 -17.32 4.33 3.25
C ASP A 94 -16.25 4.36 2.12
N TYR A 95 -15.10 3.69 2.34
CA TYR A 95 -13.99 3.61 1.36
C TYR A 95 -13.78 2.18 0.80
N VAL A 96 -13.61 2.09 -0.54
CA VAL A 96 -13.15 0.87 -1.21
C VAL A 96 -11.63 1.02 -1.53
N LEU A 97 -10.82 0.20 -0.87
CA LEU A 97 -9.35 0.23 -0.95
C LEU A 97 -8.86 -0.84 -1.94
N GLU A 98 -7.99 -0.46 -2.89
CA GLU A 98 -7.48 -1.38 -3.92
C GLU A 98 -5.92 -1.30 -4.02
N ILE A 99 -5.24 -2.35 -3.53
CA ILE A 99 -3.77 -2.51 -3.66
C ILE A 99 -3.46 -3.36 -4.90
N THR A 100 -2.45 -2.95 -5.69
CA THR A 100 -1.94 -3.74 -6.82
C THR A 100 -0.52 -4.24 -6.49
N ASP A 101 -0.44 -5.52 -6.08
CA ASP A 101 0.81 -6.21 -5.78
C ASP A 101 1.15 -7.15 -6.97
N PHE A 102 2.44 -7.43 -7.19
CA PHE A 102 2.88 -8.40 -8.23
C PHE A 102 3.64 -9.57 -7.57
N SER A 103 3.07 -10.77 -7.76
CA SER A 103 3.62 -12.04 -7.27
C SER A 103 3.39 -13.14 -8.32
N GLU A 104 4.25 -14.18 -8.32
CA GLU A 104 4.08 -15.35 -9.19
C GLU A 104 2.72 -16.06 -8.94
N ALA A 105 2.18 -16.74 -9.96
CA ALA A 105 0.99 -17.62 -9.78
C ALA A 105 1.28 -18.77 -8.77
N ASP A 106 2.58 -19.14 -8.69
CA ASP A 106 3.12 -20.12 -7.71
C ASP A 106 3.03 -19.59 -6.24
N GLU A 107 2.97 -18.26 -6.09
CA GLU A 107 2.88 -17.56 -4.78
C GLU A 107 1.46 -17.07 -4.48
N ALA A 108 0.58 -17.08 -5.51
CA ALA A 108 -0.73 -16.41 -5.49
C ALA A 108 -1.70 -16.98 -4.43
N ASP A 109 -1.60 -18.29 -4.13
CA ASP A 109 -2.50 -18.98 -3.16
C ASP A 109 -2.42 -18.37 -1.75
N ASP A 110 -1.18 -18.17 -1.26
CA ASP A 110 -0.92 -17.60 0.08
C ASP A 110 -1.40 -16.13 0.18
N LEU A 111 -1.19 -15.38 -0.91
CA LEU A 111 -1.59 -13.96 -1.01
C LEU A 111 -3.14 -13.79 -1.02
N LYS A 112 -3.82 -14.67 -1.77
CA LYS A 112 -5.31 -14.68 -1.85
C LYS A 112 -5.94 -15.23 -0.57
N GLU A 113 -5.23 -16.14 0.12
CA GLU A 113 -5.67 -16.71 1.41
C GLU A 113 -5.65 -15.63 2.51
N LEU A 114 -4.53 -14.87 2.56
CA LEU A 114 -4.36 -13.75 3.52
C LEU A 114 -5.40 -12.64 3.23
N TRP A 115 -5.59 -12.34 1.94
CA TRP A 115 -6.59 -11.36 1.46
C TRP A 115 -8.02 -11.75 1.90
N ASP A 116 -8.40 -13.02 1.67
CA ASP A 116 -9.73 -13.56 2.03
C ASP A 116 -9.94 -13.52 3.57
N SER A 117 -8.89 -13.89 4.33
CA SER A 117 -8.90 -13.85 5.81
C SER A 117 -9.03 -12.41 6.35
N GLN A 118 -8.49 -11.42 5.60
CA GLN A 118 -8.60 -9.98 5.94
C GLN A 118 -9.99 -9.40 5.58
N VAL A 119 -10.52 -9.77 4.40
CA VAL A 119 -11.83 -9.26 3.91
C VAL A 119 -12.97 -9.77 4.81
N SER A 120 -12.95 -11.09 5.14
CA SER A 120 -13.90 -11.72 6.10
C SER A 120 -13.88 -10.99 7.47
N LYS A 121 -12.67 -10.67 7.95
CA LYS A 121 -12.45 -9.95 9.22
C LYS A 121 -13.00 -8.49 9.15
N LEU A 122 -12.75 -7.81 8.02
CA LEU A 122 -13.22 -6.42 7.77
C LEU A 122 -14.75 -6.33 7.63
N ARG A 123 -15.40 -7.41 7.15
CA ARG A 123 -16.87 -7.54 7.16
C ARG A 123 -17.43 -7.51 8.61
N ARG A 124 -16.65 -8.06 9.57
CA ARG A 124 -17.04 -8.14 11.00
C ARG A 124 -16.78 -6.78 11.73
N THR A 125 -15.50 -6.36 11.73
CA THR A 125 -15.03 -5.16 12.48
C THR A 125 -15.37 -3.82 11.76
N CYS A 126 -15.59 -3.89 10.43
CA CYS A 126 -15.88 -2.72 9.55
C CYS A 126 -14.79 -1.63 9.66
N GLY A 127 -13.51 -2.05 9.49
CA GLY A 127 -12.35 -1.18 9.74
C GLY A 127 -12.10 -0.98 11.24
N PHE A 128 -11.68 0.25 11.65
CA PHE A 128 -11.47 0.64 13.09
C PHE A 128 -10.43 -0.25 13.82
N LEU A 129 -9.62 -1.01 13.07
CA LEU A 129 -8.76 -2.06 13.64
C LEU A 129 -7.28 -1.87 13.27
N GLU A 130 -6.40 -1.95 14.29
CA GLU A 130 -4.94 -1.91 14.11
C GLU A 130 -4.43 -3.26 13.56
N HIS A 131 -3.86 -3.26 12.33
CA HIS A 131 -3.20 -4.44 11.75
C HIS A 131 -1.72 -4.49 12.24
N HIS A 132 -1.57 -4.83 13.52
CA HIS A 132 -0.29 -4.83 14.25
C HIS A 132 0.68 -5.94 13.78
N HIS A 133 1.99 -5.67 13.87
CA HIS A 133 3.07 -6.63 13.53
C HIS A 133 4.13 -6.74 14.67
N HIS A 134 4.14 -5.76 15.62
CA HIS A 134 5.27 -5.56 16.57
C HIS A 134 6.61 -5.33 15.83
N HIS A 135 6.52 -4.76 14.60
CA HIS A 135 7.64 -4.58 13.65
C HIS A 135 8.21 -5.94 13.14
N HIS A 136 8.78 -5.94 11.92
CA HIS A 136 9.27 -7.19 11.28
C HIS A 136 10.67 -7.57 11.80
N MET A 1 5.40 -16.85 -16.09
CA MET A 1 6.53 -16.28 -16.88
C MET A 1 7.08 -15.00 -16.19
N LYS A 2 6.36 -13.86 -16.29
CA LYS A 2 6.75 -12.59 -15.63
C LYS A 2 5.62 -12.09 -14.71
N LYS A 3 5.46 -12.77 -13.55
CA LYS A 3 4.45 -12.44 -12.51
C LYS A 3 2.98 -12.53 -13.00
N GLU A 4 2.05 -12.28 -12.09
CA GLU A 4 0.63 -12.05 -12.41
C GLU A 4 0.17 -10.76 -11.70
N LYS A 5 -0.28 -9.79 -12.49
CA LYS A 5 -0.83 -8.54 -11.97
C LYS A 5 -2.24 -8.81 -11.38
N ILE A 6 -2.43 -8.41 -10.12
CA ILE A 6 -3.67 -8.65 -9.34
C ILE A 6 -4.04 -7.37 -8.56
N HIS A 7 -5.29 -6.91 -8.71
CA HIS A 7 -5.82 -5.76 -7.95
C HIS A 7 -6.81 -6.24 -6.87
N LEU A 8 -6.41 -6.10 -5.58
CA LEU A 8 -7.16 -6.62 -4.43
C LEU A 8 -8.01 -5.50 -3.80
N GLU A 9 -9.34 -5.66 -3.88
CA GLU A 9 -10.31 -4.64 -3.45
C GLU A 9 -10.85 -4.91 -2.01
N TYR A 10 -10.82 -3.88 -1.15
CA TYR A 10 -11.15 -4.00 0.29
C TYR A 10 -12.20 -2.95 0.70
N LEU A 11 -13.11 -3.36 1.60
CA LEU A 11 -14.16 -2.45 2.14
C LEU A 11 -13.72 -1.85 3.50
N LEU A 12 -13.31 -0.57 3.46
CA LEU A 12 -12.98 0.20 4.69
C LEU A 12 -14.21 0.97 5.17
N ASN A 13 -14.71 0.61 6.35
CA ASN A 13 -16.08 0.95 6.77
C ASN A 13 -16.17 2.36 7.40
N ALA A 14 -16.92 3.26 6.70
CA ALA A 14 -17.36 4.58 7.22
C ALA A 14 -16.20 5.53 7.66
N THR A 15 -15.68 5.31 8.88
CA THR A 15 -14.73 6.24 9.56
C THR A 15 -13.30 6.21 8.96
N SER A 16 -12.99 5.17 8.16
CA SER A 16 -11.66 5.01 7.52
C SER A 16 -11.61 5.70 6.13
N LYS A 17 -10.87 6.83 6.03
CA LYS A 17 -10.80 7.67 4.80
C LYS A 17 -9.44 7.55 4.06
N ASN A 18 -9.20 8.45 3.08
CA ASN A 18 -8.02 8.45 2.19
C ASN A 18 -6.64 8.46 2.95
N ILE A 19 -6.65 9.08 4.13
CA ILE A 19 -5.43 9.32 4.96
C ILE A 19 -4.69 8.01 5.37
N LEU A 20 -5.43 6.86 5.37
CA LEU A 20 -4.88 5.50 5.62
C LEU A 20 -3.55 5.25 4.85
N TRP A 21 -3.66 5.25 3.51
CA TRP A 21 -2.52 5.01 2.60
C TRP A 21 -1.95 6.32 2.03
N SER A 22 -2.68 7.44 2.12
CA SER A 22 -2.17 8.78 1.67
C SER A 22 -0.88 9.21 2.44
N ALA A 23 -0.63 8.55 3.59
CA ALA A 23 0.60 8.68 4.39
C ALA A 23 1.88 8.41 3.56
N ILE A 24 1.82 7.44 2.62
CA ILE A 24 2.99 7.03 1.79
C ILE A 24 3.41 8.12 0.78
N SER A 25 2.48 9.04 0.45
CA SER A 25 2.77 10.21 -0.40
C SER A 25 3.73 11.20 0.30
N THR A 26 3.63 11.31 1.63
CA THR A 26 4.48 12.20 2.45
C THR A 26 5.65 11.42 3.11
N PRO A 27 6.86 12.06 3.24
CA PRO A 27 8.00 11.51 4.02
C PRO A 27 7.58 11.12 5.48
N THR A 28 7.15 12.13 6.28
CA THR A 28 6.71 11.95 7.69
C THR A 28 5.69 10.79 7.87
N GLY A 29 4.71 10.70 6.94
CA GLY A 29 3.66 9.67 6.99
C GLY A 29 4.17 8.26 6.67
N LEU A 30 5.10 8.16 5.72
CA LEU A 30 5.65 6.87 5.23
C LEU A 30 6.51 6.18 6.35
N GLU A 31 7.41 6.96 6.97
CA GLU A 31 8.32 6.46 8.04
C GLU A 31 7.58 6.13 9.37
N ASP A 32 6.30 6.56 9.51
CA ASP A 32 5.45 6.18 10.67
C ASP A 32 5.15 4.66 10.69
N TRP A 33 5.18 4.01 9.51
CA TRP A 33 4.80 2.57 9.39
C TRP A 33 5.63 1.82 8.30
N PHE A 34 6.93 2.18 8.15
CA PHE A 34 7.81 1.49 7.17
C PHE A 34 9.31 1.46 7.61
N ALA A 35 9.95 2.65 7.70
CA ALA A 35 11.39 2.77 8.07
C ALA A 35 11.59 3.56 9.38
N ASP A 36 12.87 3.71 9.79
CA ASP A 36 13.28 4.52 10.97
C ASP A 36 13.06 6.02 10.69
N LYS A 37 13.63 6.49 9.57
CA LYS A 37 13.46 7.87 9.07
C LYS A 37 13.64 7.84 7.54
N VAL A 38 12.75 8.50 6.79
CA VAL A 38 12.83 8.55 5.32
C VAL A 38 13.11 10.01 4.83
N VAL A 39 14.18 10.17 4.04
CA VAL A 39 14.54 11.46 3.42
C VAL A 39 14.05 11.50 1.95
N SER A 40 13.11 12.40 1.64
CA SER A 40 12.54 12.52 0.27
C SER A 40 13.02 13.82 -0.41
N ASP A 41 13.57 13.69 -1.62
CA ASP A 41 14.07 14.84 -2.42
C ASP A 41 12.89 15.64 -3.01
N ASP A 42 11.98 14.92 -3.70
CA ASP A 42 10.72 15.49 -4.24
C ASP A 42 9.75 14.33 -4.58
N LYS A 43 10.09 13.53 -5.60
CA LYS A 43 9.30 12.34 -6.02
C LYS A 43 10.14 11.04 -5.87
N THR A 44 11.13 11.06 -4.95
CA THR A 44 11.94 9.87 -4.61
C THR A 44 12.19 9.84 -3.08
N VAL A 45 11.75 8.76 -2.43
CA VAL A 45 11.84 8.60 -0.97
C VAL A 45 12.94 7.57 -0.59
N THR A 46 13.93 8.02 0.21
CA THR A 46 15.06 7.18 0.66
C THR A 46 14.81 6.65 2.09
N PHE A 47 14.59 5.34 2.22
CA PHE A 47 14.25 4.69 3.51
C PHE A 47 15.53 4.32 4.29
N CYS A 48 15.82 5.05 5.38
CA CYS A 48 16.99 4.77 6.24
C CYS A 48 16.64 3.71 7.30
N TRP A 49 17.48 2.66 7.36
CA TRP A 49 17.36 1.55 8.34
C TRP A 49 18.71 1.36 9.06
N GLY A 50 18.77 1.77 10.34
CA GLY A 50 19.96 1.53 11.19
C GLY A 50 21.18 2.38 10.80
N LYS A 51 21.98 1.88 9.84
CA LYS A 51 23.23 2.54 9.40
C LYS A 51 23.48 2.34 7.88
N THR A 52 23.76 1.09 7.46
CA THR A 52 24.22 0.76 6.09
C THR A 52 23.09 0.20 5.18
N GLU A 53 21.81 0.35 5.58
CA GLU A 53 20.65 -0.06 4.75
C GLU A 53 19.74 1.16 4.43
N GLN A 54 20.07 1.88 3.34
CA GLN A 54 19.28 3.04 2.86
C GLN A 54 18.92 2.83 1.37
N ARG A 55 17.61 2.71 1.07
CA ARG A 55 17.10 2.31 -0.26
C ARG A 55 16.11 3.36 -0.81
N GLN A 56 16.31 3.83 -2.05
CA GLN A 56 15.40 4.80 -2.69
C GLN A 56 14.26 4.09 -3.47
N ALA A 57 13.08 4.73 -3.48
CA ALA A 57 11.90 4.32 -4.28
C ALA A 57 11.16 5.55 -4.82
N GLY A 58 11.02 5.63 -6.15
CA GLY A 58 10.44 6.81 -6.82
C GLY A 58 8.96 6.67 -7.13
N ILE A 59 8.17 7.72 -6.83
CA ILE A 59 6.74 7.81 -7.19
C ILE A 59 6.62 7.92 -8.73
N VAL A 60 5.89 6.98 -9.35
CA VAL A 60 5.67 6.94 -10.81
C VAL A 60 4.58 7.97 -11.20
N ALA A 61 3.43 7.91 -10.48
CA ALA A 61 2.27 8.80 -10.72
C ALA A 61 1.37 8.84 -9.47
N ILE A 62 0.65 9.96 -9.31
CA ILE A 62 -0.29 10.18 -8.17
C ILE A 62 -1.34 11.28 -8.53
N ARG A 63 -2.55 11.16 -7.95
CA ARG A 63 -3.63 12.16 -8.11
C ARG A 63 -4.61 12.08 -6.93
N ALA A 64 -4.50 13.07 -5.99
CA ALA A 64 -5.33 13.18 -4.77
C ALA A 64 -5.28 11.91 -3.87
N TYR A 65 -6.09 10.90 -4.22
CA TYR A 65 -6.17 9.59 -3.52
C TYR A 65 -6.63 8.47 -4.49
N SER A 66 -6.94 8.85 -5.74
CA SER A 66 -7.52 7.95 -6.77
C SER A 66 -6.49 6.96 -7.36
N PHE A 67 -5.18 7.21 -7.09
CA PHE A 67 -4.05 6.33 -7.50
C PHE A 67 -2.71 6.90 -7.01
N ILE A 68 -1.79 6.01 -6.63
CA ILE A 68 -0.36 6.34 -6.39
C ILE A 68 0.51 5.10 -6.68
N ARG A 69 1.68 5.29 -7.32
CA ARG A 69 2.59 4.18 -7.68
C ARG A 69 4.03 4.46 -7.18
N PHE A 70 4.77 3.38 -6.81
CA PHE A 70 6.21 3.44 -6.45
C PHE A 70 7.01 2.41 -7.26
N HIS A 71 8.30 2.70 -7.51
CA HIS A 71 9.20 1.82 -8.30
C HIS A 71 10.58 1.68 -7.62
N TRP A 72 11.17 0.47 -7.73
CA TRP A 72 12.55 0.15 -7.27
C TRP A 72 13.63 1.04 -7.96
N LEU A 73 14.25 1.96 -7.17
CA LEU A 73 15.47 2.68 -7.60
C LEU A 73 16.75 1.96 -7.06
N ASP A 74 16.69 1.52 -5.79
CA ASP A 74 17.80 0.75 -5.17
C ASP A 74 17.30 -0.70 -4.84
N ASP A 75 17.34 -1.11 -3.56
CA ASP A 75 16.91 -2.46 -3.07
C ASP A 75 17.68 -3.60 -3.81
N GLU A 76 18.95 -3.34 -4.17
CA GLU A 76 19.80 -4.22 -5.01
C GLU A 76 19.23 -4.40 -6.45
N ASN A 77 18.18 -5.21 -6.58
CA ASN A 77 17.61 -5.60 -7.88
C ASN A 77 16.26 -4.89 -8.14
N GLU A 78 16.10 -4.29 -9.34
CA GLU A 78 14.84 -3.63 -9.76
C GLU A 78 13.74 -4.70 -10.07
N ARG A 79 12.82 -4.90 -9.09
CA ARG A 79 11.82 -5.98 -9.15
C ARG A 79 10.56 -5.56 -9.94
N ASP A 80 9.68 -4.76 -9.32
CA ASP A 80 8.31 -4.46 -9.84
C ASP A 80 7.96 -2.96 -9.72
N TYR A 81 6.66 -2.65 -9.80
CA TYR A 81 6.07 -1.40 -9.26
C TYR A 81 4.74 -1.77 -8.55
N PHE A 82 4.41 -1.10 -7.43
CA PHE A 82 3.15 -1.34 -6.68
C PHE A 82 2.27 -0.06 -6.64
N GLU A 83 0.99 -0.24 -6.98
CA GLU A 83 -0.02 0.84 -7.00
C GLU A 83 -1.04 0.64 -5.86
N ILE A 84 -1.40 1.76 -5.21
CA ILE A 84 -2.49 1.80 -4.22
C ILE A 84 -3.48 2.91 -4.64
N LYS A 85 -4.72 2.53 -4.91
CA LYS A 85 -5.82 3.45 -5.22
C LYS A 85 -6.95 3.27 -4.19
N MET A 86 -7.67 4.36 -3.87
CA MET A 86 -8.82 4.32 -2.94
C MET A 86 -9.91 5.28 -3.44
N SER A 87 -11.16 4.88 -3.24
CA SER A 87 -12.35 5.60 -3.79
C SER A 87 -13.49 5.60 -2.77
N TYR A 88 -14.37 6.60 -2.83
CA TYR A 88 -15.47 6.77 -1.84
C TYR A 88 -16.86 6.60 -2.51
N ASN A 89 -17.75 5.85 -1.82
CA ASN A 89 -19.19 5.77 -2.18
C ASN A 89 -20.04 6.59 -1.18
N GLU A 90 -20.92 7.46 -1.71
CA GLU A 90 -21.89 8.24 -0.90
C GLU A 90 -23.18 7.43 -0.62
N LEU A 91 -23.21 6.16 -1.06
CA LEU A 91 -24.33 5.23 -0.86
C LEU A 91 -24.36 4.69 0.59
N THR A 92 -23.23 4.09 1.01
CA THR A 92 -23.11 3.45 2.35
C THR A 92 -21.89 3.99 3.14
N GLY A 93 -21.19 4.98 2.55
CA GLY A 93 -20.16 5.75 3.27
C GLY A 93 -18.80 5.05 3.41
N ASP A 94 -18.55 4.00 2.60
CA ASP A 94 -17.33 3.18 2.74
C ASP A 94 -16.29 3.52 1.64
N TYR A 95 -15.07 2.95 1.78
CA TYR A 95 -13.97 3.14 0.82
C TYR A 95 -13.64 1.82 0.06
N VAL A 96 -13.59 1.93 -1.28
CA VAL A 96 -13.07 0.89 -2.18
C VAL A 96 -11.53 1.00 -2.26
N LEU A 97 -10.82 0.16 -1.51
CA LEU A 97 -9.35 0.15 -1.45
C LEU A 97 -8.77 -0.96 -2.35
N GLU A 98 -8.15 -0.58 -3.46
CA GLU A 98 -7.74 -1.53 -4.51
C GLU A 98 -6.20 -1.48 -4.68
N ILE A 99 -5.50 -2.54 -4.23
CA ILE A 99 -4.02 -2.61 -4.32
C ILE A 99 -3.60 -3.43 -5.58
N THR A 100 -2.94 -2.75 -6.54
CA THR A 100 -2.40 -3.38 -7.75
C THR A 100 -0.94 -3.84 -7.50
N ASP A 101 -0.74 -5.15 -7.36
CA ASP A 101 0.57 -5.77 -7.06
C ASP A 101 0.89 -6.85 -8.11
N PHE A 102 2.19 -7.21 -8.23
CA PHE A 102 2.65 -8.31 -9.11
C PHE A 102 3.21 -9.46 -8.25
N SER A 103 2.60 -10.66 -8.36
CA SER A 103 3.01 -11.86 -7.57
C SER A 103 3.10 -13.12 -8.45
N GLU A 104 4.15 -13.93 -8.23
CA GLU A 104 4.33 -15.26 -8.86
C GLU A 104 3.21 -16.24 -8.40
N ALA A 105 3.03 -17.36 -9.14
CA ALA A 105 2.18 -18.49 -8.68
C ALA A 105 2.52 -18.95 -7.23
N ASP A 106 3.82 -18.93 -6.91
CA ASP A 106 4.36 -19.27 -5.58
C ASP A 106 3.86 -18.32 -4.46
N GLU A 107 3.65 -17.04 -4.83
CA GLU A 107 3.28 -15.96 -3.90
C GLU A 107 1.76 -15.68 -3.94
N ALA A 108 1.12 -16.02 -5.07
CA ALA A 108 -0.29 -15.65 -5.36
C ALA A 108 -1.28 -16.27 -4.34
N ASP A 109 -1.04 -17.53 -3.97
CA ASP A 109 -1.87 -18.25 -2.97
C ASP A 109 -1.77 -17.58 -1.56
N ASP A 110 -0.59 -16.99 -1.25
CA ASP A 110 -0.38 -16.21 0.00
C ASP A 110 -1.15 -14.87 -0.03
N LEU A 111 -1.15 -14.21 -1.21
CA LEU A 111 -1.94 -12.97 -1.45
C LEU A 111 -3.47 -13.24 -1.36
N LYS A 112 -3.89 -14.40 -1.86
CA LYS A 112 -5.32 -14.87 -1.78
C LYS A 112 -5.69 -15.32 -0.35
N GLU A 113 -4.71 -15.85 0.38
CA GLU A 113 -4.88 -16.24 1.81
C GLU A 113 -5.02 -14.95 2.68
N LEU A 114 -4.21 -13.93 2.34
CA LEU A 114 -4.25 -12.60 2.99
C LEU A 114 -5.57 -11.88 2.62
N TRP A 115 -6.01 -12.07 1.36
CA TRP A 115 -7.31 -11.57 0.84
C TRP A 115 -8.49 -12.12 1.68
N ASP A 116 -8.59 -13.46 1.78
CA ASP A 116 -9.63 -14.16 2.56
C ASP A 116 -9.60 -13.79 4.05
N SER A 117 -8.38 -13.73 4.62
CA SER A 117 -8.15 -13.37 6.03
C SER A 117 -8.63 -11.92 6.31
N GLN A 118 -8.20 -10.99 5.44
CA GLN A 118 -8.46 -9.54 5.59
C GLN A 118 -9.96 -9.20 5.43
N VAL A 119 -10.61 -9.76 4.39
CA VAL A 119 -12.05 -9.50 4.08
C VAL A 119 -12.96 -9.99 5.24
N SER A 120 -12.63 -11.16 5.82
CA SER A 120 -13.34 -11.71 7.01
C SER A 120 -13.19 -10.77 8.23
N LYS A 121 -11.99 -10.19 8.39
CA LYS A 121 -11.67 -9.21 9.46
C LYS A 121 -12.36 -7.85 9.21
N LEU A 122 -12.54 -7.47 7.92
CA LEU A 122 -13.27 -6.24 7.51
C LEU A 122 -14.77 -6.35 7.88
N ARG A 123 -15.31 -7.58 7.86
CA ARG A 123 -16.67 -7.88 8.42
C ARG A 123 -16.72 -7.63 9.95
N ARG A 124 -15.60 -7.90 10.64
CA ARG A 124 -15.46 -7.69 12.11
C ARG A 124 -15.17 -6.20 12.44
N THR A 125 -14.55 -5.48 11.46
CA THR A 125 -14.05 -4.08 11.62
C THR A 125 -15.18 -3.10 12.03
N CYS A 126 -16.18 -2.92 11.14
CA CYS A 126 -17.37 -2.04 11.38
C CYS A 126 -16.97 -0.56 11.68
N GLY A 127 -15.81 -0.13 11.16
CA GLY A 127 -15.25 1.21 11.40
C GLY A 127 -13.78 1.31 11.00
N PHE A 128 -12.89 1.41 12.01
CA PHE A 128 -11.42 1.50 11.80
C PHE A 128 -10.72 0.36 12.57
N LEU A 129 -9.99 -0.52 11.86
CA LEU A 129 -9.31 -1.67 12.47
C LEU A 129 -7.84 -1.35 12.84
N GLU A 130 -7.04 -0.93 11.82
CA GLU A 130 -5.57 -0.68 11.95
C GLU A 130 -4.77 -1.99 12.24
N HIS A 131 -3.51 -2.01 11.78
CA HIS A 131 -2.57 -3.12 12.07
C HIS A 131 -2.04 -2.97 13.51
N HIS A 132 -1.91 -4.09 14.26
CA HIS A 132 -1.37 -4.08 15.65
C HIS A 132 -0.06 -4.91 15.77
N HIS A 133 0.42 -5.46 14.64
CA HIS A 133 1.69 -6.24 14.60
C HIS A 133 2.63 -5.66 13.51
N HIS A 134 3.33 -4.55 13.83
CA HIS A 134 4.26 -3.90 12.87
C HIS A 134 5.63 -4.60 12.81
N HIS A 135 5.96 -5.35 13.88
CA HIS A 135 7.19 -6.16 13.97
C HIS A 135 7.05 -7.50 13.17
N HIS A 136 5.86 -7.75 12.62
CA HIS A 136 5.53 -9.01 11.91
C HIS A 136 4.67 -8.74 10.67
N MET A 1 6.56 -20.87 -11.81
CA MET A 1 7.53 -20.40 -12.83
C MET A 1 6.98 -19.21 -13.65
N LYS A 2 6.12 -18.38 -13.03
CA LYS A 2 5.61 -17.13 -13.64
C LYS A 2 5.10 -16.15 -12.56
N LYS A 3 5.35 -14.84 -12.77
CA LYS A 3 4.68 -13.76 -12.00
C LYS A 3 3.20 -13.62 -12.43
N GLU A 4 2.42 -12.88 -11.62
CA GLU A 4 0.99 -12.64 -11.86
C GLU A 4 0.53 -11.37 -11.11
N LYS A 5 -0.12 -10.44 -11.84
CA LYS A 5 -0.72 -9.24 -11.25
C LYS A 5 -2.00 -9.61 -10.46
N ILE A 6 -2.11 -9.09 -9.23
CA ILE A 6 -3.23 -9.40 -8.30
C ILE A 6 -3.69 -8.07 -7.61
N HIS A 7 -4.98 -7.72 -7.77
CA HIS A 7 -5.58 -6.58 -7.03
C HIS A 7 -6.27 -7.08 -5.74
N LEU A 8 -5.85 -6.51 -4.59
CA LEU A 8 -6.40 -6.84 -3.26
C LEU A 8 -7.33 -5.67 -2.78
N GLU A 9 -8.65 -5.94 -2.61
CA GLU A 9 -9.65 -4.92 -2.18
C GLU A 9 -10.11 -5.11 -0.71
N TYR A 10 -10.09 -4.00 0.07
CA TYR A 10 -10.47 -4.00 1.51
C TYR A 10 -11.55 -2.91 1.73
N LEU A 11 -12.70 -3.26 2.32
CA LEU A 11 -13.83 -2.31 2.51
C LEU A 11 -13.82 -1.76 3.96
N LEU A 12 -13.31 -0.53 4.12
CA LEU A 12 -13.06 0.07 5.46
C LEU A 12 -14.00 1.25 5.76
N ASN A 13 -14.77 1.10 6.85
CA ASN A 13 -15.69 2.14 7.35
C ASN A 13 -15.38 2.47 8.83
N ALA A 14 -15.52 3.78 9.17
CA ALA A 14 -15.32 4.32 10.55
C ALA A 14 -13.82 4.49 10.94
N THR A 15 -12.97 3.52 10.53
CA THR A 15 -11.52 3.53 10.83
C THR A 15 -10.77 4.51 9.89
N SER A 16 -10.60 5.76 10.37
CA SER A 16 -9.76 6.81 9.73
C SER A 16 -10.25 7.24 8.32
N LYS A 17 -9.49 8.15 7.68
CA LYS A 17 -9.76 8.65 6.32
C LYS A 17 -8.81 7.95 5.30
N ASN A 18 -8.67 8.55 4.10
CA ASN A 18 -7.72 8.09 3.05
C ASN A 18 -6.24 7.92 3.53
N ILE A 19 -5.83 8.69 4.57
CA ILE A 19 -4.44 8.72 5.12
C ILE A 19 -3.86 7.31 5.46
N LEU A 20 -4.76 6.29 5.62
CA LEU A 20 -4.41 4.87 5.92
C LEU A 20 -3.17 4.38 5.10
N TRP A 21 -3.28 4.47 3.78
CA TRP A 21 -2.12 4.32 2.87
C TRP A 21 -1.58 5.68 2.39
N SER A 22 -2.49 6.66 2.14
CA SER A 22 -2.14 7.98 1.48
C SER A 22 -1.00 8.76 2.17
N ALA A 23 -0.69 8.40 3.43
CA ALA A 23 0.50 8.90 4.17
C ALA A 23 1.82 8.75 3.37
N ILE A 24 1.93 7.64 2.59
CA ILE A 24 3.10 7.31 1.74
C ILE A 24 3.38 8.40 0.66
N SER A 25 2.37 9.26 0.38
CA SER A 25 2.49 10.36 -0.62
C SER A 25 3.40 11.51 -0.14
N THR A 26 3.67 11.55 1.18
CA THR A 26 4.55 12.57 1.80
C THR A 26 5.71 11.89 2.57
N PRO A 27 6.90 12.58 2.69
CA PRO A 27 8.01 12.15 3.58
C PRO A 27 7.53 11.88 5.04
N THR A 28 7.02 12.93 5.73
CA THR A 28 6.52 12.83 7.12
C THR A 28 5.47 11.71 7.34
N GLY A 29 4.57 11.54 6.35
CA GLY A 29 3.55 10.49 6.40
C GLY A 29 4.12 9.07 6.34
N LEU A 30 5.08 8.86 5.43
CA LEU A 30 5.87 7.60 5.36
C LEU A 30 6.69 7.31 6.66
N GLU A 31 7.36 8.36 7.20
CA GLU A 31 8.16 8.27 8.46
C GLU A 31 7.30 7.84 9.67
N ASP A 32 6.00 8.18 9.62
CA ASP A 32 5.02 7.92 10.69
C ASP A 32 4.87 6.40 11.06
N TRP A 33 4.94 5.51 10.04
CA TRP A 33 4.55 4.07 10.23
C TRP A 33 5.38 3.07 9.39
N PHE A 34 6.29 3.54 8.53
CA PHE A 34 7.06 2.63 7.62
C PHE A 34 8.50 2.38 8.14
N ALA A 35 9.34 3.43 8.12
CA ALA A 35 10.79 3.34 8.49
C ALA A 35 11.17 4.39 9.57
N ASP A 36 12.47 4.42 9.93
CA ASP A 36 13.05 5.44 10.86
C ASP A 36 12.83 6.86 10.31
N LYS A 37 13.37 7.10 9.11
CA LYS A 37 13.21 8.36 8.39
C LYS A 37 13.36 8.13 6.89
N VAL A 38 12.56 8.87 6.11
CA VAL A 38 12.68 8.91 4.65
C VAL A 38 12.98 10.36 4.20
N VAL A 39 14.08 10.55 3.46
CA VAL A 39 14.47 11.87 2.92
C VAL A 39 13.95 12.00 1.47
N SER A 40 12.98 12.90 1.26
CA SER A 40 12.32 13.07 -0.04
C SER A 40 13.01 14.17 -0.86
N ASP A 41 13.83 13.76 -1.83
CA ASP A 41 14.34 14.65 -2.87
C ASP A 41 13.29 14.69 -4.00
N ASP A 42 12.33 15.63 -3.85
CA ASP A 42 11.02 15.66 -4.56
C ASP A 42 11.01 15.00 -5.98
N LYS A 43 10.06 14.03 -6.15
CA LYS A 43 10.01 12.99 -7.24
C LYS A 43 10.78 11.69 -6.83
N THR A 44 11.54 11.75 -5.71
CA THR A 44 12.29 10.58 -5.15
C THR A 44 12.20 10.56 -3.61
N VAL A 45 12.00 9.36 -3.03
CA VAL A 45 11.97 9.13 -1.56
C VAL A 45 13.10 8.13 -1.15
N THR A 46 14.00 8.58 -0.25
CA THR A 46 15.16 7.77 0.21
C THR A 46 14.88 7.16 1.61
N PHE A 47 14.71 5.84 1.69
CA PHE A 47 14.42 5.13 2.95
C PHE A 47 15.73 4.88 3.73
N CYS A 48 15.87 5.56 4.88
CA CYS A 48 17.04 5.46 5.77
C CYS A 48 16.65 4.85 7.13
N TRP A 49 17.30 3.74 7.50
CA TRP A 49 17.11 3.07 8.80
C TRP A 49 18.29 3.41 9.76
N GLY A 50 18.45 2.62 10.84
CA GLY A 50 19.69 2.65 11.65
C GLY A 50 20.91 2.16 10.85
N LYS A 51 20.65 1.34 9.82
CA LYS A 51 21.64 0.90 8.81
C LYS A 51 22.11 2.09 7.92
N THR A 52 23.36 2.01 7.42
CA THR A 52 23.85 2.88 6.31
C THR A 52 23.29 2.37 4.96
N GLU A 53 22.80 1.12 4.99
CA GLU A 53 22.09 0.46 3.88
C GLU A 53 20.72 1.15 3.66
N GLN A 54 20.68 1.97 2.62
CA GLN A 54 19.54 2.84 2.30
C GLN A 54 19.20 2.74 0.80
N ARG A 55 17.90 2.84 0.46
CA ARG A 55 17.42 2.75 -0.93
C ARG A 55 16.60 4.01 -1.29
N GLN A 56 16.46 4.27 -2.60
CA GLN A 56 15.63 5.37 -3.13
C GLN A 56 14.53 4.80 -4.06
N ALA A 57 13.38 5.49 -4.09
CA ALA A 57 12.22 5.09 -4.93
C ALA A 57 11.61 6.31 -5.62
N GLY A 58 11.64 6.31 -6.96
CA GLY A 58 11.07 7.38 -7.76
C GLY A 58 9.56 7.21 -7.95
N ILE A 59 8.80 8.29 -7.67
CA ILE A 59 7.34 8.32 -7.93
C ILE A 59 7.11 8.34 -9.45
N VAL A 60 6.51 7.28 -9.99
CA VAL A 60 6.25 7.17 -11.45
C VAL A 60 4.86 7.75 -11.83
N ALA A 61 3.91 7.73 -10.86
CA ALA A 61 2.57 8.34 -11.02
C ALA A 61 1.86 8.48 -9.66
N ILE A 62 1.10 9.58 -9.49
CA ILE A 62 0.37 9.89 -8.24
C ILE A 62 -0.77 10.93 -8.48
N ARG A 63 -1.81 10.86 -7.62
CA ARG A 63 -2.84 11.90 -7.48
C ARG A 63 -3.49 11.74 -6.08
N ALA A 64 -3.06 12.57 -5.10
CA ALA A 64 -3.55 12.57 -3.69
C ALA A 64 -3.73 11.14 -3.06
N TYR A 65 -4.88 10.51 -3.35
CA TYR A 65 -5.23 9.15 -2.86
C TYR A 65 -5.99 8.34 -3.96
N SER A 66 -6.25 9.00 -5.11
CA SER A 66 -6.92 8.41 -6.30
C SER A 66 -6.05 7.29 -6.96
N PHE A 67 -4.72 7.38 -6.72
CA PHE A 67 -3.70 6.38 -7.14
C PHE A 67 -2.30 6.90 -6.75
N ILE A 68 -1.42 5.99 -6.32
CA ILE A 68 0.00 6.31 -6.05
C ILE A 68 0.89 5.06 -6.27
N ARG A 69 2.03 5.23 -6.97
CA ARG A 69 2.98 4.13 -7.24
C ARG A 69 4.44 4.63 -7.28
N PHE A 70 5.31 3.88 -6.59
CA PHE A 70 6.78 4.10 -6.57
C PHE A 70 7.49 3.04 -7.45
N HIS A 71 8.78 3.26 -7.68
CA HIS A 71 9.65 2.30 -8.38
C HIS A 71 11.12 2.45 -7.89
N TRP A 72 11.78 1.32 -7.62
CA TRP A 72 13.15 1.31 -7.05
C TRP A 72 14.20 1.84 -8.07
N LEU A 73 14.96 2.87 -7.65
CA LEU A 73 16.05 3.46 -8.46
C LEU A 73 17.35 2.60 -8.39
N ASP A 74 17.36 1.65 -7.43
CA ASP A 74 18.50 0.74 -7.18
C ASP A 74 18.43 -0.53 -8.04
N ASP A 75 17.27 -0.80 -8.68
CA ASP A 75 17.02 -2.06 -9.41
C ASP A 75 16.87 -1.84 -10.94
N GLU A 76 17.01 -2.94 -11.70
CA GLU A 76 16.76 -2.96 -13.17
C GLU A 76 16.11 -4.32 -13.57
N ASN A 77 15.42 -4.93 -12.60
CA ASN A 77 14.87 -6.32 -12.72
C ASN A 77 13.32 -6.32 -12.76
N GLU A 78 12.75 -7.44 -13.28
CA GLU A 78 11.31 -7.78 -13.21
C GLU A 78 10.34 -6.60 -13.57
N ARG A 79 9.87 -5.86 -12.53
CA ARG A 79 8.88 -4.75 -12.66
C ARG A 79 9.09 -3.77 -11.48
N ASP A 80 9.06 -4.33 -10.26
CA ASP A 80 9.35 -3.65 -8.98
C ASP A 80 8.56 -2.34 -8.75
N TYR A 81 7.23 -2.45 -8.88
CA TYR A 81 6.29 -1.35 -8.57
C TYR A 81 5.19 -1.85 -7.61
N PHE A 82 4.51 -0.90 -6.95
CA PHE A 82 3.34 -1.19 -6.10
C PHE A 82 2.39 0.03 -6.12
N GLU A 83 1.19 -0.15 -6.72
CA GLU A 83 0.18 0.93 -6.85
C GLU A 83 -1.00 0.72 -5.87
N ILE A 84 -1.35 1.80 -5.16
CA ILE A 84 -2.38 1.80 -4.10
C ILE A 84 -3.38 2.95 -4.35
N LYS A 85 -4.68 2.68 -4.20
CA LYS A 85 -5.72 3.73 -4.19
C LYS A 85 -6.84 3.39 -3.19
N MET A 86 -7.71 4.38 -2.92
CA MET A 86 -8.96 4.18 -2.16
C MET A 86 -10.09 4.97 -2.83
N SER A 87 -11.20 4.27 -3.07
CA SER A 87 -12.44 4.85 -3.66
C SER A 87 -13.49 5.04 -2.55
N TYR A 88 -14.30 6.09 -2.63
CA TYR A 88 -15.31 6.40 -1.59
C TYR A 88 -16.75 6.30 -2.14
N ASN A 89 -17.59 5.46 -1.51
CA ASN A 89 -18.99 5.23 -1.93
C ASN A 89 -19.97 6.34 -1.46
N GLU A 90 -19.46 7.31 -0.65
CA GLU A 90 -20.20 8.51 -0.19
C GLU A 90 -21.41 8.16 0.73
N LEU A 91 -22.54 7.71 0.13
CA LEU A 91 -23.79 7.39 0.86
C LEU A 91 -23.65 6.06 1.64
N THR A 92 -22.91 5.12 1.05
CA THR A 92 -22.64 3.80 1.66
C THR A 92 -21.55 3.92 2.77
N GLY A 93 -20.67 4.93 2.60
CA GLY A 93 -19.76 5.37 3.69
C GLY A 93 -18.41 4.63 3.79
N ASP A 94 -18.27 3.48 3.11
CA ASP A 94 -17.02 2.69 3.16
C ASP A 94 -16.01 3.11 2.06
N TYR A 95 -14.75 2.72 2.24
CA TYR A 95 -13.68 2.89 1.24
C TYR A 95 -13.38 1.54 0.54
N VAL A 96 -13.40 1.53 -0.80
CA VAL A 96 -12.86 0.41 -1.61
C VAL A 96 -11.34 0.60 -1.74
N LEU A 97 -10.58 -0.09 -0.90
CA LEU A 97 -9.12 0.07 -0.81
C LEU A 97 -8.43 -0.99 -1.68
N GLU A 98 -7.86 -0.56 -2.82
CA GLU A 98 -7.35 -1.48 -3.85
C GLU A 98 -5.82 -1.33 -4.03
N ILE A 99 -5.08 -2.33 -3.54
CA ILE A 99 -3.62 -2.43 -3.77
C ILE A 99 -3.36 -3.42 -4.92
N THR A 100 -2.83 -2.95 -6.05
CA THR A 100 -2.42 -3.82 -7.17
C THR A 100 -0.93 -4.20 -7.01
N ASP A 101 -0.71 -5.46 -6.61
CA ASP A 101 0.61 -6.07 -6.38
C ASP A 101 0.93 -7.06 -7.54
N PHE A 102 2.18 -7.55 -7.61
CA PHE A 102 2.57 -8.66 -8.51
C PHE A 102 3.39 -9.71 -7.73
N SER A 103 2.95 -10.98 -7.81
CA SER A 103 3.63 -12.14 -7.16
C SER A 103 3.58 -13.35 -8.08
N GLU A 104 4.52 -14.30 -7.88
CA GLU A 104 4.47 -15.62 -8.54
C GLU A 104 3.09 -16.31 -8.30
N ALA A 105 2.49 -16.87 -9.37
CA ALA A 105 1.25 -17.69 -9.25
C ALA A 105 1.45 -18.92 -8.31
N ASP A 106 2.72 -19.31 -8.14
CA ASP A 106 3.17 -20.36 -7.20
C ASP A 106 2.93 -19.96 -5.70
N GLU A 107 2.69 -18.66 -5.45
CA GLU A 107 2.45 -18.10 -4.09
C GLU A 107 1.33 -17.02 -4.08
N ALA A 108 0.71 -16.78 -5.26
CA ALA A 108 -0.36 -15.76 -5.40
C ALA A 108 -1.63 -16.18 -4.65
N ASP A 109 -1.88 -17.49 -4.63
CA ASP A 109 -2.98 -18.13 -3.86
C ASP A 109 -2.82 -17.89 -2.32
N ASP A 110 -1.56 -17.82 -1.84
CA ASP A 110 -1.23 -17.56 -0.42
C ASP A 110 -1.55 -16.08 -0.07
N LEU A 111 -1.12 -15.16 -0.94
CA LEU A 111 -1.38 -13.72 -0.81
C LEU A 111 -2.92 -13.44 -0.93
N LYS A 112 -3.60 -14.25 -1.78
CA LYS A 112 -5.06 -14.17 -2.01
C LYS A 112 -5.89 -14.73 -0.83
N GLU A 113 -5.44 -15.81 -0.15
CA GLU A 113 -6.19 -16.40 1.00
C GLU A 113 -6.07 -15.49 2.24
N LEU A 114 -4.94 -14.75 2.32
CA LEU A 114 -4.73 -13.67 3.31
C LEU A 114 -5.78 -12.54 3.12
N TRP A 115 -5.85 -12.02 1.87
CA TRP A 115 -6.85 -11.04 1.42
C TRP A 115 -8.31 -11.53 1.71
N ASP A 116 -8.59 -12.77 1.29
CA ASP A 116 -9.93 -13.39 1.36
C ASP A 116 -10.39 -13.59 2.83
N SER A 117 -9.41 -13.85 3.72
CA SER A 117 -9.65 -13.96 5.17
C SER A 117 -9.97 -12.56 5.76
N GLN A 118 -9.37 -11.51 5.17
CA GLN A 118 -9.68 -10.10 5.51
C GLN A 118 -11.08 -9.69 4.99
N VAL A 119 -11.54 -10.29 3.86
CA VAL A 119 -12.89 -10.05 3.31
C VAL A 119 -13.98 -10.68 4.24
N SER A 120 -13.66 -11.86 4.80
CA SER A 120 -14.48 -12.49 5.87
C SER A 120 -14.47 -11.66 7.18
N LYS A 121 -13.31 -11.05 7.47
CA LYS A 121 -13.13 -10.10 8.60
C LYS A 121 -14.00 -8.82 8.43
N LEU A 122 -14.17 -8.35 7.16
CA LEU A 122 -15.02 -7.17 6.84
C LEU A 122 -16.46 -7.36 7.33
N ARG A 123 -16.98 -8.60 7.21
CA ARG A 123 -18.35 -8.96 7.64
C ARG A 123 -18.55 -8.73 9.15
N ARG A 124 -17.61 -9.17 9.99
CA ARG A 124 -17.76 -9.08 11.47
C ARG A 124 -17.50 -7.63 12.00
N THR A 125 -16.67 -6.84 11.29
CA THR A 125 -16.31 -5.45 11.70
C THR A 125 -17.28 -4.38 11.12
N CYS A 126 -18.01 -4.74 10.04
CA CYS A 126 -18.87 -3.78 9.28
C CYS A 126 -20.20 -4.45 8.85
N GLY A 127 -21.24 -3.63 8.60
CA GLY A 127 -22.57 -4.13 8.17
C GLY A 127 -22.75 -4.18 6.64
N PHE A 128 -23.75 -4.98 6.19
CA PHE A 128 -24.17 -5.10 4.77
C PHE A 128 -23.10 -5.74 3.84
N LEU A 129 -22.22 -6.60 4.39
CA LEU A 129 -21.32 -7.43 3.57
C LEU A 129 -22.07 -8.70 3.08
N GLU A 130 -22.21 -8.82 1.74
CA GLU A 130 -22.87 -9.96 1.08
C GLU A 130 -21.97 -11.24 1.08
N HIS A 131 -22.20 -12.16 0.11
CA HIS A 131 -21.43 -13.41 -0.01
C HIS A 131 -19.90 -13.14 -0.17
N HIS A 132 -19.13 -13.72 0.76
CA HIS A 132 -17.65 -13.61 0.82
C HIS A 132 -17.03 -15.01 1.05
N HIS A 133 -15.71 -15.14 0.76
CA HIS A 133 -15.00 -16.45 0.78
C HIS A 133 -15.67 -17.42 -0.24
N HIS A 134 -15.53 -17.07 -1.52
CA HIS A 134 -16.24 -17.77 -2.62
C HIS A 134 -15.62 -19.17 -2.91
N HIS A 135 -14.39 -19.39 -2.42
CA HIS A 135 -13.69 -20.69 -2.52
C HIS A 135 -14.47 -21.78 -1.72
N HIS A 136 -15.21 -22.63 -2.45
CA HIS A 136 -16.02 -23.72 -1.85
C HIS A 136 -15.14 -24.88 -1.33
N MET A 1 7.74 -16.98 -19.52
CA MET A 1 7.58 -17.06 -18.04
C MET A 1 7.49 -15.63 -17.44
N LYS A 2 6.40 -15.33 -16.72
CA LYS A 2 6.19 -14.01 -16.08
C LYS A 2 5.22 -14.13 -14.87
N LYS A 3 5.51 -13.36 -13.80
CA LYS A 3 4.68 -13.30 -12.59
C LYS A 3 3.30 -12.66 -12.86
N GLU A 4 2.29 -13.11 -12.11
CA GLU A 4 0.92 -12.57 -12.19
C GLU A 4 0.80 -11.22 -11.44
N LYS A 5 0.26 -10.19 -12.12
CA LYS A 5 -0.13 -8.93 -11.47
C LYS A 5 -1.48 -9.14 -10.74
N ILE A 6 -1.57 -8.66 -9.49
CA ILE A 6 -2.75 -8.87 -8.63
C ILE A 6 -3.15 -7.55 -7.91
N HIS A 7 -4.43 -7.19 -7.97
CA HIS A 7 -5.00 -6.08 -7.17
C HIS A 7 -5.97 -6.67 -6.12
N LEU A 8 -5.60 -6.51 -4.83
CA LEU A 8 -6.36 -7.10 -3.70
C LEU A 8 -7.29 -6.05 -3.10
N GLU A 9 -8.62 -6.30 -3.20
CA GLU A 9 -9.67 -5.34 -2.83
C GLU A 9 -10.10 -5.49 -1.36
N TYR A 10 -10.09 -4.38 -0.61
CA TYR A 10 -10.46 -4.36 0.82
C TYR A 10 -11.56 -3.31 1.09
N LEU A 11 -12.51 -3.64 1.97
CA LEU A 11 -13.46 -2.65 2.50
C LEU A 11 -12.79 -1.91 3.68
N LEU A 12 -12.31 -0.69 3.42
CA LEU A 12 -11.62 0.11 4.44
C LEU A 12 -12.59 1.18 4.98
N ASN A 13 -12.91 1.09 6.27
CA ASN A 13 -13.79 2.06 6.95
C ASN A 13 -12.96 3.33 7.28
N ALA A 14 -13.47 4.49 6.83
CA ALA A 14 -12.72 5.77 6.87
C ALA A 14 -12.42 6.26 8.33
N THR A 15 -11.31 5.76 8.89
CA THR A 15 -10.78 6.21 10.20
C THR A 15 -10.07 7.58 10.06
N SER A 16 -9.30 7.71 8.97
CA SER A 16 -8.55 8.94 8.63
C SER A 16 -8.93 9.44 7.22
N LYS A 17 -10.18 9.12 6.79
CA LYS A 17 -10.71 9.45 5.44
C LYS A 17 -9.79 8.87 4.32
N ASN A 18 -9.25 9.71 3.41
CA ASN A 18 -8.25 9.29 2.41
C ASN A 18 -6.83 9.09 3.02
N ILE A 19 -6.50 9.84 4.09
CA ILE A 19 -5.14 9.89 4.71
C ILE A 19 -4.62 8.47 5.14
N LEU A 20 -5.56 7.48 5.28
CA LEU A 20 -5.26 6.07 5.67
C LEU A 20 -3.98 5.52 4.97
N TRP A 21 -4.02 5.46 3.63
CA TRP A 21 -2.85 5.13 2.79
C TRP A 21 -2.21 6.38 2.16
N SER A 22 -3.00 7.46 1.95
CA SER A 22 -2.48 8.73 1.31
C SER A 22 -1.27 9.35 2.07
N ALA A 23 -1.10 8.94 3.35
CA ALA A 23 0.08 9.33 4.18
C ALA A 23 1.44 9.01 3.51
N ILE A 24 1.47 7.93 2.69
CA ILE A 24 2.72 7.46 2.05
C ILE A 24 3.27 8.43 0.97
N SER A 25 2.44 9.39 0.53
CA SER A 25 2.84 10.42 -0.46
C SER A 25 3.84 11.44 0.14
N THR A 26 3.72 11.68 1.45
CA THR A 26 4.60 12.61 2.19
C THR A 26 5.70 11.85 2.97
N PRO A 27 6.89 12.49 3.20
CA PRO A 27 7.92 11.94 4.13
C PRO A 27 7.36 11.68 5.56
N THR A 28 6.91 12.77 6.23
CA THR A 28 6.35 12.74 7.60
C THR A 28 5.20 11.70 7.78
N GLY A 29 4.37 11.51 6.73
CA GLY A 29 3.24 10.57 6.79
C GLY A 29 3.66 9.09 6.63
N LEU A 30 4.54 8.83 5.66
CA LEU A 30 5.09 7.48 5.36
C LEU A 30 5.78 6.85 6.59
N GLU A 31 6.67 7.63 7.23
CA GLU A 31 7.52 7.14 8.35
C GLU A 31 6.77 6.95 9.69
N ASP A 32 5.47 7.34 9.74
CA ASP A 32 4.63 7.14 10.95
C ASP A 32 4.37 5.65 11.26
N TRP A 33 4.34 4.80 10.22
CA TRP A 33 3.86 3.41 10.32
C TRP A 33 4.67 2.39 9.48
N PHE A 34 5.37 2.86 8.43
CA PHE A 34 6.14 1.98 7.52
C PHE A 34 7.56 1.68 8.07
N ALA A 35 8.41 2.71 8.13
CA ALA A 35 9.84 2.58 8.55
C ALA A 35 10.16 3.52 9.73
N ASP A 36 11.45 3.54 10.14
CA ASP A 36 11.98 4.44 11.17
C ASP A 36 11.83 5.92 10.73
N LYS A 37 12.41 6.22 9.56
CA LYS A 37 12.33 7.54 8.93
C LYS A 37 12.48 7.40 7.40
N VAL A 38 11.83 8.30 6.64
CA VAL A 38 12.00 8.41 5.18
C VAL A 38 12.34 9.88 4.78
N VAL A 39 13.40 10.06 3.97
CA VAL A 39 13.83 11.38 3.45
C VAL A 39 13.28 11.60 2.01
N SER A 40 12.54 12.70 1.80
CA SER A 40 11.95 13.02 0.49
C SER A 40 12.95 13.74 -0.45
N ASP A 41 13.15 13.16 -1.64
CA ASP A 41 13.85 13.80 -2.78
C ASP A 41 12.83 14.43 -3.77
N ASP A 42 11.66 14.83 -3.23
CA ASP A 42 10.52 15.42 -3.97
C ASP A 42 9.83 14.39 -4.90
N LYS A 43 10.48 14.08 -6.04
CA LYS A 43 10.00 13.07 -7.01
C LYS A 43 10.37 11.62 -6.58
N THR A 44 11.25 11.50 -5.58
CA THR A 44 11.73 10.21 -5.03
C THR A 44 11.60 10.20 -3.48
N VAL A 45 11.57 9.00 -2.86
CA VAL A 45 11.58 8.84 -1.38
C VAL A 45 12.67 7.81 -0.96
N THR A 46 13.66 8.24 -0.15
CA THR A 46 14.68 7.37 0.45
C THR A 46 14.20 6.82 1.82
N PHE A 47 13.98 5.50 1.91
CA PHE A 47 13.64 4.82 3.18
C PHE A 47 14.93 4.54 3.98
N CYS A 48 15.11 5.25 5.10
CA CYS A 48 16.30 5.09 5.97
C CYS A 48 15.91 4.41 7.31
N TRP A 49 16.37 3.16 7.48
CA TRP A 49 16.19 2.37 8.72
C TRP A 49 17.31 2.67 9.76
N GLY A 50 18.39 3.33 9.29
CA GLY A 50 19.51 3.73 10.16
C GLY A 50 20.79 4.02 9.37
N LYS A 51 21.95 3.72 9.99
CA LYS A 51 23.28 3.88 9.36
C LYS A 51 23.50 2.79 8.28
N THR A 52 23.53 3.22 6.99
CA THR A 52 23.63 2.33 5.80
C THR A 52 22.35 1.45 5.61
N GLU A 53 22.20 0.81 4.43
CA GLU A 53 21.06 -0.05 4.08
C GLU A 53 19.76 0.79 4.01
N GLN A 54 19.74 1.68 3.01
CA GLN A 54 18.66 2.64 2.77
C GLN A 54 18.35 2.69 1.26
N ARG A 55 17.07 2.49 0.90
CA ARG A 55 16.64 2.27 -0.51
C ARG A 55 15.79 3.44 -0.99
N GLN A 56 15.76 3.70 -2.29
CA GLN A 56 14.96 4.81 -2.86
C GLN A 56 13.87 4.27 -3.80
N ALA A 57 12.69 4.92 -3.76
CA ALA A 57 11.56 4.61 -4.65
C ALA A 57 10.89 5.90 -5.13
N GLY A 58 10.90 6.12 -6.45
CA GLY A 58 10.35 7.32 -7.07
C GLY A 58 8.89 7.17 -7.45
N ILE A 59 8.11 8.25 -7.28
CA ILE A 59 6.68 8.25 -7.63
C ILE A 59 6.53 8.21 -9.17
N VAL A 60 5.83 7.18 -9.69
CA VAL A 60 5.58 7.04 -11.14
C VAL A 60 4.36 7.89 -11.55
N ALA A 61 3.29 7.79 -10.73
CA ALA A 61 2.03 8.52 -10.92
C ALA A 61 1.27 8.63 -9.59
N ILE A 62 0.58 9.76 -9.39
CA ILE A 62 -0.24 10.03 -8.18
C ILE A 62 -1.35 11.07 -8.47
N ARG A 63 -2.48 10.92 -7.76
CA ARG A 63 -3.55 11.93 -7.70
C ARG A 63 -4.34 11.71 -6.40
N ALA A 64 -4.08 12.58 -5.39
CA ALA A 64 -4.73 12.58 -4.05
C ALA A 64 -4.69 11.20 -3.33
N TYR A 65 -5.56 10.26 -3.75
CA TYR A 65 -5.65 8.89 -3.15
C TYR A 65 -6.04 7.81 -4.19
N SER A 66 -6.62 8.22 -5.35
CA SER A 66 -7.20 7.28 -6.36
C SER A 66 -6.16 6.51 -7.19
N PHE A 67 -4.87 6.74 -6.91
CA PHE A 67 -3.72 5.96 -7.42
C PHE A 67 -2.40 6.61 -6.95
N ILE A 68 -1.47 5.78 -6.50
CA ILE A 68 -0.11 6.20 -6.16
C ILE A 68 0.86 5.01 -6.38
N ARG A 69 1.98 5.25 -7.07
CA ARG A 69 2.94 4.20 -7.43
C ARG A 69 4.37 4.58 -7.02
N PHE A 70 5.09 3.67 -6.35
CA PHE A 70 6.53 3.85 -6.05
C PHE A 70 7.35 2.75 -6.73
N HIS A 71 8.27 3.14 -7.64
CA HIS A 71 9.20 2.22 -8.32
C HIS A 71 10.62 2.38 -7.75
N TRP A 72 11.28 1.24 -7.50
CA TRP A 72 12.61 1.21 -6.86
C TRP A 72 13.73 1.68 -7.82
N LEU A 73 14.50 2.70 -7.41
CA LEU A 73 15.69 3.17 -8.15
C LEU A 73 16.85 2.13 -8.06
N ASP A 74 16.80 1.33 -6.98
CA ASP A 74 17.64 0.12 -6.84
C ASP A 74 17.27 -0.92 -7.94
N ASP A 75 15.93 -1.10 -8.12
CA ASP A 75 15.31 -2.10 -9.01
C ASP A 75 15.91 -3.52 -8.73
N GLU A 76 16.82 -4.02 -9.62
CA GLU A 76 17.69 -5.21 -9.42
C GLU A 76 16.94 -6.49 -8.93
N ASN A 77 16.58 -6.51 -7.63
CA ASN A 77 15.84 -7.62 -6.98
C ASN A 77 14.44 -7.84 -7.60
N GLU A 78 13.94 -9.10 -7.48
CA GLU A 78 12.55 -9.44 -7.85
C GLU A 78 11.57 -8.74 -6.88
N ARG A 79 11.14 -7.53 -7.23
CA ARG A 79 10.40 -6.63 -6.31
C ARG A 79 9.49 -5.65 -7.08
N ASP A 80 9.90 -5.33 -8.34
CA ASP A 80 9.09 -4.59 -9.34
C ASP A 80 8.67 -3.17 -8.86
N TYR A 81 7.46 -3.04 -8.31
CA TYR A 81 6.93 -1.81 -7.67
C TYR A 81 5.58 -2.13 -6.99
N PHE A 82 5.00 -1.14 -6.31
CA PHE A 82 3.70 -1.30 -5.62
C PHE A 82 2.78 -0.05 -5.82
N GLU A 83 1.53 -0.29 -6.27
CA GLU A 83 0.48 0.73 -6.36
C GLU A 83 -0.56 0.55 -5.24
N ILE A 84 -1.05 1.67 -4.68
CA ILE A 84 -2.19 1.67 -3.76
C ILE A 84 -3.27 2.63 -4.31
N LYS A 85 -4.40 2.07 -4.75
CA LYS A 85 -5.56 2.82 -5.24
C LYS A 85 -6.68 2.83 -4.19
N MET A 86 -7.17 4.03 -3.84
CA MET A 86 -8.28 4.19 -2.88
C MET A 86 -9.43 4.90 -3.62
N SER A 87 -10.67 4.53 -3.36
CA SER A 87 -11.84 5.20 -4.00
C SER A 87 -13.02 5.22 -3.02
N TYR A 88 -13.77 6.32 -3.02
CA TYR A 88 -14.87 6.52 -2.07
C TYR A 88 -16.18 5.97 -2.68
N ASN A 89 -16.76 4.92 -2.06
CA ASN A 89 -17.99 4.23 -2.56
C ASN A 89 -19.24 5.17 -2.57
N GLU A 90 -19.15 6.29 -1.81
CA GLU A 90 -20.19 7.33 -1.69
C GLU A 90 -21.40 6.85 -0.86
N LEU A 91 -22.18 5.90 -1.41
CA LEU A 91 -23.46 5.45 -0.83
C LEU A 91 -23.27 4.62 0.46
N THR A 92 -22.07 4.01 0.62
CA THR A 92 -21.71 3.26 1.85
C THR A 92 -21.17 4.20 2.94
N GLY A 93 -20.30 5.15 2.53
CA GLY A 93 -19.56 6.03 3.45
C GLY A 93 -18.13 5.57 3.71
N ASP A 94 -17.73 4.46 3.06
CA ASP A 94 -16.39 3.84 3.21
C ASP A 94 -15.55 3.99 1.93
N TYR A 95 -14.29 3.53 1.98
CA TYR A 95 -13.37 3.48 0.80
C TYR A 95 -13.15 2.03 0.31
N VAL A 96 -13.33 1.81 -1.00
CA VAL A 96 -12.85 0.58 -1.68
C VAL A 96 -11.34 0.73 -2.00
N LEU A 97 -10.55 -0.17 -1.43
CA LEU A 97 -9.08 -0.14 -1.47
C LEU A 97 -8.54 -1.25 -2.39
N GLU A 98 -7.46 -1.01 -3.14
CA GLU A 98 -6.78 -2.03 -3.97
C GLU A 98 -5.25 -1.91 -3.86
N ILE A 99 -4.60 -2.98 -3.39
CA ILE A 99 -3.13 -3.10 -3.34
C ILE A 99 -2.63 -3.92 -4.56
N THR A 100 -1.88 -3.26 -5.46
CA THR A 100 -1.29 -3.88 -6.67
C THR A 100 0.14 -4.39 -6.37
N ASP A 101 0.29 -5.72 -6.38
CA ASP A 101 1.58 -6.41 -6.16
C ASP A 101 1.84 -7.41 -7.32
N PHE A 102 3.12 -7.81 -7.51
CA PHE A 102 3.52 -8.80 -8.53
C PHE A 102 4.09 -10.06 -7.85
N SER A 103 3.44 -11.22 -8.07
CA SER A 103 3.90 -12.53 -7.52
C SER A 103 3.62 -13.67 -8.52
N GLU A 104 4.55 -14.66 -8.57
CA GLU A 104 4.34 -15.94 -9.29
C GLU A 104 3.02 -16.61 -8.84
N ALA A 105 2.30 -17.28 -9.78
CA ALA A 105 0.97 -17.91 -9.52
C ALA A 105 0.94 -18.84 -8.26
N ASP A 106 2.04 -19.57 -8.03
CA ASP A 106 2.19 -20.48 -6.86
C ASP A 106 2.19 -19.73 -5.49
N GLU A 107 2.48 -18.43 -5.53
CA GLU A 107 2.50 -17.54 -4.34
C GLU A 107 1.30 -16.58 -4.35
N ALA A 108 0.84 -16.23 -5.57
CA ALA A 108 -0.25 -15.27 -5.82
C ALA A 108 -1.63 -15.90 -5.51
N ASP A 109 -1.71 -17.23 -5.62
CA ASP A 109 -2.93 -18.02 -5.29
C ASP A 109 -3.21 -17.97 -3.77
N ASP A 110 -2.16 -18.17 -2.96
CA ASP A 110 -2.23 -18.02 -1.49
C ASP A 110 -2.50 -16.55 -1.07
N LEU A 111 -2.05 -15.60 -1.91
CA LEU A 111 -2.39 -14.17 -1.75
C LEU A 111 -3.89 -13.88 -2.03
N LYS A 112 -4.47 -14.60 -3.00
CA LYS A 112 -5.93 -14.52 -3.31
C LYS A 112 -6.80 -14.98 -2.11
N GLU A 113 -6.42 -16.10 -1.46
CA GLU A 113 -7.17 -16.63 -0.30
C GLU A 113 -6.88 -15.80 0.98
N LEU A 114 -5.64 -15.24 1.08
CA LEU A 114 -5.24 -14.34 2.20
C LEU A 114 -6.04 -13.02 2.14
N TRP A 115 -6.37 -12.59 0.92
CA TRP A 115 -7.27 -11.44 0.64
C TRP A 115 -8.61 -11.59 1.43
N ASP A 116 -9.19 -12.80 1.40
CA ASP A 116 -10.45 -13.13 2.11
C ASP A 116 -10.34 -12.89 3.64
N SER A 117 -9.20 -13.28 4.24
CA SER A 117 -9.00 -13.17 5.71
C SER A 117 -8.91 -11.68 6.16
N GLN A 118 -8.31 -10.80 5.32
CA GLN A 118 -8.34 -9.33 5.56
C GLN A 118 -9.77 -8.76 5.38
N VAL A 119 -10.47 -9.16 4.30
CA VAL A 119 -11.85 -8.70 4.00
C VAL A 119 -12.83 -9.08 5.16
N SER A 120 -12.64 -10.28 5.73
CA SER A 120 -13.41 -10.77 6.88
C SER A 120 -13.09 -9.93 8.16
N LYS A 121 -11.79 -9.82 8.49
CA LYS A 121 -11.31 -9.15 9.74
C LYS A 121 -11.56 -7.61 9.75
N LEU A 122 -11.50 -6.97 8.58
CA LEU A 122 -11.80 -5.51 8.43
C LEU A 122 -13.27 -5.22 8.76
N ARG A 123 -14.17 -6.14 8.36
CA ARG A 123 -15.59 -6.09 8.70
C ARG A 123 -15.81 -6.34 10.22
N ARG A 124 -15.03 -7.28 10.80
CA ARG A 124 -15.11 -7.62 12.25
C ARG A 124 -14.70 -6.42 13.14
N THR A 125 -13.48 -5.89 12.92
CA THR A 125 -12.91 -4.79 13.73
C THR A 125 -13.65 -3.45 13.51
N CYS A 126 -14.18 -3.26 12.28
CA CYS A 126 -14.82 -2.00 11.83
C CYS A 126 -13.84 -0.80 11.94
N GLY A 127 -12.97 -0.65 10.93
CA GLY A 127 -11.94 0.41 10.91
C GLY A 127 -10.76 0.07 10.00
N PHE A 128 -9.54 0.07 10.58
CA PHE A 128 -8.28 -0.21 9.85
C PHE A 128 -7.48 -1.32 10.56
N LEU A 129 -7.18 -2.40 9.83
CA LEU A 129 -6.33 -3.52 10.33
C LEU A 129 -5.18 -3.76 9.33
N GLU A 130 -3.95 -3.95 9.86
CA GLU A 130 -2.71 -4.08 9.06
C GLU A 130 -1.67 -4.91 9.88
N HIS A 131 -0.41 -5.01 9.38
CA HIS A 131 0.76 -5.65 10.08
C HIS A 131 0.78 -7.20 9.97
N HIS A 132 -0.41 -7.86 9.93
CA HIS A 132 -0.51 -9.34 9.82
C HIS A 132 -0.06 -9.82 8.41
N HIS A 133 -0.23 -8.96 7.40
CA HIS A 133 0.37 -9.15 6.05
C HIS A 133 1.90 -8.90 6.15
N HIS A 134 2.71 -9.84 5.60
CA HIS A 134 4.19 -9.76 5.61
C HIS A 134 4.67 -8.43 4.95
N HIS A 135 5.31 -7.58 5.76
CA HIS A 135 5.45 -6.12 5.47
C HIS A 135 6.77 -5.74 4.73
N HIS A 136 7.71 -6.69 4.54
CA HIS A 136 9.02 -6.39 3.89
C HIS A 136 9.52 -7.59 3.03
N MET A 1 10.06 -17.57 -13.35
CA MET A 1 8.62 -17.96 -13.31
C MET A 1 7.74 -16.91 -14.03
N LYS A 2 6.60 -17.37 -14.58
CA LYS A 2 5.55 -16.50 -15.13
C LYS A 2 4.78 -15.81 -13.98
N LYS A 3 4.70 -14.46 -14.00
CA LYS A 3 3.95 -13.69 -12.98
C LYS A 3 2.61 -13.17 -13.52
N GLU A 4 1.63 -13.03 -12.61
CA GLU A 4 0.26 -12.64 -12.95
C GLU A 4 -0.17 -11.36 -12.20
N LYS A 5 -0.97 -10.51 -12.88
CA LYS A 5 -1.61 -9.35 -12.26
C LYS A 5 -2.71 -9.82 -11.27
N ILE A 6 -2.66 -9.30 -10.05
CA ILE A 6 -3.63 -9.60 -8.97
C ILE A 6 -4.06 -8.27 -8.28
N HIS A 7 -5.37 -7.95 -8.33
CA HIS A 7 -5.92 -6.81 -7.56
C HIS A 7 -6.49 -7.32 -6.21
N LEU A 8 -5.91 -6.85 -5.10
CA LEU A 8 -6.38 -7.20 -3.75
C LEU A 8 -7.34 -6.08 -3.30
N GLU A 9 -8.64 -6.40 -3.16
CA GLU A 9 -9.71 -5.39 -3.08
C GLU A 9 -10.57 -5.55 -1.80
N TYR A 10 -10.67 -4.49 -1.00
CA TYR A 10 -11.23 -4.54 0.38
C TYR A 10 -12.39 -3.55 0.54
N LEU A 11 -13.39 -3.90 1.36
CA LEU A 11 -14.51 -2.98 1.69
C LEU A 11 -14.40 -2.48 3.15
N LEU A 12 -13.93 -1.24 3.33
CA LEU A 12 -13.78 -0.61 4.66
C LEU A 12 -15.06 0.15 5.09
N ASN A 13 -15.00 0.71 6.31
CA ASN A 13 -16.13 1.37 6.96
C ASN A 13 -16.45 2.78 6.38
N ALA A 14 -17.63 3.30 6.74
CA ALA A 14 -18.14 4.62 6.27
C ALA A 14 -17.26 5.80 6.75
N THR A 15 -17.01 5.88 8.07
CA THR A 15 -16.17 6.94 8.66
C THR A 15 -14.67 6.57 8.56
N SER A 16 -14.15 6.60 7.33
CA SER A 16 -12.70 6.36 7.04
C SER A 16 -12.07 7.62 6.42
N LYS A 17 -10.75 7.57 6.23
CA LYS A 17 -9.95 8.69 5.70
C LYS A 17 -9.04 8.18 4.58
N ASN A 18 -8.84 8.97 3.52
CA ASN A 18 -7.94 8.60 2.41
C ASN A 18 -6.45 8.41 2.87
N ILE A 19 -6.05 9.16 3.92
CA ILE A 19 -4.68 9.11 4.52
C ILE A 19 -4.25 7.68 4.99
N LEU A 20 -5.22 6.74 5.14
CA LEU A 20 -4.96 5.31 5.52
C LEU A 20 -3.73 4.73 4.76
N TRP A 21 -3.83 4.72 3.42
CA TRP A 21 -2.70 4.38 2.54
C TRP A 21 -2.03 5.64 1.96
N SER A 22 -2.80 6.73 1.74
CA SER A 22 -2.24 8.01 1.14
C SER A 22 -1.07 8.61 1.98
N ALA A 23 -0.92 8.14 3.24
CA ALA A 23 0.25 8.44 4.11
C ALA A 23 1.61 8.15 3.40
N ILE A 24 1.61 7.14 2.49
CA ILE A 24 2.81 6.72 1.74
C ILE A 24 3.27 7.75 0.68
N SER A 25 2.42 8.75 0.38
CA SER A 25 2.78 9.86 -0.52
C SER A 25 3.71 10.87 0.18
N THR A 26 3.53 11.00 1.51
CA THR A 26 4.31 11.93 2.36
C THR A 26 5.42 11.21 3.15
N PRO A 27 6.57 11.89 3.42
CA PRO A 27 7.64 11.38 4.34
C PRO A 27 7.10 11.07 5.77
N THR A 28 6.42 12.07 6.38
CA THR A 28 5.82 11.98 7.73
C THR A 28 4.87 10.76 7.91
N GLY A 29 3.95 10.60 6.96
CA GLY A 29 2.99 9.49 6.98
C GLY A 29 3.63 8.11 6.76
N LEU A 30 4.65 8.08 5.89
CA LEU A 30 5.37 6.83 5.51
C LEU A 30 6.18 6.23 6.71
N GLU A 31 7.05 7.07 7.32
CA GLU A 31 7.95 6.64 8.42
C GLU A 31 7.18 6.22 9.70
N ASP A 32 5.88 6.57 9.76
CA ASP A 32 4.99 6.19 10.86
C ASP A 32 4.80 4.64 10.95
N TRP A 33 4.69 3.97 9.79
CA TRP A 33 4.27 2.53 9.73
C TRP A 33 5.02 1.70 8.66
N PHE A 34 6.18 2.19 8.18
CA PHE A 34 6.98 1.47 7.15
C PHE A 34 8.47 1.43 7.52
N ALA A 35 9.16 2.59 7.40
CA ALA A 35 10.60 2.71 7.73
C ALA A 35 10.80 3.27 9.15
N ASP A 36 12.06 3.26 9.62
CA ASP A 36 12.46 3.90 10.90
C ASP A 36 12.28 5.43 10.75
N LYS A 37 12.80 5.94 9.63
CA LYS A 37 12.74 7.36 9.26
C LYS A 37 12.66 7.44 7.71
N VAL A 38 11.83 8.35 7.16
CA VAL A 38 11.73 8.58 5.70
C VAL A 38 12.09 10.05 5.36
N VAL A 39 13.21 10.23 4.65
CA VAL A 39 13.65 11.54 4.14
C VAL A 39 13.20 11.70 2.66
N SER A 40 12.37 12.71 2.38
CA SER A 40 11.91 13.02 1.01
C SER A 40 12.92 13.92 0.26
N ASP A 41 12.88 13.85 -1.07
CA ASP A 41 13.81 14.59 -1.97
C ASP A 41 12.97 15.40 -3.02
N ASP A 42 11.66 15.55 -2.72
CA ASP A 42 10.66 16.28 -3.58
C ASP A 42 10.44 15.61 -4.97
N LYS A 43 10.89 14.34 -5.11
CA LYS A 43 10.81 13.54 -6.35
C LYS A 43 11.23 12.07 -6.06
N THR A 44 12.19 11.91 -5.14
CA THR A 44 12.65 10.60 -4.63
C THR A 44 12.28 10.46 -3.15
N VAL A 45 11.92 9.24 -2.73
CA VAL A 45 11.61 8.91 -1.33
C VAL A 45 12.70 7.98 -0.74
N THR A 46 13.54 8.51 0.14
CA THR A 46 14.63 7.77 0.80
C THR A 46 14.14 7.14 2.12
N PHE A 47 14.07 5.81 2.17
CA PHE A 47 13.66 5.06 3.37
C PHE A 47 14.89 4.75 4.23
N CYS A 48 15.13 5.57 5.25
CA CYS A 48 16.30 5.45 6.12
C CYS A 48 16.08 4.42 7.25
N TRP A 49 16.79 3.28 7.16
CA TRP A 49 16.88 2.27 8.23
C TRP A 49 18.31 2.30 8.84
N GLY A 50 18.49 3.15 9.86
CA GLY A 50 19.76 3.27 10.59
C GLY A 50 20.97 3.65 9.73
N LYS A 51 20.72 4.43 8.63
CA LYS A 51 21.73 4.85 7.61
C LYS A 51 22.20 3.67 6.68
N THR A 52 22.49 2.50 7.26
CA THR A 52 23.10 1.35 6.54
C THR A 52 22.15 0.72 5.49
N GLU A 53 20.92 0.37 5.90
CA GLU A 53 19.96 -0.39 5.07
C GLU A 53 19.02 0.52 4.24
N GLN A 54 19.41 1.79 4.03
CA GLN A 54 18.50 2.80 3.44
C GLN A 54 18.36 2.63 1.90
N ARG A 55 17.12 2.72 1.41
CA ARG A 55 16.78 2.62 -0.02
C ARG A 55 16.25 3.95 -0.53
N GLN A 56 16.11 4.05 -1.85
CA GLN A 56 15.55 5.25 -2.52
C GLN A 56 14.60 4.81 -3.65
N ALA A 57 13.38 5.39 -3.69
CA ALA A 57 12.38 5.08 -4.73
C ALA A 57 11.72 6.35 -5.28
N GLY A 58 11.89 6.60 -6.59
CA GLY A 58 11.23 7.71 -7.28
C GLY A 58 9.78 7.38 -7.64
N ILE A 59 8.91 8.40 -7.65
CA ILE A 59 7.47 8.24 -7.97
C ILE A 59 7.29 8.08 -9.50
N VAL A 60 6.54 7.04 -9.91
CA VAL A 60 6.23 6.80 -11.34
C VAL A 60 4.98 7.62 -11.75
N ALA A 61 3.92 7.52 -10.93
CA ALA A 61 2.64 8.22 -11.17
C ALA A 61 1.81 8.28 -9.87
N ILE A 62 1.08 9.40 -9.68
CA ILE A 62 0.28 9.67 -8.46
C ILE A 62 -0.80 10.74 -8.73
N ARG A 63 -1.93 10.67 -7.99
CA ARG A 63 -2.96 11.73 -8.00
C ARG A 63 -3.78 11.68 -6.68
N ALA A 64 -3.45 12.62 -5.74
CA ALA A 64 -4.12 12.79 -4.43
C ALA A 64 -4.21 11.47 -3.59
N TYR A 65 -5.22 10.63 -3.90
CA TYR A 65 -5.47 9.32 -3.25
C TYR A 65 -6.05 8.30 -4.27
N SER A 66 -6.37 8.81 -5.48
CA SER A 66 -7.03 8.05 -6.57
C SER A 66 -6.13 6.94 -7.17
N PHE A 67 -4.81 7.04 -6.92
CA PHE A 67 -3.77 6.06 -7.37
C PHE A 67 -2.37 6.58 -6.99
N ILE A 68 -1.47 5.66 -6.57
CA ILE A 68 -0.06 5.97 -6.27
C ILE A 68 0.85 4.73 -6.51
N ARG A 69 2.03 4.94 -7.14
CA ARG A 69 3.03 3.88 -7.37
C ARG A 69 4.48 4.44 -7.41
N PHE A 70 5.41 3.64 -6.87
CA PHE A 70 6.86 3.94 -6.81
C PHE A 70 7.67 2.92 -7.64
N HIS A 71 8.95 3.24 -7.84
CA HIS A 71 9.96 2.34 -8.43
C HIS A 71 11.35 2.78 -7.92
N TRP A 72 12.20 1.83 -7.53
CA TRP A 72 13.50 2.13 -6.88
C TRP A 72 14.51 2.78 -7.87
N LEU A 73 15.41 3.59 -7.33
CA LEU A 73 16.55 4.16 -8.09
C LEU A 73 17.76 3.21 -8.04
N ASP A 74 17.81 2.39 -6.97
CA ASP A 74 18.76 1.28 -6.82
C ASP A 74 18.27 -0.01 -7.56
N ASP A 75 17.12 0.11 -8.24
CA ASP A 75 16.51 -0.98 -9.02
C ASP A 75 17.35 -1.29 -10.28
N GLU A 76 17.95 -2.48 -10.32
CA GLU A 76 18.79 -2.94 -11.44
C GLU A 76 18.27 -4.29 -12.01
N ASN A 77 17.22 -4.86 -11.38
CA ASN A 77 16.75 -6.23 -11.72
C ASN A 77 15.20 -6.29 -11.79
N GLU A 78 14.69 -7.20 -12.67
CA GLU A 78 13.24 -7.50 -12.83
C GLU A 78 12.38 -6.30 -13.30
N ARG A 79 11.05 -6.51 -13.37
CA ARG A 79 10.06 -5.44 -13.66
C ARG A 79 9.09 -5.27 -12.48
N ASP A 80 8.09 -6.17 -12.39
CA ASP A 80 6.98 -6.11 -11.39
C ASP A 80 6.19 -4.77 -11.43
N TYR A 81 5.10 -4.68 -10.64
CA TYR A 81 4.29 -3.45 -10.56
C TYR A 81 3.35 -3.51 -9.34
N PHE A 82 3.58 -2.62 -8.36
CA PHE A 82 2.80 -2.53 -7.12
C PHE A 82 2.27 -1.08 -6.97
N GLU A 83 0.93 -0.93 -6.94
CA GLU A 83 0.26 0.37 -6.72
C GLU A 83 -0.93 0.22 -5.76
N ILE A 84 -1.33 1.35 -5.14
CA ILE A 84 -2.46 1.40 -4.19
C ILE A 84 -3.46 2.50 -4.64
N LYS A 85 -4.74 2.11 -4.70
CA LYS A 85 -5.88 2.97 -5.05
C LYS A 85 -7.00 2.81 -3.99
N MET A 86 -7.86 3.82 -3.84
CA MET A 86 -9.06 3.76 -2.99
C MET A 86 -10.23 4.52 -3.67
N SER A 87 -11.39 3.88 -3.71
CA SER A 87 -12.62 4.45 -4.31
C SER A 87 -13.57 4.90 -3.20
N TYR A 88 -14.11 6.12 -3.30
CA TYR A 88 -14.99 6.70 -2.28
C TYR A 88 -16.48 6.54 -2.70
N ASN A 89 -17.25 5.75 -1.91
CA ASN A 89 -18.71 5.64 -2.10
C ASN A 89 -19.40 6.89 -1.51
N GLU A 90 -19.80 7.83 -2.39
CA GLU A 90 -20.36 9.15 -2.02
C GLU A 90 -21.61 9.05 -1.09
N LEU A 91 -22.40 7.98 -1.27
CA LEU A 91 -23.72 7.81 -0.64
C LEU A 91 -23.66 7.15 0.77
N THR A 92 -22.47 6.63 1.17
CA THR A 92 -22.28 5.98 2.49
C THR A 92 -20.97 6.40 3.19
N GLY A 93 -19.87 6.45 2.43
CA GLY A 93 -18.55 6.86 2.96
C GLY A 93 -17.47 5.77 2.86
N ASP A 94 -17.93 4.51 2.70
CA ASP A 94 -17.04 3.31 2.58
C ASP A 94 -15.97 3.48 1.49
N TYR A 95 -14.76 2.94 1.73
CA TYR A 95 -13.68 2.92 0.71
C TYR A 95 -13.53 1.50 0.10
N VAL A 96 -13.56 1.43 -1.24
CA VAL A 96 -13.19 0.22 -2.01
C VAL A 96 -11.67 0.29 -2.27
N LEU A 97 -10.92 -0.45 -1.47
CA LEU A 97 -9.46 -0.33 -1.39
C LEU A 97 -8.79 -1.33 -2.34
N GLU A 98 -8.25 -0.80 -3.45
CA GLU A 98 -7.80 -1.59 -4.62
C GLU A 98 -6.26 -1.52 -4.76
N ILE A 99 -5.57 -2.61 -4.38
CA ILE A 99 -4.11 -2.71 -4.53
C ILE A 99 -3.80 -3.55 -5.80
N THR A 100 -3.20 -2.93 -6.84
CA THR A 100 -2.81 -3.64 -8.07
C THR A 100 -1.34 -4.08 -7.98
N ASP A 101 -1.15 -5.37 -7.68
CA ASP A 101 0.18 -5.98 -7.49
C ASP A 101 0.43 -7.05 -8.57
N PHE A 102 1.71 -7.38 -8.81
CA PHE A 102 2.13 -8.46 -9.74
C PHE A 102 2.90 -9.54 -8.95
N SER A 103 2.37 -10.79 -8.99
CA SER A 103 3.00 -11.95 -8.33
C SER A 103 2.69 -13.25 -9.09
N GLU A 104 3.72 -14.10 -9.22
CA GLU A 104 3.62 -15.47 -9.76
C GLU A 104 2.68 -16.35 -8.89
N ALA A 105 2.04 -17.37 -9.50
CA ALA A 105 1.03 -18.25 -8.83
C ALA A 105 1.49 -18.83 -7.46
N ASP A 106 2.78 -19.17 -7.36
CA ASP A 106 3.40 -19.71 -6.12
C ASP A 106 3.33 -18.72 -4.93
N GLU A 107 3.45 -17.42 -5.22
CA GLU A 107 3.50 -16.35 -4.19
C GLU A 107 2.16 -15.58 -4.10
N ALA A 108 1.42 -15.55 -5.21
CA ALA A 108 0.13 -14.82 -5.33
C ALA A 108 -1.00 -15.53 -4.59
N ASP A 109 -0.88 -16.87 -4.46
CA ASP A 109 -1.83 -17.72 -3.71
C ASP A 109 -1.86 -17.31 -2.20
N ASP A 110 -0.70 -16.84 -1.70
CA ASP A 110 -0.55 -16.27 -0.34
C ASP A 110 -1.30 -14.93 -0.22
N LEU A 111 -1.19 -14.10 -1.29
CA LEU A 111 -1.92 -12.79 -1.40
C LEU A 111 -3.45 -13.00 -1.42
N LYS A 112 -3.91 -14.10 -2.04
CA LYS A 112 -5.36 -14.47 -2.09
C LYS A 112 -5.94 -14.76 -0.67
N GLU A 113 -5.19 -15.53 0.13
CA GLU A 113 -5.57 -15.83 1.53
C GLU A 113 -5.42 -14.60 2.45
N LEU A 114 -4.37 -13.80 2.18
CA LEU A 114 -4.13 -12.51 2.89
C LEU A 114 -5.31 -11.53 2.63
N TRP A 115 -5.80 -11.53 1.38
CA TRP A 115 -6.98 -10.76 0.95
C TRP A 115 -8.22 -11.11 1.81
N ASP A 116 -8.58 -12.41 1.82
CA ASP A 116 -9.77 -12.91 2.54
C ASP A 116 -9.63 -12.73 4.07
N SER A 117 -8.39 -12.83 4.58
CA SER A 117 -8.06 -12.55 6.00
C SER A 117 -8.42 -11.10 6.38
N GLN A 118 -7.93 -10.12 5.59
CA GLN A 118 -8.15 -8.67 5.85
C GLN A 118 -9.65 -8.29 5.71
N VAL A 119 -10.35 -8.89 4.74
CA VAL A 119 -11.81 -8.68 4.56
C VAL A 119 -12.59 -9.22 5.79
N SER A 120 -12.23 -10.45 6.24
CA SER A 120 -12.82 -11.09 7.45
C SER A 120 -12.58 -10.24 8.72
N LYS A 121 -11.40 -9.59 8.78
CA LYS A 121 -11.02 -8.69 9.89
C LYS A 121 -11.90 -7.42 9.90
N LEU A 122 -12.14 -6.84 8.71
CA LEU A 122 -13.04 -5.65 8.55
C LEU A 122 -14.49 -5.96 8.97
N ARG A 123 -14.92 -7.22 8.72
CA ARG A 123 -16.24 -7.73 9.15
C ARG A 123 -16.35 -7.79 10.69
N ARG A 124 -15.42 -8.52 11.33
CA ARG A 124 -15.49 -8.79 12.80
C ARG A 124 -15.14 -7.55 13.66
N THR A 125 -14.32 -6.62 13.13
CA THR A 125 -13.96 -5.37 13.87
C THR A 125 -15.01 -4.27 13.66
N CYS A 126 -15.81 -4.41 12.56
CA CYS A 126 -16.91 -3.48 12.15
C CYS A 126 -16.40 -2.15 11.53
N GLY A 127 -15.16 -1.73 11.88
CA GLY A 127 -14.57 -0.47 11.39
C GLY A 127 -13.05 -0.47 11.44
N PHE A 128 -12.48 0.24 12.44
CA PHE A 128 -11.02 0.40 12.60
C PHE A 128 -10.39 -0.86 13.24
N LEU A 129 -9.46 -1.51 12.53
CA LEU A 129 -8.71 -2.69 13.03
C LEU A 129 -7.71 -2.28 14.17
N GLU A 130 -7.17 -3.30 14.89
CA GLU A 130 -6.30 -3.13 16.09
C GLU A 130 -5.17 -2.06 15.93
N HIS A 131 -5.15 -1.07 16.86
CA HIS A 131 -4.03 -0.14 17.05
C HIS A 131 -3.05 -0.73 18.10
N HIS A 132 -1.72 -0.50 17.90
CA HIS A 132 -0.63 -1.13 18.70
C HIS A 132 -0.59 -2.68 18.51
N HIS A 133 0.57 -3.31 18.80
CA HIS A 133 0.79 -4.79 18.70
C HIS A 133 0.88 -5.30 17.21
N HIS A 134 -0.07 -4.90 16.36
CA HIS A 134 -0.08 -5.17 14.89
C HIS A 134 1.07 -4.40 14.15
N HIS A 135 2.33 -4.82 14.40
CA HIS A 135 3.55 -4.24 13.78
C HIS A 135 4.69 -5.29 13.83
N HIS A 136 4.98 -5.93 12.68
CA HIS A 136 6.05 -6.96 12.57
C HIS A 136 6.98 -6.67 11.38
N MET A 1 4.87 -16.87 -16.96
CA MET A 1 5.70 -17.78 -16.11
C MET A 1 6.41 -17.02 -14.97
N LYS A 2 6.81 -15.75 -15.24
CA LYS A 2 7.51 -14.90 -14.24
C LYS A 2 6.52 -13.89 -13.62
N LYS A 3 6.03 -14.20 -12.41
CA LYS A 3 5.11 -13.32 -11.63
C LYS A 3 3.70 -13.16 -12.26
N GLU A 4 2.68 -13.13 -11.39
CA GLU A 4 1.29 -12.81 -11.77
C GLU A 4 0.93 -11.42 -11.18
N LYS A 5 0.47 -10.49 -12.03
CA LYS A 5 -0.06 -9.20 -11.54
C LYS A 5 -1.44 -9.45 -10.89
N ILE A 6 -1.61 -8.96 -9.65
CA ILE A 6 -2.79 -9.22 -8.80
C ILE A 6 -3.32 -7.87 -8.22
N HIS A 7 -4.59 -7.53 -8.49
CA HIS A 7 -5.24 -6.33 -7.90
C HIS A 7 -6.21 -6.75 -6.76
N LEU A 8 -5.81 -6.44 -5.51
CA LEU A 8 -6.51 -6.90 -4.30
C LEU A 8 -7.42 -5.78 -3.75
N GLU A 9 -8.71 -6.07 -3.57
CA GLU A 9 -9.72 -5.09 -3.09
C GLU A 9 -10.15 -5.40 -1.63
N TYR A 10 -10.34 -4.33 -0.83
CA TYR A 10 -10.72 -4.40 0.59
C TYR A 10 -11.86 -3.41 0.87
N LEU A 11 -12.69 -3.71 1.87
CA LEU A 11 -13.61 -2.71 2.45
C LEU A 11 -13.00 -2.18 3.78
N LEU A 12 -12.87 -0.85 3.90
CA LEU A 12 -12.28 -0.21 5.09
C LEU A 12 -13.00 1.12 5.37
N ASN A 13 -13.56 1.26 6.57
CA ASN A 13 -14.33 2.46 6.99
C ASN A 13 -13.44 3.74 7.06
N ALA A 14 -14.08 4.92 6.98
CA ALA A 14 -13.39 6.24 6.94
C ALA A 14 -13.00 6.75 8.36
N THR A 15 -12.41 5.86 9.19
CA THR A 15 -11.94 6.20 10.55
C THR A 15 -10.80 7.25 10.48
N SER A 16 -9.70 6.87 9.81
CA SER A 16 -8.53 7.75 9.60
C SER A 16 -8.55 8.37 8.18
N LYS A 17 -9.76 8.36 7.54
CA LYS A 17 -10.01 9.01 6.21
C LYS A 17 -9.11 8.41 5.09
N ASN A 18 -8.86 9.20 4.02
CA ASN A 18 -7.87 8.85 2.95
C ASN A 18 -6.43 8.65 3.49
N ILE A 19 -6.12 9.33 4.62
CA ILE A 19 -4.76 9.38 5.25
C ILE A 19 -4.15 7.95 5.50
N LEU A 20 -5.04 6.92 5.56
CA LEU A 20 -4.66 5.48 5.74
C LEU A 20 -3.42 5.10 4.89
N TRP A 21 -3.58 5.20 3.57
CA TRP A 21 -2.47 5.01 2.60
C TRP A 21 -1.92 6.34 2.05
N SER A 22 -2.70 7.44 2.11
CA SER A 22 -2.27 8.78 1.61
C SER A 22 -0.98 9.30 2.32
N ALA A 23 -0.67 8.71 3.49
CA ALA A 23 0.56 8.97 4.26
C ALA A 23 1.86 8.71 3.43
N ILE A 24 1.81 7.72 2.49
CA ILE A 24 2.99 7.32 1.67
C ILE A 24 3.40 8.40 0.64
N SER A 25 2.50 9.36 0.37
CA SER A 25 2.78 10.52 -0.51
C SER A 25 3.80 11.49 0.14
N THR A 26 3.82 11.53 1.50
CA THR A 26 4.73 12.43 2.27
C THR A 26 5.85 11.63 2.98
N PRO A 27 7.08 12.22 3.12
CA PRO A 27 8.20 11.65 3.92
C PRO A 27 7.81 11.24 5.37
N THR A 28 7.35 12.22 6.18
CA THR A 28 6.93 11.99 7.59
C THR A 28 5.76 10.98 7.72
N GLY A 29 4.78 11.06 6.79
CA GLY A 29 3.65 10.13 6.81
C GLY A 29 4.06 8.68 6.49
N LEU A 30 5.05 8.53 5.61
CA LEU A 30 5.60 7.21 5.21
C LEU A 30 6.28 6.50 6.43
N GLU A 31 7.30 7.15 7.03
CA GLU A 31 8.05 6.57 8.18
C GLU A 31 7.21 6.45 9.47
N ASP A 32 6.02 7.07 9.47
CA ASP A 32 5.03 6.92 10.56
C ASP A 32 4.66 5.43 10.82
N TRP A 33 4.55 4.63 9.73
CA TRP A 33 4.07 3.22 9.80
C TRP A 33 4.86 2.25 8.88
N PHE A 34 5.97 2.72 8.28
CA PHE A 34 6.77 1.91 7.32
C PHE A 34 8.19 1.59 7.86
N ALA A 35 9.09 2.61 7.85
CA ALA A 35 10.52 2.43 8.21
C ALA A 35 10.96 3.38 9.34
N ASP A 36 12.23 3.22 9.78
CA ASP A 36 12.85 4.05 10.84
C ASP A 36 12.86 5.55 10.49
N LYS A 37 13.33 5.85 9.26
CA LYS A 37 13.49 7.23 8.77
C LYS A 37 13.24 7.28 7.24
N VAL A 38 12.71 8.42 6.75
CA VAL A 38 12.53 8.68 5.30
C VAL A 38 13.12 10.06 4.92
N VAL A 39 14.18 10.06 4.10
CA VAL A 39 14.74 11.27 3.47
C VAL A 39 14.19 11.37 2.03
N SER A 40 13.39 12.41 1.75
CA SER A 40 12.71 12.58 0.43
C SER A 40 13.35 13.72 -0.37
N ASP A 41 13.75 13.42 -1.62
CA ASP A 41 14.23 14.43 -2.58
C ASP A 41 13.02 15.25 -3.11
N ASP A 42 12.17 14.59 -3.92
CA ASP A 42 10.92 15.14 -4.49
C ASP A 42 10.26 14.07 -5.39
N LYS A 43 10.94 13.79 -6.53
CA LYS A 43 10.52 12.72 -7.48
C LYS A 43 10.99 11.33 -6.97
N THR A 44 12.05 11.32 -6.13
CA THR A 44 12.60 10.10 -5.51
C THR A 44 12.51 10.20 -3.96
N VAL A 45 12.08 9.09 -3.33
CA VAL A 45 11.94 8.96 -1.86
C VAL A 45 12.93 7.89 -1.32
N THR A 46 13.89 8.30 -0.48
CA THR A 46 14.93 7.39 0.08
C THR A 46 14.56 7.00 1.53
N PHE A 47 14.40 5.70 1.77
CA PHE A 47 14.22 5.12 3.11
C PHE A 47 15.59 4.91 3.77
N CYS A 48 15.65 5.06 5.10
CA CYS A 48 16.91 4.93 5.89
C CYS A 48 16.67 4.10 7.17
N TRP A 49 17.26 2.90 7.22
CA TRP A 49 17.20 1.99 8.39
C TRP A 49 18.51 2.07 9.22
N GLY A 50 19.65 2.31 8.53
CA GLY A 50 20.97 2.33 9.18
C GLY A 50 22.02 3.17 8.44
N LYS A 51 23.31 2.84 8.66
CA LYS A 51 24.47 3.60 8.10
C LYS A 51 24.45 3.59 6.54
N THR A 52 24.64 2.41 5.93
CA THR A 52 24.56 2.20 4.46
C THR A 52 23.21 1.56 4.06
N GLU A 53 22.36 1.28 5.06
CA GLU A 53 21.08 0.57 4.87
C GLU A 53 20.00 1.55 4.37
N GLN A 54 19.89 1.68 3.03
CA GLN A 54 18.98 2.64 2.38
C GLN A 54 18.55 2.18 0.96
N ARG A 55 17.24 2.35 0.65
CA ARG A 55 16.67 2.09 -0.70
C ARG A 55 15.85 3.31 -1.17
N GLN A 56 15.94 3.60 -2.47
CA GLN A 56 15.22 4.74 -3.09
C GLN A 56 14.01 4.25 -3.91
N ALA A 57 12.95 5.11 -4.00
CA ALA A 57 11.71 4.78 -4.76
C ALA A 57 11.12 6.05 -5.44
N GLY A 58 11.08 6.03 -6.78
CA GLY A 58 10.53 7.15 -7.56
C GLY A 58 9.03 7.01 -7.82
N ILE A 59 8.29 8.13 -7.74
CA ILE A 59 6.84 8.17 -8.02
C ILE A 59 6.60 7.97 -9.54
N VAL A 60 5.76 6.99 -9.91
CA VAL A 60 5.44 6.70 -11.33
C VAL A 60 4.28 7.61 -11.81
N ALA A 61 3.24 7.75 -10.95
CA ALA A 61 2.08 8.65 -11.17
C ALA A 61 1.26 8.79 -9.87
N ILE A 62 0.46 9.88 -9.76
CA ILE A 62 -0.42 10.14 -8.60
C ILE A 62 -1.57 11.12 -8.97
N ARG A 63 -2.72 10.99 -8.31
CA ARG A 63 -3.86 11.93 -8.44
C ARG A 63 -4.58 12.08 -7.08
N ALA A 64 -4.28 13.19 -6.37
CA ALA A 64 -4.82 13.53 -5.02
C ALA A 64 -4.75 12.34 -4.01
N TYR A 65 -5.80 11.48 -4.01
CA TYR A 65 -5.85 10.25 -3.18
C TYR A 65 -6.40 9.06 -4.03
N SER A 66 -6.97 9.39 -5.23
CA SER A 66 -7.67 8.43 -6.11
C SER A 66 -6.77 7.24 -6.48
N PHE A 67 -5.50 7.54 -6.75
CA PHE A 67 -4.43 6.53 -6.96
C PHE A 67 -3.03 7.13 -6.75
N ILE A 68 -2.06 6.25 -6.44
CA ILE A 68 -0.64 6.61 -6.28
C ILE A 68 0.26 5.40 -6.64
N ARG A 69 1.40 5.65 -7.30
CA ARG A 69 2.32 4.57 -7.77
C ARG A 69 3.77 4.88 -7.38
N PHE A 70 4.53 3.83 -7.05
CA PHE A 70 6.01 3.91 -6.81
C PHE A 70 6.75 2.80 -7.58
N HIS A 71 8.03 3.06 -7.86
CA HIS A 71 8.98 2.11 -8.46
C HIS A 71 10.35 2.30 -7.79
N TRP A 72 10.85 1.25 -7.10
CA TRP A 72 12.17 1.31 -6.44
C TRP A 72 13.31 1.49 -7.48
N LEU A 73 14.16 2.53 -7.26
CA LEU A 73 15.44 2.69 -7.99
C LEU A 73 16.36 1.50 -7.64
N ASP A 74 16.40 1.18 -6.34
CA ASP A 74 16.98 -0.07 -5.83
C ASP A 74 15.89 -1.18 -5.85
N ASP A 75 15.44 -1.54 -7.07
CA ASP A 75 14.38 -2.55 -7.29
C ASP A 75 14.87 -3.96 -6.88
N GLU A 76 14.01 -4.71 -6.15
CA GLU A 76 14.41 -5.97 -5.49
C GLU A 76 13.94 -7.22 -6.26
N ASN A 77 12.70 -7.22 -6.79
CA ASN A 77 12.16 -8.37 -7.57
C ASN A 77 12.80 -8.40 -8.98
N GLU A 78 12.33 -7.50 -9.86
CA GLU A 78 12.81 -7.37 -11.27
C GLU A 78 12.05 -6.25 -11.99
N ARG A 79 10.73 -6.19 -11.74
CA ARG A 79 9.79 -5.28 -12.45
C ARG A 79 8.92 -4.52 -11.42
N ASP A 80 9.61 -3.94 -10.41
CA ASP A 80 9.01 -3.42 -9.16
C ASP A 80 8.04 -2.23 -9.36
N TYR A 81 6.79 -2.54 -9.70
CA TYR A 81 5.68 -1.57 -9.81
C TYR A 81 4.56 -1.99 -8.84
N PHE A 82 4.25 -1.10 -7.88
CA PHE A 82 3.13 -1.31 -6.93
C PHE A 82 2.26 -0.04 -6.85
N GLU A 83 0.98 -0.20 -7.20
CA GLU A 83 -0.02 0.87 -7.17
C GLU A 83 -0.99 0.69 -5.99
N ILE A 84 -1.32 1.80 -5.31
CA ILE A 84 -2.33 1.83 -4.24
C ILE A 84 -3.40 2.87 -4.60
N LYS A 85 -4.67 2.47 -4.66
CA LYS A 85 -5.78 3.40 -4.91
C LYS A 85 -6.86 3.27 -3.81
N MET A 86 -7.65 4.34 -3.62
CA MET A 86 -8.82 4.34 -2.71
C MET A 86 -9.94 5.22 -3.28
N SER A 87 -11.15 4.64 -3.35
CA SER A 87 -12.37 5.34 -3.79
C SER A 87 -13.32 5.50 -2.60
N TYR A 88 -13.83 6.72 -2.36
CA TYR A 88 -14.69 6.99 -1.19
C TYR A 88 -16.17 6.82 -1.58
N ASN A 89 -16.91 6.07 -0.76
CA ASN A 89 -18.29 5.63 -1.07
C ASN A 89 -19.35 6.74 -0.83
N GLU A 90 -18.96 7.82 -0.09
CA GLU A 90 -19.83 8.98 0.25
C GLU A 90 -20.98 8.62 1.24
N LEU A 91 -21.94 7.81 0.78
CA LEU A 91 -23.20 7.50 1.50
C LEU A 91 -22.97 6.61 2.73
N THR A 92 -22.20 5.51 2.55
CA THR A 92 -22.00 4.49 3.61
C THR A 92 -20.76 4.79 4.49
N GLY A 93 -19.90 5.72 4.03
CA GLY A 93 -18.70 6.12 4.79
C GLY A 93 -17.55 5.11 4.77
N ASP A 94 -17.46 4.31 3.70
CA ASP A 94 -16.36 3.33 3.51
C ASP A 94 -15.44 3.73 2.33
N TYR A 95 -14.36 2.96 2.16
CA TYR A 95 -13.41 3.08 1.03
C TYR A 95 -13.29 1.73 0.29
N VAL A 96 -13.43 1.77 -1.05
CA VAL A 96 -13.02 0.65 -1.91
C VAL A 96 -11.49 0.74 -2.10
N LEU A 97 -10.76 -0.05 -1.32
CA LEU A 97 -9.29 -0.01 -1.24
C LEU A 97 -8.68 -1.08 -2.16
N GLU A 98 -8.00 -0.67 -3.22
CA GLU A 98 -7.54 -1.61 -4.27
C GLU A 98 -6.04 -1.38 -4.55
N ILE A 99 -5.21 -2.37 -4.16
CA ILE A 99 -3.75 -2.34 -4.36
C ILE A 99 -3.35 -3.30 -5.53
N THR A 100 -2.74 -2.74 -6.60
CA THR A 100 -2.18 -3.54 -7.70
C THR A 100 -0.70 -3.88 -7.43
N ASP A 101 -0.47 -5.12 -6.97
CA ASP A 101 0.87 -5.71 -6.74
C ASP A 101 1.18 -6.75 -7.85
N PHE A 102 2.41 -7.29 -7.88
CA PHE A 102 2.76 -8.44 -8.74
C PHE A 102 3.50 -9.51 -7.89
N SER A 103 2.93 -10.72 -7.84
CA SER A 103 3.54 -11.88 -7.16
C SER A 103 3.24 -13.17 -7.93
N GLU A 104 4.28 -13.99 -8.10
CA GLU A 104 4.18 -15.32 -8.72
C GLU A 104 3.32 -16.26 -7.85
N ALA A 105 2.63 -17.23 -8.48
CA ALA A 105 1.65 -18.16 -7.82
C ALA A 105 2.16 -18.79 -6.49
N ASP A 106 3.47 -18.99 -6.39
CA ASP A 106 4.16 -19.59 -5.22
C ASP A 106 4.01 -18.73 -3.94
N GLU A 107 3.91 -17.40 -4.12
CA GLU A 107 3.71 -16.41 -3.02
C GLU A 107 2.29 -15.79 -3.10
N ALA A 108 1.76 -15.70 -4.33
CA ALA A 108 0.48 -14.99 -4.62
C ALA A 108 -0.73 -15.73 -4.07
N ASP A 109 -0.72 -17.08 -4.11
CA ASP A 109 -1.81 -17.91 -3.54
C ASP A 109 -1.93 -17.70 -2.01
N ASP A 110 -0.78 -17.52 -1.34
CA ASP A 110 -0.72 -17.23 0.12
C ASP A 110 -1.21 -15.79 0.42
N LEU A 111 -0.80 -14.82 -0.43
CA LEU A 111 -1.24 -13.41 -0.34
C LEU A 111 -2.78 -13.26 -0.52
N LYS A 112 -3.31 -13.91 -1.57
CA LYS A 112 -4.76 -13.92 -1.87
C LYS A 112 -5.56 -14.59 -0.74
N GLU A 113 -5.09 -15.78 -0.31
CA GLU A 113 -5.75 -16.56 0.75
C GLU A 113 -5.76 -15.78 2.09
N LEU A 114 -4.67 -15.04 2.36
CA LEU A 114 -4.54 -14.17 3.55
C LEU A 114 -5.58 -13.03 3.52
N TRP A 115 -5.59 -12.25 2.43
CA TRP A 115 -6.42 -11.02 2.30
C TRP A 115 -7.92 -11.32 2.06
N ASP A 116 -8.23 -12.50 1.50
CA ASP A 116 -9.61 -13.02 1.42
C ASP A 116 -10.13 -13.45 2.82
N SER A 117 -9.24 -14.02 3.64
CA SER A 117 -9.53 -14.31 5.07
C SER A 117 -9.70 -13.00 5.88
N GLN A 118 -8.93 -11.94 5.50
CA GLN A 118 -8.97 -10.63 6.18
C GLN A 118 -10.24 -9.82 5.84
N VAL A 119 -10.65 -9.81 4.55
CA VAL A 119 -11.83 -9.04 4.10
C VAL A 119 -13.14 -9.68 4.63
N SER A 120 -13.12 -11.03 4.77
CA SER A 120 -14.19 -11.79 5.47
C SER A 120 -14.36 -11.33 6.94
N LYS A 121 -13.23 -11.03 7.62
CA LYS A 121 -13.23 -10.47 8.98
C LYS A 121 -13.77 -9.02 8.98
N LEU A 122 -13.23 -8.16 8.10
CA LEU A 122 -13.60 -6.72 8.02
C LEU A 122 -15.11 -6.52 7.73
N ARG A 123 -15.70 -7.44 6.92
CA ARG A 123 -17.13 -7.43 6.56
C ARG A 123 -18.04 -7.61 7.80
N ARG A 124 -17.70 -8.60 8.66
CA ARG A 124 -18.47 -8.88 9.91
C ARG A 124 -18.08 -7.90 11.05
N THR A 125 -16.85 -7.36 10.99
CA THR A 125 -16.32 -6.38 11.96
C THR A 125 -16.95 -4.98 11.73
N CYS A 126 -17.25 -4.68 10.44
CA CYS A 126 -17.74 -3.36 9.97
C CYS A 126 -16.74 -2.22 10.26
N GLY A 127 -15.45 -2.59 10.36
CA GLY A 127 -14.39 -1.64 10.73
C GLY A 127 -12.99 -2.12 10.36
N PHE A 128 -11.98 -1.37 10.84
CA PHE A 128 -10.54 -1.64 10.56
C PHE A 128 -9.98 -2.77 11.47
N LEU A 129 -8.98 -3.51 10.95
CA LEU A 129 -8.25 -4.57 11.70
C LEU A 129 -6.96 -4.97 10.94
N GLU A 130 -5.83 -4.34 11.30
CA GLU A 130 -4.50 -4.55 10.65
C GLU A 130 -3.36 -4.20 11.65
N HIS A 131 -2.33 -5.08 11.74
CA HIS A 131 -1.29 -5.01 12.82
C HIS A 131 0.15 -4.75 12.30
N HIS A 132 0.30 -4.60 10.96
CA HIS A 132 1.61 -4.38 10.27
C HIS A 132 2.59 -5.59 10.45
N HIS A 133 3.86 -5.41 9.97
CA HIS A 133 4.96 -6.42 10.07
C HIS A 133 4.82 -7.59 9.05
N HIS A 134 3.63 -7.73 8.42
CA HIS A 134 3.34 -8.81 7.45
C HIS A 134 3.68 -8.36 6.01
N HIS A 135 4.46 -9.16 5.27
CA HIS A 135 4.96 -8.79 3.91
C HIS A 135 4.75 -9.92 2.87
N HIS A 136 5.49 -11.05 3.06
CA HIS A 136 5.62 -12.15 2.05
C HIS A 136 6.27 -11.65 0.74
N MET A 1 6.46 -20.07 -14.35
CA MET A 1 7.03 -19.50 -15.60
C MET A 1 6.48 -18.08 -15.85
N LYS A 2 5.18 -17.99 -16.20
CA LYS A 2 4.50 -16.71 -16.48
C LYS A 2 3.94 -16.10 -15.18
N LYS A 3 4.35 -14.86 -14.87
CA LYS A 3 3.95 -14.15 -13.62
C LYS A 3 2.47 -13.71 -13.70
N GLU A 4 1.79 -13.77 -12.56
CA GLU A 4 0.37 -13.37 -12.46
C GLU A 4 0.22 -11.99 -11.77
N LYS A 5 -0.14 -10.98 -12.56
CA LYS A 5 -0.48 -9.64 -12.05
C LYS A 5 -1.90 -9.69 -11.43
N ILE A 6 -2.07 -9.06 -10.27
CA ILE A 6 -3.30 -9.18 -9.43
C ILE A 6 -3.78 -7.81 -8.93
N HIS A 7 -5.01 -7.81 -8.36
CA HIS A 7 -5.66 -6.61 -7.81
C HIS A 7 -6.45 -7.01 -6.51
N LEU A 8 -5.98 -6.54 -5.35
CA LEU A 8 -6.61 -6.86 -4.05
C LEU A 8 -7.54 -5.69 -3.63
N GLU A 9 -8.85 -5.98 -3.57
CA GLU A 9 -9.90 -4.99 -3.25
C GLU A 9 -10.36 -5.20 -1.79
N TYR A 10 -10.16 -4.17 -0.94
CA TYR A 10 -10.44 -4.23 0.52
C TYR A 10 -11.60 -3.29 0.93
N LEU A 11 -12.46 -3.75 1.88
CA LEU A 11 -13.53 -2.89 2.47
C LEU A 11 -13.01 -2.14 3.73
N LEU A 12 -12.77 -0.82 3.59
CA LEU A 12 -12.26 0.03 4.71
C LEU A 12 -13.30 1.07 5.17
N ASN A 13 -13.23 1.41 6.47
CA ASN A 13 -14.08 2.44 7.11
C ASN A 13 -13.57 3.87 6.75
N ALA A 14 -14.52 4.82 6.59
CA ALA A 14 -14.24 6.24 6.23
C ALA A 14 -13.81 7.11 7.45
N THR A 15 -13.23 6.48 8.48
CA THR A 15 -12.64 7.19 9.63
C THR A 15 -11.35 7.98 9.22
N SER A 16 -10.47 7.34 8.43
CA SER A 16 -9.23 7.96 7.91
C SER A 16 -9.29 8.16 6.38
N LYS A 17 -10.28 7.52 5.73
CA LYS A 17 -10.64 7.75 4.30
C LYS A 17 -9.44 7.42 3.34
N ASN A 18 -8.86 8.44 2.67
CA ASN A 18 -7.69 8.27 1.78
C ASN A 18 -6.38 8.04 2.58
N ILE A 19 -6.29 8.68 3.75
CA ILE A 19 -5.02 8.84 4.55
C ILE A 19 -4.43 7.49 5.02
N LEU A 20 -5.29 6.45 5.03
CA LEU A 20 -4.91 5.03 5.26
C LEU A 20 -3.61 4.66 4.49
N TRP A 21 -3.66 4.77 3.16
CA TRP A 21 -2.48 4.60 2.29
C TRP A 21 -1.86 5.91 1.80
N SER A 22 -2.64 7.03 1.75
CA SER A 22 -2.17 8.33 1.15
C SER A 22 -0.91 8.88 1.87
N ALA A 23 -0.69 8.39 3.09
CA ALA A 23 0.50 8.69 3.91
C ALA A 23 1.84 8.46 3.15
N ILE A 24 1.86 7.49 2.21
CA ILE A 24 3.07 7.15 1.42
C ILE A 24 3.53 8.28 0.47
N SER A 25 2.57 9.16 0.06
CA SER A 25 2.87 10.29 -0.85
C SER A 25 3.75 11.36 -0.15
N THR A 26 3.58 11.50 1.18
CA THR A 26 4.40 12.41 2.01
C THR A 26 5.49 11.64 2.78
N PRO A 27 6.71 12.24 2.96
CA PRO A 27 7.77 11.68 3.83
C PRO A 27 7.29 11.45 5.29
N THR A 28 6.94 12.54 6.01
CA THR A 28 6.48 12.49 7.43
C THR A 28 5.29 11.52 7.67
N GLY A 29 4.43 11.34 6.64
CA GLY A 29 3.31 10.39 6.69
C GLY A 29 3.76 8.92 6.54
N LEU A 30 4.76 8.71 5.66
CA LEU A 30 5.29 7.37 5.31
C LEU A 30 5.96 6.69 6.55
N GLU A 31 6.71 7.48 7.33
CA GLU A 31 7.47 6.97 8.50
C GLU A 31 6.58 6.74 9.76
N ASP A 32 5.27 7.13 9.71
CA ASP A 32 4.32 6.86 10.83
C ASP A 32 4.06 5.33 11.03
N TRP A 33 4.28 4.53 9.97
CA TRP A 33 3.85 3.11 9.94
C TRP A 33 4.85 2.18 9.22
N PHE A 34 5.48 2.66 8.13
CA PHE A 34 6.39 1.81 7.30
C PHE A 34 7.78 1.64 7.96
N ALA A 35 8.60 2.72 7.98
CA ALA A 35 10.00 2.68 8.49
C ALA A 35 10.19 3.58 9.73
N ASP A 36 11.38 3.48 10.37
CA ASP A 36 11.74 4.31 11.57
C ASP A 36 11.70 5.82 11.25
N LYS A 37 12.52 6.21 10.26
CA LYS A 37 12.66 7.60 9.81
C LYS A 37 12.91 7.62 8.30
N VAL A 38 12.11 8.37 7.54
CA VAL A 38 12.32 8.52 6.08
C VAL A 38 12.70 9.98 5.75
N VAL A 39 13.88 10.16 5.14
CA VAL A 39 14.34 11.46 4.63
C VAL A 39 14.09 11.52 3.11
N SER A 40 13.23 12.44 2.66
CA SER A 40 12.92 12.57 1.22
C SER A 40 13.73 13.71 0.57
N ASP A 41 14.14 13.47 -0.68
CA ASP A 41 14.70 14.49 -1.57
C ASP A 41 13.64 15.59 -1.84
N ASP A 42 12.48 15.12 -2.37
CA ASP A 42 11.33 15.94 -2.84
C ASP A 42 10.41 15.03 -3.68
N LYS A 43 11.08 14.29 -4.57
CA LYS A 43 10.47 13.41 -5.60
C LYS A 43 10.92 11.94 -5.41
N THR A 44 11.86 11.72 -4.47
CA THR A 44 12.36 10.39 -4.08
C THR A 44 12.43 10.30 -2.54
N VAL A 45 11.82 9.27 -1.95
CA VAL A 45 11.84 9.04 -0.49
C VAL A 45 12.94 8.00 -0.12
N THR A 46 13.87 8.39 0.77
CA THR A 46 14.96 7.50 1.23
C THR A 46 14.59 6.90 2.61
N PHE A 47 14.37 5.58 2.67
CA PHE A 47 13.94 4.89 3.91
C PHE A 47 15.16 4.59 4.80
N CYS A 48 15.34 5.39 5.87
CA CYS A 48 16.49 5.27 6.78
C CYS A 48 16.14 4.44 8.04
N TRP A 49 16.74 3.25 8.17
CA TRP A 49 16.61 2.38 9.36
C TRP A 49 17.83 2.53 10.30
N GLY A 50 18.83 3.33 9.88
CA GLY A 50 20.02 3.57 10.71
C GLY A 50 21.20 4.17 9.93
N LYS A 51 22.42 3.68 10.24
CA LYS A 51 23.69 4.27 9.77
C LYS A 51 23.88 4.17 8.22
N THR A 52 24.25 2.97 7.71
CA THR A 52 24.40 2.72 6.25
C THR A 52 23.11 2.05 5.69
N GLU A 53 22.00 2.25 6.41
CA GLU A 53 20.68 1.65 6.10
C GLU A 53 19.75 2.71 5.48
N GLN A 54 19.80 2.87 4.14
CA GLN A 54 18.95 3.83 3.41
C GLN A 54 18.66 3.30 1.98
N ARG A 55 17.35 3.19 1.63
CA ARG A 55 16.88 2.66 0.32
C ARG A 55 16.06 3.76 -0.42
N GLN A 56 16.49 4.11 -1.65
CA GLN A 56 15.81 5.14 -2.48
C GLN A 56 14.57 4.55 -3.19
N ALA A 57 13.46 5.33 -3.23
CA ALA A 57 12.26 5.00 -4.03
C ALA A 57 11.57 6.28 -4.54
N GLY A 58 11.50 6.43 -5.86
CA GLY A 58 10.86 7.60 -6.50
C GLY A 58 9.42 7.32 -6.94
N ILE A 59 8.60 8.38 -7.02
CA ILE A 59 7.19 8.27 -7.49
C ILE A 59 7.16 8.10 -9.03
N VAL A 60 6.39 7.12 -9.53
CA VAL A 60 6.22 6.89 -10.99
C VAL A 60 5.07 7.78 -11.53
N ALA A 61 3.90 7.67 -10.89
CA ALA A 61 2.69 8.46 -11.23
C ALA A 61 1.72 8.51 -10.03
N ILE A 62 1.00 9.64 -9.91
CA ILE A 62 0.05 9.89 -8.79
C ILE A 62 -1.06 10.89 -9.20
N ARG A 63 -2.25 10.75 -8.59
CA ARG A 63 -3.39 11.68 -8.78
C ARG A 63 -4.35 11.60 -7.58
N ALA A 64 -4.29 12.64 -6.70
CA ALA A 64 -5.16 12.80 -5.49
C ALA A 64 -5.21 11.54 -4.58
N TYR A 65 -6.11 10.59 -4.94
CA TYR A 65 -6.25 9.29 -4.25
C TYR A 65 -6.81 8.22 -5.24
N SER A 66 -6.92 8.63 -6.53
CA SER A 66 -7.40 7.81 -7.65
C SER A 66 -6.33 6.79 -8.12
N PHE A 67 -5.06 7.06 -7.76
CA PHE A 67 -3.89 6.14 -7.99
C PHE A 67 -2.57 6.75 -7.48
N ILE A 68 -1.65 5.88 -7.06
CA ILE A 68 -0.26 6.26 -6.72
C ILE A 68 0.68 5.05 -6.97
N ARG A 69 1.90 5.34 -7.47
CA ARG A 69 2.91 4.31 -7.79
C ARG A 69 4.30 4.71 -7.26
N PHE A 70 5.08 3.72 -6.79
CA PHE A 70 6.50 3.89 -6.40
C PHE A 70 7.40 2.91 -7.17
N HIS A 71 8.68 3.30 -7.27
CA HIS A 71 9.75 2.51 -7.92
C HIS A 71 11.05 2.66 -7.12
N TRP A 72 11.58 1.54 -6.62
CA TRP A 72 12.81 1.54 -5.81
C TRP A 72 14.05 1.80 -6.67
N LEU A 73 14.63 3.00 -6.50
CA LEU A 73 15.82 3.46 -7.26
C LEU A 73 17.13 2.81 -6.74
N ASP A 74 17.01 1.99 -5.68
CA ASP A 74 18.12 1.22 -5.08
C ASP A 74 18.70 0.19 -6.11
N ASP A 75 17.83 -0.34 -7.00
CA ASP A 75 18.23 -1.22 -8.13
C ASP A 75 17.42 -0.84 -9.40
N GLU A 76 17.90 -1.24 -10.61
CA GLU A 76 17.27 -0.83 -11.91
C GLU A 76 16.95 -2.05 -12.82
N ASN A 77 17.40 -3.27 -12.43
CA ASN A 77 17.09 -4.52 -13.20
C ASN A 77 15.62 -4.95 -12.99
N GLU A 78 15.08 -5.76 -13.95
CA GLU A 78 13.67 -6.25 -13.94
C GLU A 78 12.66 -5.06 -13.99
N ARG A 79 11.44 -5.26 -13.45
CA ARG A 79 10.42 -4.21 -13.33
C ARG A 79 9.50 -4.48 -12.09
N ASP A 80 9.52 -3.58 -11.10
CA ASP A 80 8.58 -3.63 -9.96
C ASP A 80 7.27 -2.85 -10.31
N TYR A 81 6.13 -3.45 -9.94
CA TYR A 81 4.80 -2.93 -10.30
C TYR A 81 3.88 -2.96 -9.04
N PHE A 82 3.72 -1.78 -8.42
CA PHE A 82 2.90 -1.62 -7.22
C PHE A 82 2.06 -0.32 -7.30
N GLU A 83 0.73 -0.47 -7.48
CA GLU A 83 -0.24 0.65 -7.51
C GLU A 83 -1.15 0.58 -6.28
N ILE A 84 -1.56 1.75 -5.75
CA ILE A 84 -2.58 1.83 -4.68
C ILE A 84 -3.61 2.93 -5.02
N LYS A 85 -4.91 2.64 -4.86
CA LYS A 85 -5.97 3.68 -4.91
C LYS A 85 -7.06 3.39 -3.86
N MET A 86 -7.96 4.38 -3.63
CA MET A 86 -9.21 4.18 -2.89
C MET A 86 -10.36 4.92 -3.59
N SER A 87 -11.51 4.27 -3.66
CA SER A 87 -12.74 4.82 -4.29
C SER A 87 -13.85 4.98 -3.24
N TYR A 88 -14.51 6.14 -3.20
CA TYR A 88 -15.53 6.45 -2.19
C TYR A 88 -16.94 6.09 -2.72
N ASN A 89 -17.61 5.12 -2.06
CA ASN A 89 -18.95 4.63 -2.47
C ASN A 89 -20.10 5.58 -2.03
N GLU A 90 -19.73 6.65 -1.27
CA GLU A 90 -20.64 7.76 -0.84
C GLU A 90 -21.74 7.32 0.16
N LEU A 91 -22.76 6.60 -0.34
CA LEU A 91 -24.03 6.34 0.39
C LEU A 91 -23.82 5.37 1.58
N THR A 92 -22.99 4.34 1.36
CA THR A 92 -22.67 3.33 2.40
C THR A 92 -21.52 3.80 3.33
N GLY A 93 -20.65 4.69 2.80
CA GLY A 93 -19.52 5.24 3.55
C GLY A 93 -18.18 4.54 3.28
N ASP A 94 -18.20 3.24 2.96
CA ASP A 94 -16.98 2.41 2.76
C ASP A 94 -16.05 2.93 1.64
N TYR A 95 -14.80 2.43 1.66
CA TYR A 95 -13.78 2.70 0.63
C TYR A 95 -13.35 1.40 -0.08
N VAL A 96 -13.38 1.44 -1.42
CA VAL A 96 -12.85 0.39 -2.30
C VAL A 96 -11.32 0.54 -2.42
N LEU A 97 -10.58 -0.24 -1.63
CA LEU A 97 -9.11 -0.11 -1.53
C LEU A 97 -8.41 -1.12 -2.46
N GLU A 98 -7.81 -0.64 -3.56
CA GLU A 98 -7.28 -1.51 -4.63
C GLU A 98 -5.74 -1.45 -4.70
N ILE A 99 -5.09 -2.52 -4.23
CA ILE A 99 -3.63 -2.72 -4.33
C ILE A 99 -3.32 -3.60 -5.56
N THR A 100 -2.61 -3.05 -6.55
CA THR A 100 -2.10 -3.82 -7.69
C THR A 100 -0.68 -4.32 -7.37
N ASP A 101 -0.48 -5.64 -7.45
CA ASP A 101 0.81 -6.29 -7.15
C ASP A 101 1.13 -7.32 -8.27
N PHE A 102 2.42 -7.68 -8.36
CA PHE A 102 2.89 -8.76 -9.25
C PHE A 102 3.48 -9.92 -8.39
N SER A 103 2.91 -11.12 -8.57
CA SER A 103 3.41 -12.37 -7.94
C SER A 103 3.36 -13.51 -8.97
N GLU A 104 4.10 -14.59 -8.73
CA GLU A 104 3.95 -15.83 -9.53
C GLU A 104 2.59 -16.49 -9.19
N ALA A 105 1.95 -17.18 -10.17
CA ALA A 105 0.66 -17.88 -9.95
C ALA A 105 0.66 -18.82 -8.71
N ASP A 106 1.80 -19.50 -8.48
CA ASP A 106 2.02 -20.42 -7.33
C ASP A 106 1.96 -19.68 -5.95
N GLU A 107 2.23 -18.36 -5.96
CA GLU A 107 2.23 -17.49 -4.76
C GLU A 107 0.91 -16.69 -4.66
N ALA A 108 0.28 -16.45 -5.82
CA ALA A 108 -0.88 -15.54 -5.97
C ALA A 108 -2.08 -16.01 -5.12
N ASP A 109 -2.32 -17.33 -5.05
CA ASP A 109 -3.43 -17.91 -4.26
C ASP A 109 -3.32 -17.58 -2.74
N ASP A 110 -2.07 -17.33 -2.27
CA ASP A 110 -1.79 -16.87 -0.88
C ASP A 110 -2.13 -15.35 -0.71
N LEU A 111 -2.04 -14.60 -1.82
CA LEU A 111 -2.46 -13.16 -1.87
C LEU A 111 -3.99 -13.03 -1.83
N LYS A 112 -4.71 -13.92 -2.53
CA LYS A 112 -6.18 -14.00 -2.45
C LYS A 112 -6.63 -14.59 -1.09
N GLU A 113 -5.78 -15.47 -0.50
CA GLU A 113 -5.95 -15.96 0.90
C GLU A 113 -5.80 -14.78 1.91
N LEU A 114 -4.83 -13.89 1.63
CA LEU A 114 -4.62 -12.65 2.41
C LEU A 114 -5.91 -11.80 2.46
N TRP A 115 -6.55 -11.64 1.28
CA TRP A 115 -7.86 -10.96 1.16
C TRP A 115 -8.98 -11.75 1.90
N ASP A 116 -9.00 -13.08 1.76
CA ASP A 116 -10.03 -13.95 2.38
C ASP A 116 -9.97 -13.86 3.94
N SER A 117 -8.74 -13.67 4.46
CA SER A 117 -8.50 -13.43 5.90
C SER A 117 -8.85 -11.97 6.28
N GLN A 118 -8.51 -11.01 5.38
CA GLN A 118 -8.70 -9.56 5.62
C GLN A 118 -10.18 -9.14 5.58
N VAL A 119 -11.04 -9.78 4.79
CA VAL A 119 -12.48 -9.42 4.75
C VAL A 119 -13.16 -9.72 6.12
N SER A 120 -12.72 -10.81 6.75
CA SER A 120 -13.10 -11.15 8.15
C SER A 120 -12.47 -10.13 9.13
N LYS A 121 -11.13 -9.94 9.00
CA LYS A 121 -10.29 -9.11 9.91
C LYS A 121 -10.76 -7.63 9.99
N LEU A 122 -11.11 -7.04 8.84
CA LEU A 122 -11.56 -5.64 8.71
C LEU A 122 -12.94 -5.43 9.39
N ARG A 123 -13.78 -6.49 9.36
CA ARG A 123 -15.07 -6.50 10.06
C ARG A 123 -14.87 -6.67 11.59
N ARG A 124 -13.83 -7.43 11.99
CA ARG A 124 -13.45 -7.63 13.41
C ARG A 124 -13.01 -6.30 14.07
N THR A 125 -12.00 -5.66 13.45
CA THR A 125 -11.43 -4.38 13.92
C THR A 125 -12.37 -3.18 13.59
N CYS A 126 -13.31 -3.39 12.64
CA CYS A 126 -14.31 -2.39 12.18
C CYS A 126 -13.63 -1.16 11.51
N GLY A 127 -12.48 -1.41 10.85
CA GLY A 127 -11.65 -0.36 10.24
C GLY A 127 -10.19 -0.41 10.74
N PHE A 128 -9.25 0.04 9.88
CA PHE A 128 -7.77 -0.11 10.10
C PHE A 128 -7.32 -1.60 10.00
N LEU A 129 -6.00 -1.82 10.22
CA LEU A 129 -5.37 -3.16 10.30
C LEU A 129 -5.50 -3.95 8.96
N GLU A 130 -4.56 -3.70 8.04
CA GLU A 130 -4.45 -4.42 6.75
C GLU A 130 -3.00 -4.94 6.60
N HIS A 131 -2.84 -6.27 6.46
CA HIS A 131 -1.51 -6.92 6.38
C HIS A 131 -0.94 -6.84 4.95
N HIS A 132 0.07 -5.97 4.76
CA HIS A 132 0.70 -5.73 3.44
C HIS A 132 1.70 -6.89 3.11
N HIS A 133 1.66 -7.38 1.86
CA HIS A 133 2.53 -8.47 1.36
C HIS A 133 4.05 -8.14 1.50
N HIS A 134 4.86 -9.16 1.80
CA HIS A 134 6.30 -9.00 2.13
C HIS A 134 7.11 -10.27 1.74
N HIS A 135 8.35 -10.03 1.22
CA HIS A 135 9.41 -11.05 0.99
C HIS A 135 9.22 -11.97 -0.27
N HIS A 136 7.98 -12.50 -0.47
CA HIS A 136 7.67 -13.61 -1.43
C HIS A 136 8.29 -14.94 -0.96
N MET A 1 9.84 -14.47 -13.15
CA MET A 1 9.53 -14.92 -14.53
C MET A 1 8.40 -14.03 -15.14
N LYS A 2 7.15 -14.25 -14.69
CA LYS A 2 5.98 -13.40 -15.05
C LYS A 2 5.05 -13.27 -13.81
N LYS A 3 5.19 -12.17 -13.05
CA LYS A 3 4.45 -11.99 -11.79
C LYS A 3 3.01 -11.51 -12.03
N GLU A 4 2.05 -12.30 -11.53
CA GLU A 4 0.61 -12.03 -11.65
C GLU A 4 0.19 -10.77 -10.85
N LYS A 5 -0.53 -9.87 -11.52
CA LYS A 5 -1.13 -8.68 -10.89
C LYS A 5 -2.34 -9.07 -10.00
N ILE A 6 -2.41 -8.51 -8.79
CA ILE A 6 -3.51 -8.75 -7.82
C ILE A 6 -4.00 -7.38 -7.25
N HIS A 7 -5.31 -7.11 -7.31
CA HIS A 7 -5.91 -5.99 -6.55
C HIS A 7 -6.73 -6.52 -5.36
N LEU A 8 -6.34 -6.11 -4.13
CA LEU A 8 -7.01 -6.55 -2.88
C LEU A 8 -7.99 -5.44 -2.44
N GLU A 9 -9.31 -5.75 -2.43
CA GLU A 9 -10.39 -4.75 -2.24
C GLU A 9 -10.96 -4.78 -0.80
N TYR A 10 -10.88 -3.64 -0.10
CA TYR A 10 -11.36 -3.48 1.29
C TYR A 10 -12.37 -2.33 1.37
N LEU A 11 -13.52 -2.55 2.05
CA LEU A 11 -14.54 -1.49 2.25
C LEU A 11 -14.51 -0.98 3.70
N LEU A 12 -14.00 0.26 3.88
CA LEU A 12 -13.94 0.94 5.21
C LEU A 12 -14.90 2.16 5.23
N ASN A 13 -15.65 2.29 6.35
CA ASN A 13 -16.64 3.37 6.51
C ASN A 13 -16.88 3.70 8.01
N ALA A 14 -16.28 4.82 8.47
CA ALA A 14 -16.50 5.43 9.81
C ALA A 14 -15.58 6.67 9.99
N THR A 15 -14.35 6.43 10.48
CA THR A 15 -13.30 7.46 10.64
C THR A 15 -12.06 7.09 9.79
N SER A 16 -11.95 5.79 9.45
CA SER A 16 -10.90 5.26 8.55
C SER A 16 -11.20 5.67 7.08
N LYS A 17 -10.72 6.87 6.69
CA LYS A 17 -10.98 7.47 5.36
C LYS A 17 -9.70 7.47 4.48
N ASN A 18 -9.66 8.35 3.43
CA ASN A 18 -8.50 8.46 2.48
C ASN A 18 -7.11 8.61 3.19
N ILE A 19 -7.14 9.19 4.41
CA ILE A 19 -5.94 9.48 5.24
C ILE A 19 -5.11 8.19 5.55
N LEU A 20 -5.78 7.00 5.53
CA LEU A 20 -5.14 5.66 5.79
C LEU A 20 -3.78 5.50 5.07
N TRP A 21 -3.82 5.56 3.74
CA TRP A 21 -2.63 5.43 2.88
C TRP A 21 -2.10 6.78 2.38
N SER A 22 -2.87 7.89 2.54
CA SER A 22 -2.46 9.25 2.02
C SER A 22 -1.07 9.68 2.57
N ALA A 23 -0.73 9.14 3.76
CA ALA A 23 0.53 9.41 4.48
C ALA A 23 1.80 9.00 3.68
N ILE A 24 1.69 7.93 2.85
CA ILE A 24 2.85 7.32 2.13
C ILE A 24 3.50 8.28 1.10
N SER A 25 2.72 9.24 0.59
CA SER A 25 3.17 10.21 -0.44
C SER A 25 4.15 11.24 0.15
N THR A 26 3.92 11.64 1.42
CA THR A 26 4.81 12.57 2.15
C THR A 26 5.89 11.80 2.95
N PRO A 27 7.13 12.38 3.09
CA PRO A 27 8.20 11.81 3.97
C PRO A 27 7.72 11.59 5.43
N THR A 28 7.35 12.69 6.14
CA THR A 28 6.95 12.64 7.58
C THR A 28 5.70 11.77 7.83
N GLY A 29 4.79 11.72 6.83
CA GLY A 29 3.61 10.85 6.88
C GLY A 29 3.94 9.36 6.77
N LEU A 30 4.91 9.03 5.91
CA LEU A 30 5.41 7.65 5.74
C LEU A 30 6.18 7.19 7.01
N GLU A 31 6.98 8.13 7.59
CA GLU A 31 7.76 7.89 8.84
C GLU A 31 6.86 7.56 10.06
N ASP A 32 5.56 7.90 9.95
CA ASP A 32 4.55 7.60 10.99
C ASP A 32 4.38 6.07 11.24
N TRP A 33 4.63 5.25 10.19
CA TRP A 33 4.36 3.78 10.23
C TRP A 33 5.23 2.96 9.24
N PHE A 34 6.29 3.57 8.67
CA PHE A 34 7.21 2.90 7.72
C PHE A 34 8.65 3.45 7.87
N ALA A 35 9.63 2.54 8.07
CA ALA A 35 11.07 2.86 8.23
C ALA A 35 11.36 3.74 9.48
N ASP A 36 12.66 3.93 9.79
CA ASP A 36 13.10 4.76 10.94
C ASP A 36 13.13 6.25 10.57
N LYS A 37 13.56 6.55 9.33
CA LYS A 37 13.57 7.92 8.77
C LYS A 37 13.57 7.81 7.24
N VAL A 38 12.65 8.51 6.56
CA VAL A 38 12.61 8.55 5.07
C VAL A 38 12.80 10.01 4.58
N VAL A 39 13.72 10.19 3.61
CA VAL A 39 13.95 11.47 2.93
C VAL A 39 13.27 11.46 1.54
N SER A 40 12.60 12.57 1.16
CA SER A 40 11.94 12.71 -0.17
C SER A 40 12.35 14.03 -0.86
N ASP A 41 12.65 13.95 -2.17
CA ASP A 41 13.08 15.12 -2.98
C ASP A 41 11.91 15.69 -3.80
N ASP A 42 11.33 14.85 -4.67
CA ASP A 42 10.21 15.23 -5.57
C ASP A 42 9.41 13.96 -6.00
N LYS A 43 10.07 13.13 -6.83
CA LYS A 43 9.49 11.87 -7.36
C LYS A 43 10.37 10.65 -6.94
N THR A 44 11.08 10.78 -5.81
CA THR A 44 11.84 9.67 -5.17
C THR A 44 11.85 9.83 -3.63
N VAL A 45 11.52 8.73 -2.93
CA VAL A 45 11.61 8.63 -1.45
C VAL A 45 12.67 7.55 -1.06
N THR A 46 13.77 7.98 -0.43
CA THR A 46 14.83 7.08 0.07
C THR A 46 14.57 6.70 1.55
N PHE A 47 14.28 5.41 1.80
CA PHE A 47 13.94 4.91 3.16
C PHE A 47 15.20 4.46 3.91
N CYS A 48 15.56 5.16 5.00
CA CYS A 48 16.70 4.78 5.86
C CYS A 48 16.23 3.91 7.05
N TRP A 49 16.65 2.64 7.04
CA TRP A 49 16.50 1.71 8.17
C TRP A 49 17.80 1.68 9.01
N GLY A 50 17.74 2.22 10.24
CA GLY A 50 18.92 2.32 11.13
C GLY A 50 19.95 3.36 10.67
N LYS A 51 21.13 2.91 10.20
CA LYS A 51 22.20 3.77 9.67
C LYS A 51 22.50 3.43 8.18
N THR A 52 23.25 2.33 7.96
CA THR A 52 23.74 1.95 6.60
C THR A 52 22.80 0.87 5.96
N GLU A 53 21.59 1.32 5.60
CA GLU A 53 20.57 0.48 4.91
C GLU A 53 19.45 1.40 4.40
N GLN A 54 19.82 2.33 3.50
CA GLN A 54 18.88 3.30 2.89
C GLN A 54 18.67 2.98 1.39
N ARG A 55 17.40 2.80 0.97
CA ARG A 55 17.07 2.39 -0.42
C ARG A 55 16.08 3.37 -1.07
N GLN A 56 16.44 3.81 -2.28
CA GLN A 56 15.68 4.83 -3.02
C GLN A 56 14.50 4.18 -3.79
N ALA A 57 13.33 4.82 -3.81
CA ALA A 57 12.16 4.36 -4.58
C ALA A 57 11.54 5.52 -5.39
N GLY A 58 11.56 5.38 -6.72
CA GLY A 58 11.01 6.39 -7.63
C GLY A 58 9.50 6.23 -7.84
N ILE A 59 8.73 7.28 -7.50
CA ILE A 59 7.27 7.31 -7.76
C ILE A 59 7.04 7.38 -9.28
N VAL A 60 6.31 6.38 -9.82
CA VAL A 60 6.04 6.29 -11.27
C VAL A 60 4.90 7.27 -11.64
N ALA A 61 3.79 7.24 -10.86
CA ALA A 61 2.62 8.11 -11.08
C ALA A 61 1.74 8.22 -9.81
N ILE A 62 1.01 9.35 -9.70
CA ILE A 62 0.07 9.64 -8.59
C ILE A 62 -0.96 10.71 -9.04
N ARG A 63 -2.21 10.61 -8.53
CA ARG A 63 -3.29 11.58 -8.82
C ARG A 63 -4.35 11.57 -7.69
N ALA A 64 -4.30 12.61 -6.84
CA ALA A 64 -5.21 12.81 -5.68
C ALA A 64 -5.18 11.62 -4.68
N TYR A 65 -5.96 10.58 -4.97
CA TYR A 65 -6.12 9.39 -4.08
C TYR A 65 -6.52 8.12 -4.89
N SER A 66 -6.82 8.31 -6.19
CA SER A 66 -7.34 7.25 -7.09
C SER A 66 -6.22 6.33 -7.63
N PHE A 67 -4.95 6.63 -7.28
CA PHE A 67 -3.75 5.79 -7.59
C PHE A 67 -2.45 6.48 -7.11
N ILE A 68 -1.52 5.67 -6.60
CA ILE A 68 -0.15 6.10 -6.26
C ILE A 68 0.81 4.88 -6.38
N ARG A 69 1.94 5.05 -7.10
CA ARG A 69 2.83 3.92 -7.47
C ARG A 69 4.29 4.20 -7.08
N PHE A 70 4.88 3.35 -6.19
CA PHE A 70 6.32 3.41 -5.85
C PHE A 70 7.07 2.20 -6.46
N HIS A 71 8.07 2.47 -7.31
CA HIS A 71 9.01 1.44 -7.82
C HIS A 71 10.39 1.65 -7.17
N TRP A 72 10.95 0.59 -6.56
CA TRP A 72 12.29 0.66 -5.95
C TRP A 72 13.38 0.78 -7.04
N LEU A 73 14.23 1.81 -6.92
CA LEU A 73 15.38 2.01 -7.83
C LEU A 73 16.47 0.94 -7.60
N ASP A 74 16.50 0.37 -6.37
CA ASP A 74 17.40 -0.74 -6.01
C ASP A 74 16.80 -2.11 -6.44
N ASP A 75 15.58 -2.40 -5.94
CA ASP A 75 14.84 -3.66 -6.27
C ASP A 75 14.15 -3.52 -7.66
N GLU A 76 14.85 -3.93 -8.72
CA GLU A 76 14.45 -3.69 -10.13
C GLU A 76 14.39 -5.02 -10.93
N ASN A 77 14.18 -6.15 -10.22
CA ASN A 77 14.25 -7.54 -10.78
C ASN A 77 13.49 -7.72 -12.12
N GLU A 78 12.26 -7.21 -12.18
CA GLU A 78 11.35 -7.49 -13.31
C GLU A 78 10.37 -6.31 -13.54
N ARG A 79 9.53 -6.05 -12.53
CA ARG A 79 8.53 -4.97 -12.54
C ARG A 79 8.50 -4.29 -11.16
N ASP A 80 8.24 -5.12 -10.13
CA ASP A 80 8.49 -4.83 -8.70
C ASP A 80 8.07 -3.40 -8.24
N TYR A 81 6.76 -3.21 -8.07
CA TYR A 81 6.20 -1.97 -7.49
C TYR A 81 4.81 -2.23 -6.87
N PHE A 82 4.38 -1.33 -5.97
CA PHE A 82 3.06 -1.41 -5.31
C PHE A 82 2.24 -0.13 -5.55
N GLU A 83 0.98 -0.31 -5.98
CA GLU A 83 -0.01 0.77 -6.14
C GLU A 83 -1.09 0.68 -5.05
N ILE A 84 -1.54 1.86 -4.58
CA ILE A 84 -2.70 1.97 -3.69
C ILE A 84 -3.75 2.92 -4.33
N LYS A 85 -4.95 2.39 -4.56
CA LYS A 85 -6.12 3.14 -5.02
C LYS A 85 -7.21 3.17 -3.91
N MET A 86 -7.95 4.29 -3.79
CA MET A 86 -9.19 4.36 -2.98
C MET A 86 -10.25 5.16 -3.75
N SER A 87 -11.49 4.67 -3.72
CA SER A 87 -12.65 5.31 -4.38
C SER A 87 -13.69 5.73 -3.32
N TYR A 88 -14.09 7.01 -3.34
CA TYR A 88 -14.95 7.59 -2.29
C TYR A 88 -16.41 7.70 -2.76
N ASN A 89 -17.29 6.87 -2.18
CA ASN A 89 -18.74 7.04 -2.31
C ASN A 89 -19.16 8.22 -1.39
N GLU A 90 -19.13 9.45 -1.95
CA GLU A 90 -19.30 10.73 -1.19
C GLU A 90 -20.63 10.80 -0.36
N LEU A 91 -21.67 10.10 -0.83
CA LEU A 91 -23.02 10.17 -0.24
C LEU A 91 -23.21 9.18 0.95
N THR A 92 -22.25 8.27 1.18
CA THR A 92 -22.36 7.25 2.27
C THR A 92 -21.07 7.08 3.11
N GLY A 93 -19.93 7.58 2.60
CA GLY A 93 -18.64 7.54 3.34
C GLY A 93 -17.79 6.28 3.11
N ASP A 94 -18.33 5.29 2.38
CA ASP A 94 -17.62 4.02 2.08
C ASP A 94 -16.45 4.22 1.07
N TYR A 95 -15.33 3.54 1.32
CA TYR A 95 -14.15 3.52 0.42
C TYR A 95 -13.96 2.12 -0.20
N VAL A 96 -13.82 2.09 -1.54
CA VAL A 96 -13.36 0.89 -2.27
C VAL A 96 -11.82 0.97 -2.38
N LEU A 97 -11.15 0.26 -1.46
CA LEU A 97 -9.69 0.35 -1.28
C LEU A 97 -9.00 -0.84 -2.01
N GLU A 98 -8.31 -0.55 -3.11
CA GLU A 98 -7.75 -1.57 -4.03
C GLU A 98 -6.22 -1.45 -4.11
N ILE A 99 -5.51 -2.41 -3.53
CA ILE A 99 -4.03 -2.43 -3.53
C ILE A 99 -3.54 -3.31 -4.72
N THR A 100 -2.88 -2.68 -5.71
CA THR A 100 -2.33 -3.39 -6.89
C THR A 100 -0.86 -3.80 -6.65
N ASP A 101 -0.67 -5.08 -6.31
CA ASP A 101 0.63 -5.70 -6.06
C ASP A 101 0.94 -6.74 -7.18
N PHE A 102 2.24 -7.03 -7.40
CA PHE A 102 2.70 -8.03 -8.39
C PHE A 102 3.42 -9.18 -7.67
N SER A 103 2.88 -10.40 -7.81
CA SER A 103 3.43 -11.62 -7.18
C SER A 103 3.48 -12.77 -8.19
N GLU A 104 4.65 -13.44 -8.27
CA GLU A 104 4.87 -14.66 -9.10
C GLU A 104 3.70 -15.68 -9.01
N ALA A 105 3.37 -16.32 -10.16
CA ALA A 105 2.23 -17.27 -10.28
C ALA A 105 2.16 -18.35 -9.14
N ASP A 106 3.33 -18.94 -8.81
CA ASP A 106 3.46 -19.95 -7.72
C ASP A 106 3.21 -19.34 -6.31
N GLU A 107 3.43 -18.02 -6.18
CA GLU A 107 3.31 -17.28 -4.91
C GLU A 107 1.92 -16.61 -4.79
N ALA A 108 1.19 -16.53 -5.91
CA ALA A 108 -0.08 -15.78 -6.03
C ALA A 108 -1.20 -16.39 -5.14
N ASP A 109 -1.22 -17.74 -5.02
CA ASP A 109 -2.16 -18.47 -4.14
C ASP A 109 -1.95 -18.11 -2.64
N ASP A 110 -0.68 -17.93 -2.23
CA ASP A 110 -0.33 -17.53 -0.85
C ASP A 110 -0.84 -16.09 -0.55
N LEU A 111 -0.74 -15.21 -1.55
CA LEU A 111 -1.29 -13.84 -1.48
C LEU A 111 -2.84 -13.83 -1.44
N LYS A 112 -3.46 -14.79 -2.14
CA LYS A 112 -4.93 -15.00 -2.12
C LYS A 112 -5.39 -15.64 -0.78
N GLU A 113 -4.50 -16.42 -0.16
CA GLU A 113 -4.69 -16.98 1.21
C GLU A 113 -4.76 -15.82 2.25
N LEU A 114 -3.80 -14.88 2.12
CA LEU A 114 -3.78 -13.63 2.92
C LEU A 114 -5.07 -12.80 2.67
N TRP A 115 -5.41 -12.64 1.38
CA TRP A 115 -6.63 -11.93 0.91
C TRP A 115 -7.91 -12.50 1.56
N ASP A 116 -8.06 -13.84 1.51
CA ASP A 116 -9.22 -14.58 2.05
C ASP A 116 -9.34 -14.38 3.58
N SER A 117 -8.18 -14.40 4.26
CA SER A 117 -8.07 -14.13 5.71
C SER A 117 -8.53 -12.70 6.06
N GLN A 118 -8.12 -11.70 5.26
CA GLN A 118 -8.38 -10.27 5.54
C GLN A 118 -9.82 -9.85 5.21
N VAL A 119 -10.40 -10.40 4.11
CA VAL A 119 -11.78 -10.07 3.68
C VAL A 119 -12.83 -10.76 4.60
N SER A 120 -12.51 -11.98 5.08
CA SER A 120 -13.34 -12.68 6.10
C SER A 120 -13.27 -11.95 7.45
N LYS A 121 -12.06 -11.51 7.80
CA LYS A 121 -11.80 -10.69 9.01
C LYS A 121 -12.48 -9.30 8.91
N LEU A 122 -12.58 -8.76 7.68
CA LEU A 122 -13.20 -7.43 7.42
C LEU A 122 -14.71 -7.42 7.79
N ARG A 123 -15.38 -8.58 7.62
CA ARG A 123 -16.77 -8.79 8.11
C ARG A 123 -16.83 -8.70 9.67
N ARG A 124 -15.82 -9.31 10.32
CA ARG A 124 -15.77 -9.48 11.79
C ARG A 124 -15.41 -8.14 12.50
N THR A 125 -14.46 -7.38 11.91
CA THR A 125 -13.96 -6.11 12.48
C THR A 125 -14.80 -4.88 12.07
N CYS A 126 -15.48 -5.00 10.89
CA CYS A 126 -16.33 -3.94 10.27
C CYS A 126 -15.59 -2.59 10.01
N GLY A 127 -16.34 -1.57 9.54
CA GLY A 127 -15.79 -0.23 9.26
C GLY A 127 -15.31 0.53 10.50
N PHE A 128 -16.17 0.63 11.53
CA PHE A 128 -15.82 1.23 12.84
C PHE A 128 -15.14 0.18 13.74
N LEU A 129 -13.90 0.47 14.17
CA LEU A 129 -13.06 -0.49 14.93
C LEU A 129 -12.11 0.23 15.93
N GLU A 130 -11.40 -0.57 16.76
CA GLU A 130 -10.39 -0.05 17.70
C GLU A 130 -9.14 -0.97 17.70
N HIS A 131 -8.21 -0.71 16.76
CA HIS A 131 -6.91 -1.44 16.64
C HIS A 131 -6.04 -0.77 15.56
N HIS A 132 -4.72 -0.65 15.83
CA HIS A 132 -3.76 -0.03 14.90
C HIS A 132 -2.47 -0.90 14.81
N HIS A 133 -2.03 -1.20 13.58
CA HIS A 133 -0.86 -2.08 13.32
C HIS A 133 0.48 -1.35 13.60
N HIS A 134 1.36 -2.02 14.40
CA HIS A 134 2.73 -1.53 14.71
C HIS A 134 3.78 -2.62 14.38
N HIS A 135 4.34 -2.57 13.16
CA HIS A 135 5.46 -3.44 12.77
C HIS A 135 6.80 -2.67 12.97
N HIS A 136 7.04 -2.29 14.25
CA HIS A 136 8.20 -1.46 14.68
C HIS A 136 8.21 -0.08 13.97
N MET A 1 9.68 -15.45 -17.44
CA MET A 1 9.60 -15.08 -16.00
C MET A 1 8.81 -13.77 -15.82
N LYS A 2 7.51 -13.89 -15.48
CA LYS A 2 6.66 -12.72 -15.15
C LYS A 2 5.59 -13.11 -14.11
N LYS A 3 5.13 -12.11 -13.35
CA LYS A 3 4.13 -12.27 -12.27
C LYS A 3 2.69 -12.26 -12.85
N GLU A 4 1.69 -12.32 -11.97
CA GLU A 4 0.28 -12.10 -12.34
C GLU A 4 -0.31 -10.96 -11.50
N LYS A 5 -0.90 -9.97 -12.18
CA LYS A 5 -1.58 -8.84 -11.54
C LYS A 5 -2.87 -9.30 -10.82
N ILE A 6 -3.04 -8.84 -9.56
CA ILE A 6 -4.21 -9.16 -8.70
C ILE A 6 -4.59 -7.88 -7.90
N HIS A 7 -5.82 -7.40 -8.08
CA HIS A 7 -6.31 -6.21 -7.35
C HIS A 7 -7.13 -6.64 -6.10
N LEU A 8 -6.61 -6.30 -4.90
CA LEU A 8 -7.23 -6.65 -3.62
C LEU A 8 -8.02 -5.43 -3.08
N GLU A 9 -9.35 -5.61 -2.95
CA GLU A 9 -10.30 -4.52 -2.62
C GLU A 9 -10.81 -4.64 -1.16
N TYR A 10 -10.60 -3.58 -0.36
CA TYR A 10 -10.93 -3.56 1.08
C TYR A 10 -11.99 -2.49 1.40
N LEU A 11 -12.86 -2.74 2.40
CA LEU A 11 -13.78 -1.73 2.95
C LEU A 11 -13.16 -1.11 4.22
N LEU A 12 -12.63 0.14 4.11
CA LEU A 12 -11.95 0.80 5.25
C LEU A 12 -12.68 2.12 5.64
N ASN A 13 -13.09 2.19 6.92
CA ASN A 13 -13.76 3.37 7.51
C ASN A 13 -13.66 3.31 9.03
N ALA A 14 -13.26 4.42 9.67
CA ALA A 14 -13.18 4.54 11.15
C ALA A 14 -13.36 6.02 11.57
N THR A 15 -12.25 6.80 11.56
CA THR A 15 -12.28 8.28 11.68
C THR A 15 -11.19 8.86 10.72
N SER A 16 -10.74 8.02 9.78
CA SER A 16 -9.60 8.33 8.86
C SER A 16 -10.06 8.30 7.38
N LYS A 17 -9.65 9.32 6.61
CA LYS A 17 -9.99 9.49 5.18
C LYS A 17 -8.87 8.90 4.27
N ASN A 18 -8.70 9.48 3.06
CA ASN A 18 -7.64 9.09 2.08
C ASN A 18 -6.21 8.99 2.68
N ILE A 19 -5.95 9.75 3.79
CA ILE A 19 -4.64 9.81 4.51
C ILE A 19 -4.07 8.40 4.87
N LEU A 20 -4.97 7.39 4.98
CA LEU A 20 -4.61 5.97 5.26
C LEU A 20 -3.38 5.50 4.45
N TRP A 21 -3.51 5.49 3.11
CA TRP A 21 -2.38 5.21 2.20
C TRP A 21 -1.79 6.46 1.55
N SER A 22 -2.46 7.64 1.61
CA SER A 22 -1.89 8.93 1.05
C SER A 22 -0.55 9.30 1.74
N ALA A 23 -0.37 8.74 2.96
CA ALA A 23 0.85 8.90 3.78
C ALA A 23 2.15 8.50 3.04
N ILE A 24 2.06 7.53 2.09
CA ILE A 24 3.23 7.06 1.30
C ILE A 24 3.74 8.12 0.30
N SER A 25 2.89 9.11 -0.02
CA SER A 25 3.24 10.26 -0.89
C SER A 25 4.13 11.30 -0.16
N THR A 26 4.09 11.28 1.20
CA THR A 26 4.81 12.27 2.04
C THR A 26 5.84 11.60 2.99
N PRO A 27 7.01 12.26 3.25
CA PRO A 27 8.05 11.78 4.21
C PRO A 27 7.48 11.49 5.64
N THR A 28 6.96 12.56 6.29
CA THR A 28 6.35 12.50 7.66
C THR A 28 5.27 11.41 7.81
N GLY A 29 4.41 11.24 6.78
CA GLY A 29 3.35 10.24 6.80
C GLY A 29 3.86 8.80 6.66
N LEU A 30 4.89 8.61 5.83
CA LEU A 30 5.43 7.28 5.48
C LEU A 30 6.20 6.65 6.68
N GLU A 31 7.01 7.47 7.37
CA GLU A 31 7.83 6.99 8.53
C GLU A 31 6.99 6.72 9.81
N ASP A 32 5.67 6.92 9.73
CA ASP A 32 4.74 6.55 10.81
C ASP A 32 4.51 5.01 10.87
N TRP A 33 4.63 4.32 9.72
CA TRP A 33 4.16 2.91 9.57
C TRP A 33 4.99 2.07 8.57
N PHE A 34 6.25 2.47 8.27
CA PHE A 34 7.14 1.69 7.36
C PHE A 34 8.61 1.69 7.85
N ALA A 35 9.29 2.85 7.72
CA ALA A 35 10.70 3.02 8.18
C ALA A 35 10.75 3.89 9.45
N ASP A 36 11.90 3.87 10.15
CA ASP A 36 12.18 4.76 11.31
C ASP A 36 12.02 6.24 10.91
N LYS A 37 12.67 6.57 9.79
CA LYS A 37 12.66 7.90 9.20
C LYS A 37 12.51 7.76 7.66
N VAL A 38 11.76 8.68 7.05
CA VAL A 38 11.67 8.79 5.59
C VAL A 38 11.99 10.25 5.18
N VAL A 39 13.11 10.44 4.49
CA VAL A 39 13.52 11.75 3.93
C VAL A 39 13.17 11.81 2.42
N SER A 40 12.37 12.81 2.01
CA SER A 40 12.01 13.01 0.58
C SER A 40 13.08 13.85 -0.17
N ASP A 41 13.17 13.61 -1.47
CA ASP A 41 14.04 14.36 -2.41
C ASP A 41 13.15 15.01 -3.53
N ASP A 42 11.82 15.09 -3.22
CA ASP A 42 10.74 15.54 -4.15
C ASP A 42 10.43 14.46 -5.23
N LYS A 43 11.46 14.06 -5.99
CA LYS A 43 11.36 13.05 -7.06
C LYS A 43 11.58 11.60 -6.52
N THR A 44 12.38 11.47 -5.42
CA THR A 44 12.79 10.15 -4.85
C THR A 44 12.47 10.10 -3.34
N VAL A 45 12.05 8.93 -2.84
CA VAL A 45 11.69 8.72 -1.42
C VAL A 45 12.74 7.80 -0.72
N THR A 46 13.47 8.34 0.28
CA THR A 46 14.55 7.62 1.00
C THR A 46 14.05 7.06 2.36
N PHE A 47 13.97 5.74 2.46
CA PHE A 47 13.58 5.02 3.71
C PHE A 47 14.82 4.76 4.58
N CYS A 48 15.03 5.60 5.58
CA CYS A 48 16.18 5.47 6.52
C CYS A 48 15.80 4.66 7.78
N TRP A 49 16.38 3.46 7.92
CA TRP A 49 16.23 2.61 9.13
C TRP A 49 17.43 2.78 10.10
N GLY A 50 18.64 2.97 9.53
CA GLY A 50 19.87 3.09 10.34
C GLY A 50 21.01 3.81 9.60
N LYS A 51 22.27 3.42 9.92
CA LYS A 51 23.50 4.06 9.35
C LYS A 51 23.62 3.75 7.83
N THR A 52 23.99 2.49 7.50
CA THR A 52 24.11 2.02 6.09
C THR A 52 22.85 1.21 5.67
N GLU A 53 21.86 1.10 6.58
CA GLU A 53 20.58 0.42 6.29
C GLU A 53 19.51 1.45 5.85
N GLN A 54 19.47 1.69 4.53
CA GLN A 54 18.44 2.54 3.89
C GLN A 54 18.18 2.07 2.44
N ARG A 55 16.98 2.40 1.93
CA ARG A 55 16.59 2.17 0.52
C ARG A 55 15.94 3.44 -0.05
N GLN A 56 15.78 3.47 -1.37
CA GLN A 56 15.17 4.61 -2.09
C GLN A 56 14.24 4.11 -3.21
N ALA A 57 13.13 4.84 -3.42
CA ALA A 57 12.14 4.52 -4.47
C ALA A 57 11.56 5.81 -5.09
N GLY A 58 11.75 5.97 -6.41
CA GLY A 58 11.18 7.11 -7.15
C GLY A 58 9.69 6.90 -7.52
N ILE A 59 8.95 8.00 -7.69
CA ILE A 59 7.52 7.96 -8.05
C ILE A 59 7.38 7.78 -9.59
N VAL A 60 6.56 6.81 -10.03
CA VAL A 60 6.29 6.57 -11.47
C VAL A 60 5.17 7.51 -11.97
N ALA A 61 4.01 7.45 -11.28
CA ALA A 61 2.82 8.27 -11.59
C ALA A 61 1.92 8.42 -10.34
N ILE A 62 1.22 9.56 -10.24
CA ILE A 62 0.34 9.89 -9.10
C ILE A 62 -0.65 11.02 -9.49
N ARG A 63 -1.84 11.02 -8.86
CA ARG A 63 -2.85 12.10 -9.00
C ARG A 63 -3.73 12.14 -7.73
N ALA A 64 -3.42 13.09 -6.83
CA ALA A 64 -4.03 13.25 -5.49
C ALA A 64 -4.07 11.92 -4.67
N TYR A 65 -5.14 11.12 -4.86
CA TYR A 65 -5.29 9.78 -4.21
C TYR A 65 -6.07 8.80 -5.13
N SER A 66 -6.41 9.28 -6.36
CA SER A 66 -7.02 8.45 -7.43
C SER A 66 -6.11 7.27 -7.84
N PHE A 67 -4.77 7.48 -7.70
CA PHE A 67 -3.73 6.45 -7.97
C PHE A 67 -2.34 6.96 -7.57
N ILE A 68 -1.47 6.03 -7.13
CA ILE A 68 -0.05 6.33 -6.82
C ILE A 68 0.83 5.08 -7.06
N ARG A 69 2.01 5.31 -7.69
CA ARG A 69 2.94 4.23 -8.08
C ARG A 69 4.39 4.55 -7.61
N PHE A 70 5.10 3.53 -7.12
CA PHE A 70 6.54 3.63 -6.76
C PHE A 70 7.36 2.55 -7.50
N HIS A 71 8.66 2.83 -7.68
CA HIS A 71 9.64 1.88 -8.23
C HIS A 71 11.01 2.18 -7.59
N TRP A 72 11.70 1.11 -7.12
CA TRP A 72 12.97 1.24 -6.38
C TRP A 72 14.14 1.69 -7.30
N LEU A 73 15.20 2.26 -6.68
CA LEU A 73 16.43 2.67 -7.40
C LEU A 73 17.22 1.44 -7.96
N ASP A 74 16.91 0.26 -7.42
CA ASP A 74 17.48 -1.03 -7.89
C ASP A 74 16.67 -1.64 -9.07
N ASP A 75 15.69 -0.88 -9.62
CA ASP A 75 14.88 -1.32 -10.77
C ASP A 75 15.72 -1.34 -12.07
N GLU A 76 16.24 -2.52 -12.40
CA GLU A 76 16.89 -2.80 -13.68
C GLU A 76 15.84 -3.34 -14.67
N ASN A 77 15.14 -4.41 -14.25
CA ASN A 77 14.20 -5.16 -15.09
C ASN A 77 13.04 -5.74 -14.25
N GLU A 78 11.97 -4.94 -14.14
CA GLU A 78 10.68 -5.40 -13.59
C GLU A 78 9.64 -5.44 -14.74
N ARG A 79 9.17 -6.66 -15.09
CA ARG A 79 8.18 -6.86 -16.17
C ARG A 79 6.77 -6.31 -15.80
N ASP A 80 6.44 -6.41 -14.50
CA ASP A 80 5.10 -6.03 -13.96
C ASP A 80 5.16 -4.69 -13.18
N TYR A 81 4.14 -4.41 -12.34
CA TYR A 81 4.03 -3.13 -11.58
C TYR A 81 3.11 -3.29 -10.35
N PHE A 82 3.17 -2.30 -9.43
CA PHE A 82 2.22 -2.21 -8.29
C PHE A 82 1.75 -0.74 -8.09
N GLU A 83 0.46 -0.56 -7.77
CA GLU A 83 -0.13 0.76 -7.46
C GLU A 83 -1.17 0.66 -6.33
N ILE A 84 -1.42 1.79 -5.65
CA ILE A 84 -2.45 1.89 -4.58
C ILE A 84 -3.42 3.05 -4.93
N LYS A 85 -4.73 2.82 -4.78
CA LYS A 85 -5.77 3.87 -4.92
C LYS A 85 -6.85 3.73 -3.83
N MET A 86 -7.68 4.77 -3.69
CA MET A 86 -8.92 4.71 -2.87
C MET A 86 -10.02 5.60 -3.49
N SER A 87 -11.27 5.27 -3.14
CA SER A 87 -12.46 6.05 -3.53
C SER A 87 -13.48 6.02 -2.38
N TYR A 88 -14.20 7.14 -2.18
CA TYR A 88 -15.13 7.28 -1.04
C TYR A 88 -16.59 7.08 -1.48
N ASN A 89 -17.23 6.02 -0.94
CA ASN A 89 -18.68 5.80 -1.07
C ASN A 89 -19.40 6.76 -0.09
N GLU A 90 -20.02 7.82 -0.63
CA GLU A 90 -20.53 8.96 0.18
C GLU A 90 -21.91 8.67 0.86
N LEU A 91 -22.78 7.93 0.16
CA LEU A 91 -24.16 7.65 0.63
C LEU A 91 -24.20 6.56 1.73
N THR A 92 -23.20 5.65 1.70
CA THR A 92 -23.09 4.54 2.70
C THR A 92 -21.96 4.81 3.72
N GLY A 93 -20.98 5.64 3.35
CA GLY A 93 -19.93 6.11 4.28
C GLY A 93 -18.82 5.09 4.54
N ASP A 94 -17.97 4.84 3.51
CA ASP A 94 -16.75 4.00 3.62
C ASP A 94 -15.84 4.18 2.39
N TYR A 95 -14.61 3.65 2.44
CA TYR A 95 -13.65 3.70 1.32
C TYR A 95 -13.49 2.31 0.64
N VAL A 96 -13.59 2.31 -0.70
CA VAL A 96 -13.10 1.22 -1.56
C VAL A 96 -11.57 1.37 -1.72
N LEU A 97 -10.81 0.47 -1.09
CA LEU A 97 -9.34 0.51 -1.08
C LEU A 97 -8.77 -0.58 -2.02
N GLU A 98 -8.19 -0.15 -3.14
CA GLU A 98 -7.74 -1.06 -4.22
C GLU A 98 -6.19 -1.06 -4.32
N ILE A 99 -5.56 -2.15 -3.87
CA ILE A 99 -4.12 -2.39 -4.06
C ILE A 99 -3.93 -3.34 -5.28
N THR A 100 -3.28 -2.84 -6.33
CA THR A 100 -2.91 -3.65 -7.51
C THR A 100 -1.51 -4.24 -7.26
N ASP A 101 -1.48 -5.52 -6.87
CA ASP A 101 -0.24 -6.26 -6.56
C ASP A 101 0.16 -7.19 -7.73
N PHE A 102 1.44 -7.54 -7.81
CA PHE A 102 1.97 -8.48 -8.82
C PHE A 102 2.70 -9.67 -8.14
N SER A 103 2.21 -10.90 -8.40
CA SER A 103 2.80 -12.15 -7.85
C SER A 103 2.56 -13.33 -8.81
N GLU A 104 3.63 -14.12 -9.13
CA GLU A 104 3.54 -15.33 -9.98
C GLU A 104 2.51 -16.36 -9.42
N ALA A 105 2.04 -17.29 -10.27
CA ALA A 105 1.02 -18.31 -9.91
C ALA A 105 1.38 -19.11 -8.61
N ASP A 106 2.66 -19.54 -8.49
CA ASP A 106 3.14 -20.39 -7.36
C ASP A 106 3.26 -19.60 -6.02
N GLU A 107 3.52 -18.29 -6.11
CA GLU A 107 3.71 -17.43 -4.90
C GLU A 107 2.43 -16.61 -4.57
N ALA A 108 1.43 -16.67 -5.48
CA ALA A 108 0.17 -15.90 -5.35
C ALA A 108 -0.76 -16.47 -4.26
N ASP A 109 -0.61 -17.78 -3.96
CA ASP A 109 -1.40 -18.50 -2.91
C ASP A 109 -1.35 -17.77 -1.55
N ASP A 110 -0.16 -17.26 -1.20
CA ASP A 110 0.11 -16.51 0.05
C ASP A 110 -0.58 -15.12 0.06
N LEU A 111 -0.58 -14.47 -1.12
CA LEU A 111 -1.26 -13.16 -1.33
C LEU A 111 -2.80 -13.30 -1.26
N LYS A 112 -3.30 -14.40 -1.82
CA LYS A 112 -4.73 -14.75 -1.76
C LYS A 112 -5.14 -15.14 -0.32
N GLU A 113 -4.23 -15.82 0.40
CA GLU A 113 -4.42 -16.19 1.82
C GLU A 113 -4.46 -14.91 2.71
N LEU A 114 -3.62 -13.93 2.36
CA LEU A 114 -3.59 -12.60 3.01
C LEU A 114 -4.96 -11.89 2.82
N TRP A 115 -5.55 -12.03 1.62
CA TRP A 115 -6.92 -11.58 1.33
C TRP A 115 -7.96 -12.38 2.16
N ASP A 116 -7.77 -13.71 2.29
CA ASP A 116 -8.68 -14.58 3.09
C ASP A 116 -8.64 -14.21 4.60
N SER A 117 -7.48 -13.66 5.03
CA SER A 117 -7.32 -13.11 6.39
C SER A 117 -8.10 -11.78 6.55
N GLN A 118 -7.95 -10.87 5.55
CA GLN A 118 -8.58 -9.54 5.57
C GLN A 118 -10.12 -9.59 5.42
N VAL A 119 -10.63 -10.48 4.54
CA VAL A 119 -12.09 -10.57 4.26
C VAL A 119 -12.84 -11.25 5.44
N SER A 120 -12.19 -12.22 6.10
CA SER A 120 -12.75 -12.91 7.30
C SER A 120 -12.82 -11.94 8.50
N LYS A 121 -11.73 -11.17 8.70
CA LYS A 121 -11.66 -10.13 9.75
C LYS A 121 -12.65 -8.96 9.48
N LEU A 122 -12.84 -8.62 8.19
CA LEU A 122 -13.72 -7.51 7.78
C LEU A 122 -15.20 -7.84 8.07
N ARG A 123 -15.66 -9.04 7.68
CA ARG A 123 -17.09 -9.44 7.85
C ARG A 123 -17.50 -9.61 9.35
N ARG A 124 -16.54 -9.99 10.24
CA ARG A 124 -16.80 -10.16 11.68
C ARG A 124 -16.80 -8.80 12.44
N THR A 125 -15.93 -7.85 12.02
CA THR A 125 -15.82 -6.52 12.67
C THR A 125 -16.80 -5.48 12.07
N CYS A 126 -17.26 -5.75 10.82
CA CYS A 126 -18.01 -4.79 9.95
C CYS A 126 -17.09 -3.67 9.41
N GLY A 127 -16.41 -2.97 10.32
CA GLY A 127 -15.42 -1.95 9.98
C GLY A 127 -14.68 -1.40 11.21
N PHE A 128 -14.33 -0.11 11.17
CA PHE A 128 -13.68 0.64 12.28
C PHE A 128 -12.25 0.10 12.62
N LEU A 129 -11.53 -0.32 11.56
CA LEU A 129 -10.11 -0.73 11.66
C LEU A 129 -9.21 0.54 11.69
N GLU A 130 -8.77 0.92 12.90
CA GLU A 130 -8.09 2.22 13.14
C GLU A 130 -6.70 2.03 13.81
N HIS A 131 -5.86 3.10 13.73
CA HIS A 131 -4.50 3.16 14.34
C HIS A 131 -3.51 2.17 13.69
N HIS A 132 -2.35 1.95 14.37
CA HIS A 132 -1.38 0.88 14.03
C HIS A 132 -2.10 -0.50 13.98
N HIS A 133 -2.26 -1.05 12.77
CA HIS A 133 -3.06 -2.27 12.53
C HIS A 133 -2.33 -3.57 12.92
N HIS A 134 -0.98 -3.52 13.01
CA HIS A 134 -0.15 -4.69 13.38
C HIS A 134 1.07 -4.30 14.24
N HIS A 135 1.68 -5.33 14.88
CA HIS A 135 2.89 -5.19 15.74
C HIS A 135 3.67 -6.54 15.74
N HIS A 136 4.78 -6.58 14.97
CA HIS A 136 5.61 -7.81 14.76
C HIS A 136 4.78 -8.98 14.16
N MET A 1 7.87 -19.15 -14.13
CA MET A 1 8.42 -17.86 -14.66
C MET A 1 7.29 -16.80 -14.85
N LYS A 2 6.02 -17.26 -14.90
CA LYS A 2 4.85 -16.38 -15.13
C LYS A 2 4.34 -15.77 -13.80
N LYS A 3 4.15 -14.44 -13.79
CA LYS A 3 3.56 -13.71 -12.63
C LYS A 3 2.03 -13.53 -12.83
N GLU A 4 1.36 -12.94 -11.82
CA GLU A 4 -0.09 -12.70 -11.86
C GLU A 4 -0.44 -11.39 -11.14
N LYS A 5 -0.95 -10.41 -11.89
CA LYS A 5 -1.47 -9.16 -11.32
C LYS A 5 -2.80 -9.44 -10.59
N ILE A 6 -2.90 -8.99 -9.33
CA ILE A 6 -4.11 -9.15 -8.49
C ILE A 6 -4.42 -7.78 -7.83
N HIS A 7 -5.67 -7.32 -7.96
CA HIS A 7 -6.15 -6.10 -7.27
C HIS A 7 -7.08 -6.48 -6.11
N LEU A 8 -6.69 -6.09 -4.87
CA LEU A 8 -7.37 -6.50 -3.62
C LEU A 8 -8.21 -5.34 -3.06
N GLU A 9 -9.41 -5.64 -2.52
CA GLU A 9 -10.36 -4.62 -2.05
C GLU A 9 -10.76 -4.84 -0.56
N TYR A 10 -10.62 -3.77 0.24
CA TYR A 10 -10.93 -3.75 1.69
C TYR A 10 -11.88 -2.57 1.99
N LEU A 11 -13.02 -2.84 2.65
CA LEU A 11 -14.02 -1.79 2.95
C LEU A 11 -13.78 -1.28 4.40
N LEU A 12 -13.15 -0.10 4.52
CA LEU A 12 -12.80 0.49 5.83
C LEU A 12 -13.98 1.29 6.42
N ASN A 13 -14.52 0.77 7.54
CA ASN A 13 -15.54 1.47 8.36
C ASN A 13 -14.83 2.51 9.25
N ALA A 14 -14.57 3.70 8.68
CA ALA A 14 -13.70 4.71 9.31
C ALA A 14 -14.04 6.16 8.91
N THR A 15 -15.05 6.34 8.03
CA THR A 15 -15.43 7.68 7.47
C THR A 15 -14.22 8.30 6.66
N SER A 16 -14.04 9.64 6.63
CA SER A 16 -12.95 10.30 5.86
C SER A 16 -11.54 9.99 6.46
N LYS A 17 -10.98 8.82 6.08
CA LYS A 17 -9.60 8.42 6.40
C LYS A 17 -8.85 8.02 5.10
N ASN A 18 -8.65 9.01 4.20
CA ASN A 18 -7.72 8.86 3.04
C ASN A 18 -6.25 8.81 3.52
N ILE A 19 -6.01 9.47 4.68
CA ILE A 19 -4.68 9.65 5.32
C ILE A 19 -3.92 8.29 5.53
N LEU A 20 -4.71 7.17 5.64
CA LEU A 20 -4.19 5.79 5.86
C LEU A 20 -2.95 5.48 4.99
N TRP A 21 -3.14 5.50 3.66
CA TRP A 21 -2.04 5.33 2.69
C TRP A 21 -1.59 6.66 2.07
N SER A 22 -2.42 7.72 2.10
CA SER A 22 -2.05 9.07 1.53
C SER A 22 -0.77 9.65 2.19
N ALA A 23 -0.42 9.12 3.38
CA ALA A 23 0.83 9.42 4.11
C ALA A 23 2.10 9.18 3.25
N ILE A 24 2.08 8.14 2.38
CA ILE A 24 3.27 7.72 1.59
C ILE A 24 3.70 8.75 0.51
N SER A 25 2.82 9.73 0.21
CA SER A 25 3.12 10.80 -0.78
C SER A 25 4.18 11.79 -0.24
N THR A 26 4.11 12.08 1.07
CA THR A 26 5.03 13.01 1.76
C THR A 26 6.15 12.24 2.51
N PRO A 27 7.35 12.89 2.71
CA PRO A 27 8.42 12.36 3.59
C PRO A 27 7.91 12.09 5.04
N THR A 28 7.50 13.18 5.75
CA THR A 28 7.00 13.10 7.14
C THR A 28 5.86 12.07 7.35
N GLY A 29 5.02 11.88 6.31
CA GLY A 29 3.93 10.89 6.35
C GLY A 29 4.40 9.44 6.16
N LEU A 30 5.37 9.23 5.25
CA LEU A 30 5.95 7.88 5.00
C LEU A 30 6.72 7.35 6.24
N GLU A 31 7.64 8.18 6.80
CA GLU A 31 8.44 7.81 7.99
C GLU A 31 7.57 7.67 9.27
N ASP A 32 6.34 8.21 9.23
CA ASP A 32 5.34 8.07 10.32
C ASP A 32 5.03 6.57 10.64
N TRP A 33 5.19 5.69 9.63
CA TRP A 33 4.88 4.25 9.76
C TRP A 33 5.83 3.37 8.89
N PHE A 34 6.92 3.95 8.36
CA PHE A 34 7.92 3.21 7.55
C PHE A 34 9.31 3.88 7.64
N ALA A 35 10.27 3.21 8.34
CA ALA A 35 11.67 3.70 8.57
C ALA A 35 11.73 4.87 9.59
N ASP A 36 12.97 5.14 10.08
CA ASP A 36 13.25 6.18 11.09
C ASP A 36 13.15 7.60 10.49
N LYS A 37 13.76 7.76 9.32
CA LYS A 37 13.82 9.04 8.59
C LYS A 37 13.79 8.75 7.10
N VAL A 38 12.85 9.34 6.36
CA VAL A 38 12.81 9.21 4.90
C VAL A 38 13.00 10.60 4.24
N VAL A 39 14.10 10.75 3.49
CA VAL A 39 14.40 12.01 2.78
C VAL A 39 13.98 11.88 1.31
N SER A 40 12.97 12.68 0.92
CA SER A 40 12.43 12.70 -0.45
C SER A 40 13.28 13.63 -1.33
N ASP A 41 13.99 13.04 -2.30
CA ASP A 41 14.84 13.75 -3.27
C ASP A 41 14.03 14.85 -4.02
N ASP A 42 13.06 14.38 -4.85
CA ASP A 42 12.13 15.23 -5.61
C ASP A 42 11.13 14.34 -6.39
N LYS A 43 11.69 13.30 -7.04
CA LYS A 43 10.93 12.26 -7.79
C LYS A 43 11.18 10.86 -7.20
N THR A 44 11.84 10.83 -6.02
CA THR A 44 12.28 9.59 -5.32
C THR A 44 12.26 9.84 -3.80
N VAL A 45 11.99 8.79 -2.99
CA VAL A 45 12.05 8.85 -1.50
C VAL A 45 13.09 7.85 -0.96
N THR A 46 14.00 8.32 -0.09
CA THR A 46 15.08 7.49 0.49
C THR A 46 14.78 7.11 1.95
N PHE A 47 14.51 5.82 2.18
CA PHE A 47 14.21 5.26 3.51
C PHE A 47 15.52 4.98 4.29
N CYS A 48 15.87 5.89 5.19
CA CYS A 48 17.09 5.77 6.03
C CYS A 48 16.79 5.11 7.40
N TRP A 49 17.55 4.06 7.72
CA TRP A 49 17.54 3.38 9.03
C TRP A 49 18.83 3.68 9.80
N GLY A 50 19.98 3.58 9.10
CA GLY A 50 21.31 3.87 9.69
C GLY A 50 22.34 4.36 8.67
N LYS A 51 23.62 4.43 9.10
CA LYS A 51 24.77 4.82 8.23
C LYS A 51 24.93 3.84 7.06
N THR A 52 24.64 4.32 5.83
CA THR A 52 24.66 3.52 4.55
C THR A 52 23.43 2.56 4.42
N GLU A 53 22.80 2.23 5.57
CA GLU A 53 21.61 1.36 5.64
C GLU A 53 20.35 2.15 5.20
N GLN A 54 20.16 2.24 3.88
CA GLN A 54 19.09 3.05 3.26
C GLN A 54 18.74 2.54 1.84
N ARG A 55 17.44 2.52 1.52
CA ARG A 55 16.91 2.12 0.18
C ARG A 55 16.15 3.32 -0.42
N GLN A 56 15.89 3.29 -1.74
CA GLN A 56 15.14 4.36 -2.45
C GLN A 56 13.97 3.76 -3.27
N ALA A 57 12.90 4.56 -3.45
CA ALA A 57 11.76 4.21 -4.32
C ALA A 57 11.27 5.46 -5.10
N GLY A 58 11.36 5.41 -6.44
CA GLY A 58 10.92 6.48 -7.32
C GLY A 58 9.41 6.46 -7.58
N ILE A 59 8.77 7.65 -7.48
CA ILE A 59 7.32 7.81 -7.77
C ILE A 59 7.10 7.73 -9.29
N VAL A 60 6.17 6.86 -9.73
CA VAL A 60 5.85 6.69 -11.16
C VAL A 60 4.76 7.70 -11.60
N ALA A 61 3.63 7.72 -10.87
CA ALA A 61 2.50 8.64 -11.13
C ALA A 61 1.59 8.78 -9.87
N ILE A 62 0.90 9.91 -9.78
CA ILE A 62 -0.05 10.22 -8.67
C ILE A 62 -1.13 11.23 -9.14
N ARG A 63 -2.35 11.12 -8.56
CA ARG A 63 -3.44 12.10 -8.82
C ARG A 63 -4.34 12.21 -7.57
N ALA A 64 -4.12 13.30 -6.79
CA ALA A 64 -4.82 13.60 -5.52
C ALA A 64 -4.85 12.39 -4.52
N TYR A 65 -5.85 11.49 -4.68
CA TYR A 65 -5.94 10.23 -3.86
C TYR A 65 -6.55 9.06 -4.68
N SER A 66 -6.96 9.34 -5.96
CA SER A 66 -7.53 8.31 -6.87
C SER A 66 -6.49 7.22 -7.20
N PHE A 67 -5.19 7.59 -7.21
CA PHE A 67 -4.07 6.64 -7.28
C PHE A 67 -2.73 7.26 -6.87
N ILE A 68 -1.80 6.40 -6.48
CA ILE A 68 -0.39 6.75 -6.24
C ILE A 68 0.50 5.51 -6.55
N ARG A 69 1.65 5.74 -7.20
CA ARG A 69 2.54 4.65 -7.69
C ARG A 69 4.00 4.88 -7.26
N PHE A 70 4.67 3.77 -6.87
CA PHE A 70 6.12 3.74 -6.55
C PHE A 70 6.82 2.59 -7.30
N HIS A 71 8.15 2.67 -7.38
CA HIS A 71 9.00 1.61 -7.94
C HIS A 71 10.39 1.69 -7.28
N TRP A 72 10.83 0.58 -6.65
CA TRP A 72 12.11 0.52 -5.91
C TRP A 72 13.33 0.62 -6.85
N LEU A 73 14.33 1.41 -6.44
CA LEU A 73 15.65 1.47 -7.09
C LEU A 73 16.49 0.22 -6.73
N ASP A 74 16.30 -0.26 -5.47
CA ASP A 74 16.89 -1.53 -4.99
C ASP A 74 16.28 -2.74 -5.75
N ASP A 75 14.98 -2.99 -5.52
CA ASP A 75 14.22 -4.00 -6.27
C ASP A 75 13.71 -3.38 -7.59
N GLU A 76 14.64 -3.25 -8.56
CA GLU A 76 14.35 -2.65 -9.88
C GLU A 76 13.73 -3.68 -10.87
N ASN A 77 13.24 -4.80 -10.33
CA ASN A 77 12.59 -5.88 -11.11
C ASN A 77 11.35 -5.37 -11.89
N GLU A 78 11.44 -5.39 -13.23
CA GLU A 78 10.31 -5.03 -14.13
C GLU A 78 9.27 -6.18 -14.23
N ARG A 79 8.15 -5.87 -14.94
CA ARG A 79 6.95 -6.75 -15.11
C ARG A 79 6.11 -6.77 -13.81
N ASP A 80 6.76 -7.02 -12.67
CA ASP A 80 6.17 -6.84 -11.35
C ASP A 80 5.91 -5.35 -11.08
N TYR A 81 4.71 -5.05 -10.55
CA TYR A 81 4.17 -3.68 -10.44
C TYR A 81 3.27 -3.56 -9.19
N PHE A 82 3.39 -2.44 -8.46
CA PHE A 82 2.69 -2.22 -7.18
C PHE A 82 2.21 -0.76 -7.05
N GLU A 83 0.90 -0.58 -6.84
CA GLU A 83 0.29 0.76 -6.57
C GLU A 83 -0.81 0.65 -5.50
N ILE A 84 -1.13 1.78 -4.87
CA ILE A 84 -2.19 1.88 -3.85
C ILE A 84 -3.18 3.00 -4.24
N LYS A 85 -4.49 2.73 -4.10
CA LYS A 85 -5.54 3.76 -4.23
C LYS A 85 -6.67 3.54 -3.22
N MET A 86 -7.52 4.58 -3.06
CA MET A 86 -8.76 4.49 -2.26
C MET A 86 -9.90 5.28 -2.96
N SER A 87 -11.10 4.74 -2.86
CA SER A 87 -12.33 5.34 -3.42
C SER A 87 -13.25 5.76 -2.27
N TYR A 88 -13.67 7.03 -2.28
CA TYR A 88 -14.55 7.59 -1.25
C TYR A 88 -16.02 7.33 -1.64
N ASN A 89 -16.70 6.43 -0.90
CA ASN A 89 -18.08 5.99 -1.19
C ASN A 89 -19.10 7.16 -1.08
N GLU A 90 -18.76 8.19 -0.26
CA GLU A 90 -19.53 9.46 -0.11
C GLU A 90 -20.87 9.27 0.64
N LEU A 91 -21.81 8.55 0.02
CA LEU A 91 -23.18 8.34 0.52
C LEU A 91 -23.22 7.54 1.84
N THR A 92 -22.08 6.92 2.22
CA THR A 92 -21.91 6.22 3.51
C THR A 92 -20.63 6.71 4.24
N GLY A 93 -19.80 7.53 3.54
CA GLY A 93 -18.59 8.15 4.14
C GLY A 93 -17.33 7.26 4.13
N ASP A 94 -17.50 5.94 4.01
CA ASP A 94 -16.39 4.96 4.12
C ASP A 94 -15.53 4.87 2.83
N TYR A 95 -14.49 4.00 2.85
CA TYR A 95 -13.52 3.85 1.74
C TYR A 95 -13.44 2.40 1.17
N VAL A 96 -13.48 2.31 -0.17
CA VAL A 96 -13.08 1.12 -0.94
C VAL A 96 -11.55 1.20 -1.20
N LEU A 97 -10.77 0.41 -0.44
CA LEU A 97 -9.30 0.45 -0.45
C LEU A 97 -8.77 -0.63 -1.40
N GLU A 98 -8.10 -0.21 -2.48
CA GLU A 98 -7.72 -1.11 -3.57
C GLU A 98 -6.19 -1.08 -3.78
N ILE A 99 -5.53 -2.21 -3.54
CA ILE A 99 -4.07 -2.39 -3.74
C ILE A 99 -3.82 -3.27 -5.00
N THR A 100 -3.18 -2.72 -6.03
CA THR A 100 -2.81 -3.48 -7.25
C THR A 100 -1.38 -4.04 -7.10
N ASP A 101 -1.28 -5.35 -6.81
CA ASP A 101 -0.02 -6.07 -6.59
C ASP A 101 0.27 -7.06 -7.75
N PHE A 102 1.53 -7.51 -7.86
CA PHE A 102 1.91 -8.67 -8.70
C PHE A 102 2.39 -9.81 -7.78
N SER A 103 1.66 -10.94 -7.81
CA SER A 103 2.02 -12.15 -7.07
C SER A 103 2.68 -13.18 -8.00
N GLU A 104 3.80 -13.74 -7.54
CA GLU A 104 4.50 -14.84 -8.24
C GLU A 104 3.64 -16.12 -8.18
N ALA A 105 3.54 -16.88 -9.30
CA ALA A 105 2.65 -18.08 -9.41
C ALA A 105 2.73 -19.07 -8.20
N ASP A 106 3.96 -19.44 -7.80
CA ASP A 106 4.20 -20.36 -6.65
C ASP A 106 3.80 -19.72 -5.30
N GLU A 107 3.83 -18.38 -5.23
CA GLU A 107 3.53 -17.62 -3.98
C GLU A 107 2.05 -17.16 -3.95
N ALA A 108 1.40 -17.18 -5.13
CA ALA A 108 0.06 -16.55 -5.36
C ALA A 108 -1.06 -17.15 -4.48
N ASP A 109 -0.95 -18.45 -4.18
CA ASP A 109 -1.92 -19.16 -3.29
C ASP A 109 -1.80 -18.65 -1.82
N ASP A 110 -0.56 -18.33 -1.40
CA ASP A 110 -0.28 -17.81 -0.03
C ASP A 110 -0.73 -16.34 0.10
N LEU A 111 -0.46 -15.53 -0.95
CA LEU A 111 -0.97 -14.13 -1.06
C LEU A 111 -2.52 -14.11 -1.00
N LYS A 112 -3.14 -14.91 -1.89
CA LYS A 112 -4.61 -15.01 -2.01
C LYS A 112 -5.26 -15.50 -0.70
N GLU A 113 -4.64 -16.48 -0.01
CA GLU A 113 -5.16 -16.99 1.29
C GLU A 113 -5.14 -15.89 2.37
N LEU A 114 -4.05 -15.10 2.41
CA LEU A 114 -3.87 -14.00 3.39
C LEU A 114 -4.96 -12.91 3.17
N TRP A 115 -5.06 -12.40 1.93
CA TRP A 115 -6.00 -11.32 1.56
C TRP A 115 -7.48 -11.78 1.68
N ASP A 116 -7.77 -13.01 1.22
CA ASP A 116 -9.12 -13.62 1.29
C ASP A 116 -9.56 -13.83 2.76
N SER A 117 -8.59 -14.15 3.64
CA SER A 117 -8.85 -14.30 5.10
C SER A 117 -9.30 -12.97 5.73
N GLN A 118 -8.70 -11.86 5.26
CA GLN A 118 -9.04 -10.50 5.75
C GLN A 118 -10.40 -10.02 5.20
N VAL A 119 -10.71 -10.36 3.94
CA VAL A 119 -12.01 -10.04 3.30
C VAL A 119 -13.14 -10.97 3.84
N SER A 120 -12.75 -12.19 4.24
CA SER A 120 -13.66 -13.16 4.90
C SER A 120 -14.08 -12.63 6.28
N LYS A 121 -13.08 -12.23 7.11
CA LYS A 121 -13.34 -11.59 8.41
C LYS A 121 -14.07 -10.23 8.26
N LEU A 122 -13.79 -9.53 7.14
CA LEU A 122 -14.42 -8.24 6.78
C LEU A 122 -15.96 -8.34 6.65
N ARG A 123 -16.48 -9.44 6.08
CA ARG A 123 -17.94 -9.68 5.99
C ARG A 123 -18.53 -10.23 7.32
N ARG A 124 -17.66 -10.80 8.19
CA ARG A 124 -18.06 -11.30 9.52
C ARG A 124 -18.26 -10.13 10.52
N THR A 125 -17.38 -9.10 10.43
CA THR A 125 -17.50 -7.86 11.24
C THR A 125 -18.56 -6.90 10.62
N CYS A 126 -18.60 -6.83 9.28
CA CYS A 126 -19.59 -6.04 8.53
C CYS A 126 -20.58 -6.98 7.84
N GLY A 127 -21.64 -7.38 8.57
CA GLY A 127 -22.64 -8.37 8.10
C GLY A 127 -23.43 -7.93 6.86
N PHE A 128 -23.51 -6.60 6.63
CA PHE A 128 -24.16 -6.02 5.43
C PHE A 128 -23.39 -6.36 4.14
N LEU A 129 -22.04 -6.47 4.25
CA LEU A 129 -21.18 -6.86 3.12
C LEU A 129 -21.43 -8.34 2.74
N GLU A 130 -22.16 -8.57 1.65
CA GLU A 130 -22.39 -9.92 1.11
C GLU A 130 -21.17 -10.36 0.27
N HIS A 131 -20.13 -10.86 0.97
CA HIS A 131 -19.04 -11.61 0.33
C HIS A 131 -19.38 -13.12 0.45
N HIS A 132 -20.35 -13.54 -0.39
CA HIS A 132 -20.97 -14.88 -0.34
C HIS A 132 -19.99 -15.96 -0.87
N HIS A 133 -19.13 -16.46 0.04
CA HIS A 133 -18.15 -17.51 -0.25
C HIS A 133 -17.83 -18.30 1.05
N HIS A 134 -18.38 -19.53 1.16
CA HIS A 134 -18.07 -20.45 2.27
C HIS A 134 -16.97 -21.45 1.86
N HIS A 135 -16.07 -21.76 2.81
CA HIS A 135 -14.97 -22.73 2.60
C HIS A 135 -14.55 -23.36 3.95
N HIS A 136 -14.47 -24.71 3.98
CA HIS A 136 -14.02 -25.47 5.17
C HIS A 136 -12.50 -25.30 5.38
N MET A 1 9.25 -18.21 -14.46
CA MET A 1 7.98 -17.85 -15.16
C MET A 1 7.61 -16.37 -14.93
N LYS A 2 6.77 -15.83 -15.81
CA LYS A 2 6.30 -14.41 -15.74
C LYS A 2 4.94 -14.31 -15.01
N LYS A 3 4.75 -13.19 -14.29
CA LYS A 3 3.66 -13.03 -13.29
C LYS A 3 2.38 -12.41 -13.89
N GLU A 4 1.22 -12.77 -13.30
CA GLU A 4 -0.11 -12.24 -13.67
C GLU A 4 -0.55 -11.11 -12.72
N LYS A 5 -1.22 -10.09 -13.28
CA LYS A 5 -1.79 -8.98 -12.50
C LYS A 5 -3.02 -9.45 -11.66
N ILE A 6 -3.10 -8.98 -10.40
CA ILE A 6 -4.20 -9.30 -9.46
C ILE A 6 -4.56 -8.03 -8.64
N HIS A 7 -5.85 -7.75 -8.43
CA HIS A 7 -6.31 -6.65 -7.56
C HIS A 7 -7.01 -7.19 -6.28
N LEU A 8 -6.49 -6.77 -5.10
CA LEU A 8 -7.03 -7.15 -3.76
C LEU A 8 -7.90 -5.99 -3.21
N GLU A 9 -9.18 -6.27 -2.94
CA GLU A 9 -10.16 -5.23 -2.52
C GLU A 9 -10.57 -5.39 -1.02
N TYR A 10 -10.48 -4.27 -0.28
CA TYR A 10 -10.86 -4.19 1.15
C TYR A 10 -11.85 -3.02 1.35
N LEU A 11 -12.98 -3.25 2.01
CA LEU A 11 -14.02 -2.21 2.21
C LEU A 11 -13.85 -1.54 3.60
N LEU A 12 -13.25 -0.34 3.62
CA LEU A 12 -12.91 0.35 4.90
C LEU A 12 -14.16 1.01 5.52
N ASN A 13 -14.58 0.46 6.68
CA ASN A 13 -15.76 0.92 7.44
C ASN A 13 -15.32 1.71 8.69
N ALA A 14 -16.10 2.77 9.03
CA ALA A 14 -15.87 3.67 10.20
C ALA A 14 -14.69 4.66 9.98
N THR A 15 -13.55 4.16 9.44
CA THR A 15 -12.39 5.00 9.06
C THR A 15 -12.76 6.00 7.94
N SER A 16 -13.14 5.44 6.76
CA SER A 16 -13.75 6.19 5.62
C SER A 16 -12.91 7.39 5.09
N LYS A 17 -11.58 7.37 5.29
CA LYS A 17 -10.67 8.45 4.85
C LYS A 17 -9.61 7.95 3.84
N ASN A 18 -9.16 8.84 2.95
CA ASN A 18 -8.04 8.57 2.01
C ASN A 18 -6.67 8.54 2.75
N ILE A 19 -6.61 9.32 3.84
CA ILE A 19 -5.40 9.58 4.66
C ILE A 19 -4.70 8.28 5.16
N LEU A 20 -5.50 7.18 5.26
CA LEU A 20 -5.02 5.82 5.63
C LEU A 20 -3.71 5.43 4.88
N TRP A 21 -3.81 5.36 3.54
CA TRP A 21 -2.66 5.05 2.66
C TRP A 21 -2.06 6.32 2.02
N SER A 22 -2.81 7.44 1.96
CA SER A 22 -2.31 8.73 1.39
C SER A 22 -1.05 9.27 2.14
N ALA A 23 -0.82 8.75 3.36
CA ALA A 23 0.39 9.04 4.19
C ALA A 23 1.72 8.70 3.45
N ILE A 24 1.69 7.67 2.57
CA ILE A 24 2.90 7.17 1.86
C ILE A 24 3.42 8.14 0.77
N SER A 25 2.63 9.17 0.44
CA SER A 25 3.06 10.21 -0.53
C SER A 25 3.99 11.25 0.14
N THR A 26 3.83 11.45 1.47
CA THR A 26 4.64 12.39 2.26
C THR A 26 5.75 11.66 3.07
N PRO A 27 6.94 12.31 3.26
CA PRO A 27 8.03 11.79 4.16
C PRO A 27 7.54 11.57 5.63
N THR A 28 7.01 12.65 6.24
CA THR A 28 6.45 12.65 7.62
C THR A 28 5.35 11.58 7.82
N GLY A 29 4.40 11.51 6.86
CA GLY A 29 3.30 10.54 6.89
C GLY A 29 3.77 9.09 6.79
N LEU A 30 4.79 8.83 5.95
CA LEU A 30 5.39 7.50 5.78
C LEU A 30 6.11 7.02 7.07
N GLU A 31 7.04 7.83 7.63
CA GLU A 31 7.82 7.45 8.86
C GLU A 31 6.96 7.43 10.14
N ASP A 32 5.68 7.85 10.03
CA ASP A 32 4.72 7.69 11.12
C ASP A 32 4.41 6.19 11.37
N TRP A 33 4.43 5.36 10.30
CA TRP A 33 4.07 3.91 10.37
C TRP A 33 4.98 3.00 9.50
N PHE A 34 6.08 3.54 8.95
CA PHE A 34 7.06 2.76 8.14
C PHE A 34 8.45 3.42 8.17
N ALA A 35 9.51 2.61 8.43
CA ALA A 35 10.93 3.07 8.56
C ALA A 35 11.15 3.97 9.80
N ASP A 36 12.34 3.87 10.41
CA ASP A 36 12.75 4.80 11.50
C ASP A 36 12.74 6.27 11.01
N LYS A 37 13.21 6.46 9.78
CA LYS A 37 13.30 7.77 9.13
C LYS A 37 12.99 7.67 7.62
N VAL A 38 12.17 8.62 7.14
CA VAL A 38 11.85 8.77 5.71
C VAL A 38 12.11 10.24 5.30
N VAL A 39 13.18 10.44 4.51
CA VAL A 39 13.55 11.75 3.92
C VAL A 39 13.13 11.79 2.43
N SER A 40 12.46 12.87 2.01
CA SER A 40 12.11 13.11 0.59
C SER A 40 13.10 14.08 -0.07
N ASP A 41 13.81 13.60 -1.11
CA ASP A 41 14.75 14.43 -1.89
C ASP A 41 13.97 15.44 -2.78
N ASP A 42 13.28 14.93 -3.82
CA ASP A 42 12.48 15.76 -4.75
C ASP A 42 11.55 14.85 -5.58
N LYS A 43 12.15 14.08 -6.51
CA LYS A 43 11.44 13.05 -7.31
C LYS A 43 11.69 11.64 -6.73
N THR A 44 12.51 11.56 -5.66
CA THR A 44 12.90 10.29 -5.00
C THR A 44 12.78 10.42 -3.46
N VAL A 45 12.39 9.30 -2.81
CA VAL A 45 12.23 9.21 -1.34
C VAL A 45 13.26 8.21 -0.72
N THR A 46 14.18 8.72 0.12
CA THR A 46 15.25 7.94 0.77
C THR A 46 14.84 7.44 2.19
N PHE A 47 14.83 6.11 2.40
CA PHE A 47 14.56 5.49 3.72
C PHE A 47 15.89 5.15 4.43
N CYS A 48 16.26 5.93 5.44
CA CYS A 48 17.55 5.74 6.17
C CYS A 48 17.30 5.03 7.52
N TRP A 49 17.73 3.75 7.62
CA TRP A 49 17.55 2.90 8.82
C TRP A 49 18.10 1.47 8.59
N GLY A 50 18.28 0.71 9.69
CA GLY A 50 18.78 -0.68 9.64
C GLY A 50 20.24 -0.78 9.19
N LYS A 51 21.17 -0.46 10.12
CA LYS A 51 22.63 -0.38 9.86
C LYS A 51 22.97 0.74 8.83
N THR A 52 24.18 0.71 8.25
CA THR A 52 24.59 1.64 7.18
C THR A 52 23.98 1.21 5.83
N GLU A 53 22.69 1.54 5.63
CA GLU A 53 21.95 1.28 4.37
C GLU A 53 20.73 2.20 4.25
N GLN A 54 20.57 2.79 3.05
CA GLN A 54 19.46 3.69 2.70
C GLN A 54 18.81 3.22 1.38
N ARG A 55 17.48 3.24 1.34
CA ARG A 55 16.72 2.70 0.19
C ARG A 55 16.01 3.86 -0.52
N GLN A 56 16.48 4.20 -1.70
CA GLN A 56 15.98 5.37 -2.45
C GLN A 56 14.98 4.91 -3.53
N ALA A 57 13.70 5.30 -3.38
CA ALA A 57 12.61 4.93 -4.31
C ALA A 57 11.94 6.19 -4.90
N GLY A 58 12.05 6.36 -6.23
CA GLY A 58 11.45 7.48 -6.94
C GLY A 58 9.97 7.27 -7.28
N ILE A 59 9.22 8.36 -7.41
CA ILE A 59 7.79 8.33 -7.79
C ILE A 59 7.67 7.99 -9.30
N VAL A 60 6.84 6.98 -9.65
CA VAL A 60 6.56 6.62 -11.06
C VAL A 60 5.35 7.44 -11.55
N ALA A 61 4.23 7.32 -10.80
CA ALA A 61 2.97 8.00 -11.11
C ALA A 61 2.12 8.16 -9.82
N ILE A 62 1.41 9.29 -9.72
CA ILE A 62 0.52 9.62 -8.58
C ILE A 62 -0.47 10.75 -8.97
N ARG A 63 -1.71 10.67 -8.47
CA ARG A 63 -2.76 11.73 -8.62
C ARG A 63 -3.72 11.67 -7.41
N ALA A 64 -3.53 12.62 -6.46
CA ALA A 64 -4.24 12.69 -5.16
C ALA A 64 -4.18 11.36 -4.35
N TYR A 65 -5.12 10.42 -4.65
CA TYR A 65 -5.16 9.07 -4.00
C TYR A 65 -5.80 7.99 -4.93
N SER A 66 -6.17 8.38 -6.18
CA SER A 66 -6.71 7.44 -7.21
C SER A 66 -5.66 6.42 -7.70
N PHE A 67 -4.37 6.69 -7.39
CA PHE A 67 -3.23 5.76 -7.65
C PHE A 67 -1.91 6.37 -7.15
N ILE A 68 -1.04 5.51 -6.60
CA ILE A 68 0.34 5.88 -6.22
C ILE A 68 1.27 4.64 -6.30
N ARG A 69 2.49 4.81 -6.86
CA ARG A 69 3.50 3.73 -7.02
C ARG A 69 4.93 4.30 -7.15
N PHE A 70 5.91 3.54 -6.62
CA PHE A 70 7.34 3.91 -6.58
C PHE A 70 8.22 2.91 -7.37
N HIS A 71 9.50 3.27 -7.57
CA HIS A 71 10.50 2.45 -8.29
C HIS A 71 11.90 2.71 -7.71
N TRP A 72 12.77 1.72 -7.76
CA TRP A 72 14.19 1.82 -7.30
C TRP A 72 14.93 2.96 -8.07
N LEU A 73 15.73 3.81 -7.36
CA LEU A 73 16.54 4.88 -8.01
C LEU A 73 17.56 4.24 -8.99
N ASP A 74 18.29 3.24 -8.47
CA ASP A 74 19.11 2.34 -9.27
C ASP A 74 18.21 1.24 -9.88
N ASP A 75 17.34 1.65 -10.82
CA ASP A 75 16.35 0.76 -11.44
C ASP A 75 17.04 -0.18 -12.47
N GLU A 76 17.50 -1.33 -11.98
CA GLU A 76 18.15 -2.38 -12.78
C GLU A 76 17.23 -2.94 -13.89
N ASN A 77 15.92 -3.11 -13.56
CA ASN A 77 14.88 -3.56 -14.52
C ASN A 77 13.47 -3.33 -13.95
N GLU A 78 12.55 -2.79 -14.77
CA GLU A 78 11.13 -2.59 -14.38
C GLU A 78 10.31 -3.90 -14.56
N ARG A 79 10.65 -4.92 -13.76
CA ARG A 79 9.95 -6.22 -13.77
C ARG A 79 8.65 -6.12 -12.93
N ASP A 80 8.84 -5.85 -11.63
CA ASP A 80 7.73 -5.83 -10.65
C ASP A 80 6.90 -4.54 -10.74
N TYR A 81 5.61 -4.65 -10.41
CA TYR A 81 4.68 -3.52 -10.39
C TYR A 81 3.62 -3.73 -9.31
N PHE A 82 3.50 -2.75 -8.41
CA PHE A 82 2.46 -2.68 -7.37
C PHE A 82 2.00 -1.22 -7.21
N GLU A 83 0.68 -1.00 -7.14
CA GLU A 83 0.10 0.33 -6.89
C GLU A 83 -0.92 0.25 -5.75
N ILE A 84 -1.14 1.40 -5.09
CA ILE A 84 -2.18 1.56 -4.07
C ILE A 84 -3.18 2.63 -4.57
N LYS A 85 -4.43 2.22 -4.79
CA LYS A 85 -5.53 3.12 -5.21
C LYS A 85 -6.70 2.97 -4.23
N MET A 86 -7.35 4.11 -3.89
CA MET A 86 -8.47 4.15 -2.92
C MET A 86 -9.66 4.90 -3.57
N SER A 87 -10.88 4.41 -3.36
CA SER A 87 -12.11 4.98 -3.97
C SER A 87 -13.23 5.14 -2.93
N TYR A 88 -13.98 6.25 -2.99
CA TYR A 88 -15.00 6.60 -1.97
C TYR A 88 -16.43 6.24 -2.43
N ASN A 89 -17.07 5.25 -1.75
CA ASN A 89 -18.51 4.97 -1.89
C ASN A 89 -19.29 6.03 -1.08
N GLU A 90 -19.77 7.08 -1.76
CA GLU A 90 -20.37 8.28 -1.12
C GLU A 90 -21.58 7.96 -0.21
N LEU A 91 -22.51 7.13 -0.71
CA LEU A 91 -23.83 6.91 -0.06
C LEU A 91 -23.75 6.00 1.19
N THR A 92 -22.65 5.23 1.33
CA THR A 92 -22.47 4.28 2.47
C THR A 92 -21.23 4.60 3.33
N GLY A 93 -20.36 5.50 2.83
CA GLY A 93 -19.14 5.93 3.56
C GLY A 93 -17.91 5.04 3.31
N ASP A 94 -18.12 3.78 2.92
CA ASP A 94 -17.05 2.76 2.70
C ASP A 94 -15.97 3.25 1.69
N TYR A 95 -14.75 2.71 1.83
CA TYR A 95 -13.68 2.92 0.83
C TYR A 95 -13.34 1.58 0.12
N VAL A 96 -13.36 1.59 -1.23
CA VAL A 96 -12.78 0.51 -2.05
C VAL A 96 -11.25 0.67 -2.07
N LEU A 97 -10.57 -0.11 -1.23
CA LEU A 97 -9.11 -0.12 -1.14
C LEU A 97 -8.57 -1.26 -2.01
N GLU A 98 -7.95 -0.89 -3.13
CA GLU A 98 -7.56 -1.84 -4.18
C GLU A 98 -6.02 -1.81 -4.35
N ILE A 99 -5.35 -2.87 -3.89
CA ILE A 99 -3.90 -3.04 -4.07
C ILE A 99 -3.67 -3.94 -5.31
N THR A 100 -3.08 -3.37 -6.38
CA THR A 100 -2.89 -4.08 -7.66
C THR A 100 -1.40 -4.42 -7.86
N ASP A 101 -1.08 -5.71 -7.74
CA ASP A 101 0.31 -6.24 -7.82
C ASP A 101 0.42 -7.29 -8.94
N PHE A 102 1.65 -7.63 -9.33
CA PHE A 102 1.93 -8.75 -10.25
C PHE A 102 2.45 -9.94 -9.41
N SER A 103 1.73 -11.07 -9.44
CA SER A 103 2.08 -12.29 -8.67
C SER A 103 2.01 -13.56 -9.54
N GLU A 104 2.96 -14.48 -9.31
CA GLU A 104 2.92 -15.86 -9.84
C GLU A 104 1.72 -16.64 -9.27
N ALA A 105 1.33 -17.74 -9.93
CA ALA A 105 0.40 -18.74 -9.34
C ALA A 105 0.87 -19.22 -7.94
N ASP A 106 2.22 -19.28 -7.76
CA ASP A 106 2.88 -19.57 -6.46
C ASP A 106 2.63 -18.45 -5.42
N GLU A 107 2.76 -17.19 -5.87
CA GLU A 107 2.70 -16.00 -4.97
C GLU A 107 1.25 -15.63 -4.63
N ALA A 108 0.33 -15.92 -5.57
CA ALA A 108 -1.10 -15.55 -5.47
C ALA A 108 -1.80 -16.30 -4.32
N ASP A 109 -1.28 -17.48 -3.97
CA ASP A 109 -1.82 -18.30 -2.87
C ASP A 109 -1.80 -17.55 -1.52
N ASP A 110 -0.69 -16.82 -1.24
CA ASP A 110 -0.54 -15.99 -0.02
C ASP A 110 -1.34 -14.67 -0.09
N LEU A 111 -1.39 -14.07 -1.29
CA LEU A 111 -2.15 -12.81 -1.53
C LEU A 111 -3.67 -12.99 -1.28
N LYS A 112 -4.27 -14.04 -1.88
CA LYS A 112 -5.71 -14.34 -1.73
C LYS A 112 -6.04 -14.94 -0.34
N GLU A 113 -5.07 -15.66 0.27
CA GLU A 113 -5.17 -16.10 1.68
C GLU A 113 -5.30 -14.88 2.62
N LEU A 114 -4.41 -13.90 2.43
CA LEU A 114 -4.44 -12.61 3.13
C LEU A 114 -5.80 -11.89 2.91
N TRP A 115 -6.15 -11.72 1.62
CA TRP A 115 -7.37 -11.00 1.18
C TRP A 115 -8.66 -11.57 1.82
N ASP A 116 -8.89 -12.88 1.64
CA ASP A 116 -10.12 -13.56 2.09
C ASP A 116 -10.25 -13.50 3.63
N SER A 117 -9.13 -13.76 4.31
CA SER A 117 -9.05 -13.75 5.79
C SER A 117 -9.26 -12.34 6.39
N GLN A 118 -8.73 -11.29 5.72
CA GLN A 118 -8.83 -9.90 6.22
C GLN A 118 -10.22 -9.29 5.98
N VAL A 119 -10.89 -9.68 4.89
CA VAL A 119 -12.28 -9.25 4.58
C VAL A 119 -13.30 -10.00 5.50
N SER A 120 -13.02 -11.29 5.78
CA SER A 120 -13.80 -12.10 6.75
C SER A 120 -13.61 -11.58 8.20
N LYS A 121 -12.37 -11.19 8.54
CA LYS A 121 -12.01 -10.61 9.87
C LYS A 121 -12.70 -9.23 10.03
N LEU A 122 -12.70 -8.46 8.93
CA LEU A 122 -13.34 -7.13 8.84
C LEU A 122 -14.87 -7.22 9.05
N ARG A 123 -15.45 -8.36 8.61
CA ARG A 123 -16.88 -8.69 8.80
C ARG A 123 -17.21 -8.91 10.31
N ARG A 124 -16.26 -9.54 11.03
CA ARG A 124 -16.39 -9.84 12.49
C ARG A 124 -16.33 -8.56 13.34
N THR A 125 -15.28 -7.75 13.10
CA THR A 125 -14.99 -6.50 13.88
C THR A 125 -15.87 -5.31 13.43
N CYS A 126 -16.47 -5.41 12.22
CA CYS A 126 -17.33 -4.35 11.60
C CYS A 126 -16.56 -3.02 11.35
N GLY A 127 -15.22 -3.13 11.20
CA GLY A 127 -14.35 -1.95 10.98
C GLY A 127 -14.00 -1.17 12.25
N PHE A 128 -13.96 -1.85 13.42
CA PHE A 128 -13.60 -1.22 14.72
C PHE A 128 -12.36 -1.93 15.36
N LEU A 129 -11.15 -1.59 14.86
CA LEU A 129 -9.88 -2.19 15.33
C LEU A 129 -9.23 -1.31 16.44
N GLU A 130 -9.10 -1.89 17.66
CA GLU A 130 -8.48 -1.25 18.86
C GLU A 130 -9.33 -0.05 19.40
N HIS A 131 -9.31 1.08 18.64
CA HIS A 131 -10.00 2.36 19.00
C HIS A 131 -9.31 3.06 20.22
N HIS A 132 -8.18 2.50 20.69
CA HIS A 132 -7.46 2.98 21.90
C HIS A 132 -6.33 3.99 21.55
N HIS A 133 -5.98 4.11 20.25
CA HIS A 133 -4.92 5.05 19.78
C HIS A 133 -4.96 5.28 18.24
N HIS A 134 -4.37 6.41 17.80
CA HIS A 134 -4.28 6.77 16.35
C HIS A 134 -3.05 7.70 16.09
N HIS A 135 -2.02 7.59 16.95
CA HIS A 135 -0.77 8.43 16.88
C HIS A 135 -1.05 9.92 17.21
N HIS A 136 -0.46 10.43 18.30
CA HIS A 136 -0.64 11.82 18.76
C HIS A 136 0.70 12.58 18.74
N MET A 1 9.40 -16.60 -12.09
CA MET A 1 9.13 -16.98 -13.51
C MET A 1 8.52 -15.76 -14.28
N LYS A 2 7.25 -15.42 -13.97
CA LYS A 2 6.57 -14.22 -14.51
C LYS A 2 5.43 -13.78 -13.55
N LYS A 3 5.45 -12.51 -13.12
CA LYS A 3 4.49 -11.99 -12.10
C LYS A 3 3.12 -11.66 -12.70
N GLU A 4 2.06 -12.01 -11.95
CA GLU A 4 0.66 -11.70 -12.30
C GLU A 4 0.16 -10.50 -11.47
N LYS A 5 -0.16 -9.40 -12.16
CA LYS A 5 -0.74 -8.18 -11.54
C LYS A 5 -2.22 -8.44 -11.13
N ILE A 6 -2.57 -8.06 -9.88
CA ILE A 6 -3.89 -8.33 -9.25
C ILE A 6 -4.27 -7.12 -8.35
N HIS A 7 -5.59 -6.83 -8.24
CA HIS A 7 -6.09 -5.77 -7.31
C HIS A 7 -7.05 -6.36 -6.25
N LEU A 8 -6.78 -6.04 -4.98
CA LEU A 8 -7.58 -6.50 -3.82
C LEU A 8 -8.38 -5.28 -3.26
N GLU A 9 -9.72 -5.41 -3.17
CA GLU A 9 -10.62 -4.31 -2.72
C GLU A 9 -11.00 -4.45 -1.22
N TYR A 10 -10.50 -3.54 -0.37
CA TYR A 10 -10.65 -3.60 1.10
C TYR A 10 -11.77 -2.66 1.59
N LEU A 11 -12.65 -3.18 2.48
CA LEU A 11 -13.82 -2.44 3.00
C LEU A 11 -13.45 -1.71 4.32
N LEU A 12 -13.21 -0.38 4.23
CA LEU A 12 -12.91 0.47 5.42
C LEU A 12 -13.88 1.67 5.47
N ASN A 13 -14.51 1.88 6.63
CA ASN A 13 -15.42 3.03 6.86
C ASN A 13 -15.13 3.71 8.21
N ALA A 14 -15.47 5.03 8.29
CA ALA A 14 -15.29 5.90 9.48
C ALA A 14 -13.80 6.22 9.77
N THR A 15 -13.53 7.50 10.11
CA THR A 15 -12.19 8.02 10.50
C THR A 15 -11.14 7.95 9.35
N SER A 16 -10.52 6.76 9.17
CA SER A 16 -9.43 6.56 8.19
C SER A 16 -10.01 6.20 6.80
N LYS A 17 -10.14 7.22 5.94
CA LYS A 17 -10.70 7.09 4.58
C LYS A 17 -9.58 6.93 3.52
N ASN A 18 -9.11 8.05 2.93
CA ASN A 18 -7.89 8.05 2.07
C ASN A 18 -6.61 7.89 2.92
N ILE A 19 -6.68 8.37 4.19
CA ILE A 19 -5.56 8.45 5.16
C ILE A 19 -4.80 7.09 5.31
N LEU A 20 -5.54 5.98 5.10
CA LEU A 20 -5.04 4.57 5.23
C LEU A 20 -3.64 4.38 4.57
N TRP A 21 -3.60 4.55 3.24
CA TRP A 21 -2.36 4.44 2.47
C TRP A 21 -1.78 5.81 2.06
N SER A 22 -2.58 6.90 2.13
CA SER A 22 -2.13 8.29 1.72
C SER A 22 -0.84 8.76 2.45
N ALA A 23 -0.53 8.09 3.58
CA ALA A 23 0.71 8.30 4.33
C ALA A 23 1.99 8.18 3.44
N ILE A 24 1.97 7.22 2.49
CA ILE A 24 3.13 6.93 1.59
C ILE A 24 3.41 8.05 0.55
N SER A 25 2.44 8.98 0.37
CA SER A 25 2.61 10.13 -0.56
C SER A 25 3.47 11.24 0.09
N THR A 26 3.52 11.25 1.44
CA THR A 26 4.22 12.27 2.25
C THR A 26 5.40 11.66 3.04
N PRO A 27 6.49 12.45 3.31
CA PRO A 27 7.61 12.03 4.21
C PRO A 27 7.11 11.62 5.63
N THR A 28 6.60 12.58 6.42
CA THR A 28 6.18 12.36 7.83
C THR A 28 5.18 11.19 8.01
N GLY A 29 4.30 11.00 7.01
CA GLY A 29 3.35 9.89 7.01
C GLY A 29 3.99 8.52 6.72
N LEU A 30 4.90 8.47 5.74
CA LEU A 30 5.54 7.21 5.27
C LEU A 30 6.42 6.60 6.40
N GLU A 31 7.27 7.44 7.03
CA GLU A 31 8.14 7.02 8.15
C GLU A 31 7.36 6.72 9.46
N ASP A 32 6.04 6.97 9.47
CA ASP A 32 5.20 6.73 10.65
C ASP A 32 4.75 5.23 10.75
N TRP A 33 4.86 4.48 9.63
CA TRP A 33 4.41 3.05 9.58
C TRP A 33 5.30 2.14 8.70
N PHE A 34 6.32 2.69 8.02
CA PHE A 34 7.21 1.91 7.11
C PHE A 34 8.67 1.86 7.65
N ALA A 35 9.42 2.98 7.51
CA ALA A 35 10.84 3.08 7.95
C ALA A 35 10.94 3.90 9.26
N ASP A 36 12.18 4.06 9.78
CA ASP A 36 12.46 4.94 10.94
C ASP A 36 12.25 6.41 10.56
N LYS A 37 12.99 6.82 9.52
CA LYS A 37 12.91 8.16 8.91
C LYS A 37 12.87 8.00 7.39
N VAL A 38 12.14 8.87 6.68
CA VAL A 38 12.21 8.93 5.21
C VAL A 38 12.45 10.38 4.73
N VAL A 39 13.56 10.62 4.03
CA VAL A 39 13.87 11.94 3.47
C VAL A 39 13.44 11.97 1.99
N SER A 40 12.43 12.81 1.68
CA SER A 40 11.81 12.85 0.34
C SER A 40 12.49 13.93 -0.54
N ASP A 41 13.11 13.48 -1.64
CA ASP A 41 13.77 14.35 -2.63
C ASP A 41 12.74 15.22 -3.39
N ASP A 42 11.91 14.57 -4.24
CA ASP A 42 10.80 15.24 -4.96
C ASP A 42 9.81 14.17 -5.54
N LYS A 43 10.29 13.35 -6.48
CA LYS A 43 9.56 12.17 -7.00
C LYS A 43 10.39 10.89 -6.69
N THR A 44 11.13 10.97 -5.58
CA THR A 44 11.90 9.86 -4.99
C THR A 44 11.90 10.02 -3.46
N VAL A 45 11.58 8.94 -2.74
CA VAL A 45 11.64 8.90 -1.28
C VAL A 45 12.81 8.00 -0.82
N THR A 46 13.74 8.58 -0.05
CA THR A 46 14.88 7.85 0.53
C THR A 46 14.50 7.30 1.92
N PHE A 47 14.35 5.98 2.02
CA PHE A 47 14.02 5.30 3.29
C PHE A 47 15.30 5.13 4.11
N CYS A 48 15.29 5.59 5.36
CA CYS A 48 16.45 5.59 6.26
C CYS A 48 16.12 4.77 7.53
N TRP A 49 16.78 3.62 7.68
CA TRP A 49 16.62 2.73 8.85
C TRP A 49 17.81 2.87 9.83
N GLY A 50 17.88 1.93 10.82
CA GLY A 50 19.05 1.81 11.69
C GLY A 50 20.31 1.33 10.95
N LYS A 51 21.49 1.78 11.41
CA LYS A 51 22.82 1.43 10.83
C LYS A 51 22.95 2.00 9.37
N THR A 52 23.77 1.36 8.49
CA THR A 52 24.02 1.86 7.11
C THR A 52 22.95 1.37 6.08
N GLU A 53 21.75 1.03 6.58
CA GLU A 53 20.64 0.53 5.76
C GLU A 53 19.71 1.68 5.31
N GLN A 54 19.88 2.08 4.04
CA GLN A 54 19.00 3.08 3.39
C GLN A 54 18.79 2.73 1.90
N ARG A 55 17.53 2.84 1.43
CA ARG A 55 17.13 2.51 0.03
C ARG A 55 16.22 3.61 -0.54
N GLN A 56 16.47 4.04 -1.79
CA GLN A 56 15.59 5.05 -2.47
C GLN A 56 14.54 4.34 -3.34
N ALA A 57 13.39 5.01 -3.54
CA ALA A 57 12.31 4.51 -4.44
C ALA A 57 11.71 5.68 -5.26
N GLY A 58 11.80 5.57 -6.60
CA GLY A 58 11.25 6.57 -7.52
C GLY A 58 9.75 6.38 -7.78
N ILE A 59 8.96 7.41 -7.45
CA ILE A 59 7.50 7.44 -7.75
C ILE A 59 7.29 7.61 -9.27
N VAL A 60 6.54 6.68 -9.89
CA VAL A 60 6.30 6.66 -11.34
C VAL A 60 5.17 7.65 -11.73
N ALA A 61 4.06 7.60 -10.97
CA ALA A 61 2.90 8.49 -11.16
C ALA A 61 2.09 8.60 -9.87
N ILE A 62 1.43 9.76 -9.67
CA ILE A 62 0.61 10.04 -8.47
C ILE A 62 -0.37 11.22 -8.73
N ARG A 63 -1.57 11.14 -8.13
CA ARG A 63 -2.54 12.26 -8.11
C ARG A 63 -3.57 12.06 -6.95
N ALA A 64 -3.39 12.85 -5.88
CA ALA A 64 -4.27 12.88 -4.68
C ALA A 64 -4.42 11.49 -4.00
N TYR A 65 -5.43 10.70 -4.43
CA TYR A 65 -5.75 9.37 -3.84
C TYR A 65 -6.28 8.39 -4.92
N SER A 66 -6.32 8.85 -6.19
CA SER A 66 -6.84 8.06 -7.33
C SER A 66 -5.81 7.07 -7.88
N PHE A 67 -4.52 7.24 -7.48
CA PHE A 67 -3.37 6.38 -7.89
C PHE A 67 -2.03 6.91 -7.33
N ILE A 68 -1.15 5.98 -6.91
CA ILE A 68 0.26 6.24 -6.58
C ILE A 68 1.12 4.98 -6.84
N ARG A 69 2.28 5.15 -7.52
CA ARG A 69 3.14 4.00 -7.95
C ARG A 69 4.60 4.18 -7.47
N PHE A 70 5.24 3.07 -7.07
CA PHE A 70 6.66 3.05 -6.62
C PHE A 70 7.49 2.00 -7.40
N HIS A 71 8.75 2.37 -7.72
CA HIS A 71 9.80 1.43 -8.18
C HIS A 71 11.10 1.71 -7.39
N TRP A 72 11.66 0.67 -6.77
CA TRP A 72 12.84 0.79 -5.91
C TRP A 72 14.12 0.92 -6.74
N LEU A 73 14.91 2.00 -6.49
CA LEU A 73 16.17 2.31 -7.21
C LEU A 73 17.33 1.33 -6.83
N ASP A 74 17.02 0.36 -5.93
CA ASP A 74 17.90 -0.80 -5.62
C ASP A 74 17.77 -1.91 -6.74
N ASP A 75 17.08 -1.56 -7.85
CA ASP A 75 16.83 -2.44 -9.03
C ASP A 75 15.74 -3.50 -8.72
N GLU A 76 14.50 -3.03 -8.57
CA GLU A 76 13.31 -3.90 -8.44
C GLU A 76 12.19 -3.41 -9.41
N ASN A 77 12.32 -3.85 -10.67
CA ASN A 77 11.30 -3.64 -11.73
C ASN A 77 11.49 -4.69 -12.85
N GLU A 78 10.78 -5.82 -12.75
CA GLU A 78 10.79 -6.89 -13.78
C GLU A 78 9.99 -6.47 -15.03
N ARG A 79 8.85 -5.82 -14.79
CA ARG A 79 7.86 -5.42 -15.82
C ARG A 79 6.73 -4.63 -15.16
N ASP A 80 6.22 -5.22 -14.06
CA ASP A 80 5.03 -4.72 -13.34
C ASP A 80 5.38 -3.61 -12.32
N TYR A 81 4.34 -3.10 -11.64
CA TYR A 81 4.38 -1.89 -10.80
C TYR A 81 3.52 -2.09 -9.54
N PHE A 82 3.97 -1.57 -8.37
CA PHE A 82 3.15 -1.58 -7.15
C PHE A 82 2.29 -0.29 -7.11
N GLU A 83 0.97 -0.47 -7.30
CA GLU A 83 -0.01 0.62 -7.47
C GLU A 83 -0.98 0.61 -6.27
N ILE A 84 -1.27 1.77 -5.67
CA ILE A 84 -2.26 1.89 -4.58
C ILE A 84 -3.23 3.05 -4.88
N LYS A 85 -4.53 2.76 -4.85
CA LYS A 85 -5.59 3.77 -5.08
C LYS A 85 -6.79 3.52 -4.14
N MET A 86 -7.69 4.51 -4.04
CA MET A 86 -8.96 4.37 -3.29
C MET A 86 -10.05 5.32 -3.84
N SER A 87 -11.30 5.04 -3.44
CA SER A 87 -12.51 5.78 -3.91
C SER A 87 -13.63 5.71 -2.86
N TYR A 88 -14.52 6.70 -2.82
CA TYR A 88 -15.62 6.75 -1.82
C TYR A 88 -16.90 6.07 -2.39
N ASN A 89 -17.37 5.01 -1.69
CA ASN A 89 -18.65 4.31 -2.03
C ASN A 89 -19.86 5.25 -2.00
N GLU A 90 -19.81 6.23 -1.05
CA GLU A 90 -20.77 7.35 -0.92
C GLU A 90 -22.13 6.96 -0.27
N LEU A 91 -22.72 5.82 -0.70
CA LEU A 91 -24.04 5.36 -0.23
C LEU A 91 -23.95 4.71 1.18
N THR A 92 -22.97 3.79 1.34
CA THR A 92 -22.80 3.01 2.60
C THR A 92 -21.81 3.69 3.58
N GLY A 93 -20.87 4.49 3.05
CA GLY A 93 -19.86 5.21 3.88
C GLY A 93 -18.45 4.61 3.80
N ASP A 94 -18.32 3.41 3.21
CA ASP A 94 -17.01 2.72 3.00
C ASP A 94 -16.15 3.40 1.91
N TYR A 95 -14.89 2.94 1.83
CA TYR A 95 -13.94 3.28 0.77
C TYR A 95 -13.56 2.00 -0.01
N VAL A 96 -13.65 2.06 -1.36
CA VAL A 96 -13.09 1.02 -2.25
C VAL A 96 -11.57 1.18 -2.28
N LEU A 97 -10.87 0.39 -1.46
CA LEU A 97 -9.41 0.45 -1.34
C LEU A 97 -8.77 -0.64 -2.21
N GLU A 98 -8.14 -0.22 -3.31
CA GLU A 98 -7.59 -1.14 -4.32
C GLU A 98 -6.06 -1.15 -4.22
N ILE A 99 -5.51 -2.26 -3.67
CA ILE A 99 -4.06 -2.50 -3.68
C ILE A 99 -3.75 -3.40 -4.88
N THR A 100 -3.04 -2.83 -5.85
CA THR A 100 -2.62 -3.51 -7.06
C THR A 100 -1.16 -4.00 -6.89
N ASP A 101 -1.02 -5.28 -6.57
CA ASP A 101 0.28 -5.93 -6.36
C ASP A 101 0.56 -6.94 -7.49
N PHE A 102 1.85 -7.20 -7.75
CA PHE A 102 2.27 -8.22 -8.73
C PHE A 102 2.87 -9.43 -7.99
N SER A 103 2.25 -10.60 -8.18
CA SER A 103 2.71 -11.88 -7.60
C SER A 103 2.48 -13.01 -8.61
N GLU A 104 3.54 -13.80 -8.91
CA GLU A 104 3.45 -14.92 -9.88
C GLU A 104 2.55 -16.08 -9.34
N ALA A 105 2.26 -17.08 -10.20
CA ALA A 105 1.35 -18.21 -9.88
C ALA A 105 1.67 -18.92 -8.52
N ASP A 106 2.97 -19.03 -8.19
CA ASP A 106 3.45 -19.62 -6.90
C ASP A 106 3.03 -18.75 -5.69
N GLU A 107 3.08 -17.42 -5.87
CA GLU A 107 2.84 -16.42 -4.80
C GLU A 107 1.35 -16.01 -4.72
N ALA A 108 0.61 -16.22 -5.83
CA ALA A 108 -0.78 -15.71 -6.01
C ALA A 108 -1.77 -16.28 -4.97
N ASP A 109 -1.81 -17.61 -4.82
CA ASP A 109 -2.76 -18.31 -3.91
C ASP A 109 -2.58 -17.92 -2.43
N ASP A 110 -1.31 -17.70 -2.04
CA ASP A 110 -0.95 -17.26 -0.66
C ASP A 110 -1.31 -15.79 -0.42
N LEU A 111 -1.31 -14.99 -1.51
CA LEU A 111 -1.80 -13.60 -1.50
C LEU A 111 -3.36 -13.59 -1.36
N LYS A 112 -4.02 -14.62 -1.95
CA LYS A 112 -5.50 -14.78 -1.86
C LYS A 112 -5.95 -15.17 -0.43
N GLU A 113 -5.13 -15.99 0.24
CA GLU A 113 -5.36 -16.38 1.66
C GLU A 113 -5.07 -15.20 2.62
N LEU A 114 -3.98 -14.45 2.34
CA LEU A 114 -3.66 -13.18 3.08
C LEU A 114 -4.84 -12.18 2.95
N TRP A 115 -5.39 -12.09 1.72
CA TRP A 115 -6.60 -11.31 1.40
C TRP A 115 -7.83 -11.81 2.22
N ASP A 116 -8.03 -13.15 2.26
CA ASP A 116 -9.14 -13.78 3.00
C ASP A 116 -9.06 -13.45 4.51
N SER A 117 -7.83 -13.46 5.03
CA SER A 117 -7.53 -13.12 6.44
C SER A 117 -7.94 -11.68 6.79
N GLN A 118 -7.73 -10.75 5.83
CA GLN A 118 -8.06 -9.32 6.01
C GLN A 118 -9.58 -9.08 5.90
N VAL A 119 -10.21 -9.57 4.82
CA VAL A 119 -11.64 -9.28 4.52
C VAL A 119 -12.61 -9.96 5.55
N SER A 120 -12.22 -11.15 6.08
CA SER A 120 -12.97 -11.83 7.16
C SER A 120 -13.00 -10.98 8.45
N LYS A 121 -11.85 -10.35 8.77
CA LYS A 121 -11.71 -9.44 9.94
C LYS A 121 -12.44 -8.10 9.72
N LEU A 122 -12.33 -7.56 8.49
CA LEU A 122 -13.00 -6.30 8.08
C LEU A 122 -14.55 -6.43 8.15
N ARG A 123 -15.06 -7.64 7.85
CA ARG A 123 -16.50 -7.96 7.89
C ARG A 123 -17.05 -7.97 9.34
N ARG A 124 -16.34 -8.66 10.27
CA ARG A 124 -16.78 -8.77 11.69
C ARG A 124 -16.61 -7.44 12.47
N THR A 125 -15.56 -6.65 12.13
CA THR A 125 -15.27 -5.37 12.82
C THR A 125 -16.06 -4.18 12.24
N CYS A 126 -16.44 -4.30 10.93
CA CYS A 126 -17.20 -3.26 10.19
C CYS A 126 -16.45 -1.90 10.12
N GLY A 127 -15.10 -1.95 10.06
CA GLY A 127 -14.27 -0.73 9.97
C GLY A 127 -13.65 -0.26 11.30
N PHE A 128 -13.99 -0.94 12.42
CA PHE A 128 -13.50 -0.56 13.79
C PHE A 128 -12.13 -1.23 14.11
N LEU A 129 -11.10 -0.94 13.30
CA LEU A 129 -9.75 -1.52 13.52
C LEU A 129 -9.02 -0.76 14.67
N GLU A 130 -9.28 -1.22 15.91
CA GLU A 130 -8.67 -0.65 17.13
C GLU A 130 -7.26 -1.28 17.34
N HIS A 131 -6.32 -0.81 16.49
CA HIS A 131 -4.84 -1.06 16.56
C HIS A 131 -4.40 -2.38 17.28
N HIS A 132 -4.20 -3.44 16.46
CA HIS A 132 -3.94 -4.82 16.94
C HIS A 132 -2.64 -4.94 17.78
N HIS A 133 -1.58 -4.20 17.38
CA HIS A 133 -0.30 -4.13 18.14
C HIS A 133 0.25 -2.68 18.21
N HIS A 134 0.47 -2.05 17.05
CA HIS A 134 1.06 -0.69 16.96
C HIS A 134 -0.01 0.41 17.19
N HIS A 135 0.24 1.32 18.14
CA HIS A 135 -0.67 2.47 18.48
C HIS A 135 0.03 3.83 18.25
N HIS A 136 -0.74 4.81 17.76
CA HIS A 136 -0.31 6.23 17.59
C HIS A 136 -1.41 7.18 18.08
N MET A 1 3.57 -17.95 -17.82
CA MET A 1 4.89 -17.38 -17.43
C MET A 1 4.82 -15.85 -17.23
N LYS A 2 5.98 -15.23 -16.92
CA LYS A 2 6.12 -13.76 -16.67
C LYS A 2 5.20 -13.26 -15.54
N LYS A 3 5.31 -13.92 -14.36
CA LYS A 3 4.50 -13.63 -13.14
C LYS A 3 2.97 -13.72 -13.47
N GLU A 4 2.14 -13.10 -12.63
CA GLU A 4 0.75 -12.79 -12.97
C GLU A 4 0.32 -11.51 -12.25
N LYS A 5 -0.28 -10.56 -13.00
CA LYS A 5 -0.86 -9.35 -12.42
C LYS A 5 -2.10 -9.74 -11.58
N ILE A 6 -2.15 -9.26 -10.33
CA ILE A 6 -3.24 -9.54 -9.38
C ILE A 6 -3.84 -8.21 -8.84
N HIS A 7 -5.03 -8.32 -8.25
CA HIS A 7 -5.79 -7.16 -7.74
C HIS A 7 -6.43 -7.54 -6.37
N LEU A 8 -5.89 -7.00 -5.28
CA LEU A 8 -6.40 -7.29 -3.92
C LEU A 8 -7.32 -6.13 -3.48
N GLU A 9 -8.62 -6.43 -3.33
CA GLU A 9 -9.66 -5.41 -3.10
C GLU A 9 -10.44 -5.69 -1.79
N TYR A 10 -10.56 -4.67 -0.95
CA TYR A 10 -11.10 -4.79 0.42
C TYR A 10 -12.24 -3.78 0.64
N LEU A 11 -13.22 -4.16 1.47
CA LEU A 11 -14.26 -3.24 1.95
C LEU A 11 -13.78 -2.50 3.22
N LEU A 12 -13.38 -1.24 3.06
CA LEU A 12 -12.87 -0.41 4.17
C LEU A 12 -14.06 0.09 5.03
N ASN A 13 -13.96 -0.11 6.35
CA ASN A 13 -14.98 0.36 7.33
C ASN A 13 -15.17 1.90 7.25
N ALA A 14 -16.36 2.38 7.65
CA ALA A 14 -16.74 3.81 7.56
C ALA A 14 -15.88 4.73 8.49
N THR A 15 -14.72 5.15 7.95
CA THR A 15 -13.83 6.17 8.58
C THR A 15 -13.79 7.45 7.71
N SER A 16 -14.13 7.29 6.40
CA SER A 16 -14.30 8.40 5.42
C SER A 16 -12.98 9.16 5.11
N LYS A 17 -11.81 8.52 5.38
CA LYS A 17 -10.48 9.12 5.14
C LYS A 17 -9.72 8.41 4.00
N ASN A 18 -9.24 9.21 3.02
CA ASN A 18 -8.22 8.77 2.04
C ASN A 18 -6.81 8.64 2.69
N ILE A 19 -6.60 9.43 3.77
CA ILE A 19 -5.29 9.63 4.48
C ILE A 19 -4.61 8.27 4.86
N LEU A 20 -5.45 7.23 5.06
CA LEU A 20 -5.03 5.85 5.42
C LEU A 20 -3.81 5.36 4.57
N TRP A 21 -4.01 5.27 3.24
CA TRP A 21 -2.95 4.92 2.27
C TRP A 21 -2.35 6.15 1.56
N SER A 22 -3.05 7.31 1.60
CA SER A 22 -2.49 8.60 1.06
C SER A 22 -1.23 9.06 1.85
N ALA A 23 -1.06 8.51 3.07
CA ALA A 23 0.10 8.76 3.96
C ALA A 23 1.46 8.39 3.30
N ILE A 24 1.44 7.38 2.39
CA ILE A 24 2.67 6.87 1.74
C ILE A 24 3.31 7.89 0.76
N SER A 25 2.51 8.87 0.31
CA SER A 25 3.00 9.99 -0.54
C SER A 25 4.01 10.88 0.21
N THR A 26 3.74 11.14 1.50
CA THR A 26 4.58 12.02 2.35
C THR A 26 5.54 11.21 3.25
N PRO A 27 6.80 11.74 3.50
CA PRO A 27 7.77 11.17 4.48
C PRO A 27 7.15 10.92 5.88
N THR A 28 6.64 12.00 6.52
CA THR A 28 5.98 11.96 7.87
C THR A 28 4.86 10.89 7.97
N GLY A 29 3.99 10.82 6.95
CA GLY A 29 2.87 9.86 6.94
C GLY A 29 3.33 8.40 6.74
N LEU A 30 4.40 8.23 5.95
CA LEU A 30 4.98 6.91 5.62
C LEU A 30 5.64 6.24 6.86
N GLU A 31 6.58 6.96 7.50
CA GLU A 31 7.34 6.46 8.69
C GLU A 31 6.45 6.31 9.95
N ASP A 32 5.21 6.82 9.89
CA ASP A 32 4.21 6.67 10.96
C ASP A 32 3.79 5.19 11.19
N TRP A 33 3.90 4.34 10.14
CA TRP A 33 3.41 2.92 10.20
C TRP A 33 4.30 1.92 9.39
N PHE A 34 5.24 2.41 8.57
CA PHE A 34 6.11 1.55 7.74
C PHE A 34 7.55 1.45 8.34
N ALA A 35 8.37 2.50 8.12
CA ALA A 35 9.80 2.52 8.52
C ALA A 35 10.01 3.27 9.85
N ASP A 36 11.25 3.18 10.39
CA ASP A 36 11.68 3.97 11.58
C ASP A 36 11.70 5.48 11.24
N LYS A 37 12.31 5.80 10.09
CA LYS A 37 12.31 7.15 9.54
C LYS A 37 12.26 7.06 8.00
N VAL A 38 11.59 8.01 7.35
CA VAL A 38 11.53 8.11 5.88
C VAL A 38 11.97 9.52 5.45
N VAL A 39 13.15 9.61 4.81
CA VAL A 39 13.69 10.89 4.30
C VAL A 39 13.41 11.02 2.79
N SER A 40 12.57 12.00 2.40
CA SER A 40 12.28 12.30 0.97
C SER A 40 13.18 13.45 0.47
N ASP A 41 13.47 13.45 -0.84
CA ASP A 41 14.40 14.41 -1.48
C ASP A 41 13.74 15.04 -2.73
N ASP A 42 12.53 15.62 -2.52
CA ASP A 42 11.72 16.33 -3.55
C ASP A 42 11.08 15.38 -4.63
N LYS A 43 11.63 14.17 -4.78
CA LYS A 43 11.34 13.26 -5.91
C LYS A 43 11.60 11.78 -5.49
N THR A 44 12.69 11.56 -4.74
CA THR A 44 13.12 10.23 -4.26
C THR A 44 12.80 10.06 -2.77
N VAL A 45 12.10 8.97 -2.43
CA VAL A 45 11.73 8.62 -1.05
C VAL A 45 12.66 7.50 -0.53
N THR A 46 13.63 7.88 0.32
CA THR A 46 14.61 6.94 0.92
C THR A 46 14.12 6.49 2.31
N PHE A 47 13.79 5.20 2.43
CA PHE A 47 13.32 4.60 3.70
C PHE A 47 14.54 4.26 4.59
N CYS A 48 14.73 5.04 5.65
CA CYS A 48 15.91 4.92 6.52
C CYS A 48 15.58 4.20 7.85
N TRP A 49 16.08 2.97 7.99
CA TRP A 49 16.00 2.18 9.24
C TRP A 49 17.35 2.32 10.00
N GLY A 50 17.47 3.40 10.79
CA GLY A 50 18.71 3.70 11.52
C GLY A 50 19.89 4.07 10.58
N LYS A 51 20.87 3.14 10.47
CA LYS A 51 22.07 3.31 9.60
C LYS A 51 22.31 2.02 8.77
N THR A 52 22.87 2.19 7.55
CA THR A 52 23.16 1.10 6.56
C THR A 52 21.88 0.57 5.86
N GLU A 53 20.88 0.15 6.65
CA GLU A 53 19.60 -0.36 6.13
C GLU A 53 18.73 0.83 5.61
N GLN A 54 18.82 1.05 4.30
CA GLN A 54 18.15 2.17 3.61
C GLN A 54 17.87 1.81 2.12
N ARG A 55 16.64 2.13 1.64
CA ARG A 55 16.24 1.87 0.23
C ARG A 55 15.62 3.12 -0.43
N GLN A 56 16.13 3.49 -1.61
CA GLN A 56 15.60 4.62 -2.41
C GLN A 56 14.45 4.17 -3.35
N ALA A 57 13.34 4.92 -3.37
CA ALA A 57 12.19 4.67 -4.28
C ALA A 57 11.53 6.00 -4.70
N GLY A 58 11.56 6.30 -6.01
CA GLY A 58 10.96 7.54 -6.54
C GLY A 58 9.50 7.38 -6.94
N ILE A 59 8.70 8.47 -6.83
CA ILE A 59 7.28 8.44 -7.23
C ILE A 59 7.20 8.48 -8.77
N VAL A 60 6.53 7.48 -9.38
CA VAL A 60 6.42 7.37 -10.85
C VAL A 60 5.05 7.85 -11.38
N ALA A 61 4.02 7.89 -10.50
CA ALA A 61 2.69 8.47 -10.83
C ALA A 61 1.78 8.57 -9.58
N ILE A 62 0.97 9.64 -9.54
CA ILE A 62 -0.02 9.88 -8.46
C ILE A 62 -1.08 10.92 -8.94
N ARG A 63 -2.33 10.79 -8.44
CA ARG A 63 -3.41 11.75 -8.76
C ARG A 63 -4.42 11.80 -7.59
N ALA A 64 -4.31 12.86 -6.76
CA ALA A 64 -5.11 13.07 -5.52
C ALA A 64 -5.10 11.83 -4.57
N TYR A 65 -6.03 10.88 -4.81
CA TYR A 65 -6.14 9.60 -4.08
C TYR A 65 -6.70 8.49 -5.01
N SER A 66 -6.96 8.87 -6.29
CA SER A 66 -7.52 7.98 -7.33
C SER A 66 -6.50 6.90 -7.74
N PHE A 67 -5.20 7.23 -7.58
CA PHE A 67 -4.09 6.25 -7.64
C PHE A 67 -2.76 6.86 -7.10
N ILE A 68 -1.87 5.97 -6.65
CA ILE A 68 -0.47 6.31 -6.32
C ILE A 68 0.45 5.07 -6.52
N ARG A 69 1.69 5.29 -7.01
CA ARG A 69 2.68 4.21 -7.24
C ARG A 69 4.14 4.72 -7.21
N PHE A 70 5.03 3.87 -6.65
CA PHE A 70 6.48 4.11 -6.57
C PHE A 70 7.25 3.04 -7.36
N HIS A 71 8.48 3.36 -7.80
CA HIS A 71 9.46 2.36 -8.29
C HIS A 71 10.81 2.56 -7.58
N TRP A 72 11.47 1.44 -7.27
CA TRP A 72 12.71 1.44 -6.44
C TRP A 72 13.98 1.72 -7.28
N LEU A 73 14.69 2.80 -6.93
CA LEU A 73 16.04 3.11 -7.48
C LEU A 73 17.07 2.11 -6.90
N ASP A 74 16.80 1.67 -5.66
CA ASP A 74 17.50 0.54 -5.01
C ASP A 74 16.83 -0.77 -5.51
N ASP A 75 17.07 -1.06 -6.79
CA ASP A 75 16.37 -2.10 -7.55
C ASP A 75 16.80 -3.53 -7.14
N GLU A 76 15.80 -4.45 -7.08
CA GLU A 76 16.00 -5.86 -6.67
C GLU A 76 15.00 -6.79 -7.44
N ASN A 77 14.50 -6.31 -8.58
CA ASN A 77 13.46 -7.01 -9.36
C ASN A 77 13.62 -6.75 -10.88
N GLU A 78 12.97 -7.58 -11.71
CA GLU A 78 12.91 -7.40 -13.17
C GLU A 78 12.01 -6.18 -13.52
N ARG A 79 10.68 -6.36 -13.41
CA ARG A 79 9.68 -5.35 -13.76
C ARG A 79 8.78 -5.07 -12.54
N ASP A 80 9.16 -4.03 -11.76
CA ASP A 80 8.38 -3.57 -10.61
C ASP A 80 7.02 -2.97 -11.05
N TYR A 81 5.97 -3.25 -10.27
CA TYR A 81 4.59 -2.79 -10.53
C TYR A 81 3.74 -2.96 -9.26
N PHE A 82 3.76 -1.92 -8.40
CA PHE A 82 2.99 -1.90 -7.15
C PHE A 82 2.28 -0.54 -6.99
N GLU A 83 0.94 -0.55 -7.08
CA GLU A 83 0.11 0.66 -6.89
C GLU A 83 -1.04 0.43 -5.90
N ILE A 84 -1.48 1.52 -5.27
CA ILE A 84 -2.59 1.54 -4.30
C ILE A 84 -3.58 2.65 -4.70
N LYS A 85 -4.89 2.35 -4.68
CA LYS A 85 -5.94 3.38 -4.79
C LYS A 85 -7.14 3.07 -3.88
N MET A 86 -7.99 4.09 -3.66
CA MET A 86 -9.18 3.99 -2.81
C MET A 86 -10.31 4.89 -3.39
N SER A 87 -11.54 4.34 -3.41
CA SER A 87 -12.72 5.03 -4.02
C SER A 87 -13.87 5.18 -3.01
N TYR A 88 -14.65 6.26 -3.13
CA TYR A 88 -15.72 6.61 -2.15
C TYR A 88 -17.11 6.61 -2.84
N ASN A 89 -17.96 5.60 -2.52
CA ASN A 89 -19.32 5.49 -3.10
C ASN A 89 -20.29 6.55 -2.50
N GLU A 90 -20.01 6.95 -1.23
CA GLU A 90 -20.77 7.98 -0.46
C GLU A 90 -22.14 7.46 0.08
N LEU A 91 -22.90 6.74 -0.77
CA LEU A 91 -24.27 6.25 -0.48
C LEU A 91 -24.28 5.21 0.66
N THR A 92 -23.13 4.55 0.89
CA THR A 92 -22.93 3.64 2.05
C THR A 92 -21.77 4.12 2.96
N GLY A 93 -21.05 5.19 2.53
CA GLY A 93 -19.98 5.83 3.34
C GLY A 93 -18.72 4.96 3.57
N ASP A 94 -18.42 4.12 2.59
CA ASP A 94 -17.30 3.13 2.65
C ASP A 94 -16.02 3.68 1.96
N TYR A 95 -15.04 2.78 1.75
CA TYR A 95 -13.97 2.97 0.74
C TYR A 95 -13.68 1.62 0.04
N VAL A 96 -13.72 1.62 -1.31
CA VAL A 96 -13.27 0.50 -2.14
C VAL A 96 -11.74 0.56 -2.28
N LEU A 97 -11.03 -0.26 -1.49
CA LEU A 97 -9.56 -0.24 -1.40
C LEU A 97 -8.95 -1.32 -2.31
N GLU A 98 -8.26 -0.91 -3.39
CA GLU A 98 -7.73 -1.85 -4.40
C GLU A 98 -6.20 -1.66 -4.55
N ILE A 99 -5.43 -2.62 -4.02
CA ILE A 99 -3.96 -2.68 -4.16
C ILE A 99 -3.62 -3.63 -5.32
N THR A 100 -3.03 -3.09 -6.40
CA THR A 100 -2.57 -3.88 -7.55
C THR A 100 -1.08 -4.21 -7.40
N ASP A 101 -0.77 -5.52 -7.46
CA ASP A 101 0.60 -6.06 -7.32
C ASP A 101 0.84 -7.09 -8.44
N PHE A 102 2.09 -7.56 -8.59
CA PHE A 102 2.44 -8.66 -9.50
C PHE A 102 3.05 -9.83 -8.67
N SER A 103 2.42 -11.02 -8.75
CA SER A 103 2.92 -12.24 -8.07
C SER A 103 2.80 -13.44 -9.03
N GLU A 104 3.79 -14.34 -9.00
CA GLU A 104 3.81 -15.55 -9.86
C GLU A 104 2.62 -16.49 -9.52
N ALA A 105 2.28 -17.45 -10.41
CA ALA A 105 1.20 -18.45 -10.16
C ALA A 105 1.35 -19.17 -8.79
N ASP A 106 2.57 -19.64 -8.48
CA ASP A 106 2.90 -20.34 -7.21
C ASP A 106 2.95 -19.36 -6.00
N GLU A 107 3.10 -18.06 -6.28
CA GLU A 107 3.21 -17.00 -5.24
C GLU A 107 1.85 -16.33 -4.93
N ALA A 108 0.95 -16.28 -5.93
CA ALA A 108 -0.30 -15.49 -5.87
C ALA A 108 -1.37 -16.12 -4.95
N ASP A 109 -1.28 -17.46 -4.76
CA ASP A 109 -2.18 -18.23 -3.86
C ASP A 109 -2.13 -17.67 -2.40
N ASP A 110 -0.91 -17.32 -1.95
CA ASP A 110 -0.67 -16.70 -0.62
C ASP A 110 -1.34 -15.31 -0.52
N LEU A 111 -1.27 -14.55 -1.61
CA LEU A 111 -1.87 -13.19 -1.72
C LEU A 111 -3.42 -13.23 -1.72
N LYS A 112 -3.99 -14.29 -2.32
CA LYS A 112 -5.45 -14.53 -2.34
C LYS A 112 -5.99 -14.91 -0.94
N GLU A 113 -5.20 -15.70 -0.18
CA GLU A 113 -5.50 -16.01 1.24
C GLU A 113 -5.30 -14.75 2.13
N LEU A 114 -4.31 -13.92 1.76
CA LEU A 114 -4.05 -12.60 2.42
C LEU A 114 -5.27 -11.67 2.23
N TRP A 115 -5.87 -11.72 1.02
CA TRP A 115 -7.12 -10.99 0.69
C TRP A 115 -8.25 -11.32 1.70
N ASP A 116 -8.49 -12.64 1.89
CA ASP A 116 -9.57 -13.16 2.78
C ASP A 116 -9.28 -12.83 4.27
N SER A 117 -7.99 -12.86 4.63
CA SER A 117 -7.52 -12.48 5.98
C SER A 117 -7.82 -11.00 6.29
N GLN A 118 -7.56 -10.11 5.32
CA GLN A 118 -7.72 -8.64 5.48
C GLN A 118 -9.21 -8.19 5.41
N VAL A 119 -9.99 -8.79 4.49
CA VAL A 119 -11.40 -8.38 4.27
C VAL A 119 -12.29 -8.64 5.52
N SER A 120 -11.97 -9.72 6.26
CA SER A 120 -12.57 -10.02 7.59
C SER A 120 -12.00 -9.07 8.68
N LYS A 121 -10.65 -8.88 8.65
CA LYS A 121 -9.90 -8.09 9.67
C LYS A 121 -10.33 -6.61 9.73
N LEU A 122 -10.67 -6.03 8.56
CA LEU A 122 -11.14 -4.61 8.44
C LEU A 122 -12.43 -4.35 9.25
N ARG A 123 -13.29 -5.37 9.34
CA ARG A 123 -14.52 -5.33 10.15
C ARG A 123 -14.19 -5.49 11.65
N ARG A 124 -13.20 -6.35 11.96
CA ARG A 124 -12.77 -6.65 13.35
C ARG A 124 -12.05 -5.45 14.01
N THR A 125 -11.25 -4.70 13.22
CA THR A 125 -10.48 -3.54 13.71
C THR A 125 -11.33 -2.24 13.65
N CYS A 126 -12.21 -2.15 12.62
CA CYS A 126 -13.12 -1.00 12.38
C CYS A 126 -12.36 0.33 12.09
N GLY A 127 -13.12 1.41 11.79
CA GLY A 127 -12.53 2.72 11.42
C GLY A 127 -12.22 3.64 12.62
N PHE A 128 -11.86 3.04 13.77
CA PHE A 128 -11.45 3.80 14.99
C PHE A 128 -9.97 4.28 14.91
N LEU A 129 -9.20 3.72 13.96
CA LEU A 129 -7.75 4.02 13.79
C LEU A 129 -7.50 5.27 12.91
N GLU A 130 -8.50 6.17 12.84
CA GLU A 130 -8.46 7.38 11.99
C GLU A 130 -7.39 8.42 12.44
N HIS A 131 -7.06 8.40 13.75
CA HIS A 131 -5.94 9.18 14.36
C HIS A 131 -6.18 10.72 14.25
N HIS A 132 -7.12 11.22 15.09
CA HIS A 132 -7.52 12.66 15.16
C HIS A 132 -8.22 13.18 13.88
N HIS A 133 -9.38 13.85 14.05
CA HIS A 133 -10.04 14.64 12.98
C HIS A 133 -9.23 15.95 12.68
N HIS A 134 -9.87 16.93 12.00
CA HIS A 134 -9.26 18.26 11.70
C HIS A 134 -8.10 18.13 10.65
N HIS A 135 -8.11 17.03 9.88
CA HIS A 135 -7.07 16.71 8.86
C HIS A 135 -7.71 16.41 7.48
N HIS A 136 -8.14 17.47 6.77
CA HIS A 136 -8.68 17.37 5.39
C HIS A 136 -8.74 18.75 4.71
N MET A 1 7.88 -15.67 -19.04
CA MET A 1 7.96 -15.59 -17.56
C MET A 1 8.33 -14.15 -17.13
N LYS A 2 7.37 -13.41 -16.53
CA LYS A 2 7.54 -11.97 -16.16
C LYS A 2 6.97 -11.67 -14.74
N LYS A 3 6.69 -12.75 -13.97
CA LYS A 3 5.85 -12.72 -12.74
C LYS A 3 4.36 -12.45 -13.11
N GLU A 4 3.47 -12.59 -12.12
CA GLU A 4 2.02 -12.46 -12.31
C GLU A 4 1.49 -11.22 -11.55
N LYS A 5 0.61 -10.44 -12.20
CA LYS A 5 -0.04 -9.27 -11.56
C LYS A 5 -1.28 -9.72 -10.76
N ILE A 6 -1.47 -9.16 -9.56
CA ILE A 6 -2.63 -9.43 -8.68
C ILE A 6 -3.29 -8.09 -8.23
N HIS A 7 -4.53 -8.18 -7.72
CA HIS A 7 -5.32 -7.02 -7.26
C HIS A 7 -6.08 -7.38 -5.96
N LEU A 8 -5.70 -6.72 -4.85
CA LEU A 8 -6.26 -6.98 -3.52
C LEU A 8 -7.32 -5.90 -3.19
N GLU A 9 -8.57 -6.32 -3.02
CA GLU A 9 -9.73 -5.41 -2.85
C GLU A 9 -10.37 -5.56 -1.44
N TYR A 10 -10.31 -4.46 -0.66
CA TYR A 10 -10.72 -4.43 0.76
C TYR A 10 -12.01 -3.59 0.92
N LEU A 11 -13.01 -4.12 1.63
CA LEU A 11 -14.22 -3.35 2.00
C LEU A 11 -14.01 -2.61 3.35
N LEU A 12 -13.75 -1.31 3.28
CA LEU A 12 -13.64 -0.43 4.47
C LEU A 12 -14.81 0.57 4.52
N ASN A 13 -14.96 1.22 5.68
CA ASN A 13 -16.03 2.22 5.92
C ASN A 13 -15.43 3.66 5.95
N ALA A 14 -16.28 4.69 5.81
CA ALA A 14 -15.88 6.13 5.88
C ALA A 14 -15.22 6.52 7.23
N THR A 15 -15.51 5.71 8.28
CA THR A 15 -14.84 5.83 9.61
C THR A 15 -13.30 5.74 9.48
N SER A 16 -12.83 4.98 8.47
CA SER A 16 -11.41 4.94 8.06
C SER A 16 -11.26 5.62 6.69
N LYS A 17 -11.00 6.95 6.71
CA LYS A 17 -10.95 7.79 5.49
C LYS A 17 -9.60 7.64 4.73
N ASN A 18 -9.47 8.42 3.64
CA ASN A 18 -8.35 8.34 2.65
C ASN A 18 -6.92 8.33 3.26
N ILE A 19 -6.75 8.97 4.43
CA ILE A 19 -5.44 9.13 5.14
C ILE A 19 -4.70 7.78 5.41
N LEU A 20 -5.45 6.65 5.42
CA LEU A 20 -4.91 5.27 5.57
C LEU A 20 -3.64 5.06 4.70
N TRP A 21 -3.85 5.13 3.38
CA TRP A 21 -2.79 4.99 2.37
C TRP A 21 -2.32 6.33 1.81
N SER A 22 -3.06 7.44 2.04
CA SER A 22 -2.58 8.81 1.66
C SER A 22 -1.29 9.20 2.45
N ALA A 23 -1.05 8.49 3.57
CA ALA A 23 0.17 8.63 4.39
C ALA A 23 1.46 8.25 3.61
N ILE A 24 1.37 7.31 2.66
CA ILE A 24 2.55 6.76 1.92
C ILE A 24 3.17 7.80 0.95
N SER A 25 2.38 8.85 0.61
CA SER A 25 2.83 9.96 -0.26
C SER A 25 3.89 10.84 0.45
N THR A 26 3.73 11.00 1.79
CA THR A 26 4.67 11.78 2.62
C THR A 26 5.69 10.85 3.32
N PRO A 27 6.97 11.31 3.47
CA PRO A 27 8.03 10.56 4.20
C PRO A 27 7.61 10.14 5.65
N THR A 28 7.20 11.14 6.48
CA THR A 28 6.77 10.92 7.89
C THR A 28 5.54 9.97 8.03
N GLY A 29 4.57 10.09 7.10
CA GLY A 29 3.36 9.24 7.12
C GLY A 29 3.66 7.80 6.68
N LEU A 30 4.57 7.66 5.71
CA LEU A 30 5.02 6.36 5.17
C LEU A 30 5.78 5.53 6.23
N GLU A 31 6.87 6.10 6.80
CA GLU A 31 7.72 5.43 7.82
C GLU A 31 6.96 5.07 9.12
N ASP A 32 5.80 5.73 9.34
CA ASP A 32 4.96 5.50 10.53
C ASP A 32 4.46 4.02 10.61
N TRP A 33 4.38 3.34 9.45
CA TRP A 33 3.89 1.95 9.38
C TRP A 33 4.56 1.11 8.24
N PHE A 34 5.47 1.69 7.44
CA PHE A 34 6.14 0.96 6.31
C PHE A 34 7.57 0.50 6.68
N ALA A 35 8.48 1.47 6.87
CA ALA A 35 9.90 1.19 7.21
C ALA A 35 10.25 1.76 8.60
N ASP A 36 11.51 1.55 9.03
CA ASP A 36 12.05 2.16 10.27
C ASP A 36 12.09 3.69 10.14
N LYS A 37 12.58 4.16 8.97
CA LYS A 37 12.69 5.59 8.67
C LYS A 37 12.62 5.82 7.15
N VAL A 38 12.04 6.96 6.73
CA VAL A 38 11.94 7.36 5.30
C VAL A 38 12.27 8.87 5.15
N VAL A 39 13.40 9.17 4.50
CA VAL A 39 13.78 10.56 4.14
C VAL A 39 13.47 10.81 2.64
N SER A 40 12.55 11.74 2.35
CA SER A 40 12.12 12.02 0.94
C SER A 40 12.37 13.49 0.54
N ASP A 41 12.85 13.66 -0.69
CA ASP A 41 13.02 14.97 -1.34
C ASP A 41 11.66 15.47 -1.90
N ASP A 42 11.23 14.86 -3.01
CA ASP A 42 10.05 15.26 -3.81
C ASP A 42 9.93 14.29 -5.00
N LYS A 43 10.97 14.30 -5.84
CA LYS A 43 11.12 13.38 -6.99
C LYS A 43 11.58 11.97 -6.54
N THR A 44 12.25 11.91 -5.39
CA THR A 44 12.90 10.66 -4.86
C THR A 44 12.56 10.44 -3.37
N VAL A 45 12.25 9.18 -3.01
CA VAL A 45 11.89 8.75 -1.64
C VAL A 45 12.92 7.70 -1.14
N THR A 46 13.78 8.08 -0.17
CA THR A 46 14.82 7.17 0.38
C THR A 46 14.28 6.42 1.61
N PHE A 47 14.18 5.09 1.51
CA PHE A 47 13.71 4.21 2.60
C PHE A 47 14.93 3.72 3.40
N CYS A 48 15.13 4.25 4.61
CA CYS A 48 16.27 3.87 5.48
C CYS A 48 15.82 2.95 6.62
N TRP A 49 16.25 1.68 6.57
CA TRP A 49 15.94 0.69 7.63
C TRP A 49 17.02 0.74 8.73
N GLY A 50 16.89 1.74 9.63
CA GLY A 50 17.77 1.90 10.81
C GLY A 50 19.26 2.10 10.48
N LYS A 51 19.55 2.81 9.36
CA LYS A 51 20.93 3.07 8.85
C LYS A 51 21.71 1.80 8.38
N THR A 52 21.08 0.61 8.46
CA THR A 52 21.76 -0.69 8.14
C THR A 52 21.72 -0.98 6.62
N GLU A 53 20.63 -0.57 5.98
CA GLU A 53 20.40 -0.73 4.53
C GLU A 53 19.34 0.29 4.07
N GLN A 54 19.51 0.84 2.85
CA GLN A 54 18.56 1.81 2.27
C GLN A 54 18.47 1.69 0.72
N ARG A 55 17.27 1.98 0.18
CA ARG A 55 17.01 2.12 -1.27
C ARG A 55 16.28 3.47 -1.52
N GLN A 56 16.06 3.81 -2.80
CA GLN A 56 15.30 5.01 -3.21
C GLN A 56 14.20 4.63 -4.25
N ALA A 57 13.16 5.49 -4.36
CA ALA A 57 12.04 5.29 -5.32
C ALA A 57 11.47 6.62 -5.85
N GLY A 58 11.28 6.71 -7.18
CA GLY A 58 10.68 7.88 -7.82
C GLY A 58 9.16 7.75 -8.00
N ILE A 59 8.41 8.84 -7.73
CA ILE A 59 6.94 8.87 -7.92
C ILE A 59 6.63 8.93 -9.43
N VAL A 60 5.85 7.98 -9.95
CA VAL A 60 5.58 7.88 -11.41
C VAL A 60 4.16 8.38 -11.77
N ALA A 61 3.23 8.35 -10.79
CA ALA A 61 1.88 8.94 -10.91
C ALA A 61 1.16 9.01 -9.55
N ILE A 62 0.38 10.09 -9.34
CA ILE A 62 -0.46 10.29 -8.13
C ILE A 62 -1.51 11.41 -8.38
N ARG A 63 -2.68 11.30 -7.72
CA ARG A 63 -3.73 12.34 -7.76
C ARG A 63 -4.54 12.32 -6.44
N ALA A 64 -4.26 13.32 -5.57
CA ALA A 64 -4.92 13.52 -4.24
C ALA A 64 -4.82 12.26 -3.33
N TYR A 65 -5.73 11.31 -3.55
CA TYR A 65 -5.76 10.01 -2.83
C TYR A 65 -6.24 8.89 -3.80
N SER A 66 -6.93 9.32 -4.90
CA SER A 66 -7.66 8.43 -5.84
C SER A 66 -6.77 7.29 -6.35
N PHE A 67 -5.53 7.62 -6.72
CA PHE A 67 -4.49 6.65 -7.09
C PHE A 67 -3.08 7.19 -6.76
N ILE A 68 -2.16 6.26 -6.44
CA ILE A 68 -0.74 6.57 -6.16
C ILE A 68 0.16 5.36 -6.50
N ARG A 69 1.32 5.61 -7.13
CA ARG A 69 2.29 4.55 -7.48
C ARG A 69 3.74 5.08 -7.60
N PHE A 70 4.68 4.28 -7.07
CA PHE A 70 6.14 4.54 -7.09
C PHE A 70 6.85 3.50 -7.99
N HIS A 71 8.12 3.79 -8.35
CA HIS A 71 9.06 2.81 -8.94
C HIS A 71 10.43 2.92 -8.25
N TRP A 72 10.92 1.79 -7.72
CA TRP A 72 12.20 1.73 -6.98
C TRP A 72 13.41 1.99 -7.93
N LEU A 73 14.12 3.10 -7.69
CA LEU A 73 15.32 3.49 -8.47
C LEU A 73 16.49 2.50 -8.24
N ASP A 74 16.52 1.91 -7.03
CA ASP A 74 17.48 0.85 -6.66
C ASP A 74 16.89 -0.57 -6.89
N ASP A 75 16.07 -0.71 -7.95
CA ASP A 75 15.55 -2.02 -8.42
C ASP A 75 16.70 -2.95 -8.86
N GLU A 76 16.55 -4.26 -8.61
CA GLU A 76 17.57 -5.29 -8.90
C GLU A 76 17.13 -6.22 -10.06
N ASN A 77 16.48 -5.61 -11.07
CA ASN A 77 15.92 -6.30 -12.28
C ASN A 77 14.68 -7.16 -11.91
N GLU A 78 13.65 -6.46 -11.42
CA GLU A 78 12.29 -7.02 -11.21
C GLU A 78 11.26 -6.06 -11.86
N ARG A 79 10.10 -6.61 -12.29
CA ARG A 79 8.99 -5.77 -12.81
C ARG A 79 8.21 -5.15 -11.64
N ASP A 80 8.79 -4.08 -11.07
CA ASP A 80 8.19 -3.33 -9.97
C ASP A 80 7.06 -2.41 -10.48
N TYR A 81 5.93 -2.45 -9.78
CA TYR A 81 4.79 -1.54 -9.97
C TYR A 81 3.79 -1.74 -8.81
N PHE A 82 4.07 -1.13 -7.66
CA PHE A 82 3.17 -1.16 -6.49
C PHE A 82 2.21 0.06 -6.56
N GLU A 83 0.93 -0.23 -6.86
CA GLU A 83 -0.11 0.79 -7.11
C GLU A 83 -1.21 0.68 -6.02
N ILE A 84 -1.63 1.82 -5.46
CA ILE A 84 -2.70 1.88 -4.46
C ILE A 84 -3.79 2.87 -4.92
N LYS A 85 -4.95 2.34 -5.25
CA LYS A 85 -6.14 3.13 -5.66
C LYS A 85 -7.21 3.02 -4.55
N MET A 86 -7.73 4.17 -4.06
CA MET A 86 -8.82 4.19 -3.07
C MET A 86 -9.91 5.19 -3.50
N SER A 87 -11.15 4.70 -3.56
CA SER A 87 -12.31 5.47 -4.04
C SER A 87 -13.43 5.49 -2.99
N TYR A 88 -14.16 6.61 -2.91
CA TYR A 88 -15.19 6.84 -1.88
C TYR A 88 -16.60 6.72 -2.51
N ASN A 89 -17.42 5.78 -1.98
CA ASN A 89 -18.84 5.67 -2.33
C ASN A 89 -19.64 6.79 -1.62
N GLU A 90 -20.24 7.69 -2.42
CA GLU A 90 -20.81 8.96 -1.94
C GLU A 90 -22.06 8.80 -1.03
N LEU A 91 -22.86 7.73 -1.23
CA LEU A 91 -24.13 7.54 -0.51
C LEU A 91 -24.03 6.57 0.69
N THR A 92 -23.11 5.56 0.62
CA THR A 92 -22.99 4.52 1.68
C THR A 92 -21.74 4.72 2.57
N GLY A 93 -20.70 5.38 2.03
CA GLY A 93 -19.48 5.74 2.80
C GLY A 93 -18.29 4.80 2.60
N ASP A 94 -18.56 3.57 2.14
CA ASP A 94 -17.53 2.54 1.95
C ASP A 94 -16.42 2.94 0.95
N TYR A 95 -15.18 2.48 1.22
CA TYR A 95 -14.01 2.67 0.33
C TYR A 95 -13.76 1.40 -0.51
N VAL A 96 -13.62 1.57 -1.85
CA VAL A 96 -13.02 0.55 -2.70
C VAL A 96 -11.50 0.72 -2.66
N LEU A 97 -10.85 -0.08 -1.82
CA LEU A 97 -9.40 -0.06 -1.66
C LEU A 97 -8.81 -1.19 -2.51
N GLU A 98 -8.01 -0.82 -3.52
CA GLU A 98 -7.54 -1.76 -4.56
C GLU A 98 -6.02 -1.59 -4.75
N ILE A 99 -5.26 -2.57 -4.24
CA ILE A 99 -3.78 -2.60 -4.37
C ILE A 99 -3.38 -3.49 -5.56
N THR A 100 -2.74 -2.88 -6.58
CA THR A 100 -2.17 -3.62 -7.71
C THR A 100 -0.70 -3.98 -7.38
N ASP A 101 -0.51 -5.24 -6.98
CA ASP A 101 0.81 -5.79 -6.58
C ASP A 101 1.27 -6.85 -7.62
N PHE A 102 2.54 -7.24 -7.57
CA PHE A 102 3.12 -8.29 -8.45
C PHE A 102 3.62 -9.48 -7.61
N SER A 103 3.06 -10.68 -7.86
CA SER A 103 3.39 -11.92 -7.14
C SER A 103 3.04 -13.13 -8.03
N GLU A 104 4.04 -13.97 -8.30
CA GLU A 104 3.91 -15.20 -9.12
C GLU A 104 3.00 -16.26 -8.43
N ALA A 105 2.36 -17.12 -9.24
CA ALA A 105 1.30 -18.08 -8.80
C ALA A 105 1.66 -18.90 -7.52
N ASP A 106 2.91 -19.39 -7.45
CA ASP A 106 3.43 -20.18 -6.30
C ASP A 106 3.34 -19.41 -4.96
N GLU A 107 3.56 -18.09 -5.01
CA GLU A 107 3.60 -17.20 -3.83
C GLU A 107 2.36 -16.30 -3.73
N ALA A 108 1.56 -16.26 -4.82
CA ALA A 108 0.37 -15.38 -4.93
C ALA A 108 -0.72 -15.78 -3.92
N ASP A 109 -0.93 -17.10 -3.73
CA ASP A 109 -1.92 -17.63 -2.77
C ASP A 109 -1.60 -17.22 -1.31
N ASP A 110 -0.30 -17.10 -0.99
CA ASP A 110 0.18 -16.64 0.33
C ASP A 110 -0.17 -15.14 0.54
N LEU A 111 0.03 -14.32 -0.51
CA LEU A 111 -0.41 -12.91 -0.53
C LEU A 111 -1.95 -12.79 -0.41
N LYS A 112 -2.69 -13.63 -1.17
CA LYS A 112 -4.17 -13.64 -1.18
C LYS A 112 -4.72 -13.92 0.23
N GLU A 113 -4.22 -14.97 0.88
CA GLU A 113 -4.65 -15.38 2.24
C GLU A 113 -4.33 -14.29 3.29
N LEU A 114 -3.15 -13.65 3.18
CA LEU A 114 -2.71 -12.57 4.12
C LEU A 114 -3.75 -11.42 4.18
N TRP A 115 -4.10 -10.89 3.00
CA TRP A 115 -5.01 -9.73 2.87
C TRP A 115 -6.50 -10.15 3.04
N ASP A 116 -6.92 -11.23 2.37
CA ASP A 116 -8.35 -11.71 2.33
C ASP A 116 -8.87 -12.08 3.73
N SER A 117 -8.02 -12.75 4.52
CA SER A 117 -8.36 -13.14 5.93
C SER A 117 -8.71 -11.91 6.79
N GLN A 118 -8.02 -10.79 6.51
CA GLN A 118 -8.29 -9.49 7.16
C GLN A 118 -9.53 -8.79 6.57
N VAL A 119 -9.78 -8.95 5.25
CA VAL A 119 -10.99 -8.40 4.57
C VAL A 119 -12.27 -9.02 5.18
N SER A 120 -12.20 -10.31 5.54
CA SER A 120 -13.25 -11.04 6.31
C SER A 120 -13.57 -10.30 7.65
N LYS A 121 -12.51 -9.87 8.36
CA LYS A 121 -12.64 -9.09 9.62
C LYS A 121 -13.09 -7.63 9.36
N LEU A 122 -12.68 -7.03 8.22
CA LEU A 122 -13.07 -5.63 7.85
C LEU A 122 -14.60 -5.52 7.66
N ARG A 123 -15.20 -6.59 7.12
CA ARG A 123 -16.67 -6.73 6.99
C ARG A 123 -17.38 -6.60 8.37
N ARG A 124 -16.73 -7.15 9.42
CA ARG A 124 -17.29 -7.20 10.78
C ARG A 124 -17.07 -5.86 11.53
N THR A 125 -15.79 -5.43 11.62
CA THR A 125 -15.37 -4.21 12.37
C THR A 125 -15.72 -2.89 11.64
N CYS A 126 -15.98 -3.00 10.30
CA CYS A 126 -16.24 -1.88 9.36
C CYS A 126 -14.94 -1.10 8.98
N GLY A 127 -14.14 -0.75 9.99
CA GLY A 127 -12.83 -0.11 9.80
C GLY A 127 -11.98 -0.09 11.07
N PHE A 128 -10.88 0.69 11.02
CA PHE A 128 -9.99 1.01 12.19
C PHE A 128 -9.10 -0.19 12.62
N LEU A 129 -9.12 -1.31 11.86
CA LEU A 129 -8.32 -2.51 12.16
C LEU A 129 -6.80 -2.26 11.90
N GLU A 130 -6.10 -1.75 12.94
CA GLU A 130 -4.62 -1.59 12.93
C GLU A 130 -3.98 -2.71 13.77
N HIS A 131 -3.00 -3.42 13.19
CA HIS A 131 -2.32 -4.56 13.87
C HIS A 131 -0.98 -4.90 13.17
N HIS A 132 -1.02 -4.99 11.83
CA HIS A 132 0.11 -5.51 11.01
C HIS A 132 0.91 -4.36 10.35
N HIS A 133 2.20 -4.26 10.71
CA HIS A 133 3.16 -3.34 10.06
C HIS A 133 3.40 -3.77 8.59
N HIS A 134 3.48 -2.81 7.66
CA HIS A 134 3.56 -3.10 6.21
C HIS A 134 4.85 -3.89 5.83
N HIS A 135 4.68 -5.20 5.67
CA HIS A 135 5.65 -6.12 5.04
C HIS A 135 4.86 -7.24 4.34
N HIS A 136 5.19 -7.49 3.05
CA HIS A 136 4.38 -8.34 2.13
C HIS A 136 2.94 -7.80 1.98
#